data_9GNH
#
_entry.id   9GNH
#
_cell.length_a   1.00
_cell.length_b   1.00
_cell.length_c   1.00
_cell.angle_alpha   90.00
_cell.angle_beta   90.00
_cell.angle_gamma   90.00
#
_symmetry.space_group_name_H-M   'P 1'
#
_entity_poly.entity_id   1
_entity_poly.type   'polypeptide(L)'
_entity_poly.pdbx_seq_one_letter_code
;MCAQPTASTVEGLFKPSSAFADRTDFSLSSILQKSLINRESFNQYLAMRLAPVLRTFYEDNYDTDIKERLNGFTADTDNA
FVSQEQNLRNQFRENYLVHLQTDIFDNTGGNQAAWKLRDVNNKIIDDFISRIFAKNFVEYVQDGVGPLTKPTKSLIENTS
NFKNIKLQPKFVNKNAKLKINNDAVYAAIQDKLLDQFITNENPNLVSRVVFTNETPVDGFDNYFNTKVIQSPTPSYQFQV
FNKYNQQSGGTKGANGFNLLASNLKSYKNDQSKGIDIPNKFSSDSGGKLLLKASDMFDTFDPSFSAAFIQGYLALQKKSK
GADSKEVDSLIKDKSIIENFFVDNNTQAAAAARAASSSSEGTIQLKTASDGGGTTQSTVHKTDLVKIFGDKDVFAGEYKQ
QIGNTNANQTGGGGSGGGGGTSTGSSTGSSTETTTGNSSKAVVDLIEVKKDSSSQPDYILSRGKDGIHLMAVDGGSHYLT
ESGRDVAKQKKFLLFRALQTKYGLVDTDTTYDFKLFDEVKKYFDTNRILFLFEALLDLSSDTNNKDNFLSYPQFKKFADS
IKSIEKDLKELVQAHYKQAVFNETAVAENKVTLKLAERNQPFIDNERNNQIEQNGLAAKLPYEQDAKTGHYNDLGNYYKD
IIDNVDKKGTSTVKTTSSNTGQTKNFSEEVVSKLKDNKKKVEEAAKKHVEALKVFTIPSPLYSQVILVQTKLSFTPESTS
LGLNLALNNYLTSTELQNSIKLSYFQEDEAFKKIIDITNLTFSQQSGGTGGTNGNNNLTADNWKIFKETYLLDLFESQAQ
KSIFGHVGSSDKNSSTKTGIEGVLDTLYSSLNLEERLDSDDVIDYLSYLYTAHWLLKDNLKNYKQSLQSKLSRTSNAFLV
WSVDSEKNKNDSQSTLSSTASSTSNTGLIQLRSVVSLAQNQAAGQGGDNNSDITQTEVKNPNFVFGSSVYDWTNSKTPEV
NRAADDTSSFFYTKSSSSSTGAAQSSATVLRSLNQASGMTTKTAKNRYGFRGIVTSSTSGSLPEAVSRRLFKQFVNQTEK
GVKVGGQMLITTAKSGKATLVLKQQADDAESTTNNAYKGALFSFGSMDNLKNIINGIQTQTEFDALYNHLTSDLNIDVTG
VDKNKTLTEQKTSLTSFVDSNFKQSTQSAQRGDTSARSARSATVQIKKTQEDNQNTNYKDVFSRFDGYIGDNKVEEKNYT
SYQFLSDGGKYHATFVKQVNLDDVEKIGTDSLKQEDSSKDKRLNLSLEEFLAAIALEALDPNNQTQAINALISGNKKGLV
KVGDFRIFSSISAQWVRRFAAALEHHHHHH
;
_entity_poly.pdbx_strand_id   A,B,C
#
# COMPACT_ATOMS: atom_id res chain seq x y z
N ALA A 3 -38.06 -20.71 35.43
CA ALA A 3 -37.13 -19.67 35.86
C ALA A 3 -36.58 -18.91 34.65
N GLN A 4 -37.28 -17.85 34.27
CA GLN A 4 -36.82 -17.03 33.15
C GLN A 4 -35.57 -16.25 33.55
N PRO A 5 -34.47 -16.38 32.81
CA PRO A 5 -33.25 -15.66 33.18
C PRO A 5 -33.45 -14.16 33.12
N THR A 6 -32.80 -13.46 34.04
CA THR A 6 -32.90 -12.00 34.09
C THR A 6 -32.20 -11.38 32.89
N ALA A 7 -32.69 -10.21 32.47
CA ALA A 7 -32.18 -9.58 31.26
C ALA A 7 -30.81 -8.93 31.47
N SER A 8 -30.43 -8.65 32.71
CA SER A 8 -29.16 -7.98 32.96
C SER A 8 -27.99 -8.85 32.51
N THR A 9 -27.99 -10.12 32.91
CA THR A 9 -26.91 -11.02 32.51
C THR A 9 -27.01 -11.40 31.03
N VAL A 10 -28.23 -11.46 30.48
CA VAL A 10 -28.39 -11.77 29.07
C VAL A 10 -27.81 -10.68 28.21
N GLU A 11 -28.04 -9.42 28.58
CA GLU A 11 -27.43 -8.31 27.85
C GLU A 11 -25.93 -8.24 28.14
N GLY A 12 -25.51 -8.58 29.36
CA GLY A 12 -24.12 -8.45 29.74
C GLY A 12 -23.22 -9.61 29.34
N LEU A 13 -23.79 -10.74 28.92
CA LEU A 13 -22.96 -11.87 28.54
C LEU A 13 -22.31 -11.63 27.18
N PHE A 14 -21.20 -12.32 26.94
CA PHE A 14 -20.47 -12.18 25.69
C PHE A 14 -21.32 -12.65 24.52
N LYS A 15 -21.17 -11.98 23.39
CA LYS A 15 -21.90 -12.32 22.18
C LYS A 15 -20.99 -13.03 21.20
N PRO A 16 -21.20 -14.31 20.91
CA PRO A 16 -20.35 -15.01 19.95
C PRO A 16 -20.50 -14.43 18.55
N SER A 17 -19.42 -14.49 17.79
CA SER A 17 -19.36 -13.96 16.43
C SER A 17 -19.02 -15.08 15.45
N SER A 18 -18.93 -14.70 14.17
CA SER A 18 -18.60 -15.68 13.13
C SER A 18 -17.11 -16.00 13.14
N ALA A 19 -16.26 -15.02 13.40
CA ALA A 19 -14.82 -15.20 13.43
C ALA A 19 -14.30 -15.06 14.85
N PHE A 20 -13.28 -15.84 15.18
CA PHE A 20 -12.67 -15.76 16.51
C PHE A 20 -12.05 -14.39 16.73
N ALA A 21 -11.24 -13.93 15.78
CA ALA A 21 -10.68 -12.59 15.78
C ALA A 21 -10.79 -12.02 14.36
N ASP A 22 -10.17 -10.86 14.15
CA ASP A 22 -10.28 -10.19 12.87
C ASP A 22 -8.92 -10.02 12.20
N ARG A 23 -8.11 -11.09 12.18
CA ARG A 23 -6.82 -11.05 11.52
C ARG A 23 -6.74 -12.23 10.55
N THR A 24 -5.69 -12.21 9.73
CA THR A 24 -5.48 -13.25 8.73
C THR A 24 -4.91 -14.53 9.32
N ASP A 25 -4.54 -14.54 10.59
CA ASP A 25 -4.05 -15.74 11.25
C ASP A 25 -5.04 -16.32 12.25
N PHE A 26 -6.25 -15.76 12.34
CA PHE A 26 -7.23 -16.19 13.32
C PHE A 26 -8.48 -16.78 12.66
N SER A 27 -8.31 -17.34 11.46
CA SER A 27 -9.40 -18.02 10.78
C SER A 27 -9.54 -19.45 11.29
N LEU A 28 -10.65 -20.09 10.93
CA LEU A 28 -10.87 -21.48 11.33
C LEU A 28 -9.75 -22.37 10.84
N SER A 29 -9.40 -22.27 9.56
CA SER A 29 -8.37 -23.11 8.98
C SER A 29 -7.01 -22.90 9.62
N SER A 30 -6.79 -21.75 10.25
CA SER A 30 -5.54 -21.45 10.94
C SER A 30 -5.63 -21.64 12.44
N ILE A 31 -6.73 -21.21 13.07
CA ILE A 31 -6.83 -21.36 14.52
C ILE A 31 -6.98 -22.83 14.90
N LEU A 32 -7.71 -23.62 14.11
CA LEU A 32 -7.84 -25.04 14.43
C LEU A 32 -6.54 -25.78 14.20
N GLN A 33 -5.81 -25.42 13.15
CA GLN A 33 -4.49 -26.00 12.93
C GLN A 33 -3.54 -25.67 14.07
N LYS A 34 -3.52 -24.41 14.50
CA LYS A 34 -2.64 -24.02 15.61
C LYS A 34 -3.05 -24.70 16.91
N SER A 35 -4.35 -24.88 17.12
CA SER A 35 -4.81 -25.60 18.31
C SER A 35 -4.37 -27.06 18.27
N LEU A 36 -4.48 -27.70 17.10
CA LEU A 36 -4.02 -29.08 16.97
C LEU A 36 -2.51 -29.20 17.03
N ILE A 37 -1.78 -28.10 16.87
CA ILE A 37 -0.35 -28.10 17.10
C ILE A 37 -0.01 -27.86 18.58
N ASN A 38 -0.91 -27.22 19.32
CA ASN A 38 -0.72 -27.03 20.75
C ASN A 38 -0.78 -28.36 21.47
N ARG A 39 0.24 -28.66 22.27
CA ARG A 39 0.36 -29.99 22.87
C ARG A 39 -0.83 -30.32 23.76
N GLU A 40 -1.17 -29.43 24.70
CA GLU A 40 -2.28 -29.70 25.59
C GLU A 40 -3.60 -29.76 24.82
N SER A 41 -3.80 -28.83 23.89
CA SER A 41 -5.00 -28.86 23.05
C SER A 41 -5.02 -30.10 22.16
N PHE A 42 -3.88 -30.45 21.58
CA PHE A 42 -3.82 -31.64 20.74
C PHE A 42 -4.16 -32.89 21.52
N ASN A 43 -3.69 -32.99 22.77
CA ASN A 43 -4.04 -34.14 23.59
C ASN A 43 -5.50 -34.12 24.02
N GLN A 44 -6.08 -32.94 24.26
CA GLN A 44 -7.51 -32.86 24.54
C GLN A 44 -8.34 -33.31 23.34
N TYR A 45 -7.83 -33.09 22.12
CA TYR A 45 -8.45 -33.60 20.91
C TYR A 45 -8.24 -35.10 20.74
N LEU A 46 -7.01 -35.55 21.02
CA LEU A 46 -6.68 -36.96 20.85
C LEU A 46 -7.43 -37.83 21.84
N ALA A 47 -7.80 -37.29 23.00
CA ALA A 47 -8.64 -38.08 23.91
C ALA A 47 -9.96 -38.44 23.25
N MET A 48 -10.60 -37.46 22.62
CA MET A 48 -11.88 -37.63 21.94
C MET A 48 -11.77 -38.35 20.61
N ARG A 49 -10.57 -38.42 20.03
CA ARG A 49 -10.36 -39.20 18.82
C ARG A 49 -9.76 -40.58 19.07
N LEU A 50 -9.33 -40.86 20.30
CA LEU A 50 -8.75 -42.14 20.69
C LEU A 50 -9.74 -43.00 21.44
N ALA A 51 -10.50 -42.42 22.37
CA ALA A 51 -11.46 -43.21 23.12
C ALA A 51 -12.61 -43.76 22.27
N PRO A 52 -13.02 -43.15 21.15
CA PRO A 52 -13.97 -43.86 20.28
C PRO A 52 -13.42 -45.19 19.78
N VAL A 53 -12.11 -45.28 19.60
CA VAL A 53 -11.48 -46.55 19.24
C VAL A 53 -11.67 -47.57 20.36
N LEU A 54 -11.45 -47.14 21.61
CA LEU A 54 -11.56 -48.04 22.74
C LEU A 54 -13.01 -48.30 23.16
N ARG A 55 -13.97 -47.53 22.63
CA ARG A 55 -15.36 -47.87 22.82
C ARG A 55 -15.71 -49.18 22.13
N THR A 56 -15.14 -49.42 20.94
CA THR A 56 -15.40 -50.65 20.22
C THR A 56 -14.90 -51.87 20.98
N PHE A 57 -13.75 -51.75 21.65
CA PHE A 57 -13.24 -52.89 22.42
C PHE A 57 -14.21 -53.26 23.53
N TYR A 58 -14.77 -52.26 24.21
CA TYR A 58 -15.81 -52.55 25.20
C TYR A 58 -17.07 -53.10 24.53
N GLU A 59 -17.34 -52.69 23.30
CA GLU A 59 -18.57 -53.11 22.63
C GLU A 59 -18.52 -54.58 22.22
N ASP A 60 -17.40 -55.04 21.66
CA ASP A 60 -17.30 -56.40 21.17
C ASP A 60 -16.62 -57.34 22.16
N ASN A 61 -16.37 -56.88 23.38
CA ASN A 61 -15.66 -57.71 24.34
C ASN A 61 -16.54 -58.87 24.83
N TYR A 62 -15.90 -60.01 25.09
CA TYR A 62 -16.62 -61.19 25.55
C TYR A 62 -17.17 -61.00 26.95
N ASP A 63 -16.37 -60.43 27.86
CA ASP A 63 -16.76 -60.36 29.26
C ASP A 63 -18.07 -59.61 29.45
N THR A 64 -18.93 -60.15 30.31
CA THR A 64 -20.15 -59.45 30.66
C THR A 64 -19.86 -58.16 31.43
N ASP A 65 -18.82 -58.17 32.27
CA ASP A 65 -18.48 -56.99 33.04
C ASP A 65 -18.08 -55.83 32.14
N ILE A 66 -17.20 -56.07 31.17
CA ILE A 66 -16.76 -55.01 30.27
C ILE A 66 -17.93 -54.54 29.40
N LYS A 67 -18.81 -55.45 29.01
CA LYS A 67 -20.01 -55.06 28.27
C LYS A 67 -20.88 -54.13 29.10
N GLU A 68 -21.03 -54.44 30.40
CA GLU A 68 -21.85 -53.62 31.29
C GLU A 68 -21.16 -52.33 31.71
N ARG A 69 -19.85 -52.20 31.49
CA ARG A 69 -19.17 -50.95 31.83
C ARG A 69 -19.74 -49.77 31.07
N LEU A 70 -20.06 -49.94 29.78
CA LEU A 70 -20.62 -48.84 29.01
C LEU A 70 -21.99 -48.42 29.55
N ASN A 71 -22.85 -49.40 29.85
CA ASN A 71 -24.16 -49.09 30.41
C ASN A 71 -24.03 -48.39 31.76
N GLY A 72 -23.12 -48.88 32.61
CA GLY A 72 -22.90 -48.25 33.90
C GLY A 72 -22.36 -46.84 33.76
N PHE A 73 -21.46 -46.61 32.80
CA PHE A 73 -20.92 -45.28 32.56
C PHE A 73 -22.02 -44.32 32.11
N THR A 74 -22.90 -44.78 31.22
CA THR A 74 -24.02 -43.95 30.78
C THR A 74 -24.97 -43.65 31.94
N ALA A 75 -25.26 -44.64 32.77
CA ALA A 75 -26.13 -44.40 33.92
C ALA A 75 -25.51 -43.43 34.91
N ASP A 76 -24.21 -43.57 35.18
CA ASP A 76 -23.52 -42.63 36.06
C ASP A 76 -23.49 -41.23 35.46
N THR A 77 -23.37 -41.14 34.13
CA THR A 77 -23.43 -39.84 33.48
C THR A 77 -24.79 -39.19 33.63
N ASP A 78 -25.86 -39.99 33.48
CA ASP A 78 -27.20 -39.44 33.70
C ASP A 78 -27.39 -38.98 35.14
N ASN A 79 -26.92 -39.76 36.10
CA ASN A 79 -27.02 -39.37 37.51
C ASN A 79 -26.19 -38.12 37.78
N ALA A 80 -25.00 -38.02 37.19
CA ALA A 80 -24.16 -36.84 37.38
C ALA A 80 -24.80 -35.61 36.76
N PHE A 81 -25.46 -35.76 35.61
CA PHE A 81 -26.19 -34.65 35.02
C PHE A 81 -27.34 -34.22 35.92
N VAL A 82 -28.05 -35.18 36.51
CA VAL A 82 -29.13 -34.84 37.44
C VAL A 82 -28.58 -34.04 38.62
N SER A 83 -27.46 -34.50 39.18
CA SER A 83 -26.85 -33.80 40.31
C SER A 83 -26.37 -32.41 39.91
N GLN A 84 -25.76 -32.29 38.73
CA GLN A 84 -25.28 -31.00 38.25
C GLN A 84 -26.43 -30.02 38.06
N GLU A 85 -27.53 -30.49 37.45
CA GLU A 85 -28.70 -29.64 37.30
C GLU A 85 -29.27 -29.24 38.64
N GLN A 86 -29.33 -30.19 39.60
CA GLN A 86 -29.86 -29.88 40.91
C GLN A 86 -29.05 -28.79 41.61
N ASN A 87 -27.73 -28.95 41.63
CA ASN A 87 -26.91 -27.98 42.35
C ASN A 87 -26.87 -26.63 41.63
N LEU A 88 -26.82 -26.64 40.30
CA LEU A 88 -26.87 -25.37 39.58
C LEU A 88 -28.19 -24.66 39.80
N ARG A 89 -29.30 -25.39 39.83
CA ARG A 89 -30.58 -24.77 40.13
C ARG A 89 -30.58 -24.18 41.53
N ASN A 90 -30.23 -24.98 42.53
CA ASN A 90 -30.22 -24.51 43.91
C ASN A 90 -29.22 -23.39 44.15
N GLN A 91 -28.25 -23.20 43.25
CA GLN A 91 -27.27 -22.13 43.39
C GLN A 91 -27.70 -20.85 42.69
N PHE A 92 -28.27 -20.97 41.48
CA PHE A 92 -28.48 -19.78 40.66
C PHE A 92 -29.94 -19.36 40.52
N ARG A 93 -30.91 -20.27 40.69
CA ARG A 93 -32.32 -19.94 40.66
C ARG A 93 -32.76 -19.36 39.32
N GLU A 94 -32.78 -18.03 39.23
CA GLU A 94 -33.39 -17.37 38.07
C GLU A 94 -32.61 -17.64 36.79
N ASN A 95 -31.29 -17.50 36.84
CA ASN A 95 -30.44 -17.52 35.64
C ASN A 95 -29.49 -18.71 35.63
N TYR A 96 -29.99 -19.90 35.99
CA TYR A 96 -29.14 -21.07 36.03
C TYR A 96 -28.86 -21.66 34.64
N LEU A 97 -29.79 -21.53 33.69
CA LEU A 97 -29.56 -22.09 32.36
C LEU A 97 -28.42 -21.37 31.64
N VAL A 98 -28.34 -20.04 31.80
CA VAL A 98 -27.30 -19.25 31.14
C VAL A 98 -25.93 -19.72 31.59
N HIS A 99 -25.75 -19.91 32.90
CA HIS A 99 -24.47 -20.39 33.41
C HIS A 99 -24.26 -21.88 33.14
N LEU A 100 -25.34 -22.65 33.00
CA LEU A 100 -25.20 -24.04 32.58
C LEU A 100 -24.57 -24.11 31.20
N GLN A 101 -25.03 -23.26 30.28
CA GLN A 101 -24.40 -23.20 28.96
C GLN A 101 -23.05 -22.49 28.99
N THR A 102 -22.83 -21.59 29.94
CA THR A 102 -21.64 -20.74 29.92
C THR A 102 -20.42 -21.42 30.51
N ASP A 103 -20.48 -21.78 31.80
CA ASP A 103 -19.30 -22.28 32.51
C ASP A 103 -19.21 -23.79 32.52
N ILE A 104 -20.09 -24.48 31.80
CA ILE A 104 -20.03 -25.93 31.72
C ILE A 104 -19.95 -26.38 30.27
N PHE A 105 -20.96 -26.03 29.47
CA PHE A 105 -21.05 -26.56 28.11
C PHE A 105 -19.96 -25.97 27.22
N ASP A 106 -19.61 -24.70 27.43
CA ASP A 106 -18.60 -24.08 26.57
C ASP A 106 -17.25 -24.77 26.73
N ASN A 107 -16.86 -25.11 27.96
CA ASN A 107 -15.63 -25.84 28.18
C ASN A 107 -15.73 -27.30 27.76
N THR A 108 -16.92 -27.79 27.43
CA THR A 108 -17.16 -29.20 27.17
C THR A 108 -17.43 -29.52 25.71
N GLY A 109 -17.95 -28.58 24.93
CA GLY A 109 -18.30 -28.85 23.55
C GLY A 109 -19.53 -28.08 23.10
N GLY A 110 -20.19 -27.41 24.03
CA GLY A 110 -21.28 -26.53 23.68
C GLY A 110 -22.63 -27.19 23.51
N ASN A 111 -22.87 -28.33 24.15
CA ASN A 111 -24.17 -28.99 24.03
C ASN A 111 -24.41 -29.82 25.28
N GLN A 112 -25.69 -30.14 25.50
CA GLN A 112 -26.04 -31.06 26.59
C GLN A 112 -25.44 -32.44 26.36
N ALA A 113 -25.61 -32.97 25.14
CA ALA A 113 -24.99 -34.24 24.80
C ALA A 113 -23.48 -34.11 24.67
N ALA A 114 -22.96 -32.90 24.51
CA ALA A 114 -21.52 -32.70 24.53
C ALA A 114 -20.93 -33.10 25.88
N TRP A 115 -21.62 -32.75 26.97
CA TRP A 115 -21.14 -33.12 28.30
C TRP A 115 -21.12 -34.63 28.47
N LYS A 116 -22.16 -35.32 27.98
CA LYS A 116 -22.23 -36.76 28.10
C LYS A 116 -21.23 -37.47 27.19
N LEU A 117 -20.91 -36.90 26.03
CA LEU A 117 -19.88 -37.47 25.17
C LEU A 117 -18.49 -37.09 25.63
N ARG A 118 -18.35 -36.12 26.53
CA ARG A 118 -17.06 -35.88 27.16
C ARG A 118 -16.82 -36.81 28.34
N ASP A 119 -17.78 -36.88 29.27
CA ASP A 119 -17.54 -37.63 30.50
C ASP A 119 -17.53 -39.13 30.24
N VAL A 120 -18.39 -39.63 29.35
CA VAL A 120 -18.37 -41.06 29.04
C VAL A 120 -17.11 -41.42 28.27
N ASN A 121 -16.74 -40.59 27.29
CA ASN A 121 -15.56 -40.85 26.49
C ASN A 121 -14.29 -40.76 27.32
N ASN A 122 -14.33 -40.00 28.42
CA ASN A 122 -13.21 -39.99 29.36
C ASN A 122 -13.26 -41.15 30.34
N LYS A 123 -14.46 -41.56 30.76
CA LYS A 123 -14.59 -42.70 31.67
C LYS A 123 -14.09 -43.97 31.01
N ILE A 124 -14.47 -44.21 29.76
CA ILE A 124 -14.06 -45.45 29.10
C ILE A 124 -12.56 -45.46 28.86
N ILE A 125 -11.97 -44.30 28.52
CA ILE A 125 -10.53 -44.28 28.30
C ILE A 125 -9.79 -44.42 29.62
N ASP A 126 -10.34 -43.88 30.71
CA ASP A 126 -9.72 -44.07 32.01
C ASP A 126 -9.75 -45.55 32.42
N ASP A 127 -10.88 -46.21 32.19
CA ASP A 127 -10.97 -47.63 32.55
C ASP A 127 -10.05 -48.48 31.69
N PHE A 128 -10.00 -48.21 30.38
CA PHE A 128 -9.09 -48.93 29.51
C PHE A 128 -7.63 -48.63 29.87
N ILE A 129 -7.36 -47.43 30.39
CA ILE A 129 -6.01 -47.10 30.81
C ILE A 129 -5.64 -47.88 32.06
N SER A 130 -6.58 -47.98 33.00
CA SER A 130 -6.33 -48.72 34.24
C SER A 130 -6.12 -50.21 33.96
N ARG A 131 -6.92 -50.79 33.06
CA ARG A 131 -6.88 -52.23 32.88
C ARG A 131 -5.71 -52.72 32.03
N ILE A 132 -4.98 -51.82 31.36
CA ILE A 132 -3.81 -52.26 30.60
C ILE A 132 -2.77 -52.85 31.53
N PHE A 133 -2.48 -52.16 32.63
CA PHE A 133 -1.41 -52.54 33.55
C PHE A 133 -1.92 -53.26 34.79
N ALA A 134 -3.16 -53.77 34.74
CA ALA A 134 -3.74 -54.43 35.91
C ALA A 134 -3.15 -55.80 36.19
N LYS A 135 -2.34 -56.35 35.28
CA LYS A 135 -1.80 -57.69 35.44
C LYS A 135 -0.36 -57.72 34.94
N ASN A 136 0.38 -58.73 35.39
CA ASN A 136 1.76 -58.94 34.98
C ASN A 136 1.82 -60.08 33.97
N PHE A 137 2.46 -59.81 32.82
CA PHE A 137 2.50 -60.77 31.73
C PHE A 137 3.92 -61.16 31.34
N VAL A 138 4.93 -60.76 32.11
CA VAL A 138 6.30 -61.17 31.79
C VAL A 138 6.44 -62.66 32.09
N GLU A 139 6.72 -63.45 31.06
CA GLU A 139 6.76 -64.89 31.18
C GLU A 139 7.88 -65.46 30.32
N TYR A 140 8.30 -66.67 30.68
CA TYR A 140 9.18 -67.49 29.86
C TYR A 140 8.29 -68.59 29.27
N VAL A 141 8.02 -68.48 27.97
CA VAL A 141 6.97 -69.27 27.32
C VAL A 141 7.58 -70.57 26.79
N GLN A 142 7.10 -71.69 27.32
CA GLN A 142 7.48 -73.00 26.80
C GLN A 142 6.48 -73.44 25.74
N ASP A 143 6.95 -74.27 24.82
CA ASP A 143 6.15 -74.71 23.68
C ASP A 143 5.48 -76.04 23.99
N GLY A 144 4.18 -76.13 23.72
CA GLY A 144 3.42 -77.35 23.91
C GLY A 144 2.84 -77.53 25.28
N VAL A 145 3.27 -76.74 26.27
CA VAL A 145 2.74 -76.85 27.63
C VAL A 145 2.38 -75.45 28.13
N GLY A 146 2.71 -74.43 27.34
CA GLY A 146 2.50 -73.06 27.75
C GLY A 146 3.62 -72.57 28.64
N PRO A 147 3.51 -71.33 29.11
CA PRO A 147 4.53 -70.80 30.02
C PRO A 147 4.61 -71.62 31.30
N LEU A 148 5.83 -71.87 31.76
CA LEU A 148 6.03 -72.65 32.98
C LEU A 148 5.71 -71.77 34.18
N THR A 149 5.02 -72.37 35.16
CA THR A 149 4.57 -71.61 36.33
C THR A 149 5.73 -70.95 37.06
N LYS A 150 6.91 -71.57 37.04
CA LYS A 150 8.10 -71.00 37.67
C LYS A 150 9.32 -71.44 36.89
N PRO A 151 9.81 -70.60 35.97
CA PRO A 151 11.04 -70.94 35.25
C PRO A 151 12.23 -71.01 36.20
N THR A 152 13.19 -71.86 35.85
CA THR A 152 14.37 -72.05 36.67
C THR A 152 15.36 -70.91 36.45
N LYS A 153 16.23 -70.73 37.45
CA LYS A 153 17.17 -69.60 37.42
C LYS A 153 18.13 -69.72 36.25
N SER A 154 18.77 -70.87 36.10
CA SER A 154 19.74 -71.05 35.01
C SER A 154 19.08 -70.98 33.64
N LEU A 155 17.76 -71.16 33.58
CA LEU A 155 17.08 -71.13 32.29
C LEU A 155 16.96 -69.71 31.75
N ILE A 156 16.61 -68.75 32.61
CA ILE A 156 16.30 -67.41 32.14
C ILE A 156 17.50 -66.47 32.22
N GLU A 157 18.45 -66.73 33.10
CA GLU A 157 19.59 -65.83 33.24
C GLU A 157 20.64 -66.11 32.17
N ASN A 158 20.23 -66.12 30.91
CA ASN A 158 21.12 -66.32 29.78
C ASN A 158 20.76 -65.31 28.70
N THR A 159 21.79 -64.79 28.02
CA THR A 159 21.54 -63.86 26.92
C THR A 159 20.88 -64.56 25.74
N SER A 160 21.28 -65.80 25.48
CA SER A 160 20.68 -66.55 24.38
C SER A 160 19.25 -66.97 24.69
N ASN A 161 18.87 -67.01 25.97
CA ASN A 161 17.52 -67.36 26.38
C ASN A 161 16.64 -66.14 26.60
N PHE A 162 17.15 -64.94 26.32
CA PHE A 162 16.34 -63.74 26.48
C PHE A 162 15.20 -63.68 25.47
N LYS A 163 15.34 -64.35 24.33
CA LYS A 163 14.32 -64.32 23.29
C LYS A 163 12.99 -64.89 23.76
N ASN A 164 12.99 -65.68 24.83
CA ASN A 164 11.78 -66.31 25.33
C ASN A 164 11.09 -65.49 26.42
N ILE A 165 11.64 -64.35 26.80
CA ILE A 165 10.97 -63.42 27.70
C ILE A 165 10.34 -62.36 26.81
N LYS A 166 9.09 -62.57 26.45
CA LYS A 166 8.44 -61.79 25.40
C LYS A 166 7.20 -61.05 25.85
N LEU A 167 6.86 -61.07 27.14
CA LEU A 167 5.68 -60.38 27.66
C LEU A 167 4.41 -60.91 26.98
N GLN A 168 4.13 -62.19 27.20
CA GLN A 168 3.01 -62.86 26.56
C GLN A 168 2.09 -63.46 27.62
N PRO A 169 0.77 -63.38 27.42
CA PRO A 169 -0.17 -63.89 28.42
C PRO A 169 -0.15 -65.40 28.55
N LYS A 170 -1.01 -65.94 29.41
CA LYS A 170 -0.97 -67.36 29.76
C LYS A 170 -1.94 -68.18 28.92
N PHE A 171 -3.24 -67.85 28.99
CA PHE A 171 -4.27 -68.67 28.37
C PHE A 171 -4.98 -67.94 27.23
N VAL A 172 -4.23 -67.28 26.37
CA VAL A 172 -4.80 -66.59 25.23
C VAL A 172 -4.67 -67.47 23.99
N ASN A 173 -5.80 -67.78 23.37
CA ASN A 173 -5.84 -68.54 22.13
C ASN A 173 -6.44 -67.66 21.04
N LYS A 174 -5.71 -67.52 19.93
CA LYS A 174 -6.17 -66.66 18.86
C LYS A 174 -7.50 -67.16 18.27
N ASN A 175 -7.60 -68.46 18.04
CA ASN A 175 -8.77 -69.05 17.39
C ASN A 175 -9.76 -69.56 18.43
N ALA A 176 -10.20 -68.65 19.30
CA ALA A 176 -11.19 -68.98 20.31
C ALA A 176 -11.77 -67.69 20.88
N LYS A 177 -12.99 -67.78 21.39
CA LYS A 177 -13.66 -66.64 22.04
C LYS A 177 -13.54 -66.84 23.55
N LEU A 178 -12.38 -66.46 24.09
CA LEU A 178 -12.09 -66.64 25.50
C LEU A 178 -12.48 -65.39 26.28
N LYS A 179 -13.07 -65.62 27.46
CA LYS A 179 -13.48 -64.50 28.30
C LYS A 179 -12.28 -63.65 28.70
N ILE A 180 -11.16 -64.29 29.02
CA ILE A 180 -9.96 -63.58 29.43
C ILE A 180 -8.97 -63.45 28.28
N ASN A 181 -9.44 -63.55 27.03
CA ASN A 181 -8.58 -63.32 25.89
C ASN A 181 -8.19 -61.85 25.75
N ASN A 182 -8.87 -60.95 26.46
CA ASN A 182 -8.56 -59.52 26.39
C ASN A 182 -7.13 -59.23 26.83
N ASP A 183 -6.52 -60.13 27.61
CA ASP A 183 -5.13 -59.95 27.99
C ASP A 183 -4.21 -59.94 26.78
N ALA A 184 -4.54 -60.71 25.74
CA ALA A 184 -3.76 -60.65 24.51
C ALA A 184 -3.73 -59.23 23.94
N VAL A 185 -4.77 -58.44 24.24
CA VAL A 185 -4.73 -57.02 23.93
C VAL A 185 -3.63 -56.34 24.73
N TYR A 186 -3.71 -56.43 26.06
CA TYR A 186 -2.85 -55.63 26.93
C TYR A 186 -1.38 -55.98 26.73
N ALA A 187 -1.05 -57.27 26.71
CA ALA A 187 0.33 -57.68 26.49
C ALA A 187 0.86 -57.15 25.17
N ALA A 188 -0.02 -56.98 24.18
CA ALA A 188 0.40 -56.36 22.93
C ALA A 188 0.63 -54.87 23.11
N ILE A 189 -0.29 -54.19 23.79
CA ILE A 189 -0.14 -52.75 24.01
C ILE A 189 0.99 -52.48 25.00
N GLN A 190 1.05 -53.25 26.09
CA GLN A 190 2.12 -53.07 27.07
C GLN A 190 3.49 -53.20 26.44
N ASP A 191 3.72 -54.30 25.70
CA ASP A 191 5.00 -54.47 25.02
C ASP A 191 5.27 -53.31 24.07
N LYS A 192 4.21 -52.68 23.56
CA LYS A 192 4.39 -51.43 22.84
C LYS A 192 4.73 -50.30 23.79
N LEU A 193 3.88 -50.05 24.78
CA LEU A 193 4.13 -48.99 25.75
C LEU A 193 5.47 -49.20 26.45
N LEU A 194 5.72 -50.42 26.93
CA LEU A 194 7.01 -50.74 27.52
C LEU A 194 8.15 -50.35 26.59
N ASP A 195 8.01 -50.68 25.29
CA ASP A 195 9.08 -50.32 24.36
C ASP A 195 9.24 -48.81 24.27
N GLN A 196 8.12 -48.07 24.25
CA GLN A 196 8.22 -46.62 24.36
C GLN A 196 8.99 -46.24 25.62
N PHE A 197 8.65 -46.87 26.75
CA PHE A 197 9.40 -46.66 27.98
C PHE A 197 10.87 -47.03 27.78
N ILE A 198 11.14 -48.13 27.08
CA ILE A 198 12.53 -48.50 26.83
C ILE A 198 13.16 -47.53 25.85
N THR A 199 12.36 -46.95 24.95
CA THR A 199 12.91 -46.08 23.91
C THR A 199 13.19 -44.68 24.43
N ASN A 200 12.15 -44.01 24.93
CA ASN A 200 12.28 -42.61 25.31
C ASN A 200 13.06 -42.44 26.61
N GLU A 201 12.72 -43.25 27.62
CA GLU A 201 13.32 -43.08 28.93
C GLU A 201 14.75 -43.61 29.01
N ASN A 202 15.13 -44.52 28.12
CA ASN A 202 16.42 -45.22 28.20
C ASN A 202 16.65 -45.71 29.63
N PRO A 203 15.78 -46.59 30.15
CA PRO A 203 15.80 -46.94 31.58
C PRO A 203 16.80 -48.04 31.94
N ASN A 204 18.06 -47.65 32.11
CA ASN A 204 19.07 -48.60 32.53
C ASN A 204 18.94 -48.90 34.03
N LEU A 205 19.12 -50.17 34.38
CA LEU A 205 19.22 -50.57 35.78
C LEU A 205 20.67 -50.48 36.22
N VAL A 206 20.88 -50.03 37.45
CA VAL A 206 22.23 -49.94 38.02
C VAL A 206 22.23 -50.69 39.34
N SER A 207 23.16 -51.63 39.48
CA SER A 207 23.46 -52.25 40.76
C SER A 207 24.56 -51.42 41.42
N ARG A 208 24.25 -50.86 42.58
CA ARG A 208 25.13 -49.89 43.21
C ARG A 208 25.26 -50.20 44.70
N VAL A 209 26.42 -49.87 45.25
CA VAL A 209 26.68 -49.93 46.67
C VAL A 209 27.23 -48.58 47.11
N VAL A 210 26.66 -48.01 48.16
CA VAL A 210 27.08 -46.71 48.67
C VAL A 210 27.63 -46.89 50.07
N PHE A 211 28.90 -46.51 50.25
CA PHE A 211 29.54 -46.42 51.55
C PHE A 211 29.35 -44.98 52.00
N THR A 212 28.45 -44.77 52.96
CA THR A 212 28.10 -43.43 53.41
C THR A 212 29.29 -42.75 54.07
N ASN A 213 29.21 -41.43 54.18
CA ASN A 213 30.26 -40.66 54.83
C ASN A 213 30.41 -41.10 56.28
N GLU A 214 31.64 -41.38 56.68
CA GLU A 214 31.92 -41.95 57.99
C GLU A 214 32.49 -40.87 58.90
N THR A 215 31.90 -40.71 60.07
CA THR A 215 32.50 -39.87 61.09
C THR A 215 33.74 -40.57 61.61
N PRO A 216 34.93 -39.97 61.47
CA PRO A 216 36.17 -40.71 61.75
C PRO A 216 36.42 -40.81 63.25
N VAL A 217 36.50 -42.04 63.76
CA VAL A 217 36.91 -42.26 65.14
C VAL A 217 38.34 -41.79 65.34
N ASP A 218 39.13 -41.81 64.27
CA ASP A 218 40.49 -41.26 64.35
C ASP A 218 40.46 -39.79 64.73
N GLY A 219 39.52 -39.03 64.16
CA GLY A 219 39.43 -37.61 64.43
C GLY A 219 39.68 -36.77 63.19
N PHE A 220 38.86 -35.73 63.00
CA PHE A 220 39.00 -34.89 61.82
C PHE A 220 40.30 -34.10 61.83
N ASP A 221 40.88 -33.83 63.01
CA ASP A 221 42.14 -33.10 63.06
C ASP A 221 43.26 -33.85 62.35
N ASN A 222 43.18 -35.19 62.35
CA ASN A 222 44.14 -35.98 61.60
C ASN A 222 44.01 -35.69 60.10
N TYR A 223 42.77 -35.55 59.63
CA TYR A 223 42.50 -35.33 58.21
C TYR A 223 42.49 -33.85 57.85
N PHE A 224 41.62 -33.08 58.49
CA PHE A 224 41.44 -31.66 58.18
C PHE A 224 41.65 -30.85 59.46
N ASN A 225 42.73 -30.07 59.50
CA ASN A 225 43.08 -29.35 60.72
C ASN A 225 42.01 -28.31 61.05
N THR A 226 41.81 -28.09 62.35
CA THR A 226 40.81 -27.13 62.81
C THR A 226 41.26 -25.70 62.58
N LYS A 227 42.57 -25.46 62.57
CA LYS A 227 43.07 -24.10 62.39
C LYS A 227 42.74 -23.53 61.01
N VAL A 228 42.33 -24.37 60.07
CA VAL A 228 41.94 -23.95 58.73
C VAL A 228 40.50 -24.30 58.43
N ILE A 229 40.08 -25.53 58.76
CA ILE A 229 38.70 -25.98 58.61
C ILE A 229 38.17 -26.28 60.01
N GLN A 230 37.27 -25.42 60.49
CA GLN A 230 36.75 -25.54 61.84
C GLN A 230 35.52 -26.44 61.86
N SER A 231 35.55 -27.44 62.74
CA SER A 231 34.45 -28.37 62.98
C SER A 231 33.90 -28.96 61.68
N PRO A 232 34.67 -29.80 60.96
CA PRO A 232 34.12 -30.45 59.78
C PRO A 232 33.00 -31.41 60.15
N THR A 233 32.10 -31.63 59.19
CA THR A 233 31.03 -32.59 59.29
C THR A 233 31.13 -33.58 58.14
N PRO A 234 30.93 -34.89 58.39
CA PRO A 234 31.01 -35.88 57.30
C PRO A 234 30.15 -35.51 56.10
N SER A 235 30.80 -35.21 54.98
CA SER A 235 30.14 -34.77 53.76
C SER A 235 31.12 -34.94 52.61
N TYR A 236 30.69 -34.55 51.41
CA TYR A 236 31.52 -34.75 50.23
C TYR A 236 32.82 -33.94 50.33
N GLN A 237 32.74 -32.71 50.83
CA GLN A 237 33.93 -31.85 50.88
C GLN A 237 34.95 -32.38 51.87
N PHE A 238 34.51 -32.99 52.97
CA PHE A 238 35.37 -33.64 53.95
C PHE A 238 34.94 -35.09 54.03
N GLN A 239 35.46 -35.91 53.13
CA GLN A 239 35.06 -37.30 53.00
C GLN A 239 36.11 -38.19 53.64
N VAL A 240 35.72 -38.94 54.66
CA VAL A 240 36.64 -39.80 55.39
C VAL A 240 35.93 -41.10 55.74
N PHE A 241 36.65 -42.20 55.62
CA PHE A 241 36.19 -43.50 56.07
C PHE A 241 37.24 -44.11 56.98
N ASN A 242 36.80 -44.75 58.05
CA ASN A 242 37.72 -45.44 58.94
C ASN A 242 38.48 -46.51 58.17
N LYS A 243 39.79 -46.56 58.36
CA LYS A 243 40.64 -47.45 57.58
C LYS A 243 40.22 -48.91 57.76
N TYR A 244 40.67 -49.75 56.85
CA TYR A 244 40.33 -51.16 56.88
C TYR A 244 41.15 -51.87 57.95
N ASN A 245 40.48 -52.51 58.89
CA ASN A 245 41.10 -53.38 59.87
C ASN A 245 40.53 -54.78 59.75
N GLN A 246 41.41 -55.77 59.78
CA GLN A 246 40.96 -57.16 59.63
C GLN A 246 40.39 -57.73 60.92
N GLN A 247 40.63 -57.07 62.06
CA GLN A 247 40.16 -57.60 63.33
C GLN A 247 38.65 -57.45 63.48
N SER A 248 38.11 -56.29 63.12
CA SER A 248 36.68 -56.05 63.25
C SER A 248 35.91 -56.79 62.16
N GLY A 249 34.84 -57.47 62.57
CA GLY A 249 34.04 -58.24 61.63
C GLY A 249 32.93 -57.44 61.00
N GLY A 250 33.29 -56.38 60.28
CA GLY A 250 32.33 -55.54 59.58
C GLY A 250 32.26 -55.85 58.11
N THR A 251 31.12 -55.50 57.50
CA THR A 251 30.90 -55.72 56.07
C THR A 251 30.54 -54.43 55.35
N LYS A 252 30.86 -53.27 55.94
CA LYS A 252 30.57 -51.98 55.34
C LYS A 252 31.81 -51.10 55.44
N GLY A 253 31.71 -49.91 54.85
CA GLY A 253 32.86 -49.01 54.87
C GLY A 253 34.03 -49.60 54.12
N ALA A 254 35.23 -49.38 54.65
CA ALA A 254 36.42 -49.98 54.07
C ALA A 254 36.42 -51.51 54.19
N ASN A 255 35.80 -52.05 55.24
CA ASN A 255 35.65 -53.50 55.36
C ASN A 255 34.78 -54.05 54.24
N GLY A 256 33.64 -53.39 53.99
CA GLY A 256 32.81 -53.77 52.87
C GLY A 256 33.52 -53.61 51.54
N PHE A 257 34.31 -52.55 51.39
CA PHE A 257 35.04 -52.34 50.15
C PHE A 257 36.12 -53.40 49.96
N ASN A 258 36.69 -53.92 51.04
CA ASN A 258 37.63 -55.02 50.92
C ASN A 258 36.92 -56.32 50.56
N LEU A 259 35.77 -56.58 51.19
CA LEU A 259 34.97 -57.75 50.85
C LEU A 259 34.44 -57.69 49.42
N LEU A 260 34.33 -56.48 48.86
CA LEU A 260 33.77 -56.24 47.54
C LEU A 260 34.81 -56.22 46.42
N ALA A 261 35.80 -55.33 46.52
CA ALA A 261 36.74 -55.12 45.42
C ALA A 261 37.68 -56.29 45.20
N SER A 262 37.87 -57.16 46.20
CA SER A 262 38.77 -58.30 46.04
C SER A 262 38.25 -59.26 44.97
N ASN A 263 36.95 -59.51 44.98
CA ASN A 263 36.29 -60.41 44.04
C ASN A 263 35.28 -59.67 43.18
N LEU A 264 35.63 -58.46 42.74
CA LEU A 264 34.70 -57.64 41.98
C LEU A 264 34.29 -58.31 40.68
N LYS A 265 35.18 -59.09 40.08
CA LYS A 265 34.91 -59.73 38.80
C LYS A 265 33.83 -60.80 38.88
N SER A 266 33.42 -61.19 40.09
CA SER A 266 32.53 -62.33 40.26
C SER A 266 31.05 -61.95 40.38
N TYR A 267 30.71 -60.67 40.36
CA TYR A 267 29.31 -60.29 40.46
C TYR A 267 28.63 -60.05 39.11
N LYS A 268 29.36 -60.15 38.00
CA LYS A 268 28.74 -60.08 36.68
C LYS A 268 28.42 -61.49 36.22
N ASN A 269 27.13 -61.80 36.13
CA ASN A 269 26.66 -63.09 35.64
C ASN A 269 26.85 -63.10 34.13
N ASP A 270 28.02 -63.56 33.68
CA ASP A 270 28.38 -63.47 32.28
C ASP A 270 27.41 -64.22 31.37
N GLN A 271 26.69 -65.21 31.90
CA GLN A 271 25.63 -65.85 31.11
C GLN A 271 24.50 -64.87 30.83
N SER A 272 24.08 -64.14 31.84
CA SER A 272 23.04 -63.12 31.69
C SER A 272 23.61 -61.73 31.41
N LYS A 273 24.94 -61.57 31.48
CA LYS A 273 25.60 -60.29 31.27
C LYS A 273 25.19 -59.26 32.31
N GLY A 274 24.37 -59.66 33.28
CA GLY A 274 23.96 -58.76 34.34
C GLY A 274 24.94 -58.71 35.48
N ILE A 275 24.87 -57.62 36.24
CA ILE A 275 25.77 -57.36 37.36
C ILE A 275 24.92 -57.20 38.61
N ASP A 276 25.18 -58.02 39.62
CA ASP A 276 24.41 -58.03 40.86
C ASP A 276 25.36 -57.95 42.04
N ILE A 277 25.29 -56.84 42.78
CA ILE A 277 26.20 -56.59 43.90
C ILE A 277 25.41 -56.76 45.19
N PRO A 278 25.96 -57.44 46.20
CA PRO A 278 25.17 -57.77 47.41
C PRO A 278 24.70 -56.54 48.16
N ASN A 279 23.55 -56.68 48.81
CA ASN A 279 22.94 -55.56 49.54
C ASN A 279 23.72 -55.25 50.82
N LYS A 280 24.25 -56.29 51.48
CA LYS A 280 24.93 -56.10 52.75
C LYS A 280 26.18 -55.24 52.61
N PHE A 281 26.81 -55.20 51.44
CA PHE A 281 28.03 -54.43 51.25
C PHE A 281 27.78 -52.93 51.21
N SER A 282 26.52 -52.50 51.19
CA SER A 282 26.17 -51.09 51.11
C SER A 282 25.52 -50.65 52.41
N SER A 283 25.76 -49.40 52.79
CA SER A 283 25.26 -48.88 54.06
C SER A 283 23.73 -48.87 54.09
N ASP A 284 23.10 -48.40 53.02
CA ASP A 284 21.65 -48.38 52.93
C ASP A 284 21.14 -49.76 52.55
N SER A 285 19.87 -49.85 52.16
CA SER A 285 19.31 -51.13 51.73
C SER A 285 20.06 -51.69 50.53
N GLY A 286 20.63 -50.82 49.69
CA GLY A 286 21.42 -51.26 48.56
C GLY A 286 20.56 -51.92 47.49
N GLY A 287 21.24 -52.37 46.44
CA GLY A 287 20.61 -53.09 45.35
C GLY A 287 20.67 -52.30 44.04
N LYS A 288 19.54 -52.27 43.34
CA LYS A 288 19.47 -51.75 41.99
C LYS A 288 18.44 -50.63 41.90
N LEU A 289 18.74 -49.66 41.05
CA LEU A 289 17.87 -48.52 40.81
C LEU A 289 17.70 -48.31 39.31
N LEU A 290 16.54 -47.78 38.92
CA LEU A 290 16.24 -47.52 37.52
C LEU A 290 16.55 -46.06 37.21
N LEU A 291 17.60 -45.84 36.41
CA LEU A 291 18.02 -44.48 36.05
C LEU A 291 17.52 -44.16 34.65
N LYS A 292 16.23 -43.87 34.56
CA LYS A 292 15.61 -43.44 33.31
C LYS A 292 16.01 -41.99 33.01
N ALA A 293 15.74 -41.54 31.78
CA ALA A 293 16.20 -40.23 31.35
C ALA A 293 15.47 -39.07 32.03
N SER A 294 14.27 -39.29 32.57
CA SER A 294 13.44 -38.17 32.98
C SER A 294 13.84 -37.63 34.35
N ASP A 295 13.71 -38.45 35.39
CA ASP A 295 13.87 -37.97 36.77
C ASP A 295 15.10 -38.52 37.46
N MET A 296 16.11 -38.96 36.71
CA MET A 296 17.32 -39.46 37.34
C MET A 296 18.18 -38.34 37.88
N PHE A 297 18.10 -37.14 37.29
CA PHE A 297 18.71 -35.95 37.87
C PHE A 297 17.77 -35.22 38.81
N ASP A 298 16.57 -35.75 39.05
CA ASP A 298 15.59 -35.15 39.94
C ASP A 298 15.48 -35.93 41.25
N THR A 299 15.24 -37.24 41.16
CA THR A 299 15.03 -38.04 42.36
C THR A 299 16.34 -38.47 43.02
N PHE A 300 17.47 -38.36 42.31
CA PHE A 300 18.75 -38.80 42.84
C PHE A 300 19.78 -37.69 42.70
N ASP A 301 20.95 -37.92 43.29
CA ASP A 301 22.00 -36.91 43.29
C ASP A 301 22.58 -36.77 41.89
N PRO A 302 22.87 -35.53 41.47
CA PRO A 302 23.52 -35.35 40.15
C PRO A 302 24.82 -36.13 40.00
N SER A 303 25.63 -36.22 41.05
CA SER A 303 26.87 -36.99 40.97
C SER A 303 26.60 -38.47 40.78
N PHE A 304 25.42 -38.94 41.18
CA PHE A 304 25.04 -40.33 41.00
C PHE A 304 24.58 -40.59 39.56
N SER A 305 23.63 -39.79 39.06
CA SER A 305 23.11 -39.91 37.72
C SER A 305 24.12 -39.64 36.67
N ALA A 306 24.96 -38.69 36.84
CA ALA A 306 26.03 -38.43 35.90
C ALA A 306 27.08 -39.53 35.90
N ALA A 307 27.38 -40.10 37.07
CA ALA A 307 28.30 -41.23 37.13
C ALA A 307 27.73 -42.44 36.41
N PHE A 308 26.44 -42.70 36.58
CA PHE A 308 25.79 -43.77 35.83
C PHE A 308 25.90 -43.52 34.33
N ILE A 309 25.68 -42.28 33.91
CA ILE A 309 25.86 -41.94 32.49
C ILE A 309 27.29 -42.25 32.05
N GLN A 310 28.26 -41.90 32.89
CA GLN A 310 29.66 -42.14 32.54
C GLN A 310 29.92 -43.63 32.32
N GLY A 311 29.37 -44.47 33.19
CA GLY A 311 29.46 -45.90 32.93
C GLY A 311 28.75 -46.31 31.65
N TYR A 312 27.58 -45.72 31.40
CA TYR A 312 26.80 -46.00 30.20
C TYR A 312 27.62 -45.79 28.94
N LEU A 313 28.32 -44.71 28.84
CA LEU A 313 29.15 -44.48 27.71
C LEU A 313 30.48 -45.16 27.84
N ALA A 314 30.87 -45.63 29.05
CA ALA A 314 32.07 -46.44 29.22
C ALA A 314 31.93 -47.79 28.52
N LEU A 315 30.74 -48.37 28.58
CA LEU A 315 30.48 -49.57 27.80
C LEU A 315 30.63 -49.31 26.32
N GLN A 316 30.10 -48.17 25.85
CA GLN A 316 30.07 -47.84 24.44
C GLN A 316 31.34 -47.15 23.95
N LYS A 317 32.40 -47.18 24.76
CA LYS A 317 33.69 -46.58 24.41
C LYS A 317 33.55 -45.09 24.12
N LYS A 318 32.55 -44.45 24.71
CA LYS A 318 32.29 -43.03 24.51
C LYS A 318 32.55 -42.19 25.75
N SER A 319 32.97 -42.84 26.84
CA SER A 319 33.21 -42.11 28.08
C SER A 319 34.55 -41.41 28.05
N LYS A 320 34.61 -40.17 28.52
CA LYS A 320 35.83 -39.36 28.47
C LYS A 320 36.08 -38.72 29.83
N GLY A 321 37.34 -38.38 30.08
CA GLY A 321 37.72 -37.59 31.22
C GLY A 321 38.00 -38.36 32.50
N ALA A 322 37.78 -39.67 32.52
CA ALA A 322 37.93 -40.47 33.73
C ALA A 322 39.13 -41.40 33.61
N ASP A 323 39.80 -41.63 34.73
CA ASP A 323 40.92 -42.55 34.77
C ASP A 323 40.44 -43.99 34.81
N SER A 324 41.33 -44.90 34.41
CA SER A 324 41.01 -46.32 34.30
C SER A 324 42.00 -47.14 35.12
N LYS A 325 41.47 -48.04 35.94
CA LYS A 325 42.30 -48.98 36.68
C LYS A 325 41.52 -50.29 36.84
N GLU A 326 42.24 -51.40 36.82
CA GLU A 326 41.60 -52.70 36.82
C GLU A 326 41.02 -53.02 38.20
N VAL A 327 40.29 -54.14 38.26
CA VAL A 327 39.68 -54.55 39.52
C VAL A 327 40.75 -54.87 40.56
N ASP A 328 41.81 -55.56 40.15
CA ASP A 328 42.89 -55.92 41.06
C ASP A 328 43.66 -54.69 41.55
N SER A 329 43.59 -53.58 40.83
CA SER A 329 44.30 -52.36 41.21
C SER A 329 43.56 -51.52 42.23
N LEU A 330 42.36 -51.92 42.64
CA LEU A 330 41.60 -51.15 43.61
C LEU A 330 42.33 -51.13 44.96
N ILE A 331 42.22 -50.00 45.66
CA ILE A 331 42.87 -49.82 46.95
C ILE A 331 41.86 -50.23 48.01
N LYS A 332 41.93 -51.50 48.43
CA LYS A 332 41.03 -52.03 49.44
C LYS A 332 41.65 -52.11 50.82
N ASP A 333 42.98 -52.23 50.90
CA ASP A 333 43.65 -52.28 52.19
C ASP A 333 43.52 -50.95 52.93
N LYS A 334 43.77 -49.85 52.24
CA LYS A 334 43.63 -48.52 52.82
C LYS A 334 42.15 -48.12 52.81
N SER A 335 41.88 -46.84 53.08
CA SER A 335 40.52 -46.35 52.96
C SER A 335 40.12 -46.26 51.49
N ILE A 336 38.82 -46.11 51.25
CA ILE A 336 38.30 -46.12 49.89
C ILE A 336 38.83 -44.93 49.09
N ILE A 337 38.89 -43.75 49.72
CA ILE A 337 39.25 -42.53 49.02
C ILE A 337 40.61 -42.61 48.36
N GLU A 338 41.48 -43.52 48.83
CA GLU A 338 42.80 -43.65 48.23
C GLU A 338 42.73 -44.06 46.77
N ASN A 339 41.60 -44.61 46.32
CA ASN A 339 41.45 -44.92 44.91
C ASN A 339 41.48 -43.67 44.04
N PHE A 340 41.03 -42.54 44.59
CA PHE A 340 40.83 -41.32 43.82
C PHE A 340 42.06 -40.43 43.76
N PHE A 341 43.05 -40.65 44.63
CA PHE A 341 44.30 -39.89 44.56
C PHE A 341 45.12 -40.44 43.39
N VAL A 342 44.81 -39.95 42.20
CA VAL A 342 45.42 -40.48 41.00
C VAL A 342 46.75 -39.78 40.75
N ASP A 343 47.58 -40.41 39.91
CA ASP A 343 48.91 -39.88 39.62
C ASP A 343 48.81 -38.55 38.90
N ASN A 344 49.72 -37.64 39.23
CA ASN A 344 49.72 -36.30 38.67
C ASN A 344 50.74 -36.11 37.54
N ASN A 345 51.81 -36.89 37.52
CA ASN A 345 52.81 -36.76 36.47
C ASN A 345 52.24 -37.22 35.14
N THR A 346 52.61 -36.51 34.08
CA THR A 346 52.14 -36.85 32.74
C THR A 346 52.86 -38.09 32.20
N THR A 378 42.26 -36.96 28.02
CA THR A 378 42.93 -37.12 29.29
C THR A 378 41.94 -37.26 30.43
N VAL A 379 42.43 -37.20 31.66
CA VAL A 379 41.62 -37.36 32.87
C VAL A 379 41.59 -36.03 33.60
N HIS A 380 40.41 -35.61 34.02
CA HIS A 380 40.24 -34.33 34.71
C HIS A 380 40.45 -34.55 36.20
N LYS A 381 41.63 -34.19 36.69
CA LYS A 381 42.03 -34.41 38.07
C LYS A 381 42.09 -33.08 38.81
N THR A 382 41.55 -33.06 40.03
CA THR A 382 41.50 -31.87 40.88
C THR A 382 42.80 -31.81 41.68
N ASP A 383 43.79 -31.11 41.12
CA ASP A 383 45.09 -30.96 41.78
C ASP A 383 44.95 -29.96 42.92
N LEU A 384 44.51 -30.47 44.07
CA LEU A 384 44.29 -29.61 45.22
C LEU A 384 45.58 -29.04 45.80
N VAL A 385 46.73 -29.62 45.43
CA VAL A 385 48.01 -29.03 45.84
C VAL A 385 48.18 -27.67 45.19
N LYS A 386 47.92 -27.58 43.89
CA LYS A 386 47.98 -26.30 43.19
C LYS A 386 46.76 -25.43 43.47
N ILE A 387 45.59 -26.05 43.69
CA ILE A 387 44.37 -25.28 43.95
C ILE A 387 44.53 -24.45 45.22
N PHE A 388 45.06 -25.05 46.27
CA PHE A 388 45.20 -24.37 47.55
C PHE A 388 46.53 -23.65 47.71
N GLY A 389 47.42 -23.74 46.71
CA GLY A 389 48.63 -22.94 46.73
C GLY A 389 49.52 -23.26 47.91
N ASP A 390 49.90 -22.21 48.64
CA ASP A 390 50.79 -22.30 49.79
C ASP A 390 50.03 -22.32 51.12
N LYS A 391 48.84 -22.92 51.13
CA LYS A 391 48.04 -23.01 52.34
C LYS A 391 47.87 -24.48 52.70
N ASP A 392 48.12 -24.81 53.97
CA ASP A 392 47.95 -26.18 54.46
C ASP A 392 46.50 -26.40 54.81
N VAL A 393 45.83 -27.28 54.07
CA VAL A 393 44.42 -27.60 54.28
C VAL A 393 44.24 -29.02 54.79
N PHE A 394 45.07 -29.96 54.32
CA PHE A 394 45.00 -31.34 54.76
C PHE A 394 45.99 -31.59 55.89
N ALA A 395 45.96 -32.80 56.44
CA ALA A 395 46.89 -33.18 57.49
C ALA A 395 47.07 -34.68 57.46
N GLY A 396 48.20 -35.13 57.99
CA GLY A 396 48.43 -36.56 58.13
C GLY A 396 48.45 -37.27 56.79
N GLU A 397 47.63 -38.33 56.69
CA GLU A 397 47.62 -39.13 55.48
C GLU A 397 47.10 -38.33 54.29
N TYR A 398 46.10 -37.47 54.51
CA TYR A 398 45.59 -36.65 53.42
C TYR A 398 46.68 -35.70 52.91
N LYS A 399 47.41 -35.06 53.83
CA LYS A 399 48.47 -34.15 53.42
C LYS A 399 49.59 -34.89 52.69
N GLN A 400 49.96 -36.08 53.17
CA GLN A 400 51.01 -36.83 52.51
C GLN A 400 50.58 -37.30 51.13
N GLN A 401 49.34 -37.76 51.00
CA GLN A 401 48.84 -38.21 49.71
C GLN A 401 48.55 -37.04 48.80
N ILE A 402 47.63 -36.18 49.19
CA ILE A 402 47.29 -35.01 48.39
C ILE A 402 48.33 -33.91 48.57
N SER A 439 53.35 -34.55 43.67
CA SER A 439 52.46 -35.04 44.70
C SER A 439 51.48 -36.07 44.13
N LYS A 440 50.19 -35.80 44.29
CA LYS A 440 49.16 -36.71 43.81
C LYS A 440 47.86 -35.95 43.66
N ALA A 441 47.32 -35.90 42.44
CA ALA A 441 46.07 -35.21 42.18
C ALA A 441 44.90 -35.97 42.79
N VAL A 442 43.70 -35.42 42.64
CA VAL A 442 42.50 -36.00 43.21
C VAL A 442 41.40 -35.96 42.16
N VAL A 443 40.60 -37.01 42.09
CA VAL A 443 39.46 -37.09 41.18
C VAL A 443 38.22 -37.45 41.99
N ASP A 444 37.09 -37.51 41.29
CA ASP A 444 35.82 -37.93 41.85
C ASP A 444 35.37 -39.28 41.32
N LEU A 445 35.50 -39.50 40.02
CA LEU A 445 35.04 -40.73 39.38
C LEU A 445 36.22 -41.41 38.71
N ILE A 446 36.31 -42.73 38.87
CA ILE A 446 37.26 -43.54 38.11
C ILE A 446 36.55 -44.79 37.61
N GLU A 447 37.13 -45.39 36.59
CA GLU A 447 36.57 -46.54 35.91
C GLU A 447 37.34 -47.79 36.33
N VAL A 448 36.65 -48.72 36.99
CA VAL A 448 37.23 -49.99 37.38
C VAL A 448 36.61 -51.09 36.52
N LYS A 449 37.48 -51.88 35.91
CA LYS A 449 37.11 -52.87 34.90
C LYS A 449 37.79 -54.20 35.23
N LYS A 450 37.23 -55.28 34.69
CA LYS A 450 37.79 -56.60 34.94
C LYS A 450 39.19 -56.76 34.35
N ASP A 451 39.39 -56.27 33.13
CA ASP A 451 40.63 -56.52 32.41
C ASP A 451 41.08 -55.24 31.72
N SER A 452 42.38 -55.16 31.43
CA SER A 452 42.91 -54.01 30.73
C SER A 452 42.32 -53.88 29.34
N SER A 453 42.15 -55.01 28.64
CA SER A 453 41.58 -54.98 27.31
C SER A 453 40.08 -54.72 27.34
N SER A 454 39.40 -55.11 28.42
CA SER A 454 37.96 -54.95 28.50
C SER A 454 37.60 -53.48 28.68
N GLN A 455 36.30 -53.21 28.64
CA GLN A 455 35.77 -51.86 28.83
C GLN A 455 35.22 -51.71 30.25
N PRO A 456 35.26 -50.48 30.79
CA PRO A 456 34.82 -50.27 32.17
C PRO A 456 33.39 -50.68 32.44
N ASP A 457 33.20 -51.71 33.25
CA ASP A 457 31.87 -52.13 33.66
C ASP A 457 31.48 -51.63 35.04
N TYR A 458 32.45 -51.28 35.87
CA TYR A 458 32.18 -50.71 37.18
C TYR A 458 32.72 -49.29 37.24
N ILE A 459 31.96 -48.39 37.86
CA ILE A 459 32.31 -46.98 37.96
C ILE A 459 32.26 -46.61 39.43
N LEU A 460 33.35 -46.06 39.95
CA LEU A 460 33.43 -45.68 41.35
C LEU A 460 33.48 -44.17 41.45
N SER A 461 32.49 -43.58 42.14
CA SER A 461 32.39 -42.13 42.23
C SER A 461 31.86 -41.74 43.60
N ARG A 462 32.35 -40.63 44.14
CA ARG A 462 31.92 -40.15 45.44
C ARG A 462 31.03 -38.93 45.28
N GLY A 463 29.86 -38.97 45.92
CA GLY A 463 28.90 -37.89 45.84
C GLY A 463 28.55 -37.29 47.18
N LYS A 464 27.27 -36.99 47.38
CA LYS A 464 26.84 -36.33 48.61
C LYS A 464 26.85 -37.29 49.79
N ASP A 465 26.37 -38.51 49.59
CA ASP A 465 26.20 -39.48 50.68
C ASP A 465 27.27 -40.57 50.66
N GLY A 466 28.49 -40.22 50.30
CA GLY A 466 29.58 -41.19 50.34
C GLY A 466 30.03 -41.64 48.97
N ILE A 467 30.68 -42.81 48.91
CA ILE A 467 31.23 -43.34 47.66
C ILE A 467 30.34 -44.46 47.17
N HIS A 468 29.88 -44.35 45.93
CA HIS A 468 29.08 -45.39 45.28
C HIS A 468 29.93 -46.09 44.23
N LEU A 469 29.92 -47.42 44.29
CA LEU A 469 30.35 -48.25 43.17
C LEU A 469 29.08 -48.67 42.43
N MET A 470 28.99 -48.28 41.16
CA MET A 470 27.82 -48.54 40.34
C MET A 470 28.22 -49.40 39.15
N ALA A 471 27.28 -50.22 38.70
CA ALA A 471 27.47 -50.96 37.45
C ALA A 471 26.11 -51.14 36.80
N VAL A 472 26.01 -50.74 35.54
CA VAL A 472 24.81 -51.01 34.75
C VAL A 472 24.85 -52.47 34.36
N ASP A 473 23.75 -53.18 34.60
CA ASP A 473 23.71 -54.60 34.28
C ASP A 473 23.13 -54.80 32.89
N GLY A 474 23.77 -55.69 32.13
CA GLY A 474 23.39 -55.84 30.74
C GLY A 474 23.93 -54.75 29.84
N GLY A 475 24.78 -53.87 30.36
CA GLY A 475 25.37 -52.84 29.52
C GLY A 475 26.19 -53.43 28.40
N SER A 476 26.98 -54.47 28.70
CA SER A 476 27.70 -55.17 27.65
C SER A 476 26.75 -55.87 26.68
N HIS A 477 25.52 -56.13 27.11
CA HIS A 477 24.54 -56.78 26.25
C HIS A 477 23.89 -55.78 25.29
N TYR A 478 23.21 -54.78 25.83
CA TYR A 478 22.38 -53.89 25.03
C TYR A 478 22.99 -52.51 24.83
N LEU A 479 24.25 -52.30 25.18
CA LEU A 479 24.93 -51.05 24.89
C LEU A 479 26.31 -51.38 24.31
N THR A 480 26.52 -51.02 23.05
CA THR A 480 27.78 -51.25 22.37
C THR A 480 28.19 -49.95 21.67
N GLU A 481 29.34 -50.00 20.98
CA GLU A 481 29.88 -48.82 20.34
C GLU A 481 28.91 -48.27 19.28
N SER A 482 28.09 -49.13 18.68
CA SER A 482 27.12 -48.68 17.71
C SER A 482 25.99 -47.89 18.34
N GLY A 483 25.80 -48.00 19.65
CA GLY A 483 24.77 -47.28 20.36
C GLY A 483 23.98 -48.22 21.23
N ARG A 484 22.77 -47.80 21.63
CA ARG A 484 21.92 -48.62 22.44
C ARG A 484 21.11 -49.52 21.60
N ASP A 485 21.03 -50.79 21.94
CA ASP A 485 20.19 -51.78 21.27
C ASP A 485 18.91 -51.91 22.09
N VAL A 486 17.84 -51.29 21.59
CA VAL A 486 16.61 -51.17 22.37
C VAL A 486 15.90 -52.52 22.49
N ALA A 487 16.02 -53.37 21.48
CA ALA A 487 15.44 -54.71 21.59
C ALA A 487 16.12 -55.52 22.69
N LYS A 488 17.45 -55.52 22.70
CA LYS A 488 18.19 -56.22 23.75
C LYS A 488 17.93 -55.59 25.12
N GLN A 489 17.81 -54.26 25.17
CA GLN A 489 17.53 -53.60 26.45
C GLN A 489 16.16 -53.97 26.98
N LYS A 490 15.16 -54.01 26.10
CA LYS A 490 13.83 -54.45 26.53
C LYS A 490 13.87 -55.90 26.98
N LYS A 491 14.63 -56.74 26.27
CA LYS A 491 14.75 -58.14 26.69
C LYS A 491 15.39 -58.27 28.06
N PHE A 492 16.44 -57.48 28.32
CA PHE A 492 17.14 -57.60 29.59
C PHE A 492 16.29 -57.08 30.74
N LEU A 493 15.63 -55.93 30.55
CA LEU A 493 14.75 -55.43 31.60
C LEU A 493 13.54 -56.34 31.80
N LEU A 494 13.07 -57.02 30.75
CA LEU A 494 12.04 -58.03 30.93
C LEU A 494 12.57 -59.22 31.72
N PHE A 495 13.84 -59.59 31.51
CA PHE A 495 14.46 -60.63 32.30
C PHE A 495 14.48 -60.25 33.78
N ARG A 496 14.87 -59.01 34.07
CA ARG A 496 14.89 -58.56 35.46
C ARG A 496 13.49 -58.54 36.06
N ALA A 497 12.50 -58.09 35.29
CA ALA A 497 11.11 -58.11 35.76
C ALA A 497 10.61 -59.54 35.97
N LEU A 498 11.07 -60.48 35.17
CA LEU A 498 10.74 -61.89 35.38
C LEU A 498 11.40 -62.43 36.64
N GLN A 499 12.67 -62.05 36.86
CA GLN A 499 13.35 -62.36 38.11
C GLN A 499 12.52 -61.91 39.29
N THR A 500 12.06 -60.67 39.27
CA THR A 500 11.25 -60.15 40.37
C THR A 500 9.87 -60.80 40.44
N LYS A 501 9.33 -61.26 39.31
CA LYS A 501 7.96 -61.75 39.28
C LYS A 501 7.79 -63.01 40.11
N TYR A 502 8.73 -63.95 40.00
CA TYR A 502 8.60 -65.25 40.66
C TYR A 502 9.55 -65.42 41.84
N GLY A 503 10.14 -64.33 42.32
CA GLY A 503 11.04 -64.41 43.47
C GLY A 503 12.26 -65.27 43.24
N LEU A 504 12.81 -65.14 42.01
CA LEU A 504 13.98 -65.91 41.57
C LEU A 504 15.27 -65.14 41.64
N VAL A 505 15.29 -64.12 42.46
CA VAL A 505 16.50 -63.35 42.68
C VAL A 505 17.37 -64.04 43.74
N ASP A 506 18.63 -63.61 43.80
CA ASP A 506 19.55 -64.15 44.81
C ASP A 506 19.09 -63.76 46.21
N THR A 507 19.50 -64.57 47.19
CA THR A 507 19.10 -64.30 48.57
C THR A 507 19.82 -63.08 49.13
N ASP A 508 21.04 -62.80 48.66
CA ASP A 508 21.82 -61.68 49.17
C ASP A 508 21.44 -60.35 48.55
N THR A 509 20.53 -60.33 47.59
CA THR A 509 20.06 -59.10 46.97
C THR A 509 18.54 -59.08 46.95
N THR A 510 17.98 -57.88 46.97
CA THR A 510 16.54 -57.68 46.92
C THR A 510 16.21 -56.75 45.76
N TYR A 511 15.25 -57.15 44.94
CA TYR A 511 14.88 -56.38 43.76
C TYR A 511 13.81 -55.37 44.17
N ASP A 512 14.22 -54.12 44.32
CA ASP A 512 13.28 -53.00 44.40
C ASP A 512 13.03 -52.43 43.02
N PHE A 513 12.69 -53.32 42.09
CA PHE A 513 12.59 -52.99 40.66
C PHE A 513 11.29 -53.56 40.10
N LYS A 514 10.29 -52.68 39.93
CA LYS A 514 9.04 -53.03 39.29
C LYS A 514 8.99 -52.31 37.94
N LEU A 515 9.19 -53.05 36.85
CA LEU A 515 9.17 -52.43 35.53
C LEU A 515 7.78 -51.96 35.15
N PHE A 516 6.74 -52.72 35.52
CA PHE A 516 5.39 -52.34 35.15
C PHE A 516 4.95 -51.06 35.82
N ASP A 517 5.27 -50.88 37.11
CA ASP A 517 4.97 -49.62 37.77
C ASP A 517 5.71 -48.46 37.12
N GLU A 518 6.96 -48.68 36.71
CA GLU A 518 7.72 -47.61 36.07
C GLU A 518 7.15 -47.22 34.72
N VAL A 519 6.78 -48.22 33.89
CA VAL A 519 6.20 -47.90 32.59
C VAL A 519 4.83 -47.24 32.77
N LYS A 520 4.06 -47.66 33.78
CA LYS A 520 2.78 -47.03 34.02
C LYS A 520 2.95 -45.58 34.50
N LYS A 521 3.97 -45.33 35.33
CA LYS A 521 4.14 -43.97 35.86
C LYS A 521 4.70 -43.04 34.79
N TYR A 522 5.57 -43.54 33.90
CA TYR A 522 6.08 -42.69 32.83
C TYR A 522 5.05 -42.50 31.74
N PHE A 523 4.28 -43.54 31.44
CA PHE A 523 3.29 -43.46 30.38
C PHE A 523 2.08 -42.64 30.80
N ASP A 524 1.78 -42.60 32.10
CA ASP A 524 0.63 -41.83 32.58
C ASP A 524 0.81 -40.33 32.35
N THR A 525 2.04 -39.86 32.11
CA THR A 525 2.22 -38.47 31.75
C THR A 525 1.56 -38.15 30.42
N ASN A 526 1.88 -38.94 29.38
CA ASN A 526 1.17 -38.87 28.11
C ASN A 526 0.15 -40.02 28.05
N ARG A 527 -0.90 -39.87 28.85
CA ARG A 527 -1.93 -40.90 28.96
C ARG A 527 -2.75 -41.05 27.68
N ILE A 528 -2.63 -40.11 26.73
CA ILE A 528 -3.44 -40.11 25.52
C ILE A 528 -2.58 -40.26 24.27
N LEU A 529 -1.55 -39.43 24.13
CA LEU A 529 -0.70 -39.49 22.95
C LEU A 529 0.04 -40.82 22.86
N PHE A 530 0.55 -41.32 24.00
CA PHE A 530 1.34 -42.53 23.97
C PHE A 530 0.48 -43.76 23.67
N LEU A 531 -0.71 -43.84 24.25
CA LEU A 531 -1.61 -44.95 23.95
C LEU A 531 -2.03 -44.95 22.48
N PHE A 532 -2.36 -43.77 21.95
CA PHE A 532 -2.73 -43.68 20.54
C PHE A 532 -1.58 -44.08 19.64
N GLU A 533 -0.37 -43.62 19.95
CA GLU A 533 0.78 -44.00 19.14
C GLU A 533 1.08 -45.49 19.25
N ALA A 534 0.87 -46.07 20.43
CA ALA A 534 1.06 -47.52 20.59
C ALA A 534 0.07 -48.29 19.73
N LEU A 535 -1.19 -47.88 19.73
CA LEU A 535 -2.18 -48.53 18.88
C LEU A 535 -1.84 -48.37 17.41
N LEU A 536 -1.39 -47.18 17.01
CA LEU A 536 -1.03 -46.94 15.62
C LEU A 536 0.14 -47.83 15.20
N ASP A 537 1.14 -47.96 16.06
CA ASP A 537 2.28 -48.83 15.76
C ASP A 537 1.87 -50.29 15.77
N LEU A 538 0.87 -50.64 16.58
CA LEU A 538 0.33 -52.00 16.54
C LEU A 538 -0.28 -52.30 15.18
N SER A 539 -1.13 -51.39 14.68
CA SER A 539 -1.74 -51.57 13.37
C SER A 539 -0.79 -51.25 12.23
N SER A 540 0.34 -50.60 12.51
CA SER A 540 1.35 -50.36 11.48
C SER A 540 2.18 -51.60 11.18
N ASP A 541 2.11 -52.63 12.04
CA ASP A 541 2.86 -53.87 11.86
C ASP A 541 1.90 -54.91 11.29
N THR A 542 1.78 -54.92 9.97
CA THR A 542 0.91 -55.89 9.30
C THR A 542 1.60 -57.23 9.08
N ASN A 543 2.91 -57.31 9.24
CA ASN A 543 3.64 -58.56 9.03
C ASN A 543 3.57 -59.48 10.24
N ASN A 544 3.16 -58.99 11.41
CA ASN A 544 3.07 -59.79 12.63
C ASN A 544 1.64 -60.24 12.80
N LYS A 545 1.41 -61.54 12.63
CA LYS A 545 0.07 -62.13 12.70
C LYS A 545 -0.29 -62.63 14.09
N ASP A 546 0.61 -62.54 15.05
CA ASP A 546 0.37 -63.04 16.39
C ASP A 546 -0.25 -62.02 17.33
N ASN A 547 -0.40 -60.77 16.88
CA ASN A 547 -0.96 -59.74 17.72
C ASN A 547 -2.47 -59.94 17.89
N PHE A 548 -3.05 -59.17 18.81
CA PHE A 548 -4.49 -59.23 19.04
C PHE A 548 -5.30 -58.72 17.85
N LEU A 549 -4.66 -58.06 16.89
CA LEU A 549 -5.37 -57.60 15.70
C LEU A 549 -5.89 -58.78 14.88
N SER A 550 -5.08 -59.84 14.74
CA SER A 550 -5.47 -60.99 13.96
C SER A 550 -6.42 -61.93 14.70
N TYR A 551 -6.68 -61.68 15.98
CA TYR A 551 -7.65 -62.46 16.72
C TYR A 551 -9.04 -62.16 16.17
N PRO A 552 -9.81 -63.17 15.75
CA PRO A 552 -11.18 -62.91 15.29
C PRO A 552 -12.09 -62.31 16.36
N GLN A 553 -11.71 -62.38 17.62
CA GLN A 553 -12.49 -61.76 18.68
C GLN A 553 -12.38 -60.24 18.65
N PHE A 554 -11.26 -59.73 18.16
CA PHE A 554 -11.01 -58.29 18.05
C PHE A 554 -10.90 -57.87 16.58
N LYS A 555 -11.75 -58.43 15.73
CA LYS A 555 -11.70 -58.12 14.31
C LYS A 555 -12.14 -56.69 14.04
N LYS A 556 -13.25 -56.26 14.65
CA LYS A 556 -13.72 -54.89 14.47
C LYS A 556 -12.90 -53.89 15.27
N PHE A 557 -12.47 -54.26 16.47
CA PHE A 557 -11.60 -53.37 17.24
C PHE A 557 -10.32 -53.06 16.48
N ALA A 558 -9.66 -54.09 15.96
CA ALA A 558 -8.50 -53.87 15.11
C ALA A 558 -8.84 -53.14 13.83
N ASP A 559 -10.12 -53.17 13.42
CA ASP A 559 -10.54 -52.36 12.29
C ASP A 559 -10.71 -50.90 12.72
N SER A 560 -11.16 -50.67 13.95
CA SER A 560 -11.28 -49.31 14.45
C SER A 560 -9.91 -48.64 14.52
N ILE A 561 -8.90 -49.39 14.97
CA ILE A 561 -7.53 -48.88 14.92
C ILE A 561 -7.09 -48.66 13.48
N LYS A 562 -7.64 -49.44 12.55
CA LYS A 562 -7.32 -49.27 11.14
C LYS A 562 -8.01 -48.07 10.52
N SER A 563 -9.12 -47.62 11.10
CA SER A 563 -9.85 -46.45 10.62
C SER A 563 -9.28 -45.14 11.13
N ILE A 564 -8.22 -45.18 11.95
CA ILE A 564 -7.61 -43.99 12.50
C ILE A 564 -6.19 -43.79 12.01
N GLU A 565 -5.65 -44.71 11.22
CA GLU A 565 -4.33 -44.47 10.63
C GLU A 565 -4.41 -43.40 9.55
N LYS A 566 -5.16 -43.69 8.48
CA LYS A 566 -5.22 -42.75 7.36
C LYS A 566 -5.69 -41.37 7.77
N ASP A 567 -6.46 -41.26 8.85
CA ASP A 567 -6.99 -39.98 9.27
C ASP A 567 -5.97 -39.18 10.08
N LEU A 568 -5.55 -39.72 11.23
CA LEU A 568 -4.74 -38.97 12.17
C LEU A 568 -3.28 -39.38 12.26
N LYS A 569 -2.91 -40.58 11.80
CA LYS A 569 -1.57 -41.07 12.09
C LYS A 569 -0.50 -40.14 11.56
N GLU A 570 -0.74 -39.48 10.41
CA GLU A 570 0.25 -38.55 9.89
C GLU A 570 0.55 -37.44 10.88
N LEU A 571 -0.45 -37.01 11.65
CA LEU A 571 -0.29 -36.00 12.69
C LEU A 571 0.20 -36.57 14.01
N VAL A 572 -0.29 -37.76 14.38
CA VAL A 572 0.03 -38.33 15.68
C VAL A 572 1.47 -38.82 15.72
N GLN A 573 1.98 -39.39 14.63
CA GLN A 573 3.38 -39.77 14.61
C GLN A 573 4.29 -38.55 14.79
N ALA A 574 3.98 -37.45 14.12
CA ALA A 574 4.76 -36.23 14.30
C ALA A 574 4.62 -35.68 15.71
N HIS A 575 3.41 -35.68 16.25
CA HIS A 575 3.18 -35.16 17.59
C HIS A 575 3.94 -35.98 18.64
N TYR A 576 3.92 -37.31 18.50
CA TYR A 576 4.67 -38.16 19.41
C TYR A 576 6.17 -37.94 19.23
N LYS A 577 6.66 -37.95 17.99
CA LYS A 577 8.07 -37.78 17.72
C LYS A 577 8.60 -36.42 18.15
N GLN A 578 7.74 -35.42 18.29
CA GLN A 578 8.14 -34.12 18.79
C GLN A 578 7.93 -33.97 20.30
N ALA A 579 6.90 -34.58 20.87
CA ALA A 579 6.73 -34.53 22.31
C ALA A 579 7.82 -35.31 23.03
N VAL A 580 8.21 -36.45 22.48
CA VAL A 580 9.30 -37.22 23.07
C VAL A 580 10.60 -36.45 22.95
N PHE A 581 10.81 -35.76 21.83
CA PHE A 581 11.99 -34.91 21.69
C PHE A 581 11.95 -33.74 22.65
N ASN A 582 10.75 -33.19 22.91
CA ASN A 582 10.60 -32.12 23.89
C ASN A 582 11.00 -32.61 25.27
N GLU A 583 10.48 -33.77 25.67
CA GLU A 583 10.83 -34.33 26.97
C GLU A 583 12.32 -34.66 27.05
N THR A 584 12.90 -35.16 25.96
CA THR A 584 14.32 -35.46 25.94
C THR A 584 15.18 -34.21 26.09
N ALA A 585 14.83 -33.12 25.41
CA ALA A 585 15.53 -31.85 25.58
C ALA A 585 15.35 -31.28 26.99
N VAL A 586 14.13 -31.37 27.53
CA VAL A 586 13.89 -30.93 28.90
C VAL A 586 14.77 -31.71 29.88
N ALA A 587 14.84 -33.02 29.69
CA ALA A 587 15.62 -33.85 30.60
C ALA A 587 17.12 -33.61 30.45
N GLU A 588 17.60 -33.43 29.21
CA GLU A 588 19.02 -33.18 29.02
C GLU A 588 19.42 -31.76 29.42
N ASN A 589 18.47 -30.83 29.51
CA ASN A 589 18.77 -29.54 30.10
C ASN A 589 19.14 -29.71 31.57
N LYS A 590 18.45 -30.61 32.27
CA LYS A 590 18.75 -30.89 33.66
C LYS A 590 20.18 -31.39 33.86
N VAL A 591 20.80 -31.97 32.83
CA VAL A 591 22.19 -32.39 32.98
C VAL A 591 23.07 -31.20 33.31
N THR A 592 23.09 -30.19 32.44
CA THR A 592 23.89 -28.99 32.66
C THR A 592 23.32 -28.08 33.73
N LEU A 593 22.05 -28.25 34.09
CA LEU A 593 21.48 -27.52 35.20
C LEU A 593 21.95 -28.07 36.55
N LYS A 594 21.85 -29.38 36.75
CA LYS A 594 22.19 -30.01 38.01
C LYS A 594 23.68 -30.20 38.20
N LEU A 595 24.46 -30.39 37.14
CA LEU A 595 25.90 -30.39 37.32
C LEU A 595 26.39 -29.03 37.80
N ALA A 596 25.84 -27.94 37.23
CA ALA A 596 26.14 -26.61 37.72
C ALA A 596 25.64 -26.39 39.14
N GLU A 597 24.45 -26.92 39.48
CA GLU A 597 23.97 -26.81 40.86
C GLU A 597 24.91 -27.50 41.83
N ARG A 598 25.40 -28.69 41.47
CA ARG A 598 26.35 -29.40 42.33
C ARG A 598 27.66 -28.63 42.45
N ASN A 599 28.17 -28.10 41.34
CA ASN A 599 29.41 -27.34 41.33
C ASN A 599 29.26 -25.95 41.96
N GLN A 600 28.04 -25.52 42.24
CA GLN A 600 27.83 -24.17 42.77
C GLN A 600 28.50 -23.91 44.12
N PRO A 601 28.35 -24.76 45.15
CA PRO A 601 29.00 -24.44 46.43
C PRO A 601 30.51 -24.35 46.34
N PHE A 602 31.15 -25.13 45.48
CA PHE A 602 32.59 -25.08 45.33
C PHE A 602 33.05 -23.84 44.57
N ILE A 603 32.12 -23.09 43.98
CA ILE A 603 32.43 -21.76 43.46
C ILE A 603 32.10 -20.69 44.50
N ASP A 604 31.02 -20.89 45.27
CA ASP A 604 30.71 -19.99 46.36
C ASP A 604 31.87 -19.89 47.34
N ASN A 605 32.47 -21.03 47.68
CA ASN A 605 33.61 -21.02 48.61
C ASN A 605 34.76 -20.20 48.06
N GLU A 606 35.09 -20.38 46.78
CA GLU A 606 36.19 -19.60 46.20
C GLU A 606 35.83 -18.12 46.10
N ARG A 607 34.54 -17.81 45.96
CA ARG A 607 34.11 -16.42 45.91
C ARG A 607 34.26 -15.75 47.28
N ASN A 608 33.80 -16.43 48.33
CA ASN A 608 33.86 -15.91 49.69
C ASN A 608 35.24 -16.05 50.33
N ASN A 609 36.27 -16.32 49.53
CA ASN A 609 37.63 -16.56 49.99
C ASN A 609 37.71 -17.75 50.95
N GLN A 610 36.69 -18.61 50.93
CA GLN A 610 36.64 -19.83 51.72
C GLN A 610 37.03 -21.04 50.90
N ILE A 611 37.97 -20.88 49.98
CA ILE A 611 38.38 -21.98 49.10
C ILE A 611 38.86 -23.17 49.93
N GLU A 612 39.47 -22.91 51.09
CA GLU A 612 39.92 -23.99 51.95
C GLU A 612 38.77 -24.85 52.45
N GLN A 613 37.54 -24.36 52.41
CA GLN A 613 36.40 -25.16 52.80
C GLN A 613 36.12 -26.28 51.79
N ASN A 614 36.55 -26.11 50.54
CA ASN A 614 36.36 -27.16 49.54
C ASN A 614 36.96 -28.48 50.01
N GLY A 615 38.22 -28.46 50.42
CA GLY A 615 38.88 -29.65 50.91
C GLY A 615 38.96 -30.76 49.88
N LEU A 616 38.17 -31.82 50.06
CA LEU A 616 38.17 -32.96 49.15
C LEU A 616 37.20 -32.79 48.00
N ALA A 617 36.83 -31.56 47.66
CA ALA A 617 35.96 -31.33 46.52
C ALA A 617 36.74 -31.54 45.23
N ALA A 618 36.15 -32.30 44.30
CA ALA A 618 36.81 -32.66 43.05
C ALA A 618 35.88 -32.37 41.88
N LYS A 619 36.45 -31.81 40.82
CA LYS A 619 35.67 -31.56 39.61
C LYS A 619 35.37 -32.89 38.91
N LEU A 620 34.14 -33.01 38.43
CA LEU A 620 33.72 -34.23 37.77
C LEU A 620 34.46 -34.40 36.44
N PRO A 621 34.63 -35.64 35.98
CA PRO A 621 35.38 -35.85 34.73
C PRO A 621 34.70 -35.29 33.50
N TYR A 622 33.41 -34.99 33.57
CA TYR A 622 32.62 -34.63 32.40
C TYR A 622 33.06 -33.28 31.86
N GLU A 623 33.44 -33.25 30.58
CA GLU A 623 33.77 -32.01 29.91
C GLU A 623 32.50 -31.24 29.56
N GLN A 624 32.61 -29.92 29.56
CA GLN A 624 31.53 -29.03 29.15
C GLN A 624 31.95 -28.26 27.91
N ASP A 625 30.96 -27.73 27.20
CA ASP A 625 31.20 -27.02 25.97
C ASP A 625 31.41 -25.53 26.26
N ALA A 626 32.54 -25.00 25.83
CA ALA A 626 32.77 -23.55 25.96
C ALA A 626 31.83 -22.77 25.05
N LYS A 627 31.55 -23.31 23.86
CA LYS A 627 30.75 -22.62 22.85
C LYS A 627 29.25 -22.88 23.00
N THR A 628 28.85 -23.85 23.82
CA THR A 628 27.44 -24.19 23.94
C THR A 628 26.96 -24.34 25.38
N GLY A 629 27.85 -24.62 26.33
CA GLY A 629 27.43 -24.89 27.69
C GLY A 629 26.64 -26.17 27.84
N HIS A 630 26.99 -27.20 27.08
CA HIS A 630 26.30 -28.47 27.10
C HIS A 630 27.31 -29.58 27.36
N TYR A 631 26.88 -30.61 28.09
CA TYR A 631 27.70 -31.79 28.31
C TYR A 631 27.42 -32.76 27.16
N ASN A 632 28.36 -32.85 26.23
CA ASN A 632 28.14 -33.64 25.02
C ASN A 632 28.05 -35.13 25.33
N ASP A 633 29.02 -35.65 26.09
CA ASP A 633 29.00 -37.07 26.43
C ASP A 633 27.79 -37.42 27.27
N LEU A 634 27.49 -36.60 28.28
CA LEU A 634 26.27 -36.83 29.04
C LEU A 634 25.03 -36.67 28.17
N GLY A 635 25.14 -35.93 27.06
CA GLY A 635 24.04 -35.84 26.12
C GLY A 635 23.95 -37.02 25.17
N ASN A 636 25.01 -37.83 25.06
CA ASN A 636 24.95 -39.03 24.24
C ASN A 636 23.92 -40.03 24.77
N TYR A 637 23.70 -40.04 26.08
CA TYR A 637 22.67 -40.92 26.66
C TYR A 637 21.29 -40.57 26.13
N TYR A 638 21.08 -39.30 25.76
CA TYR A 638 19.80 -38.87 25.20
C TYR A 638 19.82 -38.84 23.68
N LYS A 639 21.00 -38.72 23.09
CA LYS A 639 21.15 -38.91 21.66
C LYS A 639 20.80 -40.34 21.28
N ASP A 640 21.13 -41.29 22.14
CA ASP A 640 20.71 -42.68 21.98
C ASP A 640 19.22 -42.87 22.23
N ILE A 641 18.50 -41.78 22.45
CA ILE A 641 17.03 -41.79 22.51
C ILE A 641 16.44 -41.10 21.29
N ILE A 642 16.96 -39.91 20.95
CA ILE A 642 16.47 -39.21 19.77
C ILE A 642 16.94 -39.87 18.49
N ASP A 643 17.89 -40.80 18.56
CA ASP A 643 18.22 -41.64 17.42
C ASP A 643 17.36 -42.87 17.34
N ASN A 644 16.51 -43.11 18.34
CA ASN A 644 15.57 -44.21 18.35
C ASN A 644 14.15 -43.76 18.05
N VAL A 645 13.71 -42.63 18.61
CA VAL A 645 12.40 -42.10 18.26
C VAL A 645 12.37 -41.58 16.83
N ASP A 646 13.52 -41.18 16.29
CA ASP A 646 13.58 -40.76 14.90
C ASP A 646 13.23 -41.92 13.97
N LYS A 647 13.74 -43.10 14.26
CA LYS A 647 13.46 -44.28 13.43
C LYS A 647 12.06 -44.84 13.65
N LYS A 648 11.32 -44.34 14.63
CA LYS A 648 9.96 -44.81 14.88
C LYS A 648 9.03 -44.22 13.83
N GLY A 649 8.36 -45.10 13.09
CA GLY A 649 7.46 -44.66 12.03
C GLY A 649 8.16 -44.42 10.71
N ASN A 665 26.90 -33.95 18.55
CA ASN A 665 26.40 -33.56 19.86
C ASN A 665 24.88 -33.68 19.90
N PHE A 666 24.35 -34.04 21.08
CA PHE A 666 22.91 -34.16 21.22
C PHE A 666 22.22 -32.82 21.06
N SER A 667 22.88 -31.73 21.46
CA SER A 667 22.26 -30.41 21.37
C SER A 667 21.94 -30.04 19.94
N GLU A 668 22.91 -30.17 19.03
CA GLU A 668 22.68 -29.84 17.63
C GLU A 668 21.66 -30.76 17.00
N GLU A 669 21.76 -32.06 17.27
CA GLU A 669 20.83 -33.02 16.68
C GLU A 669 19.40 -32.73 17.13
N VAL A 670 19.21 -32.49 18.43
CA VAL A 670 17.86 -32.23 18.93
C VAL A 670 17.35 -30.89 18.44
N VAL A 671 18.22 -29.88 18.33
CA VAL A 671 17.75 -28.58 17.88
C VAL A 671 17.37 -28.63 16.40
N SER A 672 18.03 -29.50 15.61
CA SER A 672 17.64 -29.67 14.22
C SER A 672 16.35 -30.49 14.11
N LYS A 673 16.25 -31.59 14.85
CA LYS A 673 15.14 -32.51 14.72
C LYS A 673 13.90 -32.06 15.49
N LEU A 674 13.99 -30.99 16.27
CA LEU A 674 12.78 -30.38 16.81
C LEU A 674 12.12 -29.45 15.80
N LYS A 675 12.91 -28.68 15.04
CA LYS A 675 12.31 -27.85 13.99
C LYS A 675 11.88 -28.68 12.78
N ASP A 676 12.70 -29.68 12.40
CA ASP A 676 12.32 -30.57 11.32
C ASP A 676 11.08 -31.40 11.64
N ASN A 677 10.70 -31.48 12.91
CA ASN A 677 9.46 -32.15 13.29
C ASN A 677 8.35 -31.15 13.60
N LYS A 678 8.69 -29.94 14.02
CA LYS A 678 7.66 -28.91 14.19
C LYS A 678 7.05 -28.54 12.86
N LYS A 679 7.87 -28.41 11.81
CA LYS A 679 7.31 -28.19 10.48
C LYS A 679 6.45 -29.36 10.04
N LYS A 680 6.84 -30.58 10.43
CA LYS A 680 6.03 -31.76 10.14
C LYS A 680 4.69 -31.71 10.86
N VAL A 681 4.67 -31.26 12.10
CA VAL A 681 3.39 -31.08 12.80
C VAL A 681 2.57 -29.95 12.17
N GLU A 682 3.21 -28.88 11.69
CA GLU A 682 2.48 -27.86 10.94
C GLU A 682 1.78 -28.48 9.75
N GLU A 683 2.52 -29.21 8.92
CA GLU A 683 1.95 -29.81 7.72
C GLU A 683 0.86 -30.82 8.07
N ALA A 684 1.12 -31.69 9.03
CA ALA A 684 0.16 -32.72 9.39
C ALA A 684 -1.11 -32.14 9.97
N ALA A 685 -1.01 -31.11 10.81
CA ALA A 685 -2.19 -30.46 11.35
C ALA A 685 -2.98 -29.74 10.27
N LYS A 686 -2.29 -29.06 9.36
CA LYS A 686 -3.02 -28.38 8.28
C LYS A 686 -3.75 -29.39 7.41
N LYS A 687 -3.11 -30.53 7.11
CA LYS A 687 -3.76 -31.55 6.29
C LYS A 687 -4.92 -32.20 7.04
N HIS A 688 -4.77 -32.42 8.35
CA HIS A 688 -5.85 -33.01 9.13
C HIS A 688 -7.06 -32.10 9.18
N VAL A 689 -6.85 -30.80 9.42
CA VAL A 689 -7.98 -29.87 9.46
C VAL A 689 -8.58 -29.70 8.07
N GLU A 690 -7.75 -29.73 7.02
CA GLU A 690 -8.28 -29.70 5.67
C GLU A 690 -9.19 -30.91 5.42
N ALA A 691 -8.68 -32.11 5.70
CA ALA A 691 -9.44 -33.32 5.48
C ALA A 691 -10.65 -33.45 6.39
N LEU A 692 -10.73 -32.67 7.46
CA LEU A 692 -11.91 -32.69 8.31
C LEU A 692 -13.04 -31.82 7.81
N LYS A 693 -12.78 -30.90 6.88
CA LYS A 693 -13.79 -29.97 6.37
C LYS A 693 -14.53 -29.27 7.50
N VAL A 694 -13.76 -28.49 8.26
CA VAL A 694 -14.28 -27.88 9.49
C VAL A 694 -15.19 -26.71 9.14
N PHE A 695 -16.36 -26.68 9.78
CA PHE A 695 -17.29 -25.58 9.65
C PHE A 695 -17.78 -25.17 11.04
N THR A 696 -18.06 -23.88 11.21
CA THR A 696 -18.50 -23.37 12.49
C THR A 696 -20.00 -23.57 12.64
N ILE A 697 -20.37 -24.38 13.63
CA ILE A 697 -21.79 -24.53 13.98
C ILE A 697 -22.28 -23.25 14.65
N PRO A 698 -23.47 -22.77 14.34
CA PRO A 698 -24.02 -21.63 15.09
C PRO A 698 -24.16 -21.97 16.57
N SER A 699 -23.79 -21.02 17.41
CA SER A 699 -23.75 -21.27 18.84
C SER A 699 -25.17 -21.40 19.40
N PRO A 700 -25.36 -22.24 20.43
CA PRO A 700 -26.70 -22.40 21.02
C PRO A 700 -27.15 -21.19 21.81
N LEU A 701 -28.31 -21.31 22.44
CA LEU A 701 -28.84 -20.21 23.25
C LEU A 701 -27.94 -19.93 24.45
N TYR A 702 -27.80 -18.66 24.79
CA TYR A 702 -26.96 -18.19 25.90
C TYR A 702 -25.51 -18.62 25.75
N SER A 703 -25.10 -19.04 24.56
CA SER A 703 -23.72 -19.44 24.36
C SER A 703 -22.84 -18.22 24.18
N GLN A 704 -21.55 -18.41 24.47
CA GLN A 704 -20.56 -17.34 24.36
C GLN A 704 -19.29 -17.82 23.68
N VAL A 705 -19.38 -18.91 22.91
CA VAL A 705 -18.24 -19.50 22.23
C VAL A 705 -18.59 -19.70 20.76
N ILE A 706 -17.55 -19.75 19.93
CA ILE A 706 -17.69 -20.06 18.51
C ILE A 706 -17.23 -21.51 18.34
N LEU A 707 -18.20 -22.43 18.41
CA LEU A 707 -17.88 -23.84 18.28
C LEU A 707 -17.57 -24.19 16.82
N VAL A 708 -16.92 -25.33 16.63
CA VAL A 708 -16.64 -25.86 15.31
C VAL A 708 -17.26 -27.26 15.21
N GLN A 709 -17.19 -27.83 14.01
CA GLN A 709 -17.75 -29.14 13.75
C GLN A 709 -17.07 -29.73 12.52
N THR A 710 -17.35 -31.01 12.29
CA THR A 710 -16.81 -31.71 11.13
C THR A 710 -17.70 -32.85 10.79
N LYS A 711 -17.50 -33.44 9.63
CA LYS A 711 -18.21 -34.63 9.20
C LYS A 711 -17.33 -35.64 8.49
N LEU A 712 -16.10 -35.29 8.14
CA LEU A 712 -15.20 -36.20 7.43
C LEU A 712 -14.28 -36.90 8.44
N SER A 713 -14.88 -37.79 9.23
CA SER A 713 -14.13 -38.52 10.24
C SER A 713 -14.83 -39.85 10.50
N PHE A 714 -14.07 -40.77 11.10
CA PHE A 714 -14.62 -42.10 11.41
C PHE A 714 -15.79 -41.99 12.38
N THR A 715 -15.65 -41.17 13.42
CA THR A 715 -16.75 -40.85 14.32
C THR A 715 -16.96 -39.34 14.30
N PRO A 716 -17.90 -38.83 13.50
CA PRO A 716 -18.02 -37.37 13.35
C PRO A 716 -18.33 -36.64 14.65
N GLU A 717 -19.16 -37.21 15.51
CA GLU A 717 -19.56 -36.52 16.74
C GLU A 717 -18.37 -36.37 17.69
N SER A 718 -17.65 -37.47 17.93
CA SER A 718 -16.50 -37.41 18.82
C SER A 718 -15.37 -36.58 18.24
N THR A 719 -15.18 -36.61 16.91
CA THR A 719 -14.15 -35.75 16.32
C THR A 719 -14.52 -34.27 16.43
N SER A 720 -15.80 -33.94 16.21
CA SER A 720 -16.24 -32.56 16.39
C SER A 720 -16.03 -32.10 17.83
N LEU A 721 -16.40 -32.95 18.79
CA LEU A 721 -16.18 -32.59 20.19
C LEU A 721 -14.70 -32.52 20.55
N GLY A 722 -13.86 -33.35 19.91
CA GLY A 722 -12.44 -33.26 20.14
C GLY A 722 -11.85 -31.96 19.64
N LEU A 723 -12.26 -31.52 18.45
CA LEU A 723 -11.86 -30.20 17.99
C LEU A 723 -12.40 -29.10 18.89
N ASN A 724 -13.62 -29.28 19.41
CA ASN A 724 -14.19 -28.32 20.36
C ASN A 724 -13.31 -28.21 21.60
N LEU A 725 -12.87 -29.35 22.14
CA LEU A 725 -12.04 -29.34 23.34
C LEU A 725 -10.65 -28.79 23.06
N ALA A 726 -10.08 -29.13 21.91
CA ALA A 726 -8.78 -28.57 21.54
C ALA A 726 -8.88 -27.05 21.43
N LEU A 727 -9.96 -26.55 20.84
CA LEU A 727 -10.15 -25.10 20.78
C LEU A 727 -10.37 -24.53 22.18
N ASN A 728 -11.15 -25.21 23.00
CA ASN A 728 -11.41 -24.69 24.35
C ASN A 728 -10.14 -24.62 25.17
N ASN A 729 -9.14 -25.45 24.83
CA ASN A 729 -7.86 -25.35 25.51
C ASN A 729 -6.97 -24.29 24.88
N TYR A 730 -6.99 -24.16 23.55
CA TYR A 730 -6.10 -23.20 22.90
C TYR A 730 -6.55 -21.76 23.09
N LEU A 731 -7.85 -21.49 23.01
CA LEU A 731 -8.34 -20.13 23.13
C LEU A 731 -8.03 -19.54 24.50
N THR A 732 -8.23 -20.34 25.56
CA THR A 732 -7.88 -19.92 26.91
C THR A 732 -6.39 -19.94 27.17
N SER A 733 -5.61 -20.63 26.34
CA SER A 733 -4.18 -20.75 26.56
C SER A 733 -3.47 -19.43 26.31
N THR A 734 -2.30 -19.28 26.92
CA THR A 734 -1.48 -18.11 26.69
C THR A 734 -0.90 -18.07 25.29
N GLU A 735 -0.91 -19.20 24.57
CA GLU A 735 -0.42 -19.20 23.20
C GLU A 735 -1.25 -18.29 22.31
N LEU A 736 -2.57 -18.34 22.45
CA LEU A 736 -3.42 -17.48 21.64
C LEU A 736 -3.27 -16.01 22.04
N GLN A 737 -3.12 -15.74 23.33
CA GLN A 737 -2.89 -14.36 23.77
C GLN A 737 -1.61 -13.82 23.17
N ASN A 738 -0.53 -14.61 23.23
CA ASN A 738 0.71 -14.19 22.60
C ASN A 738 0.60 -14.10 21.09
N SER A 739 -0.30 -14.87 20.47
CA SER A 739 -0.57 -14.71 19.05
C SER A 739 -1.25 -13.38 18.74
N ILE A 740 -2.19 -12.97 19.60
CA ILE A 740 -2.82 -11.66 19.44
C ILE A 740 -1.79 -10.56 19.58
N LYS A 741 -0.93 -10.65 20.60
CA LYS A 741 0.14 -9.68 20.77
C LYS A 741 1.11 -9.71 19.60
N LEU A 742 1.33 -10.89 19.02
CA LEU A 742 2.14 -11.00 17.81
C LEU A 742 1.51 -10.25 16.66
N SER A 743 0.19 -10.39 16.51
CA SER A 743 -0.52 -9.69 15.44
C SER A 743 -0.41 -8.18 15.61
N TYR A 744 -0.49 -7.65 16.82
CA TYR A 744 -0.30 -6.20 17.05
C TYR A 744 1.06 -5.77 16.58
N PHE A 745 2.04 -6.61 16.70
CA PHE A 745 3.31 -6.23 16.08
C PHE A 745 3.24 -6.35 14.57
N GLN A 746 2.52 -7.35 14.05
CA GLN A 746 2.37 -7.50 12.61
C GLN A 746 1.83 -6.24 11.96
N GLU A 747 0.86 -5.60 12.62
CA GLU A 747 0.21 -4.42 12.03
C GLU A 747 1.18 -3.26 11.84
N ASP A 748 2.07 -3.01 12.80
CA ASP A 748 2.94 -1.84 12.75
C ASP A 748 3.89 -1.97 11.57
N GLU A 749 3.65 -1.18 10.52
CA GLU A 749 4.51 -1.23 9.34
C GLU A 749 5.87 -0.61 9.63
N ALA A 750 5.93 0.38 10.53
CA ALA A 750 7.21 1.01 10.85
C ALA A 750 8.16 0.03 11.51
N PHE A 751 7.63 -0.82 12.40
CA PHE A 751 8.48 -1.83 13.04
C PHE A 751 8.84 -2.95 12.06
N LYS A 752 7.92 -3.33 11.18
CA LYS A 752 8.18 -4.45 10.28
C LYS A 752 9.19 -4.09 9.19
N LYS A 753 9.50 -2.81 9.01
CA LYS A 753 10.55 -2.45 8.07
C LYS A 753 11.93 -2.83 8.58
N ILE A 754 12.07 -3.03 9.89
CA ILE A 754 13.37 -3.33 10.49
C ILE A 754 13.42 -4.71 11.12
N ILE A 755 12.30 -5.44 11.18
CA ILE A 755 12.28 -6.81 11.69
C ILE A 755 11.43 -7.66 10.76
N ASP A 756 11.68 -8.97 10.80
CA ASP A 756 10.85 -9.97 10.13
C ASP A 756 10.19 -10.77 11.25
N ILE A 757 8.97 -10.39 11.61
CA ILE A 757 8.41 -10.78 12.90
C ILE A 757 8.25 -12.29 13.01
N THR A 758 7.67 -12.92 11.98
CA THR A 758 7.55 -14.38 12.01
C THR A 758 8.91 -15.04 11.99
N ASN A 759 9.82 -14.53 11.15
CA ASN A 759 11.19 -15.04 11.12
C ASN A 759 11.99 -14.61 12.33
N LEU A 760 11.53 -13.59 13.06
CA LEU A 760 12.27 -13.00 14.17
C LEU A 760 13.69 -12.62 13.75
N THR A 761 13.80 -12.04 12.56
CA THR A 761 15.05 -11.59 11.99
C THR A 761 14.94 -10.11 11.64
N PHE A 762 15.99 -9.35 11.93
CA PHE A 762 15.98 -7.93 11.60
C PHE A 762 15.98 -7.76 10.08
N SER A 763 15.04 -6.95 9.59
CA SER A 763 14.82 -6.80 8.16
C SER A 763 15.89 -5.91 7.54
N GLN A 764 15.73 -5.63 6.26
CA GLN A 764 16.60 -4.81 5.42
C GLN A 764 17.95 -5.44 5.16
N GLN A 765 18.24 -6.60 5.76
CA GLN A 765 19.53 -7.29 5.59
C GLN A 765 20.68 -6.31 5.85
N SER A 766 21.43 -5.97 4.81
CA SER A 766 22.46 -4.93 4.89
C SER A 766 22.60 -4.33 3.48
N GLY A 767 21.91 -3.21 3.26
CA GLY A 767 21.94 -2.58 1.96
C GLY A 767 21.19 -1.27 1.89
N GLY A 768 20.53 -1.02 0.76
CA GLY A 768 19.83 0.23 0.56
C GLY A 768 18.32 0.08 0.43
N THR A 769 17.75 -0.89 1.13
CA THR A 769 16.29 -1.05 1.18
C THR A 769 15.79 -0.13 2.27
N GLY A 770 15.46 1.11 1.89
CA GLY A 770 15.14 2.14 2.84
C GLY A 770 16.33 2.94 3.34
N GLY A 771 17.54 2.57 2.92
CA GLY A 771 18.75 3.28 3.32
C GLY A 771 19.30 4.07 2.15
N THR A 772 19.55 5.36 2.39
CA THR A 772 19.31 5.95 3.70
C THR A 772 18.28 7.08 3.63
N ASN A 773 17.27 6.98 4.49
CA ASN A 773 16.23 7.99 4.62
C ASN A 773 15.83 8.07 6.09
N GLY A 774 15.14 9.15 6.45
CA GLY A 774 14.74 9.37 7.83
C GLY A 774 13.78 8.33 8.37
N ASN A 775 13.16 8.63 9.52
CA ASN A 775 12.23 7.70 10.17
C ASN A 775 12.94 6.40 10.55
N ASN A 776 13.82 6.52 11.56
CA ASN A 776 14.62 5.41 12.05
C ASN A 776 15.66 4.96 11.02
N ASN A 777 16.59 5.86 10.69
CA ASN A 777 17.67 5.57 9.75
C ASN A 777 18.81 4.89 10.49
N LEU A 778 18.93 3.57 10.31
CA LEU A 778 20.04 2.80 10.86
C LEU A 778 20.08 1.44 10.17
N THR A 779 21.18 0.73 10.39
CA THR A 779 21.39 -0.56 9.75
C THR A 779 20.64 -1.64 10.50
N ALA A 780 20.90 -2.91 10.16
CA ALA A 780 20.36 -4.03 10.92
C ALA A 780 21.31 -4.48 12.02
N ASP A 781 22.62 -4.22 11.89
CA ASP A 781 23.53 -4.42 12.99
C ASP A 781 23.22 -3.47 14.13
N ASN A 782 22.71 -2.27 13.82
CA ASN A 782 22.35 -1.30 14.84
C ASN A 782 21.21 -1.78 15.73
N TRP A 783 20.48 -2.82 15.32
CA TRP A 783 19.47 -3.43 16.17
C TRP A 783 19.98 -4.68 16.87
N LYS A 784 21.08 -5.25 16.40
CA LYS A 784 21.66 -6.39 17.11
C LYS A 784 22.14 -5.97 18.48
N ILE A 785 22.54 -4.70 18.65
CA ILE A 785 22.98 -4.26 19.97
C ILE A 785 21.79 -4.05 20.90
N PHE A 786 20.64 -3.61 20.38
CA PHE A 786 19.43 -3.60 21.20
C PHE A 786 19.05 -5.01 21.63
N LYS A 787 19.12 -5.96 20.70
CA LYS A 787 18.83 -7.34 21.05
C LYS A 787 19.83 -7.88 22.06
N GLU A 788 21.10 -7.52 21.92
CA GLU A 788 22.12 -7.98 22.87
C GLU A 788 21.90 -7.36 24.24
N THR A 789 21.45 -6.11 24.30
CA THR A 789 21.10 -5.51 25.58
C THR A 789 19.95 -6.24 26.24
N TYR A 790 18.93 -6.62 25.46
CA TYR A 790 17.85 -7.43 26.00
C TYR A 790 18.36 -8.77 26.50
N LEU A 791 19.26 -9.40 25.73
CA LEU A 791 19.81 -10.68 26.12
C LEU A 791 20.64 -10.57 27.39
N LEU A 792 21.35 -9.46 27.56
CA LEU A 792 22.13 -9.25 28.78
C LEU A 792 21.23 -9.02 29.98
N ASP A 793 20.14 -8.27 29.79
CA ASP A 793 19.18 -8.09 30.87
C ASP A 793 18.52 -9.41 31.25
N LEU A 794 18.30 -10.29 30.28
CA LEU A 794 17.75 -11.61 30.58
C LEU A 794 18.78 -12.52 31.23
N PHE A 795 20.04 -12.40 30.80
CA PHE A 795 21.14 -13.18 31.37
C PHE A 795 21.36 -12.82 32.83
N GLU A 796 21.29 -11.52 33.16
CA GLU A 796 21.47 -11.09 34.53
C GLU A 796 20.39 -11.65 35.45
N SER A 797 19.24 -12.01 34.89
CA SER A 797 18.14 -12.58 35.67
C SER A 797 18.16 -14.10 35.70
N GLN A 798 19.14 -14.73 35.06
CA GLN A 798 19.21 -16.18 35.05
C GLN A 798 19.56 -16.72 36.44
N ALA A 799 18.89 -17.80 36.83
CA ALA A 799 19.18 -18.41 38.13
C ALA A 799 20.61 -18.93 38.19
N GLN A 800 21.06 -19.60 37.14
CA GLN A 800 22.45 -20.02 37.00
C GLN A 800 22.95 -19.56 35.65
N LYS A 801 24.11 -18.91 35.63
CA LYS A 801 24.62 -18.24 34.45
C LYS A 801 25.71 -19.04 33.74
N SER A 802 25.94 -20.29 34.14
CA SER A 802 26.94 -21.14 33.50
C SER A 802 26.31 -22.29 32.71
N ILE A 803 24.99 -22.28 32.55
CA ILE A 803 24.31 -23.32 31.78
C ILE A 803 24.26 -22.93 30.32
N PHE A 804 24.94 -21.84 29.96
CA PHE A 804 24.91 -21.30 28.61
C PHE A 804 26.29 -21.17 28.00
N GLY A 805 27.31 -21.73 28.62
CA GLY A 805 28.66 -21.61 28.10
C GLY A 805 29.38 -20.38 28.63
N HIS A 806 30.53 -20.13 28.03
CA HIS A 806 31.41 -19.06 28.48
C HIS A 806 32.32 -18.66 27.33
N VAL A 807 33.35 -17.88 27.64
CA VAL A 807 34.33 -17.44 26.67
C VAL A 807 35.28 -18.58 26.32
N GLY A 819 33.30 -13.04 23.53
CA GLY A 819 33.16 -13.39 24.93
C GLY A 819 31.72 -13.56 25.37
N ILE A 820 31.08 -12.45 25.74
CA ILE A 820 29.67 -12.49 26.10
C ILE A 820 28.78 -12.44 24.88
N GLU A 821 29.30 -12.00 23.73
CA GLU A 821 28.51 -12.01 22.51
C GLU A 821 28.14 -13.42 22.07
N GLY A 822 28.89 -14.42 22.50
CA GLY A 822 28.58 -15.80 22.19
C GLY A 822 27.60 -16.40 23.19
N VAL A 823 27.84 -16.14 24.47
CA VAL A 823 26.92 -16.61 25.50
C VAL A 823 25.55 -16.02 25.29
N LEU A 824 25.48 -14.78 24.79
CA LEU A 824 24.18 -14.14 24.58
C LEU A 824 23.40 -14.83 23.47
N ASP A 825 24.05 -15.17 22.36
CA ASP A 825 23.34 -15.86 21.30
C ASP A 825 23.02 -17.30 21.70
N THR A 826 23.84 -17.91 22.55
CA THR A 826 23.49 -19.23 23.08
C THR A 826 22.23 -19.14 23.94
N LEU A 827 22.14 -18.11 24.78
CA LEU A 827 20.92 -17.89 25.57
C LEU A 827 19.73 -17.61 24.66
N TYR A 828 19.93 -16.85 23.59
CA TYR A 828 18.87 -16.59 22.62
C TYR A 828 18.38 -17.87 21.98
N SER A 829 19.31 -18.74 21.58
CA SER A 829 18.94 -20.03 21.01
C SER A 829 18.17 -20.87 22.02
N SER A 830 18.58 -20.82 23.30
CA SER A 830 17.94 -21.61 24.33
C SER A 830 16.45 -21.30 24.47
N LEU A 831 16.00 -20.13 24.01
CA LEU A 831 14.59 -19.77 24.12
C LEU A 831 13.75 -20.33 22.99
N ASN A 832 14.37 -20.86 21.94
CA ASN A 832 13.70 -21.31 20.71
C ASN A 832 12.55 -20.38 20.34
N LEU A 833 12.87 -19.09 20.28
CA LEU A 833 11.86 -18.09 19.98
C LEU A 833 11.28 -18.28 18.58
N GLU A 834 12.14 -18.57 17.60
CA GLU A 834 11.66 -18.81 16.24
C GLU A 834 10.78 -20.05 16.17
N GLU A 835 11.05 -21.05 17.01
CA GLU A 835 10.21 -22.24 17.09
C GLU A 835 8.98 -22.02 17.96
N ARG A 836 8.96 -20.96 18.76
CA ARG A 836 7.84 -20.65 19.66
C ARG A 836 7.46 -19.19 19.47
N LEU A 837 6.61 -18.91 18.49
CA LEU A 837 6.18 -17.55 18.21
C LEU A 837 5.02 -17.09 19.08
N ASP A 838 4.39 -18.00 19.80
CA ASP A 838 3.22 -17.69 20.61
C ASP A 838 3.52 -17.91 22.10
N SER A 839 4.68 -17.47 22.53
CA SER A 839 5.14 -17.63 23.92
C SER A 839 5.23 -16.28 24.60
N ASP A 840 5.37 -16.32 25.93
CA ASP A 840 5.67 -15.11 26.67
C ASP A 840 7.08 -14.62 26.37
N ASP A 841 8.02 -15.54 26.14
CA ASP A 841 9.41 -15.17 25.89
C ASP A 841 9.59 -14.43 24.58
N VAL A 842 8.59 -14.44 23.69
CA VAL A 842 8.68 -13.72 22.44
C VAL A 842 7.88 -12.42 22.50
N ILE A 843 6.75 -12.40 23.22
CA ILE A 843 6.04 -11.14 23.38
C ILE A 843 6.85 -10.18 24.23
N ASP A 844 7.56 -10.69 25.24
CA ASP A 844 8.44 -9.82 26.02
C ASP A 844 9.62 -9.32 25.18
N TYR A 845 10.20 -10.19 24.36
CA TYR A 845 11.29 -9.78 23.49
C TYR A 845 10.84 -8.71 22.51
N LEU A 846 9.68 -8.90 21.89
CA LEU A 846 9.18 -7.93 20.92
C LEU A 846 8.68 -6.67 21.59
N SER A 847 8.15 -6.78 22.82
CA SER A 847 7.79 -5.59 23.57
C SER A 847 9.02 -4.75 23.85
N TYR A 848 10.12 -5.39 24.24
CA TYR A 848 11.37 -4.64 24.39
C TYR A 848 11.81 -4.04 23.05
N LEU A 849 11.69 -4.80 21.97
CA LEU A 849 12.15 -4.30 20.68
C LEU A 849 11.36 -3.08 20.22
N TYR A 850 10.04 -3.08 20.42
CA TYR A 850 9.26 -1.90 20.08
C TYR A 850 9.43 -0.79 21.10
N THR A 851 9.85 -1.11 22.33
CA THR A 851 10.26 -0.06 23.25
C THR A 851 11.52 0.61 22.74
N ALA A 852 12.43 -0.17 22.16
CA ALA A 852 13.66 0.37 21.61
C ALA A 852 13.42 1.19 20.36
N HIS A 853 12.46 0.78 19.52
CA HIS A 853 12.10 1.56 18.34
C HIS A 853 11.26 2.80 18.68
N TRP A 854 10.34 2.68 19.62
CA TRP A 854 9.47 3.79 20.02
C TRP A 854 10.26 4.90 20.72
N LEU A 855 11.47 4.63 21.16
CA LEU A 855 12.42 5.67 21.54
C LEU A 855 13.26 6.16 20.37
N LEU A 856 13.23 5.44 19.26
CA LEU A 856 14.09 5.74 18.11
C LEU A 856 13.34 6.43 16.98
N LYS A 857 12.01 6.38 16.97
CA LYS A 857 11.20 6.93 15.91
C LYS A 857 10.88 8.40 16.19
N ASP A 858 10.37 9.08 15.17
CA ASP A 858 9.97 10.49 15.26
C ASP A 858 11.13 11.37 15.71
N ASN A 859 12.33 11.03 15.26
CA ASN A 859 13.57 11.69 15.69
C ASN A 859 13.68 11.68 17.22
N LEU A 860 13.52 10.48 17.79
CA LEU A 860 13.64 10.26 19.23
C LEU A 860 12.66 11.13 20.03
N LYS A 861 11.42 11.21 19.56
CA LYS A 861 10.44 12.05 20.23
C LYS A 861 10.13 11.57 21.64
N ASN A 862 10.29 10.28 21.90
CA ASN A 862 10.03 9.73 23.22
C ASN A 862 11.30 9.53 24.05
N TYR A 863 12.44 9.32 23.40
CA TYR A 863 13.71 9.32 24.13
C TYR A 863 13.99 10.68 24.73
N LYS A 864 13.66 11.76 24.01
CA LYS A 864 13.78 13.10 24.56
C LYS A 864 12.92 13.26 25.81
N GLN A 865 11.67 12.79 25.75
CA GLN A 865 10.79 12.91 26.90
C GLN A 865 11.30 12.11 28.09
N SER A 866 11.80 10.90 27.84
CA SER A 866 12.35 10.09 28.92
C SER A 866 13.56 10.76 29.55
N LEU A 867 14.47 11.28 28.72
CA LEU A 867 15.66 11.95 29.25
C LEU A 867 15.29 13.21 30.01
N GLN A 868 14.32 13.99 29.50
CA GLN A 868 13.91 15.20 30.19
C GLN A 868 13.28 14.90 31.54
N SER A 869 12.40 13.88 31.59
CA SER A 869 11.79 13.52 32.85
C SER A 869 12.72 12.73 33.77
N LYS A 870 13.87 12.29 33.27
CA LYS A 870 14.85 11.58 34.06
C LYS A 870 15.95 12.52 34.57
N LEU A 871 16.51 13.33 33.69
CA LEU A 871 17.54 14.28 34.08
C LEU A 871 16.95 15.42 34.90
N SER A 872 17.83 16.30 35.37
CA SER A 872 17.43 17.50 36.08
C SER A 872 18.52 18.54 35.93
N ARG A 873 18.18 19.79 36.24
CA ARG A 873 19.14 20.87 36.13
C ARG A 873 20.00 21.02 37.38
N THR A 874 19.53 20.53 38.53
CA THR A 874 20.26 20.65 39.79
C THR A 874 20.86 19.32 40.23
N SER A 875 21.28 18.50 39.29
CA SER A 875 21.91 17.20 39.61
C SER A 875 22.66 16.73 38.39
N ASN A 876 23.96 16.48 38.53
CA ASN A 876 24.77 16.01 37.42
C ASN A 876 24.33 14.63 36.98
N ALA A 877 24.45 14.37 35.68
CA ALA A 877 24.09 13.09 35.08
C ALA A 877 25.24 12.58 34.22
N PHE A 878 25.43 11.27 34.21
CA PHE A 878 26.60 10.68 33.57
C PHE A 878 26.21 9.43 32.79
N LEU A 879 27.03 9.15 31.78
CA LEU A 879 27.09 7.86 31.11
C LEU A 879 28.35 7.19 31.65
N VAL A 880 28.18 6.09 32.39
CA VAL A 880 29.24 5.54 33.22
C VAL A 880 29.62 4.16 32.71
N TRP A 881 30.90 4.01 32.36
CA TRP A 881 31.55 2.71 32.16
C TRP A 881 32.36 2.42 33.41
N SER A 882 31.76 1.65 34.32
CA SER A 882 32.37 1.35 35.61
C SER A 882 32.73 -0.13 35.68
N VAL A 883 34.03 -0.41 35.77
CA VAL A 883 34.52 -1.77 35.94
C VAL A 883 35.14 -1.88 37.32
N ASP A 884 35.04 -3.06 37.93
CA ASP A 884 35.65 -3.32 39.22
C ASP A 884 37.00 -3.99 39.01
N SER A 885 38.06 -3.35 39.46
CA SER A 885 39.40 -3.92 39.45
C SER A 885 39.70 -4.39 40.87
N GLU A 886 39.89 -5.71 41.02
CA GLU A 886 40.29 -6.26 42.29
C GLU A 886 41.73 -5.89 42.63
N LYS A 887 42.51 -5.47 41.64
CA LYS A 887 43.88 -4.99 41.83
C LYS A 887 44.00 -3.59 41.24
N ASN A 888 44.64 -2.69 41.98
CA ASN A 888 44.87 -1.33 41.54
C ASN A 888 46.19 -1.24 40.76
N LYS A 889 46.36 -0.11 40.07
CA LYS A 889 47.60 0.13 39.33
C LYS A 889 48.82 0.12 40.26
N ASP A 928 54.65 0.14 27.71
CA ASP A 928 54.42 1.29 28.57
C ASP A 928 53.53 0.93 29.75
N ASN A 929 52.89 -0.25 29.66
CA ASN A 929 52.01 -0.75 30.71
C ASN A 929 50.91 0.24 31.05
N ASN A 930 50.29 0.79 30.01
CA ASN A 930 49.22 1.77 30.15
C ASN A 930 47.98 1.31 29.39
N SER A 931 47.75 0.00 29.36
CA SER A 931 46.56 -0.53 28.70
C SER A 931 45.31 -0.18 29.48
N ASP A 932 44.29 0.31 28.79
CA ASP A 932 43.07 0.73 29.45
C ASP A 932 42.32 -0.47 29.99
N ILE A 933 41.89 -0.38 31.25
CA ILE A 933 41.20 -1.49 31.90
C ILE A 933 39.69 -1.34 31.84
N THR A 934 39.18 -0.21 31.38
CA THR A 934 37.74 -0.07 31.19
C THR A 934 37.28 -0.56 29.82
N GLN A 935 38.20 -0.87 28.91
CA GLN A 935 37.87 -1.43 27.61
C GLN A 935 38.42 -2.83 27.41
N THR A 936 38.93 -3.46 28.47
CA THR A 936 39.38 -4.84 28.41
C THR A 936 38.31 -5.71 29.04
N GLU A 937 37.84 -6.71 28.29
CA GLU A 937 36.67 -7.47 28.71
C GLU A 937 36.97 -8.23 30.00
N VAL A 938 36.05 -8.13 30.95
CA VAL A 938 36.18 -8.84 32.23
C VAL A 938 35.51 -10.20 32.03
N LYS A 939 36.29 -11.15 31.53
CA LYS A 939 35.82 -12.52 31.41
C LYS A 939 35.67 -13.12 32.80
N ASN A 940 34.52 -13.75 33.05
CA ASN A 940 34.18 -14.34 34.34
C ASN A 940 34.19 -13.27 35.43
N PRO A 941 33.24 -12.34 35.41
CA PRO A 941 33.15 -11.37 36.52
C PRO A 941 32.39 -11.97 37.69
N ASN A 942 32.94 -11.82 38.89
CA ASN A 942 32.39 -12.42 40.10
C ASN A 942 32.33 -13.94 39.99
N PHE A 943 33.25 -14.51 39.22
CA PHE A 943 33.35 -15.94 39.00
C PHE A 943 31.99 -16.51 38.58
N VAL A 944 31.54 -16.06 37.41
CA VAL A 944 30.22 -16.43 36.90
C VAL A 944 30.31 -17.48 35.80
N PHE A 945 31.49 -17.70 35.21
CA PHE A 945 31.73 -18.74 34.22
C PHE A 945 32.59 -19.85 34.80
N GLY A 946 32.43 -20.13 36.09
CA GLY A 946 33.20 -21.16 36.76
C GLY A 946 34.30 -20.61 37.64
N SER A 947 35.47 -21.25 37.61
CA SER A 947 36.63 -20.85 38.38
C SER A 947 37.83 -20.68 37.45
N SER A 948 38.63 -19.64 37.73
CA SER A 948 39.75 -19.33 36.85
C SER A 948 40.94 -20.27 37.06
N VAL A 949 41.20 -20.70 38.29
CA VAL A 949 42.41 -21.47 38.57
C VAL A 949 42.35 -22.85 37.92
N TYR A 950 41.17 -23.48 37.93
CA TYR A 950 41.00 -24.79 37.31
C TYR A 950 39.86 -24.75 36.31
N ASP A 951 39.46 -25.90 35.78
CA ASP A 951 38.31 -25.96 34.88
C ASP A 951 37.15 -26.72 35.50
N ARG A 1007 34.02 -1.16 24.95
CA ARG A 1007 34.35 -0.43 26.16
C ARG A 1007 33.33 -0.81 27.23
N TYR A 1008 33.79 -1.53 28.25
CA TYR A 1008 32.92 -2.32 29.11
C TYR A 1008 32.60 -1.59 30.42
N GLY A 1009 31.52 -2.02 31.04
CA GLY A 1009 31.05 -1.43 32.28
C GLY A 1009 29.92 -0.42 32.13
N PHE A 1010 29.36 -0.29 30.93
CA PHE A 1010 28.42 0.79 30.65
C PHE A 1010 27.12 0.64 31.44
N ARG A 1011 26.70 1.73 32.09
CA ARG A 1011 25.45 1.76 32.83
C ARG A 1011 24.43 2.70 32.22
N GLY A 1012 24.75 3.34 31.11
CA GLY A 1012 23.83 4.28 30.50
C GLY A 1012 23.81 5.61 31.24
N ILE A 1013 22.80 6.41 30.94
CA ILE A 1013 22.60 7.66 31.67
C ILE A 1013 22.15 7.31 33.08
N VAL A 1014 23.02 7.51 34.05
CA VAL A 1014 22.73 7.24 35.45
C VAL A 1014 22.71 8.57 36.20
N THR A 1015 21.66 8.78 36.99
CA THR A 1015 21.47 10.00 37.74
C THR A 1015 21.45 9.68 39.23
N SER A 1016 21.36 10.73 40.04
CA SER A 1016 21.37 10.55 41.49
C SER A 1016 20.16 9.74 41.96
N SER A 1017 18.99 9.99 41.37
CA SER A 1017 17.79 9.28 41.79
C SER A 1017 17.74 7.85 41.31
N THR A 1018 18.56 7.49 40.32
CA THR A 1018 18.53 6.17 39.70
C THR A 1018 19.94 5.60 39.57
N SER A 1019 20.71 5.67 40.66
CA SER A 1019 22.07 5.15 40.69
C SER A 1019 22.16 3.79 41.36
N GLY A 1020 21.12 2.97 41.23
CA GLY A 1020 21.13 1.67 41.87
C GLY A 1020 22.17 0.73 41.29
N SER A 1021 22.28 0.68 39.96
CA SER A 1021 23.19 -0.27 39.33
C SER A 1021 24.64 0.05 39.65
N LEU A 1022 24.97 1.32 39.84
CA LEU A 1022 26.34 1.71 40.14
C LEU A 1022 26.70 1.27 41.56
N PRO A 1023 27.96 0.90 41.80
CA PRO A 1023 28.39 0.65 43.17
C PRO A 1023 28.25 1.91 44.02
N GLU A 1024 27.96 1.72 45.31
CA GLU A 1024 27.82 2.85 46.22
C GLU A 1024 29.06 3.71 46.26
N ALA A 1025 30.24 3.11 46.05
CA ALA A 1025 31.48 3.89 46.02
C ALA A 1025 31.48 4.89 44.87
N VAL A 1026 31.33 4.40 43.64
CA VAL A 1026 31.36 5.28 42.48
C VAL A 1026 30.13 6.19 42.45
N SER A 1027 28.97 5.66 42.85
CA SER A 1027 27.78 6.49 42.88
C SER A 1027 27.93 7.65 43.86
N ARG A 1028 28.52 7.39 45.02
CA ARG A 1028 28.79 8.46 45.98
C ARG A 1028 29.86 9.41 45.46
N ARG A 1029 30.88 8.88 44.78
CA ARG A 1029 31.94 9.71 44.24
C ARG A 1029 31.42 10.64 43.15
N LEU A 1030 30.37 10.22 42.43
CA LEU A 1030 29.83 11.02 41.34
C LEU A 1030 28.75 11.98 41.83
N PHE A 1031 27.68 11.44 42.43
CA PHE A 1031 26.49 12.22 42.73
C PHE A 1031 26.43 12.72 44.17
N LYS A 1032 27.45 12.43 44.98
CA LYS A 1032 27.51 13.02 46.31
C LYS A 1032 28.91 13.49 46.71
N GLN A 1033 29.96 13.10 46.01
CA GLN A 1033 31.32 13.51 46.34
C GLN A 1033 32.08 13.86 45.07
N PHE A 1034 31.44 14.62 44.18
CA PHE A 1034 32.06 14.98 42.91
C PHE A 1034 33.44 15.61 43.12
N VAL A 1035 33.51 16.64 43.95
CA VAL A 1035 34.77 17.32 44.25
C VAL A 1035 35.15 16.93 45.67
N ASN A 1036 36.01 15.94 45.79
CA ASN A 1036 36.44 15.45 47.08
C ASN A 1036 37.30 16.51 47.78
N GLN A 1037 37.51 16.32 49.08
CA GLN A 1037 38.32 17.25 49.85
C GLN A 1037 39.77 17.27 49.41
N THR A 1038 40.21 16.26 48.65
CA THR A 1038 41.55 16.23 48.11
C THR A 1038 41.59 16.94 46.76
N ASN A 1074 42.44 24.36 39.79
CA ASN A 1074 42.27 22.90 39.72
C ASN A 1074 41.09 22.54 38.83
N ASN A 1075 41.17 21.37 38.21
CA ASN A 1075 40.11 20.87 37.35
C ASN A 1075 39.10 20.02 38.11
N ALA A 1076 39.24 19.91 39.42
CA ALA A 1076 38.31 19.09 40.21
C ALA A 1076 36.91 19.67 40.24
N TYR A 1077 36.73 20.95 39.89
CA TYR A 1077 35.42 21.57 39.87
C TYR A 1077 34.74 21.52 38.51
N LYS A 1078 35.46 21.09 37.47
CA LYS A 1078 34.87 21.05 36.13
C LYS A 1078 33.66 20.13 36.10
N GLY A 1079 32.56 20.64 35.56
CA GLY A 1079 31.35 19.86 35.42
C GLY A 1079 30.48 19.78 36.65
N ALA A 1080 30.89 20.38 37.76
CA ALA A 1080 30.07 20.33 38.97
C ALA A 1080 28.71 20.99 38.77
N LEU A 1081 28.71 22.16 38.13
CA LEU A 1081 27.48 22.87 37.78
C LEU A 1081 27.16 22.75 36.30
N PHE A 1082 27.74 21.76 35.61
CA PHE A 1082 27.38 21.47 34.23
C PHE A 1082 25.97 20.94 34.12
N SER A 1083 25.37 20.52 35.23
CA SER A 1083 23.95 20.19 35.23
C SER A 1083 23.09 21.40 34.88
N PHE A 1084 23.64 22.60 35.01
CA PHE A 1084 22.99 23.82 34.56
C PHE A 1084 23.41 24.18 33.13
N GLY A 1085 24.68 23.93 32.80
CA GLY A 1085 25.18 24.08 31.45
C GLY A 1085 25.67 25.45 31.08
N SER A 1086 24.93 26.49 31.47
CA SER A 1086 25.28 27.86 31.13
C SER A 1086 25.28 28.71 32.39
N MET A 1087 25.93 29.87 32.28
CA MET A 1087 26.07 30.76 33.42
C MET A 1087 24.72 31.18 34.00
N ASP A 1088 23.82 31.66 33.15
CA ASP A 1088 22.55 32.18 33.64
C ASP A 1088 21.58 31.08 34.07
N ASN A 1089 21.91 29.81 33.83
CA ASN A 1089 20.94 28.74 34.07
C ASN A 1089 20.65 28.57 35.55
N LEU A 1090 21.69 28.48 36.39
CA LEU A 1090 21.44 28.34 37.82
C LEU A 1090 20.91 29.64 38.42
N LYS A 1091 21.25 30.78 37.82
CA LYS A 1091 20.64 32.04 38.23
C LYS A 1091 19.13 32.00 38.01
N ASN A 1092 18.70 31.46 36.87
CA ASN A 1092 17.27 31.34 36.61
C ASN A 1092 16.59 30.31 37.49
N ILE A 1093 17.33 29.49 38.21
CA ILE A 1093 16.72 28.45 39.03
C ILE A 1093 16.72 28.83 40.51
N ILE A 1094 17.68 29.64 40.96
CA ILE A 1094 17.74 29.97 42.39
C ILE A 1094 16.58 30.88 42.78
N ASN A 1095 16.29 31.90 41.96
CA ASN A 1095 15.14 32.75 42.25
C ASN A 1095 13.80 32.12 41.89
N GLY A 1096 13.81 30.93 41.28
CA GLY A 1096 12.57 30.23 41.02
C GLY A 1096 11.97 29.55 42.24
N ILE A 1097 12.66 29.59 43.37
CA ILE A 1097 12.16 28.96 44.59
C ILE A 1097 10.98 29.75 45.13
N GLN A 1098 9.94 29.04 45.58
CA GLN A 1098 8.77 29.66 46.17
C GLN A 1098 8.61 29.36 47.65
N THR A 1099 8.92 28.15 48.09
CA THR A 1099 8.72 27.75 49.48
C THR A 1099 10.06 27.48 50.16
N GLN A 1100 10.01 27.29 51.48
CA GLN A 1100 11.22 27.14 52.27
C GLN A 1100 11.94 25.84 51.95
N THR A 1101 11.20 24.73 51.83
CA THR A 1101 11.82 23.44 51.56
C THR A 1101 12.45 23.38 50.18
N GLU A 1102 11.86 24.10 49.21
CA GLU A 1102 12.43 24.14 47.87
C GLU A 1102 13.83 24.76 47.90
N PHE A 1103 14.02 25.83 48.68
CA PHE A 1103 15.36 26.37 48.83
C PHE A 1103 16.23 25.48 49.70
N ASP A 1104 15.64 24.81 50.69
CA ASP A 1104 16.41 23.92 51.55
C ASP A 1104 17.09 22.83 50.74
N ALA A 1105 16.33 22.21 49.82
CA ALA A 1105 16.91 21.16 48.98
C ALA A 1105 18.02 21.71 48.10
N LEU A 1106 17.80 22.87 47.48
CA LEU A 1106 18.82 23.45 46.60
C LEU A 1106 20.08 23.80 47.38
N TYR A 1107 19.93 24.41 48.56
CA TYR A 1107 21.09 24.78 49.36
C TYR A 1107 21.86 23.56 49.83
N ASN A 1108 21.14 22.52 50.28
CA ASN A 1108 21.81 21.29 50.71
C ASN A 1108 22.54 20.63 49.55
N HIS A 1109 21.92 20.63 48.36
CA HIS A 1109 22.59 20.07 47.19
C HIS A 1109 23.80 20.89 46.81
N LEU A 1110 23.72 22.21 46.95
CA LEU A 1110 24.84 23.08 46.59
C LEU A 1110 25.97 22.99 47.61
N THR A 1111 25.67 22.55 48.84
CA THR A 1111 26.68 22.46 49.89
C THR A 1111 27.01 21.02 50.26
N SER A 1112 26.02 20.20 50.60
CA SER A 1112 26.29 18.83 51.02
C SER A 1112 26.48 17.88 49.84
N ASP A 1113 26.12 18.30 48.63
CA ASP A 1113 26.30 17.48 47.44
C ASP A 1113 27.30 18.08 46.46
N LEU A 1114 27.12 19.34 46.08
CA LEU A 1114 28.00 19.99 45.12
C LEU A 1114 29.17 20.72 45.78
N ASN A 1115 29.30 20.64 47.12
CA ASN A 1115 30.43 21.13 47.90
C ASN A 1115 30.94 22.51 47.49
N ILE A 1116 30.03 23.40 47.11
CA ILE A 1116 30.39 24.77 46.76
C ILE A 1116 30.28 25.63 48.01
N ASP A 1117 31.33 26.40 48.29
CA ASP A 1117 31.34 27.25 49.47
C ASP A 1117 30.29 28.36 49.37
N VAL A 1118 29.59 28.60 50.48
CA VAL A 1118 28.50 29.57 50.52
C VAL A 1118 28.87 30.65 51.53
N THR A 1119 28.71 31.91 51.12
CA THR A 1119 29.06 33.06 51.95
C THR A 1119 27.81 33.91 52.19
N GLY A 1120 27.60 34.28 53.45
CA GLY A 1120 26.56 35.22 53.80
C GLY A 1120 25.17 34.66 53.92
N VAL A 1121 24.98 33.37 53.72
CA VAL A 1121 23.65 32.77 53.78
C VAL A 1121 23.22 32.66 55.23
N ASP A 1122 21.92 32.86 55.48
CA ASP A 1122 21.36 32.78 56.81
C ASP A 1122 20.06 32.00 56.77
N LYS A 1123 19.89 31.08 57.72
CA LYS A 1123 18.64 30.31 57.81
C LYS A 1123 17.49 31.18 58.29
N ASN A 1124 17.77 32.14 59.19
CA ASN A 1124 16.72 32.97 59.77
C ASN A 1124 16.15 33.98 58.79
N LYS A 1125 16.74 34.14 57.61
CA LYS A 1125 16.25 35.11 56.65
C LYS A 1125 14.88 34.70 56.11
N THR A 1126 14.16 35.69 55.57
CA THR A 1126 12.83 35.45 55.02
C THR A 1126 12.97 34.81 53.64
N LEU A 1127 11.84 34.65 52.95
CA LEU A 1127 11.87 33.98 51.65
C LEU A 1127 12.67 34.77 50.62
N THR A 1128 12.47 36.09 50.57
CA THR A 1128 13.15 36.90 49.55
C THR A 1128 14.66 36.90 49.75
N GLU A 1129 15.11 37.23 50.95
CA GLU A 1129 16.54 37.29 51.23
C GLU A 1129 17.21 35.92 51.13
N GLN A 1130 16.46 34.84 51.39
CA GLN A 1130 17.01 33.50 51.30
C GLN A 1130 17.57 33.23 49.91
N LYS A 1131 16.77 33.51 48.87
CA LYS A 1131 17.26 33.38 47.50
C LYS A 1131 18.16 34.53 47.08
N THR A 1132 17.95 35.73 47.65
CA THR A 1132 18.75 36.87 47.25
C THR A 1132 20.22 36.70 47.61
N SER A 1133 20.49 36.18 48.82
CA SER A 1133 21.87 35.96 49.23
C SER A 1133 22.56 34.94 48.32
N LEU A 1134 21.86 33.84 48.00
CA LEU A 1134 22.45 32.84 47.13
C LEU A 1134 22.69 33.38 45.73
N THR A 1135 21.73 34.14 45.19
CA THR A 1135 21.94 34.73 43.86
C THR A 1135 23.10 35.70 43.85
N SER A 1136 23.20 36.54 44.88
CA SER A 1136 24.30 37.51 44.96
C SER A 1136 25.64 36.81 45.05
N PHE A 1137 25.74 35.75 45.87
CA PHE A 1137 27.01 35.08 46.00
C PHE A 1137 27.35 34.26 44.75
N VAL A 1138 26.35 33.71 44.07
CA VAL A 1138 26.61 33.00 42.81
C VAL A 1138 27.15 33.96 41.77
N ASP A 1139 26.53 35.14 41.66
CA ASP A 1139 27.01 36.13 40.70
C ASP A 1139 28.41 36.62 41.07
N SER A 1140 28.64 36.92 42.35
CA SER A 1140 29.91 37.49 42.79
C SER A 1140 31.01 36.46 42.93
N ASN A 1141 30.70 35.17 42.82
CA ASN A 1141 31.72 34.12 42.83
C ASN A 1141 32.03 33.57 41.45
N PHE A 1142 31.11 33.72 40.50
CA PHE A 1142 31.24 33.22 39.15
C PHE A 1142 31.16 34.35 38.14
N LYS A 1143 31.91 35.42 38.34
CA LYS A 1143 31.82 36.55 37.43
C LYS A 1143 32.73 36.37 36.22
N GLN A 1144 32.60 35.24 35.51
CA GLN A 1144 33.37 35.05 34.30
C GLN A 1144 32.82 35.91 33.17
N LYS A 1179 36.67 28.34 36.16
CA LYS A 1179 37.35 27.08 36.44
C LYS A 1179 36.76 25.94 35.62
N ASP A 1180 36.21 26.28 34.45
CA ASP A 1180 35.54 25.33 33.57
C ASP A 1180 34.41 24.60 34.30
N VAL A 1181 33.74 25.29 35.22
CA VAL A 1181 32.70 24.67 36.02
C VAL A 1181 31.53 24.24 35.14
N PHE A 1182 31.21 25.04 34.11
CA PHE A 1182 30.11 24.75 33.22
C PHE A 1182 30.53 23.92 32.01
N SER A 1183 31.78 23.49 31.94
CA SER A 1183 32.23 22.65 30.85
C SER A 1183 31.75 21.21 31.05
N ARG A 1184 31.85 20.42 29.99
CA ARG A 1184 31.40 19.03 30.01
C ARG A 1184 32.56 18.12 30.36
N PHE A 1185 32.38 17.30 31.39
CA PHE A 1185 33.42 16.38 31.85
C PHE A 1185 33.22 15.03 31.16
N ASP A 1186 34.14 14.68 30.28
CA ASP A 1186 34.13 13.41 29.55
C ASP A 1186 35.48 12.75 29.81
N GLY A 1187 35.55 11.98 30.89
CA GLY A 1187 36.82 11.38 31.26
C GLY A 1187 36.68 10.46 32.46
N TYR A 1188 37.82 10.13 33.05
CA TYR A 1188 37.89 9.13 34.11
C TYR A 1188 37.77 9.78 35.48
N ILE A 1189 36.95 9.17 36.33
CA ILE A 1189 36.77 9.63 37.71
C ILE A 1189 37.05 8.47 38.65
N GLY A 1190 37.94 8.71 39.62
CA GLY A 1190 38.30 7.71 40.59
C GLY A 1190 38.73 8.37 41.89
N ASP A 1191 39.87 7.93 42.44
CA ASP A 1191 40.48 8.69 43.52
C ASP A 1191 40.79 10.11 43.07
N ASN A 1192 41.31 10.25 41.86
CA ASN A 1192 41.47 11.54 41.21
C ASN A 1192 40.48 11.67 40.07
N LYS A 1193 40.56 12.79 39.35
CA LYS A 1193 39.76 13.03 38.16
C LYS A 1193 40.71 13.41 37.03
N VAL A 1194 40.55 12.77 35.87
CA VAL A 1194 41.41 13.02 34.72
C VAL A 1194 40.55 12.92 33.47
N GLU A 1195 41.10 13.33 32.34
CA GLU A 1195 40.39 13.25 31.06
C GLU A 1195 40.68 11.93 30.37
N GLU A 1196 39.93 11.68 29.29
CA GLU A 1196 40.09 10.43 28.55
C GLU A 1196 41.49 10.28 27.98
N LYS A 1197 42.04 11.38 27.45
CA LYS A 1197 43.36 11.32 26.82
C LYS A 1197 44.44 10.92 27.82
N ASN A 1198 44.36 11.45 29.03
CA ASN A 1198 45.40 11.25 30.04
C ASN A 1198 45.00 10.09 30.95
N TYR A 1199 45.10 8.86 30.42
CA TYR A 1199 44.90 7.70 31.27
C TYR A 1199 46.13 7.35 32.08
N THR A 1200 47.29 7.90 31.74
CA THR A 1200 48.51 7.63 32.47
C THR A 1200 48.53 8.26 33.86
N SER A 1201 47.56 9.12 34.17
CA SER A 1201 47.50 9.81 35.45
C SER A 1201 46.12 9.64 36.09
N TYR A 1202 45.58 8.44 36.05
CA TYR A 1202 44.29 8.13 36.64
C TYR A 1202 44.48 7.20 37.83
N GLN A 1203 43.96 7.60 38.98
CA GLN A 1203 43.98 6.77 40.18
C GLN A 1203 42.62 6.14 40.37
N PHE A 1204 42.58 4.80 40.42
CA PHE A 1204 41.32 4.10 40.56
C PHE A 1204 40.66 4.47 41.88
N LEU A 1205 39.33 4.53 41.87
CA LEU A 1205 38.60 4.75 43.11
C LEU A 1205 38.84 3.57 44.05
N SER A 1206 38.98 3.86 45.34
CA SER A 1206 39.28 2.84 46.34
C SER A 1206 38.12 2.72 47.31
N ASP A 1207 37.70 1.49 47.59
CA ASP A 1207 36.57 1.28 48.49
C ASP A 1207 36.64 -0.14 49.06
N GLY A 1208 36.88 -0.23 50.36
CA GLY A 1208 36.80 -1.51 51.06
C GLY A 1208 37.72 -2.58 50.50
N GLY A 1209 38.92 -2.20 50.11
CA GLY A 1209 39.86 -3.14 49.53
C GLY A 1209 39.69 -3.40 48.06
N LYS A 1210 38.57 -2.97 47.47
CA LYS A 1210 38.34 -3.10 46.04
C LYS A 1210 38.66 -1.79 45.34
N TYR A 1211 38.88 -1.85 44.04
CA TYR A 1211 39.12 -0.66 43.25
C TYR A 1211 38.14 -0.58 42.10
N HIS A 1212 37.89 0.63 41.62
CA HIS A 1212 36.97 0.86 40.52
C HIS A 1212 37.66 1.73 39.47
N ALA A 1213 37.48 1.36 38.21
CA ALA A 1213 37.87 2.21 37.09
C ALA A 1213 36.61 2.69 36.40
N THR A 1214 36.43 4.01 36.35
CA THR A 1214 35.16 4.57 35.92
C THR A 1214 35.40 5.67 34.89
N PHE A 1215 34.78 5.52 33.72
CA PHE A 1215 34.70 6.55 32.71
C PHE A 1215 33.31 7.15 32.76
N VAL A 1216 33.22 8.48 32.75
CA VAL A 1216 31.94 9.18 32.79
C VAL A 1216 31.91 10.21 31.67
N LYS A 1217 30.80 10.24 30.95
CA LYS A 1217 30.51 11.27 29.97
C LYS A 1217 29.34 12.09 30.50
N GLN A 1218 29.52 13.41 30.58
CA GLN A 1218 28.51 14.26 31.19
C GLN A 1218 27.35 14.51 30.23
N VAL A 1219 26.14 14.51 30.79
CA VAL A 1219 24.92 14.73 30.02
C VAL A 1219 24.05 15.72 30.78
N ASN A 1220 23.70 16.82 30.14
CA ASN A 1220 22.78 17.81 30.68
C ASN A 1220 21.58 17.96 29.75
N LEU A 1221 20.61 18.77 30.18
CA LEU A 1221 19.44 19.02 29.35
C LEU A 1221 19.75 19.89 28.13
N ASP A 1222 20.95 20.49 28.07
CA ASP A 1222 21.36 21.23 26.88
C ASP A 1222 21.65 20.30 25.71
N ASP A 1223 21.77 19.00 25.94
CA ASP A 1223 21.88 18.02 24.87
C ASP A 1223 20.73 17.04 24.82
N VAL A 1224 19.93 16.94 25.90
CA VAL A 1224 18.70 16.16 25.83
C VAL A 1224 17.75 16.73 24.80
N GLU A 1225 17.60 18.06 24.78
CA GLU A 1225 16.76 18.70 23.79
C GLU A 1225 17.39 18.71 22.40
N LYS A 1226 18.72 18.57 22.32
CA LYS A 1226 19.43 18.72 21.06
C LYS A 1226 19.48 17.44 20.23
N ILE A 1227 18.90 16.34 20.72
CA ILE A 1227 18.83 15.11 19.93
C ILE A 1227 17.57 15.17 19.08
N GLY A 1228 17.73 15.01 17.77
CA GLY A 1228 16.63 15.18 16.83
C GLY A 1228 16.84 14.38 15.57
N THR A 1229 16.55 15.01 14.43
CA THR A 1229 16.60 14.30 13.16
C THR A 1229 18.00 13.81 12.83
N ASP A 1230 19.01 14.64 13.06
CA ASP A 1230 20.39 14.32 12.71
C ASP A 1230 21.11 13.50 13.76
N SER A 1231 20.34 12.94 14.70
CA SER A 1231 20.91 12.22 15.84
C SER A 1231 21.33 10.79 15.59
N LEU A 1232 20.78 10.17 14.58
CA LEU A 1232 21.11 8.80 14.22
C LEU A 1232 22.02 8.71 12.99
N LYS A 1233 22.50 9.83 12.47
CA LYS A 1233 23.41 9.80 11.33
C LYS A 1233 24.72 9.13 11.71
N GLN A 1234 25.28 8.37 10.76
CA GLN A 1234 26.56 7.71 10.99
C GLN A 1234 27.71 8.70 11.13
N GLU A 1235 27.51 9.94 10.72
CA GLU A 1235 28.62 10.89 10.63
C GLU A 1235 29.13 11.26 12.03
N ASP A 1236 30.44 11.40 12.14
CA ASP A 1236 31.05 11.80 13.41
C ASP A 1236 30.71 13.25 13.75
N SER A 1237 30.65 14.13 12.75
CA SER A 1237 30.40 15.54 13.02
C SER A 1237 29.02 15.78 13.62
N SER A 1238 28.11 14.80 13.52
CA SER A 1238 26.78 14.91 14.11
C SER A 1238 26.70 14.26 15.49
N LYS A 1239 27.84 13.92 16.10
CA LYS A 1239 27.82 13.31 17.42
C LYS A 1239 27.21 14.25 18.45
N ASP A 1240 27.41 15.56 18.29
CA ASP A 1240 26.77 16.52 19.19
C ASP A 1240 25.26 16.44 19.12
N LYS A 1241 24.71 15.90 18.04
CA LYS A 1241 23.28 15.69 17.93
C LYS A 1241 22.79 14.49 18.72
N ARG A 1242 23.70 13.67 19.27
CA ARG A 1242 23.34 12.59 20.19
C ARG A 1242 24.28 12.65 21.39
N LEU A 1243 23.96 13.51 22.35
CA LEU A 1243 24.64 13.59 23.65
C LEU A 1243 26.15 13.52 23.55
N ASN A 1244 26.72 14.06 22.46
CA ASN A 1244 28.16 13.97 22.17
C ASN A 1244 28.65 12.52 22.15
N LEU A 1245 27.76 11.60 21.79
CA LEU A 1245 28.06 10.17 21.77
C LEU A 1245 28.28 9.68 20.35
N SER A 1246 28.94 8.53 20.24
CA SER A 1246 28.95 7.80 18.99
C SER A 1246 27.62 7.06 18.83
N LEU A 1247 27.38 6.57 17.61
CA LEU A 1247 26.09 5.95 17.31
C LEU A 1247 25.89 4.68 18.15
N GLU A 1248 26.92 3.84 18.26
CA GLU A 1248 26.79 2.62 19.04
C GLU A 1248 26.54 2.91 20.52
N GLU A 1249 27.29 3.85 21.08
CA GLU A 1249 27.08 4.23 22.47
C GLU A 1249 25.68 4.80 22.69
N PHE A 1250 25.23 5.65 21.76
CA PHE A 1250 23.90 6.23 21.86
C PHE A 1250 22.83 5.15 21.83
N LEU A 1251 22.96 4.19 20.91
CA LEU A 1251 21.96 3.14 20.79
C LEU A 1251 21.99 2.20 22.00
N ALA A 1252 23.18 1.96 22.56
CA ALA A 1252 23.26 1.17 23.78
C ALA A 1252 22.56 1.89 24.94
N ALA A 1253 22.74 3.21 25.03
CA ALA A 1253 22.04 3.99 26.05
C ALA A 1253 20.53 3.93 25.83
N ILE A 1254 20.09 4.03 24.57
CA ILE A 1254 18.67 3.97 24.28
C ILE A 1254 18.10 2.59 24.63
N ALA A 1255 18.89 1.53 24.41
CA ALA A 1255 18.45 0.20 24.78
C ALA A 1255 18.33 0.06 26.30
N LEU A 1256 19.32 0.58 27.03
CA LEU A 1256 19.24 0.55 28.49
C LEU A 1256 18.03 1.33 28.99
N GLU A 1257 17.71 2.44 28.33
CA GLU A 1257 16.47 3.16 28.61
C GLU A 1257 15.25 2.32 28.27
N ALA A 1258 15.31 1.57 27.17
CA ALA A 1258 14.22 0.70 26.73
C ALA A 1258 13.94 -0.43 27.70
N LEU A 1259 14.93 -0.82 28.52
CA LEU A 1259 14.67 -1.84 29.53
C LEU A 1259 13.76 -1.34 30.65
N ASP A 1260 13.49 -0.04 30.71
CA ASP A 1260 12.64 0.52 31.77
C ASP A 1260 11.22 0.01 31.61
N PRO A 1261 10.61 -0.55 32.67
CA PRO A 1261 9.21 -0.97 32.57
C PRO A 1261 8.25 0.13 32.16
N ASN A 1262 8.47 1.37 32.62
CA ASN A 1262 7.62 2.47 32.18
C ASN A 1262 7.76 2.71 30.68
N ASN A 1263 8.99 2.69 30.18
CA ASN A 1263 9.20 2.83 28.74
C ASN A 1263 8.49 1.72 27.96
N GLN A 1264 8.60 0.48 28.44
CA GLN A 1264 7.97 -0.64 27.75
C GLN A 1264 6.45 -0.50 27.77
N THR A 1265 5.88 -0.10 28.91
CA THR A 1265 4.44 0.07 28.98
C THR A 1265 3.97 1.18 28.03
N GLN A 1266 4.70 2.29 28.00
CA GLN A 1266 4.33 3.37 27.09
C GLN A 1266 4.42 2.93 25.63
N ALA A 1267 5.48 2.20 25.29
CA ALA A 1267 5.66 1.78 23.90
C ALA A 1267 4.63 0.73 23.50
N ILE A 1268 4.25 -0.15 24.42
CA ILE A 1268 3.24 -1.16 24.11
C ILE A 1268 1.87 -0.51 23.95
N ASN A 1269 1.56 0.47 24.80
CA ASN A 1269 0.31 1.21 24.59
C ASN A 1269 0.34 2.02 23.31
N ALA A 1270 1.51 2.49 22.88
CA ALA A 1270 1.63 3.13 21.58
C ALA A 1270 1.39 2.13 20.45
N LEU A 1271 1.93 0.92 20.59
CA LEU A 1271 1.72 -0.13 19.60
C LEU A 1271 0.23 -0.46 19.46
N ILE A 1272 -0.45 -0.63 20.59
CA ILE A 1272 -1.87 -0.98 20.55
C ILE A 1272 -2.70 0.19 20.02
N SER A 1273 -2.46 1.39 20.54
CA SER A 1273 -3.21 2.56 20.08
C SER A 1273 -2.83 2.94 18.66
N GLY A 1274 -1.55 2.88 18.32
CA GLY A 1274 -1.09 3.23 16.99
C GLY A 1274 -1.32 2.12 16.00
N ASN A 1275 -2.50 1.51 16.03
CA ASN A 1275 -2.85 0.40 15.16
C ASN A 1275 -3.65 0.92 13.98
N LYS A 1276 -3.28 0.49 12.77
CA LYS A 1276 -3.99 0.94 11.58
C LYS A 1276 -5.44 0.45 11.60
N LYS A 1277 -5.66 -0.80 12.00
CA LYS A 1277 -6.98 -1.39 12.00
C LYS A 1277 -7.69 -1.26 13.35
N GLY A 1278 -7.08 -0.56 14.31
CA GLY A 1278 -7.66 -0.45 15.63
C GLY A 1278 -7.33 -1.66 16.49
N LEU A 1279 -8.00 -1.72 17.64
CA LEU A 1279 -7.80 -2.84 18.55
C LEU A 1279 -8.41 -4.11 17.99
N VAL A 1280 -7.76 -5.24 18.25
CA VAL A 1280 -8.25 -6.52 17.75
C VAL A 1280 -9.55 -6.86 18.45
N LYS A 1281 -10.56 -7.23 17.67
CA LYS A 1281 -11.82 -7.69 18.22
C LYS A 1281 -11.82 -9.21 18.32
N VAL A 1282 -12.51 -9.71 19.33
CA VAL A 1282 -12.59 -11.14 19.58
C VAL A 1282 -14.07 -11.54 19.64
N GLY A 1283 -14.42 -12.60 18.93
CA GLY A 1283 -15.76 -13.13 18.93
C GLY A 1283 -16.01 -14.28 19.88
N ASP A 1284 -14.97 -14.79 20.54
CA ASP A 1284 -15.09 -15.90 21.46
C ASP A 1284 -14.67 -15.45 22.86
N PHE A 1285 -15.49 -15.80 23.86
CA PHE A 1285 -15.22 -15.37 25.23
C PHE A 1285 -13.90 -15.94 25.72
N ARG A 1286 -13.60 -17.19 25.37
CA ARG A 1286 -12.36 -17.82 25.79
C ARG A 1286 -11.14 -17.07 25.28
N ILE A 1287 -11.28 -16.29 24.21
CA ILE A 1287 -10.22 -15.39 23.80
C ILE A 1287 -10.32 -14.03 24.46
N PHE A 1288 -11.50 -13.68 24.98
CA PHE A 1288 -11.66 -12.40 25.67
C PHE A 1288 -11.19 -12.49 27.12
N SER A 1289 -11.63 -13.52 27.83
CA SER A 1289 -11.21 -13.69 29.22
C SER A 1289 -9.72 -14.03 29.31
N SER A 1290 -9.17 -14.68 28.29
CA SER A 1290 -7.77 -15.11 28.35
C SER A 1290 -6.82 -13.92 28.37
N ILE A 1291 -6.99 -12.99 27.43
CA ILE A 1291 -6.09 -11.85 27.29
C ILE A 1291 -6.84 -10.58 27.67
N SER A 1292 -6.11 -9.65 28.28
CA SER A 1292 -6.72 -8.47 28.89
C SER A 1292 -7.37 -7.58 27.84
N ALA A 1293 -8.29 -6.73 28.30
CA ALA A 1293 -8.99 -5.80 27.42
C ALA A 1293 -8.07 -4.74 26.83
N GLN A 1294 -6.85 -4.62 27.34
CA GLN A 1294 -5.86 -3.72 26.74
C GLN A 1294 -5.49 -4.15 25.33
N TRP A 1295 -5.78 -5.39 24.96
CA TRP A 1295 -5.46 -5.90 23.63
C TRP A 1295 -6.68 -6.28 22.79
N VAL A 1296 -7.76 -6.74 23.40
CA VAL A 1296 -8.90 -7.26 22.65
C VAL A 1296 -10.18 -6.58 23.11
N ARG A 1297 -11.12 -6.44 22.18
CA ARG A 1297 -12.41 -5.83 22.44
C ARG A 1297 -13.51 -6.72 21.89
N ARG A 1298 -14.67 -6.71 22.55
CA ARG A 1298 -15.80 -7.48 22.07
C ARG A 1298 -16.47 -6.75 20.91
N PHE A 1299 -17.16 -7.52 20.07
CA PHE A 1299 -17.88 -6.97 18.92
C PHE A 1299 -19.04 -6.09 19.37
N ALA B 3 -51.01 -22.14 -6.33
CA ALA B 3 -49.83 -22.98 -6.25
C ALA B 3 -48.69 -22.26 -5.56
N GLN B 4 -48.61 -22.40 -4.25
CA GLN B 4 -47.52 -21.77 -3.51
C GLN B 4 -46.21 -22.48 -3.80
N PRO B 5 -45.18 -21.76 -4.25
CA PRO B 5 -43.91 -22.42 -4.57
C PRO B 5 -43.29 -23.05 -3.33
N THR B 6 -42.64 -24.19 -3.53
CA THR B 6 -42.00 -24.88 -2.42
C THR B 6 -40.79 -24.11 -1.93
N ALA B 7 -40.49 -24.24 -0.64
CA ALA B 7 -39.43 -23.45 -0.03
C ALA B 7 -38.03 -23.94 -0.41
N SER B 8 -37.90 -25.19 -0.88
CA SER B 8 -36.59 -25.70 -1.22
C SER B 8 -35.96 -24.91 -2.36
N THR B 9 -36.70 -24.70 -3.44
CA THR B 9 -36.17 -23.94 -4.57
C THR B 9 -36.06 -22.45 -4.24
N VAL B 10 -36.95 -21.93 -3.39
CA VAL B 10 -36.88 -20.53 -3.01
C VAL B 10 -35.60 -20.26 -2.22
N GLU B 11 -35.25 -21.16 -1.30
CA GLU B 11 -34.00 -21.01 -0.57
C GLU B 11 -32.80 -21.30 -1.48
N GLY B 12 -32.96 -22.24 -2.42
CA GLY B 12 -31.85 -22.63 -3.27
C GLY B 12 -31.61 -21.76 -4.49
N LEU B 13 -32.53 -20.88 -4.83
CA LEU B 13 -32.33 -20.04 -6.00
C LEU B 13 -31.33 -18.93 -5.69
N PHE B 14 -30.71 -18.41 -6.75
CA PHE B 14 -29.71 -17.36 -6.60
C PHE B 14 -30.34 -16.09 -6.04
N LYS B 15 -29.57 -15.39 -5.21
CA LYS B 15 -30.03 -14.15 -4.59
C LYS B 15 -29.39 -12.96 -5.27
N PRO B 16 -30.15 -12.13 -5.99
CA PRO B 16 -29.55 -10.95 -6.63
C PRO B 16 -29.01 -9.97 -5.60
N SER B 17 -27.96 -9.26 -6.00
CA SER B 17 -27.29 -8.29 -5.14
C SER B 17 -27.32 -6.92 -5.79
N SER B 18 -26.72 -5.94 -5.10
CA SER B 18 -26.67 -4.58 -5.62
C SER B 18 -25.63 -4.44 -6.72
N ALA B 19 -24.49 -5.13 -6.59
CA ALA B 19 -23.41 -5.07 -7.56
C ALA B 19 -23.29 -6.41 -8.27
N PHE B 20 -22.94 -6.35 -9.56
CA PHE B 20 -22.74 -7.57 -10.32
C PHE B 20 -21.60 -8.39 -9.77
N ALA B 21 -20.44 -7.76 -9.54
CA ALA B 21 -19.31 -8.37 -8.88
C ALA B 21 -18.74 -7.36 -7.88
N ASP B 22 -17.58 -7.69 -7.32
CA ASP B 22 -16.99 -6.85 -6.29
C ASP B 22 -15.62 -6.34 -6.70
N ARG B 23 -15.49 -5.84 -7.93
CA ARG B 23 -14.25 -5.27 -8.41
C ARG B 23 -14.52 -3.87 -8.96
N THR B 24 -13.44 -3.15 -9.24
CA THR B 24 -13.55 -1.79 -9.76
C THR B 24 -13.89 -1.73 -11.24
N ASP B 25 -13.92 -2.88 -11.93
CA ASP B 25 -14.30 -2.93 -13.33
C ASP B 25 -15.66 -3.56 -13.55
N PHE B 26 -16.40 -3.87 -12.49
CA PHE B 26 -17.69 -4.56 -12.60
C PHE B 26 -18.83 -3.69 -12.07
N SER B 27 -18.66 -2.38 -12.13
CA SER B 27 -19.72 -1.46 -11.75
C SER B 27 -20.70 -1.27 -12.91
N LEU B 28 -21.84 -0.65 -12.60
CA LEU B 28 -22.84 -0.38 -13.64
C LEU B 28 -22.25 0.45 -14.76
N SER B 29 -21.58 1.55 -14.41
CA SER B 29 -21.01 2.45 -15.41
C SER B 29 -19.95 1.77 -16.27
N SER B 30 -19.35 0.69 -15.79
CA SER B 30 -18.36 -0.07 -16.54
C SER B 30 -18.92 -1.32 -17.18
N ILE B 31 -19.77 -2.08 -16.47
CA ILE B 31 -20.31 -3.30 -17.05
C ILE B 31 -21.29 -2.97 -18.17
N LEU B 32 -22.08 -1.90 -18.05
CA LEU B 32 -23.00 -1.55 -19.12
C LEU B 32 -22.25 -1.02 -20.33
N GLN B 33 -21.18 -0.24 -20.10
CA GLN B 33 -20.35 0.21 -21.21
C GLN B 33 -19.70 -0.97 -21.93
N LYS B 34 -19.14 -1.92 -21.18
CA LYS B 34 -18.52 -3.08 -21.80
C LYS B 34 -19.55 -3.94 -22.53
N SER B 35 -20.77 -4.05 -22.01
CA SER B 35 -21.81 -4.77 -22.71
C SER B 35 -22.19 -4.08 -24.01
N LEU B 36 -22.31 -2.74 -23.99
CA LEU B 36 -22.60 -2.01 -25.21
C LEU B 36 -21.44 -2.01 -26.18
N ILE B 37 -20.23 -2.37 -25.74
CA ILE B 37 -19.12 -2.59 -26.66
C ILE B 37 -19.12 -4.01 -27.21
N ASN B 38 -19.72 -4.96 -26.51
CA ASN B 38 -19.83 -6.33 -27.00
C ASN B 38 -20.76 -6.37 -28.20
N ARG B 39 -20.28 -6.95 -29.30
CA ARG B 39 -21.02 -6.88 -30.55
C ARG B 39 -22.39 -7.52 -30.45
N GLU B 40 -22.46 -8.76 -29.94
CA GLU B 40 -23.75 -9.43 -29.82
C GLU B 40 -24.65 -8.71 -28.84
N SER B 41 -24.10 -8.29 -27.69
CA SER B 41 -24.88 -7.53 -26.72
C SER B 41 -25.29 -6.18 -27.29
N PHE B 42 -24.38 -5.51 -28.00
CA PHE B 42 -24.71 -4.22 -28.58
C PHE B 42 -25.85 -4.35 -29.58
N ASN B 43 -25.84 -5.42 -30.39
CA ASN B 43 -26.93 -5.64 -31.33
C ASN B 43 -28.23 -6.02 -30.64
N GLN B 44 -28.15 -6.76 -29.53
CA GLN B 44 -29.36 -7.04 -28.76
C GLN B 44 -29.95 -5.77 -28.17
N TYR B 45 -29.10 -4.79 -27.85
CA TYR B 45 -29.57 -3.47 -27.41
C TYR B 45 -30.10 -2.65 -28.58
N LEU B 46 -29.41 -2.70 -29.72
CA LEU B 46 -29.81 -1.91 -30.88
C LEU B 46 -31.14 -2.39 -31.45
N ALA B 47 -31.46 -3.67 -31.26
CA ALA B 47 -32.79 -4.13 -31.69
C ALA B 47 -33.88 -3.37 -30.95
N MET B 48 -33.75 -3.24 -29.63
CA MET B 48 -34.71 -2.56 -28.78
C MET B 48 -34.63 -1.05 -28.88
N ARG B 49 -33.53 -0.50 -29.40
CA ARG B 49 -33.45 0.93 -29.65
C ARG B 49 -33.72 1.32 -31.10
N LEU B 50 -33.83 0.36 -32.00
CA LEU B 50 -34.12 0.58 -33.40
C LEU B 50 -35.56 0.30 -33.74
N ALA B 51 -36.13 -0.79 -33.23
CA ALA B 51 -37.52 -1.09 -33.54
C ALA B 51 -38.51 -0.08 -32.96
N PRO B 52 -38.25 0.63 -31.87
CA PRO B 52 -39.16 1.74 -31.53
C PRO B 52 -39.25 2.79 -32.62
N VAL B 53 -38.18 2.99 -33.39
CA VAL B 53 -38.23 3.88 -34.55
C VAL B 53 -39.19 3.34 -35.59
N LEU B 54 -39.13 2.03 -35.87
CA LEU B 54 -39.98 1.42 -36.88
C LEU B 54 -41.40 1.17 -36.39
N ARG B 55 -41.65 1.30 -35.08
CA ARG B 55 -43.02 1.30 -34.60
C ARG B 55 -43.78 2.50 -35.10
N THR B 56 -43.13 3.66 -35.16
CA THR B 56 -43.79 4.86 -35.64
C THR B 56 -44.20 4.74 -37.11
N PHE B 57 -43.37 4.08 -37.94
CA PHE B 57 -43.74 3.91 -39.34
C PHE B 57 -45.01 3.09 -39.47
N TYR B 58 -45.14 2.03 -38.67
CA TYR B 58 -46.40 1.28 -38.64
C TYR B 58 -47.53 2.13 -38.08
N GLU B 59 -47.23 3.04 -37.16
CA GLU B 59 -48.27 3.83 -36.52
C GLU B 59 -48.88 4.85 -37.47
N ASP B 60 -48.04 5.56 -38.24
CA ASP B 60 -48.52 6.62 -39.11
C ASP B 60 -48.71 6.17 -40.56
N ASN B 61 -48.59 4.87 -40.82
CA ASN B 61 -48.69 4.37 -42.18
C ASN B 61 -50.12 4.46 -42.70
N TYR B 62 -50.24 4.75 -44.01
CA TYR B 62 -51.56 4.87 -44.61
C TYR B 62 -52.29 3.54 -44.69
N ASP B 63 -51.58 2.46 -45.05
CA ASP B 63 -52.22 1.18 -45.30
C ASP B 63 -52.96 0.69 -44.07
N THR B 64 -54.17 0.16 -44.29
CA THR B 64 -54.90 -0.47 -43.19
C THR B 64 -54.21 -1.73 -42.71
N ASP B 65 -53.58 -2.48 -43.62
CA ASP B 65 -52.90 -3.71 -43.23
C ASP B 65 -51.74 -3.43 -42.27
N ILE B 66 -50.89 -2.45 -42.61
CA ILE B 66 -49.76 -2.14 -41.75
C ILE B 66 -50.24 -1.57 -40.42
N LYS B 67 -51.33 -0.80 -40.44
CA LYS B 67 -51.92 -0.31 -39.19
C LYS B 67 -52.38 -1.47 -38.32
N GLU B 68 -53.00 -2.48 -38.92
CA GLU B 68 -53.47 -3.64 -38.18
C GLU B 68 -52.37 -4.60 -37.79
N ARG B 69 -51.17 -4.47 -38.38
CA ARG B 69 -50.06 -5.35 -37.97
C ARG B 69 -49.73 -5.20 -36.50
N LEU B 70 -49.73 -3.97 -35.97
CA LEU B 70 -49.43 -3.78 -34.56
C LEU B 70 -50.48 -4.43 -33.66
N ASN B 71 -51.76 -4.27 -34.00
CA ASN B 71 -52.82 -4.91 -33.22
C ASN B 71 -52.71 -6.43 -33.29
N GLY B 72 -52.44 -6.96 -34.48
CA GLY B 72 -52.27 -8.40 -34.61
C GLY B 72 -51.07 -8.91 -33.83
N PHE B 73 -49.97 -8.16 -33.84
CA PHE B 73 -48.79 -8.56 -33.09
C PHE B 73 -49.08 -8.58 -31.59
N THR B 74 -49.80 -7.56 -31.10
CA THR B 74 -50.18 -7.55 -29.68
C THR B 74 -51.11 -8.71 -29.34
N ALA B 75 -52.07 -9.02 -30.21
CA ALA B 75 -52.97 -10.15 -29.96
C ALA B 75 -52.21 -11.46 -29.96
N ASP B 76 -51.29 -11.65 -30.91
CA ASP B 76 -50.49 -12.86 -30.94
C ASP B 76 -49.59 -12.95 -29.72
N THR B 77 -49.09 -11.81 -29.23
CA THR B 77 -48.30 -11.80 -28.01
C THR B 77 -49.14 -12.24 -26.81
N ASP B 78 -50.37 -11.75 -26.71
CA ASP B 78 -51.25 -12.18 -25.63
C ASP B 78 -51.54 -13.67 -25.71
N ASN B 79 -51.80 -14.18 -26.91
CA ASN B 79 -52.06 -15.61 -27.08
C ASN B 79 -50.81 -16.43 -26.74
N ALA B 80 -49.63 -15.94 -27.13
CA ALA B 80 -48.40 -16.65 -26.82
C ALA B 80 -48.12 -16.65 -25.32
N PHE B 81 -48.44 -15.54 -24.64
CA PHE B 81 -48.32 -15.52 -23.19
C PHE B 81 -49.27 -16.51 -22.54
N VAL B 82 -50.50 -16.60 -23.06
CA VAL B 82 -51.45 -17.58 -22.53
C VAL B 82 -50.91 -19.00 -22.70
N SER B 83 -50.37 -19.30 -23.89
CA SER B 83 -49.81 -20.63 -24.13
C SER B 83 -48.59 -20.90 -23.25
N GLN B 84 -47.73 -19.89 -23.08
CA GLN B 84 -46.56 -20.05 -22.23
C GLN B 84 -46.95 -20.33 -20.79
N GLU B 85 -47.92 -19.57 -20.28
CA GLU B 85 -48.41 -19.80 -18.92
C GLU B 85 -49.02 -21.19 -18.79
N GLN B 86 -49.81 -21.60 -19.80
CA GLN B 86 -50.43 -22.93 -19.75
C GLN B 86 -49.39 -24.04 -19.69
N ASN B 87 -48.39 -23.99 -20.57
CA ASN B 87 -47.41 -25.07 -20.60
C ASN B 87 -46.51 -25.04 -19.36
N LEU B 88 -46.13 -23.84 -18.90
CA LEU B 88 -45.33 -23.77 -17.68
C LEU B 88 -46.10 -24.29 -16.48
N ARG B 89 -47.40 -23.97 -16.39
CA ARG B 89 -48.21 -24.53 -15.31
C ARG B 89 -48.28 -26.04 -15.40
N ASN B 90 -48.66 -26.57 -16.56
CA ASN B 90 -48.76 -28.02 -16.72
C ASN B 90 -47.43 -28.74 -16.56
N GLN B 91 -46.31 -28.02 -16.66
CA GLN B 91 -45.00 -28.65 -16.49
C GLN B 91 -44.51 -28.58 -15.04
N PHE B 92 -44.72 -27.46 -14.36
CA PHE B 92 -44.07 -27.25 -13.07
C PHE B 92 -45.01 -27.31 -11.87
N ARG B 93 -46.32 -27.06 -12.05
CA ARG B 93 -47.30 -27.17 -10.98
C ARG B 93 -47.00 -26.23 -9.81
N GLU B 94 -46.32 -26.74 -8.79
CA GLU B 94 -46.17 -26.01 -7.54
C GLU B 94 -45.34 -24.75 -7.71
N ASN B 95 -44.20 -24.86 -8.39
CA ASN B 95 -43.21 -23.79 -8.44
C ASN B 95 -43.03 -23.25 -9.86
N TYR B 96 -44.14 -23.03 -10.57
CA TYR B 96 -44.07 -22.53 -11.94
C TYR B 96 -43.77 -21.04 -12.01
N LEU B 97 -44.21 -20.24 -11.03
CA LEU B 97 -43.96 -18.80 -11.08
C LEU B 97 -42.47 -18.49 -10.95
N VAL B 98 -41.78 -19.24 -10.09
CA VAL B 98 -40.35 -19.00 -9.86
C VAL B 98 -39.57 -19.20 -11.15
N HIS B 99 -39.86 -20.28 -11.88
CA HIS B 99 -39.20 -20.52 -13.15
C HIS B 99 -39.71 -19.61 -14.25
N LEU B 100 -40.96 -19.14 -14.15
CA LEU B 100 -41.45 -18.13 -15.10
C LEU B 100 -40.61 -16.88 -15.00
N GLN B 101 -40.30 -16.44 -13.79
CA GLN B 101 -39.42 -15.30 -13.62
C GLN B 101 -37.95 -15.64 -13.88
N THR B 102 -37.56 -16.90 -13.69
CA THR B 102 -36.15 -17.26 -13.75
C THR B 102 -35.66 -17.49 -15.17
N ASP B 103 -36.21 -18.48 -15.87
CA ASP B 103 -35.69 -18.89 -17.16
C ASP B 103 -36.41 -18.22 -18.33
N ILE B 104 -37.29 -17.26 -18.07
CA ILE B 104 -37.96 -16.54 -19.13
C ILE B 104 -37.74 -15.04 -18.98
N PHE B 105 -38.19 -14.48 -17.85
CA PHE B 105 -38.17 -13.03 -17.68
C PHE B 105 -36.74 -12.50 -17.56
N ASP B 106 -35.85 -13.26 -16.91
CA ASP B 106 -34.48 -12.79 -16.71
C ASP B 106 -33.77 -12.61 -18.04
N ASN B 107 -33.96 -13.56 -18.96
CA ASN B 107 -33.37 -13.43 -20.29
C ASN B 107 -34.10 -12.40 -21.15
N THR B 108 -35.24 -11.88 -20.69
CA THR B 108 -36.08 -11.01 -21.49
C THR B 108 -36.09 -9.56 -21.05
N GLY B 109 -35.81 -9.29 -19.77
CA GLY B 109 -35.88 -7.94 -19.26
C GLY B 109 -36.38 -7.87 -17.83
N GLY B 110 -36.83 -9.01 -17.30
CA GLY B 110 -37.19 -9.09 -15.90
C GLY B 110 -38.58 -8.63 -15.53
N ASN B 111 -39.52 -8.68 -16.47
CA ASN B 111 -40.89 -8.27 -16.17
C ASN B 111 -41.85 -9.01 -17.09
N GLN B 112 -43.11 -9.06 -16.68
CA GLN B 112 -44.15 -9.62 -17.55
C GLN B 112 -44.30 -8.79 -18.82
N ALA B 113 -44.39 -7.47 -18.66
CA ALA B 113 -44.45 -6.59 -19.83
C ALA B 113 -43.12 -6.53 -20.55
N ALA B 114 -42.03 -6.95 -19.90
CA ALA B 114 -40.76 -7.06 -20.59
C ALA B 114 -40.82 -8.08 -21.71
N TRP B 115 -41.50 -9.21 -21.46
CA TRP B 115 -41.64 -10.23 -22.50
C TRP B 115 -42.44 -9.71 -23.68
N LYS B 116 -43.50 -8.95 -23.40
CA LYS B 116 -44.34 -8.41 -24.46
C LYS B 116 -43.64 -7.29 -25.22
N LEU B 117 -42.80 -6.50 -24.56
CA LEU B 117 -42.01 -5.48 -25.24
C LEU B 117 -40.80 -6.07 -25.95
N ARG B 118 -40.43 -7.31 -25.65
CA ARG B 118 -39.41 -7.98 -26.45
C ARG B 118 -40.00 -8.63 -27.69
N ASP B 119 -41.06 -9.42 -27.53
CA ASP B 119 -41.57 -10.17 -28.67
C ASP B 119 -42.26 -9.27 -29.69
N VAL B 120 -42.99 -8.25 -29.23
CA VAL B 120 -43.63 -7.32 -30.17
C VAL B 120 -42.57 -6.48 -30.87
N ASN B 121 -41.59 -5.98 -30.11
CA ASN B 121 -40.55 -5.15 -30.69
C ASN B 121 -39.68 -5.94 -31.65
N ASN B 122 -39.61 -7.26 -31.48
CA ASN B 122 -38.94 -8.10 -32.47
C ASN B 122 -39.83 -8.46 -33.65
N LYS B 123 -41.13 -8.65 -33.42
CA LYS B 123 -42.05 -8.94 -34.50
C LYS B 123 -42.12 -7.78 -35.49
N ILE B 124 -42.23 -6.56 -34.98
CA ILE B 124 -42.36 -5.41 -35.88
C ILE B 124 -41.07 -5.20 -36.66
N ILE B 125 -39.91 -5.41 -36.03
CA ILE B 125 -38.66 -5.24 -36.75
C ILE B 125 -38.47 -6.35 -37.76
N ASP B 126 -38.92 -7.57 -37.46
CA ASP B 126 -38.86 -8.65 -38.44
C ASP B 126 -39.74 -8.36 -39.64
N ASP B 127 -40.95 -7.85 -39.40
CA ASP B 127 -41.84 -7.51 -40.51
C ASP B 127 -41.30 -6.37 -41.35
N PHE B 128 -40.78 -5.32 -40.70
CA PHE B 128 -40.16 -4.23 -41.43
C PHE B 128 -38.92 -4.69 -42.17
N ILE B 129 -38.22 -5.69 -41.65
CA ILE B 129 -37.05 -6.22 -42.34
C ILE B 129 -37.48 -6.98 -43.58
N SER B 130 -38.55 -7.78 -43.46
CA SER B 130 -39.04 -8.54 -44.60
C SER B 130 -39.56 -7.63 -45.70
N ARG B 131 -40.28 -6.56 -45.34
CA ARG B 131 -40.93 -5.76 -46.36
C ARG B 131 -40.00 -4.78 -47.06
N ILE B 132 -38.77 -4.59 -46.58
CA ILE B 132 -37.84 -3.71 -47.29
C ILE B 132 -37.53 -4.29 -48.67
N PHE B 133 -37.23 -5.59 -48.74
CA PHE B 133 -36.79 -6.23 -49.96
C PHE B 133 -37.90 -7.01 -50.65
N ALA B 134 -39.17 -6.73 -50.30
CA ALA B 134 -40.27 -7.48 -50.87
C ALA B 134 -40.57 -7.11 -52.32
N LYS B 135 -39.95 -6.05 -52.84
CA LYS B 135 -40.23 -5.60 -54.21
C LYS B 135 -38.94 -5.14 -54.87
N ASN B 136 -38.97 -5.08 -56.19
CA ASN B 136 -37.84 -4.64 -57.00
C ASN B 136 -38.10 -3.22 -57.49
N PHE B 137 -37.15 -2.32 -57.24
CA PHE B 137 -37.31 -0.91 -57.56
C PHE B 137 -36.25 -0.39 -58.52
N VAL B 138 -35.42 -1.26 -59.09
CA VAL B 138 -34.43 -0.80 -60.06
C VAL B 138 -35.15 -0.39 -61.33
N GLU B 139 -35.05 0.88 -61.70
CA GLU B 139 -35.79 1.42 -62.83
C GLU B 139 -34.94 2.44 -63.57
N TYR B 140 -35.30 2.67 -64.82
CA TYR B 140 -34.79 3.78 -65.64
C TYR B 140 -35.93 4.80 -65.69
N VAL B 141 -35.76 5.90 -64.99
CA VAL B 141 -36.84 6.84 -64.73
C VAL B 141 -36.87 7.90 -65.83
N GLN B 142 -37.97 7.95 -66.57
CA GLN B 142 -38.20 9.00 -67.55
C GLN B 142 -38.96 10.15 -66.91
N ASP B 143 -38.77 11.34 -67.46
CA ASP B 143 -39.34 12.55 -66.90
C ASP B 143 -40.65 12.88 -67.61
N GLY B 144 -41.69 13.16 -66.82
CA GLY B 144 -42.98 13.55 -67.35
C GLY B 144 -43.92 12.40 -67.65
N VAL B 145 -43.42 11.16 -67.69
CA VAL B 145 -44.26 10.01 -67.96
C VAL B 145 -43.97 8.93 -66.91
N GLY B 146 -42.97 9.16 -66.07
CA GLY B 146 -42.55 8.20 -65.09
C GLY B 146 -41.63 7.17 -65.69
N PRO B 147 -41.20 6.19 -64.91
CA PRO B 147 -40.34 5.14 -65.44
C PRO B 147 -41.03 4.36 -66.56
N LEU B 148 -40.27 4.06 -67.60
CA LEU B 148 -40.82 3.33 -68.74
C LEU B 148 -40.95 1.85 -68.36
N THR B 149 -42.08 1.26 -68.76
CA THR B 149 -42.37 -0.12 -68.38
C THR B 149 -41.27 -1.08 -68.83
N LYS B 150 -40.61 -0.79 -69.95
CA LYS B 150 -39.51 -1.62 -70.44
C LYS B 150 -38.53 -0.73 -71.17
N PRO B 151 -37.47 -0.28 -70.51
CA PRO B 151 -36.44 0.50 -71.20
C PRO B 151 -35.75 -0.30 -72.29
N THR B 152 -35.31 0.39 -73.33
CA THR B 152 -34.65 -0.27 -74.44
C THR B 152 -33.21 -0.60 -74.10
N LYS B 153 -32.66 -1.58 -74.83
CA LYS B 153 -31.31 -2.05 -74.54
C LYS B 153 -30.27 -0.96 -74.75
N SER B 154 -30.30 -0.30 -75.91
CA SER B 154 -29.32 0.73 -76.18
C SER B 154 -29.46 1.93 -75.25
N LEU B 155 -30.61 2.07 -74.60
CA LEU B 155 -30.82 3.21 -73.71
C LEU B 155 -30.06 3.05 -72.41
N ILE B 156 -30.08 1.86 -71.82
CA ILE B 156 -29.52 1.67 -70.49
C ILE B 156 -28.08 1.18 -70.51
N GLU B 157 -27.65 0.50 -71.58
CA GLU B 157 -26.30 -0.03 -71.63
C GLU B 157 -25.31 1.04 -72.06
N ASN B 158 -25.32 2.17 -71.35
CA ASN B 158 -24.39 3.26 -71.60
C ASN B 158 -23.89 3.78 -70.26
N THR B 159 -22.60 4.14 -70.22
CA THR B 159 -22.04 4.70 -68.99
C THR B 159 -22.64 6.08 -68.69
N SER B 160 -22.88 6.88 -69.73
CA SER B 160 -23.47 8.19 -69.54
C SER B 160 -24.93 8.11 -69.13
N ASN B 161 -25.59 6.98 -69.41
CA ASN B 161 -26.99 6.79 -69.04
C ASN B 161 -27.15 6.05 -67.73
N PHE B 162 -26.04 5.74 -67.04
CA PHE B 162 -26.13 5.07 -65.75
C PHE B 162 -26.77 5.94 -64.68
N LYS B 163 -26.70 7.26 -64.83
CA LYS B 163 -27.24 8.18 -63.84
C LYS B 163 -28.75 8.03 -63.67
N ASN B 164 -29.43 7.42 -64.64
CA ASN B 164 -30.88 7.27 -64.59
C ASN B 164 -31.31 5.94 -63.99
N ILE B 165 -30.37 5.08 -63.61
CA ILE B 165 -30.68 3.85 -62.89
C ILE B 165 -30.41 4.17 -61.43
N LYS B 166 -31.46 4.59 -60.71
CA LYS B 166 -31.32 5.18 -59.40
C LYS B 166 -32.08 4.45 -58.31
N LEU B 167 -32.70 3.31 -58.61
CA LEU B 167 -33.44 2.54 -57.61
C LEU B 167 -34.58 3.39 -57.01
N GLN B 168 -35.51 3.78 -57.87
CA GLN B 168 -36.61 4.64 -57.49
C GLN B 168 -37.95 3.98 -57.78
N PRO B 169 -38.94 4.13 -56.89
CA PRO B 169 -40.23 3.46 -57.10
C PRO B 169 -41.02 4.03 -58.27
N LYS B 170 -42.21 3.50 -58.49
CA LYS B 170 -43.00 3.84 -59.67
C LYS B 170 -44.01 4.96 -59.41
N PHE B 171 -44.91 4.75 -58.45
CA PHE B 171 -46.01 5.68 -58.22
C PHE B 171 -45.93 6.37 -56.86
N VAL B 172 -44.75 6.84 -56.49
CA VAL B 172 -44.55 7.55 -55.24
C VAL B 172 -44.58 9.04 -55.51
N ASN B 173 -45.51 9.75 -54.86
CA ASN B 173 -45.60 11.19 -54.93
C ASN B 173 -45.36 11.77 -53.54
N LYS B 174 -44.40 12.70 -53.45
CA LYS B 174 -44.06 13.28 -52.15
C LYS B 174 -45.25 14.02 -51.55
N ASN B 175 -45.93 14.82 -52.36
CA ASN B 175 -47.02 15.67 -51.87
C ASN B 175 -48.36 14.97 -52.06
N ALA B 176 -48.48 13.79 -51.47
CA ALA B 176 -49.73 13.04 -51.51
C ALA B 176 -49.68 11.94 -50.45
N LYS B 177 -50.87 11.54 -49.99
CA LYS B 177 -51.01 10.46 -49.03
C LYS B 177 -51.41 9.20 -49.79
N LEU B 178 -50.41 8.54 -50.37
CA LEU B 178 -50.64 7.36 -51.19
C LEU B 178 -50.52 6.10 -50.35
N LYS B 179 -51.42 5.15 -50.60
CA LYS B 179 -51.41 3.90 -49.85
C LYS B 179 -50.10 3.14 -50.07
N ILE B 180 -49.59 3.15 -51.30
CA ILE B 180 -48.35 2.47 -51.62
C ILE B 180 -47.18 3.43 -51.68
N ASN B 181 -47.28 4.58 -51.02
CA ASN B 181 -46.15 5.50 -50.92
C ASN B 181 -45.05 4.96 -50.02
N ASN B 182 -45.34 3.92 -49.22
CA ASN B 182 -44.33 3.34 -48.34
C ASN B 182 -43.13 2.81 -49.11
N ASP B 183 -43.30 2.51 -50.40
CA ASP B 183 -42.16 2.09 -51.21
C ASP B 183 -41.09 3.16 -51.29
N ALA B 184 -41.48 4.44 -51.28
CA ALA B 184 -40.49 5.51 -51.22
C ALA B 184 -39.60 5.37 -50.00
N VAL B 185 -40.11 4.75 -48.94
CA VAL B 185 -39.27 4.38 -47.80
C VAL B 185 -38.23 3.36 -48.23
N TYR B 186 -38.70 2.22 -48.74
CA TYR B 186 -37.81 1.08 -48.97
C TYR B 186 -36.74 1.41 -49.99
N ALA B 187 -37.13 2.01 -51.12
CA ALA B 187 -36.14 2.38 -52.13
C ALA B 187 -35.10 3.33 -51.56
N ALA B 188 -35.46 4.13 -50.56
CA ALA B 188 -34.47 4.97 -49.90
C ALA B 188 -33.57 4.14 -49.00
N ILE B 189 -34.16 3.21 -48.23
CA ILE B 189 -33.36 2.37 -47.35
C ILE B 189 -32.56 1.37 -48.15
N GLN B 190 -33.18 0.74 -49.16
CA GLN B 190 -32.48 -0.23 -49.99
C GLN B 190 -31.25 0.39 -50.65
N ASP B 191 -31.43 1.54 -51.31
CA ASP B 191 -30.30 2.23 -51.91
C ASP B 191 -29.23 2.56 -50.88
N LYS B 192 -29.63 2.72 -49.62
CA LYS B 192 -28.66 2.81 -48.55
C LYS B 192 -28.05 1.45 -48.26
N LEU B 193 -28.89 0.45 -47.94
CA LEU B 193 -28.39 -0.89 -47.69
C LEU B 193 -27.58 -1.42 -48.86
N LEU B 194 -28.13 -1.30 -50.07
CA LEU B 194 -27.40 -1.70 -51.26
C LEU B 194 -26.02 -1.04 -51.29
N ASP B 195 -25.96 0.26 -50.98
CA ASP B 195 -24.67 0.93 -50.99
C ASP B 195 -23.74 0.33 -49.94
N GLN B 196 -24.27 0.01 -48.76
CA GLN B 196 -23.47 -0.74 -47.79
C GLN B 196 -22.97 -2.03 -48.41
N PHE B 197 -23.87 -2.76 -49.09
CA PHE B 197 -23.47 -3.95 -49.83
C PHE B 197 -22.40 -3.61 -50.86
N ILE B 198 -22.56 -2.49 -51.57
CA ILE B 198 -21.55 -2.11 -52.54
C ILE B 198 -20.28 -1.67 -51.84
N THR B 199 -20.40 -1.13 -50.62
CA THR B 199 -19.25 -0.60 -49.92
C THR B 199 -18.44 -1.70 -49.25
N ASN B 200 -19.08 -2.44 -48.34
CA ASN B 200 -18.35 -3.41 -47.53
C ASN B 200 -17.97 -4.64 -48.34
N GLU B 201 -18.93 -5.19 -49.10
CA GLU B 201 -18.68 -6.43 -49.81
C GLU B 201 -17.81 -6.27 -51.04
N ASN B 202 -17.73 -5.07 -51.60
CA ASN B 202 -17.06 -4.83 -52.88
C ASN B 202 -17.49 -5.88 -53.90
N PRO B 203 -18.78 -5.95 -54.24
CA PRO B 203 -19.31 -7.06 -55.03
C PRO B 203 -19.16 -6.89 -56.54
N ASN B 204 -17.98 -7.23 -57.03
CA ASN B 204 -17.75 -7.18 -58.48
C ASN B 204 -18.39 -8.38 -59.17
N LEU B 205 -18.99 -8.12 -60.32
CA LEU B 205 -19.48 -9.19 -61.19
C LEU B 205 -18.36 -9.63 -62.12
N VAL B 206 -18.27 -10.93 -62.36
CA VAL B 206 -17.28 -11.48 -63.27
C VAL B 206 -17.99 -12.32 -64.32
N SER B 207 -17.76 -12.02 -65.58
CA SER B 207 -18.16 -12.89 -66.68
C SER B 207 -17.02 -13.86 -66.95
N ARG B 208 -17.29 -15.15 -66.79
CA ARG B 208 -16.24 -16.15 -66.82
C ARG B 208 -16.68 -17.34 -67.66
N VAL B 209 -15.70 -17.98 -68.29
CA VAL B 209 -15.89 -19.22 -69.01
C VAL B 209 -14.86 -20.22 -68.51
N VAL B 210 -15.31 -21.42 -68.14
CA VAL B 210 -14.44 -22.45 -67.62
C VAL B 210 -14.44 -23.63 -68.58
N PHE B 211 -13.27 -23.96 -69.09
CA PHE B 211 -13.04 -25.18 -69.87
C PHE B 211 -12.56 -26.22 -68.87
N THR B 212 -13.45 -27.17 -68.56
CA THR B 212 -13.17 -28.16 -67.54
C THR B 212 -12.03 -29.08 -67.98
N ASN B 213 -11.44 -29.76 -66.99
CA ASN B 213 -10.36 -30.69 -67.28
C ASN B 213 -10.84 -31.79 -68.22
N GLU B 214 -10.08 -32.03 -69.27
CA GLU B 214 -10.48 -32.94 -70.33
C GLU B 214 -9.70 -34.24 -70.21
N THR B 215 -10.41 -35.36 -70.19
CA THR B 215 -9.77 -36.66 -70.28
C THR B 215 -9.23 -36.80 -71.70
N PRO B 216 -7.92 -36.95 -71.90
CA PRO B 216 -7.36 -36.88 -73.26
C PRO B 216 -7.60 -38.17 -74.01
N VAL B 217 -8.30 -38.06 -75.15
CA VAL B 217 -8.44 -39.20 -76.05
C VAL B 217 -7.08 -39.60 -76.62
N ASP B 218 -6.15 -38.65 -76.69
CA ASP B 218 -4.79 -38.96 -77.09
C ASP B 218 -4.15 -39.97 -76.14
N GLY B 219 -4.38 -39.80 -74.84
CA GLY B 219 -3.80 -40.68 -73.84
C GLY B 219 -2.85 -39.96 -72.92
N PHE B 220 -2.93 -40.25 -71.62
CA PHE B 220 -2.08 -39.57 -70.65
C PHE B 220 -0.61 -39.94 -70.81
N ASP B 221 -0.32 -41.12 -71.37
CA ASP B 221 1.08 -41.50 -71.60
C ASP B 221 1.78 -40.53 -72.52
N ASN B 222 1.05 -39.93 -73.46
CA ASN B 222 1.63 -38.90 -74.31
C ASN B 222 2.05 -37.70 -73.47
N TYR B 223 1.24 -37.33 -72.48
CA TYR B 223 1.50 -36.17 -71.65
C TYR B 223 2.35 -36.52 -70.43
N PHE B 224 1.86 -37.43 -69.60
CA PHE B 224 2.52 -37.79 -68.34
C PHE B 224 2.76 -39.29 -68.34
N ASN B 225 4.04 -39.69 -68.40
CA ASN B 225 4.38 -41.10 -68.52
C ASN B 225 3.95 -41.87 -67.27
N THR B 226 3.55 -43.13 -67.49
CA THR B 226 3.10 -43.97 -66.37
C THR B 226 4.26 -44.41 -65.50
N LYS B 227 5.46 -44.52 -66.06
CA LYS B 227 6.61 -44.97 -65.30
C LYS B 227 6.99 -44.00 -64.19
N VAL B 228 6.48 -42.77 -64.22
CA VAL B 228 6.72 -41.76 -63.20
C VAL B 228 5.44 -41.33 -62.51
N ILE B 229 4.40 -41.08 -63.30
CA ILE B 229 3.07 -40.73 -62.77
C ILE B 229 2.11 -41.83 -63.20
N GLN B 230 1.69 -42.65 -62.24
CA GLN B 230 0.84 -43.80 -62.52
C GLN B 230 -0.63 -43.41 -62.48
N SER B 231 -1.35 -43.75 -63.55
CA SER B 231 -2.78 -43.53 -63.68
C SER B 231 -3.19 -42.10 -63.33
N PRO B 232 -2.80 -41.10 -64.12
CA PRO B 232 -3.28 -39.74 -63.85
C PRO B 232 -4.78 -39.63 -64.04
N THR B 233 -5.38 -38.67 -63.33
CA THR B 233 -6.77 -38.32 -63.45
C THR B 233 -6.89 -36.85 -63.82
N PRO B 234 -7.80 -36.48 -64.74
CA PRO B 234 -7.95 -35.05 -65.11
C PRO B 234 -8.14 -34.15 -63.91
N SER B 235 -7.17 -33.29 -63.67
CA SER B 235 -7.16 -32.40 -62.51
C SER B 235 -6.15 -31.30 -62.78
N TYR B 236 -5.99 -30.40 -61.80
CA TYR B 236 -5.10 -29.27 -61.99
C TYR B 236 -3.65 -29.73 -62.19
N GLN B 237 -3.22 -30.73 -61.43
CA GLN B 237 -1.82 -31.16 -61.49
C GLN B 237 -1.51 -31.81 -62.83
N PHE B 238 -2.48 -32.51 -63.41
CA PHE B 238 -2.35 -33.10 -64.75
C PHE B 238 -3.47 -32.52 -65.59
N GLN B 239 -3.22 -31.35 -66.17
CA GLN B 239 -4.23 -30.60 -66.90
C GLN B 239 -3.99 -30.77 -68.40
N VAL B 240 -4.96 -31.34 -69.09
CA VAL B 240 -4.84 -31.61 -70.51
C VAL B 240 -6.18 -31.34 -71.19
N PHE B 241 -6.13 -30.72 -72.37
CA PHE B 241 -7.29 -30.55 -73.22
C PHE B 241 -6.96 -31.09 -74.60
N ASN B 242 -7.94 -31.76 -75.20
CA ASN B 242 -7.78 -32.24 -76.57
C ASN B 242 -7.50 -31.07 -77.50
N LYS B 243 -6.49 -31.23 -78.36
CA LYS B 243 -6.06 -30.14 -79.22
C LYS B 243 -7.19 -29.64 -80.10
N TYR B 244 -7.01 -28.44 -80.64
CA TYR B 244 -8.02 -27.83 -81.49
C TYR B 244 -7.99 -28.46 -82.88
N ASN B 245 -9.11 -29.01 -83.31
CA ASN B 245 -9.30 -29.50 -84.66
C ASN B 245 -10.46 -28.76 -85.31
N GLN B 246 -10.25 -28.33 -86.55
CA GLN B 246 -11.28 -27.57 -87.26
C GLN B 246 -12.39 -28.47 -87.82
N GLN B 247 -12.15 -29.78 -87.89
CA GLN B 247 -13.13 -30.67 -88.48
C GLN B 247 -14.34 -30.87 -87.55
N SER B 248 -14.09 -31.08 -86.27
CA SER B 248 -15.17 -31.29 -85.31
C SER B 248 -15.89 -30.00 -85.02
N GLY B 249 -17.23 -30.04 -85.06
CA GLY B 249 -18.02 -28.86 -84.81
C GLY B 249 -18.36 -28.64 -83.35
N GLY B 250 -17.34 -28.47 -82.52
CA GLY B 250 -17.51 -28.24 -81.10
C GLY B 250 -17.35 -26.78 -80.74
N THR B 251 -17.94 -26.39 -79.62
CA THR B 251 -17.86 -25.01 -79.12
C THR B 251 -17.29 -24.95 -77.70
N LYS B 252 -16.61 -25.99 -77.26
CA LYS B 252 -16.03 -26.04 -75.93
C LYS B 252 -14.59 -26.54 -76.04
N GLY B 253 -13.91 -26.55 -74.89
CA GLY B 253 -12.51 -26.98 -74.89
C GLY B 253 -11.65 -26.04 -75.72
N ALA B 254 -10.71 -26.63 -76.45
CA ALA B 254 -9.89 -25.84 -77.36
C ALA B 254 -10.69 -25.26 -78.51
N ASN B 255 -11.75 -25.95 -78.94
CA ASN B 255 -12.63 -25.39 -79.96
C ASN B 255 -13.35 -24.15 -79.45
N GLY B 256 -13.89 -24.22 -78.23
CA GLY B 256 -14.47 -23.03 -77.62
C GLY B 256 -13.45 -21.92 -77.41
N PHE B 257 -12.22 -22.29 -77.05
CA PHE B 257 -11.19 -21.27 -76.85
C PHE B 257 -10.80 -20.62 -78.18
N ASN B 258 -10.88 -21.36 -79.29
CA ASN B 258 -10.64 -20.75 -80.59
C ASN B 258 -11.79 -19.85 -80.99
N LEU B 259 -13.03 -20.29 -80.76
CA LEU B 259 -14.20 -19.45 -81.02
C LEU B 259 -14.22 -18.21 -80.15
N LEU B 260 -13.54 -18.25 -79.00
CA LEU B 260 -13.53 -17.17 -78.01
C LEU B 260 -12.39 -16.20 -78.19
N ALA B 261 -11.14 -16.68 -78.14
CA ALA B 261 -9.98 -15.81 -78.12
C ALA B 261 -9.76 -15.08 -79.44
N SER B 262 -10.30 -15.58 -80.54
CA SER B 262 -10.11 -14.92 -81.83
C SER B 262 -10.74 -13.54 -81.84
N ASN B 263 -11.94 -13.42 -81.29
CA ASN B 263 -12.69 -12.17 -81.23
C ASN B 263 -12.92 -11.75 -79.78
N LEU B 264 -11.89 -11.89 -78.94
CA LEU B 264 -12.04 -11.59 -77.52
C LEU B 264 -12.38 -10.12 -77.31
N LYS B 265 -11.88 -9.24 -78.17
CA LYS B 265 -12.10 -7.81 -78.01
C LYS B 265 -13.55 -7.40 -78.20
N SER B 266 -14.41 -8.29 -78.70
CA SER B 266 -15.76 -7.92 -79.08
C SER B 266 -16.81 -8.20 -78.00
N TYR B 267 -16.43 -8.77 -76.85
CA TYR B 267 -17.41 -9.01 -75.81
C TYR B 267 -17.48 -7.92 -74.75
N LYS B 268 -16.66 -6.88 -74.84
CA LYS B 268 -16.77 -5.74 -73.94
C LYS B 268 -17.64 -4.69 -74.63
N ASN B 269 -18.83 -4.47 -74.08
CA ASN B 269 -19.74 -3.43 -74.58
C ASN B 269 -19.20 -2.09 -74.13
N ASP B 270 -18.36 -1.49 -74.98
CA ASP B 270 -17.65 -0.27 -74.61
C ASP B 270 -18.59 0.87 -74.25
N GLN B 271 -19.83 0.85 -74.76
CA GLN B 271 -20.81 1.85 -74.34
C GLN B 271 -21.16 1.67 -72.87
N SER B 272 -21.40 0.43 -72.46
CA SER B 272 -21.69 0.11 -71.06
C SER B 272 -20.44 -0.26 -70.28
N LYS B 273 -19.29 -0.41 -70.94
CA LYS B 273 -18.03 -0.80 -70.31
C LYS B 273 -18.12 -2.19 -69.70
N GLY B 274 -19.25 -2.88 -69.88
CA GLY B 274 -19.41 -4.21 -69.38
C GLY B 274 -18.87 -5.26 -70.32
N ILE B 275 -18.57 -6.43 -69.76
CA ILE B 275 -18.00 -7.56 -70.50
C ILE B 275 -18.94 -8.75 -70.35
N ASP B 276 -19.41 -9.27 -71.47
CA ASP B 276 -20.36 -10.37 -71.49
C ASP B 276 -19.86 -11.46 -72.41
N ILE B 277 -19.54 -12.62 -71.84
CA ILE B 277 -18.97 -13.74 -72.59
C ILE B 277 -20.03 -14.82 -72.73
N PRO B 278 -20.20 -15.41 -73.92
CA PRO B 278 -21.33 -16.34 -74.14
C PRO B 278 -21.28 -17.56 -73.24
N ASN B 279 -22.46 -18.07 -72.93
CA ASN B 279 -22.58 -19.23 -72.04
C ASN B 279 -22.12 -20.51 -72.73
N LYS B 280 -22.38 -20.63 -74.03
CA LYS B 280 -22.07 -21.86 -74.75
C LYS B 280 -20.57 -22.14 -74.80
N PHE B 281 -19.73 -21.10 -74.68
CA PHE B 281 -18.29 -21.28 -74.75
C PHE B 281 -17.72 -21.92 -73.50
N SER B 282 -18.51 -22.09 -72.46
CA SER B 282 -18.07 -22.66 -71.19
C SER B 282 -18.72 -24.02 -70.98
N SER B 283 -17.97 -24.92 -70.34
CA SER B 283 -18.45 -26.28 -70.13
C SER B 283 -19.70 -26.31 -69.26
N ASP B 284 -19.70 -25.55 -68.17
CA ASP B 284 -20.85 -25.49 -67.29
C ASP B 284 -21.88 -24.52 -67.87
N SER B 285 -22.86 -24.13 -67.05
CA SER B 285 -23.86 -23.16 -67.52
C SER B 285 -23.22 -21.84 -67.92
N GLY B 286 -22.09 -21.50 -67.30
CA GLY B 286 -21.37 -20.29 -67.66
C GLY B 286 -22.13 -19.03 -67.25
N GLY B 287 -21.53 -17.89 -67.58
CA GLY B 287 -22.13 -16.60 -67.35
C GLY B 287 -21.33 -15.79 -66.32
N LYS B 288 -22.06 -15.18 -65.40
CA LYS B 288 -21.50 -14.20 -64.48
C LYS B 288 -21.74 -14.62 -63.04
N LEU B 289 -20.78 -14.29 -62.18
CA LEU B 289 -20.85 -14.59 -60.76
C LEU B 289 -20.48 -13.35 -59.97
N LEU B 290 -21.06 -13.24 -58.77
CA LEU B 290 -20.81 -12.11 -57.88
C LEU B 290 -19.73 -12.48 -56.89
N LEU B 291 -18.55 -11.89 -57.02
CA LEU B 291 -17.42 -12.18 -56.14
C LEU B 291 -17.29 -11.07 -55.11
N LYS B 292 -18.18 -11.11 -54.12
CA LYS B 292 -18.13 -10.18 -52.99
C LYS B 292 -17.00 -10.57 -52.05
N ALA B 293 -16.67 -9.69 -51.11
CA ALA B 293 -15.50 -9.89 -50.26
C ALA B 293 -15.69 -11.02 -49.24
N SER B 294 -16.92 -11.39 -48.92
CA SER B 294 -17.13 -12.26 -47.76
C SER B 294 -16.89 -13.73 -48.11
N ASP B 295 -17.68 -14.29 -49.02
CA ASP B 295 -17.69 -15.73 -49.26
C ASP B 295 -17.14 -16.11 -50.62
N MET B 296 -16.34 -15.24 -51.24
CA MET B 296 -15.76 -15.59 -52.55
C MET B 296 -14.62 -16.57 -52.41
N PHE B 297 -13.93 -16.59 -51.27
CA PHE B 297 -12.96 -17.64 -50.97
C PHE B 297 -13.61 -18.81 -50.24
N ASP B 298 -14.92 -18.78 -50.03
CA ASP B 298 -15.66 -19.85 -49.35
C ASP B 298 -16.48 -20.66 -50.34
N THR B 299 -17.33 -19.99 -51.13
CA THR B 299 -18.22 -20.69 -52.04
C THR B 299 -17.55 -21.09 -53.35
N PHE B 300 -16.39 -20.53 -53.66
CA PHE B 300 -15.70 -20.80 -54.91
C PHE B 300 -14.25 -21.18 -54.63
N ASP B 301 -13.57 -21.61 -55.69
CA ASP B 301 -12.19 -22.07 -55.56
C ASP B 301 -11.26 -20.88 -55.26
N PRO B 302 -10.29 -21.05 -54.37
CA PRO B 302 -9.32 -19.97 -54.14
C PRO B 302 -8.62 -19.48 -55.39
N SER B 303 -8.26 -20.39 -56.30
CA SER B 303 -7.63 -19.98 -57.55
C SER B 303 -8.56 -19.14 -58.41
N PHE B 304 -9.87 -19.28 -58.22
CA PHE B 304 -10.85 -18.49 -58.95
C PHE B 304 -10.98 -17.10 -58.35
N SER B 305 -11.22 -17.00 -57.04
CA SER B 305 -11.35 -15.75 -56.33
C SER B 305 -10.12 -14.93 -56.34
N ALA B 306 -8.99 -15.52 -56.18
CA ALA B 306 -7.72 -14.79 -56.26
C ALA B 306 -7.42 -14.32 -57.67
N ALA B 307 -7.79 -15.09 -58.69
CA ALA B 307 -7.62 -14.64 -60.07
C ALA B 307 -8.52 -13.44 -60.36
N PHE B 308 -9.76 -13.48 -59.87
CA PHE B 308 -10.63 -12.33 -60.00
C PHE B 308 -10.03 -11.10 -59.34
N ILE B 309 -9.46 -11.27 -58.15
CA ILE B 309 -8.78 -10.17 -57.48
C ILE B 309 -7.64 -9.65 -58.36
N GLN B 310 -6.88 -10.56 -58.98
CA GLN B 310 -5.77 -10.13 -59.83
C GLN B 310 -6.26 -9.28 -60.98
N GLY B 311 -7.37 -9.66 -61.61
CA GLY B 311 -7.96 -8.78 -62.61
C GLY B 311 -8.42 -7.46 -62.03
N TYR B 312 -9.00 -7.50 -60.84
CA TYR B 312 -9.48 -6.30 -60.15
C TYR B 312 -8.36 -5.27 -60.00
N LEU B 313 -7.21 -5.67 -59.58
CA LEU B 313 -6.11 -4.77 -59.47
C LEU B 313 -5.42 -4.58 -60.78
N ALA B 314 -5.64 -5.45 -61.79
CA ALA B 314 -5.12 -5.24 -63.14
C ALA B 314 -5.74 -4.02 -63.78
N LEU B 315 -7.04 -3.80 -63.54
CA LEU B 315 -7.66 -2.56 -63.99
C LEU B 315 -7.01 -1.36 -63.34
N GLN B 316 -6.74 -1.45 -62.04
CA GLN B 316 -6.23 -0.34 -61.25
C GLN B 316 -4.71 -0.22 -61.30
N LYS B 317 -4.06 -0.92 -62.24
CA LYS B 317 -2.60 -0.89 -62.39
C LYS B 317 -1.88 -1.30 -61.12
N LYS B 318 -2.54 -2.12 -60.29
CA LYS B 318 -1.97 -2.57 -59.04
C LYS B 318 -1.65 -4.07 -59.03
N SER B 319 -1.92 -4.75 -60.14
CA SER B 319 -1.69 -6.19 -60.19
C SER B 319 -0.22 -6.47 -60.45
N LYS B 320 0.35 -7.46 -59.75
CA LYS B 320 1.76 -7.78 -59.84
C LYS B 320 1.93 -9.29 -60.00
N GLY B 321 3.08 -9.66 -60.58
CA GLY B 321 3.50 -11.05 -60.64
C GLY B 321 3.01 -11.84 -61.83
N ALA B 322 2.14 -11.27 -62.67
CA ALA B 322 1.55 -11.98 -63.78
C ALA B 322 2.08 -11.46 -65.11
N ASP B 323 2.21 -12.36 -66.08
CA ASP B 323 2.66 -11.99 -67.41
C ASP B 323 1.51 -11.36 -68.21
N SER B 324 1.88 -10.61 -69.23
CA SER B 324 0.93 -9.87 -70.05
C SER B 324 1.10 -10.24 -71.51
N LYS B 325 -0.01 -10.55 -72.18
CA LYS B 325 -0.01 -10.80 -73.62
C LYS B 325 -1.34 -10.34 -74.17
N GLU B 326 -1.32 -9.83 -75.40
CA GLU B 326 -2.51 -9.24 -75.98
C GLU B 326 -3.52 -10.33 -76.38
N VAL B 327 -4.70 -9.88 -76.81
CA VAL B 327 -5.74 -10.81 -77.22
C VAL B 327 -5.29 -11.60 -78.45
N ASP B 328 -4.68 -10.91 -79.43
CA ASP B 328 -4.21 -11.58 -80.63
C ASP B 328 -3.08 -12.57 -80.35
N SER B 329 -2.38 -12.43 -79.23
CA SER B 329 -1.28 -13.31 -78.90
C SER B 329 -1.72 -14.61 -78.23
N LEU B 330 -3.01 -14.78 -77.99
CA LEU B 330 -3.50 -15.99 -77.34
C LEU B 330 -3.25 -17.20 -78.25
N ILE B 331 -2.94 -18.34 -77.62
CA ILE B 331 -2.65 -19.58 -78.34
C ILE B 331 -3.97 -20.34 -78.44
N LYS B 332 -4.67 -20.14 -79.56
CA LYS B 332 -5.94 -20.80 -79.80
C LYS B 332 -5.83 -22.00 -80.74
N ASP B 333 -4.83 -22.02 -81.60
CA ASP B 333 -4.64 -23.16 -82.50
C ASP B 333 -4.27 -24.41 -81.72
N LYS B 334 -3.32 -24.29 -80.80
CA LYS B 334 -2.90 -25.41 -79.97
C LYS B 334 -3.89 -25.58 -78.82
N SER B 335 -3.54 -26.40 -77.83
CA SER B 335 -4.38 -26.51 -76.65
C SER B 335 -4.27 -25.23 -75.81
N ILE B 336 -5.20 -25.09 -74.86
CA ILE B 336 -5.28 -23.86 -74.06
C ILE B 336 -4.02 -23.69 -73.22
N ILE B 337 -3.53 -24.78 -72.62
CA ILE B 337 -2.43 -24.71 -71.66
C ILE B 337 -1.18 -24.09 -72.28
N GLU B 338 -1.05 -24.10 -73.60
CA GLU B 338 0.11 -23.51 -74.24
C GLU B 338 0.22 -22.02 -73.96
N ASN B 339 -0.87 -21.37 -73.55
CA ASN B 339 -0.79 -19.96 -73.18
C ASN B 339 0.10 -19.76 -71.96
N PHE B 340 0.18 -20.75 -71.07
CA PHE B 340 0.85 -20.61 -69.79
C PHE B 340 2.32 -20.97 -69.83
N PHE B 341 2.80 -21.66 -70.87
CA PHE B 341 4.23 -21.94 -71.01
C PHE B 341 4.90 -20.65 -71.45
N VAL B 342 5.21 -19.80 -70.48
CA VAL B 342 5.77 -18.49 -70.76
C VAL B 342 7.29 -18.59 -70.93
N ASP B 343 7.86 -17.57 -71.56
CA ASP B 343 9.29 -17.55 -71.83
C ASP B 343 10.08 -17.51 -70.52
N ASN B 344 11.21 -18.22 -70.50
CA ASN B 344 12.04 -18.32 -69.32
C ASN B 344 13.25 -17.40 -69.35
N ASN B 345 13.74 -17.04 -70.53
CA ASN B 345 14.89 -16.16 -70.63
C ASN B 345 14.55 -14.76 -70.16
N THR B 346 15.49 -14.14 -69.45
CA THR B 346 15.29 -12.79 -68.94
C THR B 346 15.39 -11.75 -70.05
N THR B 378 8.37 -8.49 -61.60
CA THR B 378 8.51 -9.55 -62.59
C THR B 378 7.32 -10.50 -62.53
N VAL B 379 7.43 -11.63 -63.23
CA VAL B 379 6.37 -12.62 -63.31
C VAL B 379 6.85 -13.89 -62.60
N HIS B 380 5.97 -14.45 -61.76
CA HIS B 380 6.31 -15.64 -60.98
C HIS B 380 5.98 -16.87 -61.81
N LYS B 381 7.01 -17.48 -62.41
CA LYS B 381 6.86 -18.61 -63.30
C LYS B 381 7.40 -19.87 -62.64
N THR B 382 6.63 -20.95 -62.76
CA THR B 382 6.99 -22.25 -62.18
C THR B 382 7.87 -23.00 -63.17
N ASP B 383 9.19 -22.83 -63.03
CA ASP B 383 10.15 -23.48 -63.90
C ASP B 383 10.25 -24.95 -63.51
N LEU B 384 9.33 -25.75 -64.05
CA LEU B 384 9.29 -27.17 -63.71
C LEU B 384 10.48 -27.93 -64.25
N VAL B 385 11.23 -27.36 -65.20
CA VAL B 385 12.47 -27.99 -65.66
C VAL B 385 13.48 -28.03 -64.52
N LYS B 386 13.65 -26.91 -63.82
CA LYS B 386 14.53 -26.85 -62.66
C LYS B 386 13.90 -27.49 -61.43
N ILE B 387 12.58 -27.41 -61.29
CA ILE B 387 11.90 -27.98 -60.14
C ILE B 387 12.13 -29.49 -60.08
N PHE B 388 11.98 -30.16 -61.21
CA PHE B 388 12.10 -31.61 -61.27
C PHE B 388 13.52 -32.08 -61.56
N GLY B 389 14.46 -31.15 -61.77
CA GLY B 389 15.86 -31.53 -61.89
C GLY B 389 16.11 -32.46 -63.06
N ASP B 390 16.77 -33.58 -62.78
CA ASP B 390 17.15 -34.55 -63.79
C ASP B 390 16.17 -35.73 -63.85
N LYS B 391 14.89 -35.48 -63.61
CA LYS B 391 13.86 -36.51 -63.66
C LYS B 391 12.88 -36.17 -64.77
N ASP B 392 12.59 -37.15 -65.62
CA ASP B 392 11.62 -36.97 -66.70
C ASP B 392 10.23 -37.18 -66.16
N VAL B 393 9.43 -36.12 -66.15
CA VAL B 393 8.06 -36.16 -65.66
C VAL B 393 7.04 -35.97 -66.78
N PHE B 394 7.37 -35.13 -67.77
CA PHE B 394 6.49 -34.90 -68.90
C PHE B 394 6.88 -35.80 -70.06
N ALA B 395 6.09 -35.75 -71.13
CA ALA B 395 6.38 -36.52 -72.33
C ALA B 395 5.77 -35.81 -73.52
N GLY B 396 6.32 -36.09 -74.70
CA GLY B 396 5.76 -35.56 -75.93
C GLY B 396 5.75 -34.05 -75.97
N GLU B 397 4.57 -33.48 -76.24
CA GLU B 397 4.46 -32.03 -76.36
C GLU B 397 4.76 -31.33 -75.05
N TYR B 398 4.31 -31.91 -73.92
CA TYR B 398 4.62 -31.31 -72.63
C TYR B 398 6.11 -31.29 -72.37
N LYS B 399 6.80 -32.40 -72.67
CA LYS B 399 8.25 -32.45 -72.46
C LYS B 399 8.97 -31.46 -73.36
N GLN B 400 8.55 -31.37 -74.63
CA GLN B 400 9.20 -30.44 -75.54
C GLN B 400 8.97 -28.99 -75.13
N GLN B 401 7.74 -28.65 -74.70
CA GLN B 401 7.44 -27.30 -74.27
C GLN B 401 8.05 -27.01 -72.91
N ILE B 402 7.63 -27.74 -71.89
CA ILE B 402 8.16 -27.56 -70.55
C ILE B 402 9.52 -28.22 -70.42
N SER B 439 14.59 -23.58 -71.96
CA SER B 439 13.33 -24.28 -72.19
C SER B 439 12.16 -23.31 -72.17
N LYS B 440 11.20 -23.56 -71.29
CA LYS B 440 10.01 -22.71 -71.19
C LYS B 440 9.38 -22.93 -69.83
N ALA B 441 9.29 -21.86 -69.04
CA ALA B 441 8.69 -21.93 -67.72
C ALA B 441 7.18 -22.13 -67.83
N VAL B 442 6.52 -22.24 -66.68
CA VAL B 442 5.08 -22.48 -66.63
C VAL B 442 4.49 -21.56 -65.58
N VAL B 443 3.30 -21.01 -65.86
CA VAL B 443 2.57 -20.16 -64.95
C VAL B 443 1.17 -20.72 -64.77
N ASP B 444 0.39 -20.06 -63.92
CA ASP B 444 -1.01 -20.37 -63.70
C ASP B 444 -1.93 -19.29 -64.23
N LEU B 445 -1.60 -18.02 -64.00
CA LEU B 445 -2.43 -16.90 -64.40
C LEU B 445 -1.64 -16.00 -65.33
N ILE B 446 -2.28 -15.55 -66.40
CA ILE B 446 -1.73 -14.52 -67.26
C ILE B 446 -2.82 -13.49 -67.58
N GLU B 447 -2.37 -12.31 -67.97
CA GLU B 447 -3.25 -11.18 -68.26
C GLU B 447 -3.37 -11.00 -69.76
N VAL B 448 -4.57 -11.16 -70.29
CA VAL B 448 -4.86 -10.94 -71.70
C VAL B 448 -5.69 -9.68 -71.83
N LYS B 449 -5.23 -8.77 -72.68
CA LYS B 449 -5.78 -7.44 -72.82
C LYS B 449 -5.98 -7.13 -74.30
N LYS B 450 -6.85 -6.16 -74.58
CA LYS B 450 -7.13 -5.79 -75.96
C LYS B 450 -5.91 -5.20 -76.65
N ASP B 451 -5.18 -4.32 -75.97
CA ASP B 451 -4.10 -3.57 -76.60
C ASP B 451 -2.91 -3.54 -75.66
N SER B 452 -1.72 -3.33 -76.24
CA SER B 452 -0.51 -3.22 -75.45
C SER B 452 -0.57 -2.03 -74.51
N SER B 453 -1.11 -0.90 -74.98
CA SER B 453 -1.21 0.28 -74.14
C SER B 453 -2.31 0.14 -73.10
N SER B 454 -3.34 -0.64 -73.39
CA SER B 454 -4.46 -0.79 -72.48
C SER B 454 -4.05 -1.61 -71.25
N GLN B 455 -4.97 -1.69 -70.29
CA GLN B 455 -4.77 -2.47 -69.08
C GLN B 455 -5.50 -3.79 -69.17
N PRO B 456 -5.00 -4.83 -68.50
CA PRO B 456 -5.60 -6.16 -68.60
C PRO B 456 -7.06 -6.21 -68.17
N ASP B 457 -7.95 -6.47 -69.12
CA ASP B 457 -9.37 -6.63 -68.82
C ASP B 457 -9.79 -8.09 -68.73
N TYR B 458 -9.03 -9.00 -69.35
CA TYR B 458 -9.31 -10.43 -69.24
C TYR B 458 -8.15 -11.12 -68.53
N ILE B 459 -8.47 -12.07 -67.67
CA ILE B 459 -7.49 -12.79 -66.89
C ILE B 459 -7.73 -14.27 -67.13
N LEU B 460 -6.68 -14.99 -67.53
CA LEU B 460 -6.80 -16.42 -67.82
C LEU B 460 -6.01 -17.19 -66.77
N SER B 461 -6.70 -18.07 -66.04
CA SER B 461 -6.06 -18.80 -64.95
C SER B 461 -6.66 -20.19 -64.86
N ARG B 462 -5.84 -21.17 -64.52
CA ARG B 462 -6.28 -22.56 -64.41
C ARG B 462 -6.35 -22.96 -62.94
N GLY B 463 -7.50 -23.51 -62.54
CA GLY B 463 -7.70 -23.92 -61.17
C GLY B 463 -8.03 -25.39 -61.02
N LYS B 464 -8.98 -25.69 -60.13
CA LYS B 464 -9.32 -27.09 -59.86
C LYS B 464 -10.11 -27.71 -61.01
N ASP B 465 -11.08 -26.98 -61.55
CA ASP B 465 -11.99 -27.52 -62.55
C ASP B 465 -11.67 -27.01 -63.96
N GLY B 466 -10.39 -26.84 -64.27
CA GLY B 466 -10.02 -26.45 -65.62
C GLY B 466 -9.51 -25.03 -65.71
N ILE B 467 -9.55 -24.45 -66.91
CA ILE B 467 -9.05 -23.10 -67.15
C ILE B 467 -10.23 -22.15 -67.29
N HIS B 468 -10.22 -21.09 -66.49
CA HIS B 468 -11.24 -20.05 -66.55
C HIS B 468 -10.64 -18.79 -67.17
N LEU B 469 -11.33 -18.24 -68.15
CA LEU B 469 -11.12 -16.87 -68.59
C LEU B 469 -12.17 -16.02 -67.91
N MET B 470 -11.72 -15.06 -67.11
CA MET B 470 -12.59 -14.20 -66.32
C MET B 470 -12.40 -12.75 -66.74
N ALA B 471 -13.46 -11.97 -66.63
CA ALA B 471 -13.36 -10.53 -66.82
C ALA B 471 -14.39 -9.86 -65.93
N VAL B 472 -13.94 -8.92 -65.12
CA VAL B 472 -14.86 -8.10 -64.34
C VAL B 472 -15.47 -7.08 -65.29
N ASP B 473 -16.79 -6.96 -65.27
CA ASP B 473 -17.47 -6.05 -66.16
C ASP B 473 -17.68 -4.71 -65.47
N GLY B 474 -17.41 -3.63 -66.20
CA GLY B 474 -17.42 -2.33 -65.58
C GLY B 474 -16.20 -2.01 -64.76
N GLY B 475 -15.19 -2.88 -64.80
CA GLY B 475 -13.96 -2.60 -64.07
C GLY B 475 -13.29 -1.34 -64.58
N SER B 476 -13.26 -1.14 -65.89
CA SER B 476 -12.76 0.12 -66.43
C SER B 476 -13.64 1.29 -66.04
N HIS B 477 -14.89 1.03 -65.68
CA HIS B 477 -15.80 2.11 -65.28
C HIS B 477 -15.57 2.52 -63.83
N TYR B 478 -15.76 1.58 -62.90
CA TYR B 478 -15.77 1.90 -61.48
C TYR B 478 -14.52 1.45 -60.74
N LEU B 479 -13.47 1.03 -61.45
CA LEU B 479 -12.18 0.72 -60.82
C LEU B 479 -11.08 1.38 -61.64
N THR B 480 -10.40 2.35 -61.03
CA THR B 480 -9.30 3.06 -61.67
C THR B 480 -8.11 3.10 -60.71
N GLU B 481 -7.03 3.72 -61.15
CA GLU B 481 -5.81 3.76 -60.34
C GLU B 481 -6.04 4.47 -59.02
N SER B 482 -7.00 5.40 -58.95
CA SER B 482 -7.31 6.07 -57.70
C SER B 482 -8.00 5.15 -56.70
N GLY B 483 -8.55 4.02 -57.15
CA GLY B 483 -9.21 3.06 -56.31
C GLY B 483 -10.57 2.71 -56.85
N ARG B 484 -11.44 2.18 -56.00
CA ARG B 484 -12.77 1.83 -56.40
C ARG B 484 -13.67 2.99 -56.30
N ASP B 485 -14.49 3.25 -57.30
CA ASP B 485 -15.50 4.30 -57.30
C ASP B 485 -16.83 3.64 -56.95
N VAL B 486 -17.25 3.80 -55.71
CA VAL B 486 -18.41 3.06 -55.21
C VAL B 486 -19.70 3.56 -55.83
N ALA B 487 -19.78 4.85 -56.15
CA ALA B 487 -20.97 5.36 -56.83
C ALA B 487 -21.12 4.74 -58.21
N LYS B 488 -20.03 4.72 -58.99
CA LYS B 488 -20.06 4.09 -60.30
C LYS B 488 -20.30 2.60 -60.20
N GLN B 489 -19.74 1.95 -59.17
CA GLN B 489 -19.95 0.52 -59.01
C GLN B 489 -21.41 0.22 -58.69
N LYS B 490 -22.03 1.02 -57.81
CA LYS B 490 -23.44 0.84 -57.54
C LYS B 490 -24.27 1.09 -58.79
N LYS B 491 -23.90 2.10 -59.57
CA LYS B 491 -24.62 2.36 -60.81
C LYS B 491 -24.52 1.19 -61.77
N PHE B 492 -23.33 0.60 -61.91
CA PHE B 492 -23.14 -0.49 -62.87
C PHE B 492 -23.88 -1.74 -62.42
N LEU B 493 -23.78 -2.08 -61.13
CA LEU B 493 -24.53 -3.24 -60.65
C LEU B 493 -26.03 -3.01 -60.70
N LEU B 494 -26.48 -1.76 -60.54
CA LEU B 494 -27.89 -1.46 -60.74
C LEU B 494 -28.27 -1.63 -62.21
N PHE B 495 -27.37 -1.29 -63.12
CA PHE B 495 -27.60 -1.53 -64.54
C PHE B 495 -27.77 -3.01 -64.82
N ARG B 496 -26.90 -3.84 -64.25
CA ARG B 496 -27.02 -5.28 -64.43
C ARG B 496 -28.31 -5.83 -63.83
N ALA B 497 -28.69 -5.34 -62.65
CA ALA B 497 -29.96 -5.73 -62.05
C ALA B 497 -31.15 -5.29 -62.87
N LEU B 498 -31.04 -4.13 -63.54
CA LEU B 498 -32.09 -3.68 -64.45
C LEU B 498 -32.16 -4.57 -65.68
N GLN B 499 -30.99 -4.95 -66.22
CA GLN B 499 -30.92 -5.92 -67.30
C GLN B 499 -31.68 -7.18 -66.94
N THR B 500 -31.41 -7.72 -65.75
CA THR B 500 -32.10 -8.93 -65.31
C THR B 500 -33.58 -8.69 -65.01
N LYS B 501 -33.95 -7.47 -64.62
CA LYS B 501 -35.32 -7.22 -64.18
C LYS B 501 -36.32 -7.40 -65.33
N TYR B 502 -36.01 -6.87 -66.51
CA TYR B 502 -36.95 -6.88 -67.63
C TYR B 502 -36.56 -7.85 -68.72
N GLY B 503 -35.64 -8.78 -68.45
CA GLY B 503 -35.26 -9.77 -69.44
C GLY B 503 -34.64 -9.18 -70.69
N LEU B 504 -33.80 -8.15 -70.46
CA LEU B 504 -33.12 -7.41 -71.53
C LEU B 504 -31.69 -7.83 -71.73
N VAL B 505 -31.36 -9.02 -71.29
CA VAL B 505 -30.04 -9.57 -71.51
C VAL B 505 -29.95 -10.20 -72.91
N ASP B 506 -28.72 -10.46 -73.35
CA ASP B 506 -28.51 -11.12 -74.63
C ASP B 506 -29.05 -12.54 -74.60
N THR B 507 -29.40 -13.05 -75.77
CA THR B 507 -29.93 -14.40 -75.87
C THR B 507 -28.87 -15.46 -75.59
N ASP B 508 -27.60 -15.17 -75.91
CA ASP B 508 -26.53 -16.14 -75.74
C ASP B 508 -26.00 -16.18 -74.31
N THR B 509 -26.49 -15.32 -73.42
CA THR B 509 -26.08 -15.32 -72.03
C THR B 509 -27.31 -15.31 -71.13
N THR B 510 -27.15 -15.88 -69.94
CA THR B 510 -28.22 -15.92 -68.95
C THR B 510 -27.72 -15.30 -67.66
N TYR B 511 -28.49 -14.38 -67.09
CA TYR B 511 -28.09 -13.67 -65.88
C TYR B 511 -28.55 -14.48 -64.67
N ASP B 512 -27.62 -15.19 -64.06
CA ASP B 512 -27.85 -15.76 -62.73
C ASP B 512 -27.39 -14.79 -61.66
N PHE B 513 -27.88 -13.55 -61.77
CA PHE B 513 -27.42 -12.43 -60.95
C PHE B 513 -28.63 -11.67 -60.40
N LYS B 514 -28.94 -11.90 -59.13
CA LYS B 514 -29.99 -11.17 -58.43
C LYS B 514 -29.30 -10.29 -57.38
N LEU B 515 -29.24 -8.99 -57.63
CA LEU B 515 -28.59 -8.09 -56.69
C LEU B 515 -29.39 -7.94 -55.40
N PHE B 516 -30.72 -7.94 -55.49
CA PHE B 516 -31.54 -7.77 -54.30
C PHE B 516 -31.42 -8.95 -53.36
N ASP B 517 -31.40 -10.18 -53.90
CA ASP B 517 -31.18 -11.34 -53.04
C ASP B 517 -29.81 -11.29 -52.38
N GLU B 518 -28.78 -10.83 -53.10
CA GLU B 518 -27.45 -10.74 -52.52
C GLU B 518 -27.38 -9.70 -51.41
N VAL B 519 -27.97 -8.52 -51.63
CA VAL B 519 -27.94 -7.50 -50.59
C VAL B 519 -28.77 -7.94 -49.39
N LYS B 520 -29.87 -8.66 -49.63
CA LYS B 520 -30.67 -9.16 -48.51
C LYS B 520 -29.92 -10.23 -47.74
N LYS B 521 -29.16 -11.09 -48.42
CA LYS B 521 -28.47 -12.17 -47.73
C LYS B 521 -27.25 -11.65 -46.98
N TYR B 522 -26.57 -10.63 -47.51
CA TYR B 522 -25.43 -10.07 -46.80
C TYR B 522 -25.89 -9.17 -45.66
N PHE B 523 -26.98 -8.42 -45.88
CA PHE B 523 -27.47 -7.51 -44.86
C PHE B 523 -28.15 -8.26 -43.72
N ASP B 524 -28.72 -9.43 -43.99
CA ASP B 524 -29.39 -10.21 -42.95
C ASP B 524 -28.42 -10.67 -41.86
N THR B 525 -27.11 -10.67 -42.14
CA THR B 525 -26.15 -11.00 -41.09
C THR B 525 -26.19 -9.93 -39.99
N ASN B 526 -26.06 -8.67 -40.37
CA ASN B 526 -26.27 -7.55 -39.45
C ASN B 526 -27.67 -6.98 -39.68
N ARG B 527 -28.67 -7.75 -39.26
CA ARG B 527 -30.06 -7.38 -39.46
C ARG B 527 -30.48 -6.18 -38.63
N ILE B 528 -29.65 -5.74 -37.67
CA ILE B 528 -29.99 -4.67 -36.76
C ILE B 528 -29.04 -3.49 -36.90
N LEU B 529 -27.73 -3.75 -36.84
CA LEU B 529 -26.76 -2.66 -36.93
C LEU B 529 -26.82 -1.99 -38.30
N PHE B 530 -26.96 -2.78 -39.36
CA PHE B 530 -26.92 -2.21 -40.70
C PHE B 530 -28.16 -1.37 -41.00
N LEU B 531 -29.33 -1.85 -40.58
CA LEU B 531 -30.57 -1.09 -40.77
C LEU B 531 -30.52 0.23 -39.99
N PHE B 532 -30.05 0.17 -38.74
CA PHE B 532 -29.93 1.38 -37.94
C PHE B 532 -28.95 2.37 -38.57
N GLU B 533 -27.82 1.88 -39.05
CA GLU B 533 -26.86 2.77 -39.68
C GLU B 533 -27.40 3.34 -40.99
N ALA B 534 -28.18 2.55 -41.72
CA ALA B 534 -28.80 3.07 -42.94
C ALA B 534 -29.78 4.18 -42.63
N LEU B 535 -30.60 4.00 -41.60
CA LEU B 535 -31.53 5.05 -41.20
C LEU B 535 -30.78 6.30 -40.73
N LEU B 536 -29.70 6.12 -39.97
CA LEU B 536 -28.92 7.25 -39.49
C LEU B 536 -28.30 8.02 -40.66
N ASP B 537 -27.78 7.30 -41.66
CA ASP B 537 -27.21 7.96 -42.83
C ASP B 537 -28.29 8.61 -43.67
N LEU B 538 -29.50 8.05 -43.65
CA LEU B 538 -30.63 8.69 -44.32
C LEU B 538 -30.93 10.05 -43.68
N SER B 539 -31.04 10.08 -42.35
CA SER B 539 -31.28 11.34 -41.66
C SER B 539 -30.04 12.21 -41.55
N SER B 540 -28.85 11.66 -41.82
CA SER B 540 -27.63 12.47 -41.84
C SER B 540 -27.52 13.29 -43.12
N ASP B 541 -28.31 13.00 -44.14
CA ASP B 541 -28.29 13.71 -45.41
C ASP B 541 -29.45 14.69 -45.43
N THR B 542 -29.23 15.88 -44.87
CA THR B 542 -30.25 16.91 -44.84
C THR B 542 -30.32 17.71 -46.13
N ASN B 543 -29.32 17.60 -47.00
CA ASN B 543 -29.31 18.34 -48.26
C ASN B 543 -30.16 17.68 -49.34
N ASN B 544 -30.53 16.42 -49.17
CA ASN B 544 -31.34 15.69 -50.15
C ASN B 544 -32.80 15.76 -49.72
N LYS B 545 -33.61 16.50 -50.47
CA LYS B 545 -35.01 16.70 -50.17
C LYS B 545 -35.93 15.70 -50.83
N ASP B 546 -35.40 14.78 -51.65
CA ASP B 546 -36.21 13.81 -52.37
C ASP B 546 -36.42 12.52 -51.60
N ASN B 547 -35.80 12.36 -50.44
CA ASN B 547 -35.96 11.14 -49.66
C ASN B 547 -37.33 11.10 -49.01
N PHE B 548 -37.67 9.93 -48.46
CA PHE B 548 -38.93 9.75 -47.75
C PHE B 548 -39.02 10.58 -46.49
N LEU B 549 -37.90 11.14 -46.01
CA LEU B 549 -37.94 12.00 -44.84
C LEU B 549 -38.76 13.25 -45.10
N SER B 550 -38.60 13.86 -46.29
CA SER B 550 -39.30 15.08 -46.62
C SER B 550 -40.75 14.84 -47.03
N TYR B 551 -41.16 13.59 -47.17
CA TYR B 551 -42.56 13.29 -47.46
C TYR B 551 -43.41 13.64 -46.24
N PRO B 552 -44.44 14.48 -46.38
CA PRO B 552 -45.31 14.78 -45.23
C PRO B 552 -46.02 13.56 -44.66
N GLN B 553 -46.07 12.46 -45.40
CA GLN B 553 -46.68 11.24 -44.88
C GLN B 553 -45.80 10.58 -43.83
N PHE B 554 -44.49 10.78 -43.91
CA PHE B 554 -43.53 10.24 -42.96
C PHE B 554 -42.84 11.35 -42.18
N LYS B 555 -43.60 12.37 -41.78
CA LYS B 555 -43.02 13.50 -41.06
C LYS B 555 -42.58 13.08 -39.66
N LYS B 556 -43.44 12.35 -38.95
CA LYS B 556 -43.08 11.91 -37.60
C LYS B 556 -42.09 10.74 -37.64
N PHE B 557 -42.24 9.82 -38.59
CA PHE B 557 -41.29 8.73 -38.73
C PHE B 557 -39.88 9.27 -38.95
N ALA B 558 -39.72 10.20 -39.91
CA ALA B 558 -38.44 10.85 -40.10
C ALA B 558 -38.02 11.66 -38.89
N ASP B 559 -38.96 12.06 -38.03
CA ASP B 559 -38.61 12.68 -36.77
C ASP B 559 -38.11 11.65 -35.77
N SER B 560 -38.69 10.45 -35.79
CA SER B 560 -38.21 9.39 -34.90
C SER B 560 -36.77 9.02 -35.24
N ILE B 561 -36.44 8.96 -36.53
CA ILE B 561 -35.05 8.76 -36.93
C ILE B 561 -34.20 9.96 -36.49
N LYS B 562 -34.81 11.14 -36.40
CA LYS B 562 -34.09 12.32 -35.95
C LYS B 562 -33.88 12.33 -34.43
N SER B 563 -34.71 11.61 -33.68
CA SER B 563 -34.58 11.52 -32.24
C SER B 563 -33.58 10.47 -31.79
N ILE B 564 -32.95 9.76 -32.73
CA ILE B 564 -31.98 8.72 -32.41
C ILE B 564 -30.59 9.06 -32.90
N GLU B 565 -30.41 10.18 -33.60
CA GLU B 565 -29.05 10.60 -33.96
C GLU B 565 -28.30 11.08 -32.74
N LYS B 566 -28.77 12.16 -32.12
CA LYS B 566 -28.05 12.74 -31.00
C LYS B 566 -27.83 11.76 -29.86
N ASP B 567 -28.69 10.75 -29.74
CA ASP B 567 -28.58 9.79 -28.64
C ASP B 567 -27.55 8.70 -28.95
N LEU B 568 -27.78 7.92 -30.01
CA LEU B 568 -26.98 6.73 -30.27
C LEU B 568 -26.03 6.84 -31.44
N LYS B 569 -26.22 7.79 -32.36
CA LYS B 569 -25.44 7.75 -33.60
C LYS B 569 -23.94 7.79 -33.33
N GLU B 570 -23.51 8.52 -32.29
CA GLU B 570 -22.09 8.57 -31.98
C GLU B 570 -21.53 7.18 -31.71
N LEU B 571 -22.33 6.30 -31.11
CA LEU B 571 -21.96 4.92 -30.84
C LEU B 571 -22.19 4.01 -32.02
N VAL B 572 -23.29 4.21 -32.74
CA VAL B 572 -23.66 3.29 -33.83
C VAL B 572 -22.74 3.48 -35.03
N GLN B 573 -22.34 4.71 -35.34
CA GLN B 573 -21.38 4.89 -36.42
C GLN B 573 -20.07 4.17 -36.11
N ALA B 574 -19.58 4.28 -34.88
CA ALA B 574 -18.35 3.57 -34.50
C ALA B 574 -18.56 2.06 -34.53
N HIS B 575 -19.70 1.58 -34.04
CA HIS B 575 -19.97 0.15 -34.02
C HIS B 575 -20.04 -0.41 -35.43
N TYR B 576 -20.70 0.31 -36.35
CA TYR B 576 -20.76 -0.12 -37.74
C TYR B 576 -19.38 -0.07 -38.38
N LYS B 577 -18.65 1.04 -38.20
CA LYS B 577 -17.34 1.20 -38.79
C LYS B 577 -16.32 0.20 -38.26
N GLN B 578 -16.56 -0.37 -37.08
CA GLN B 578 -15.69 -1.41 -36.54
C GLN B 578 -16.18 -2.81 -36.87
N ALA B 579 -17.49 -3.04 -36.94
CA ALA B 579 -17.99 -4.36 -37.33
C ALA B 579 -17.67 -4.65 -38.79
N VAL B 580 -17.80 -3.64 -39.65
CA VAL B 580 -17.45 -3.83 -41.05
C VAL B 580 -15.95 -4.08 -41.20
N PHE B 581 -15.14 -3.39 -40.39
CA PHE B 581 -13.71 -3.64 -40.40
C PHE B 581 -13.39 -5.04 -39.88
N ASN B 582 -14.16 -5.51 -38.88
CA ASN B 582 -13.99 -6.87 -38.38
C ASN B 582 -14.27 -7.89 -39.46
N GLU B 583 -15.40 -7.72 -40.17
CA GLU B 583 -15.74 -8.63 -41.26
C GLU B 583 -14.71 -8.55 -42.38
N THR B 584 -14.20 -7.36 -42.67
CA THR B 584 -13.18 -7.21 -43.70
C THR B 584 -11.88 -7.90 -43.33
N ALA B 585 -11.44 -7.78 -42.08
CA ALA B 585 -10.26 -8.52 -41.63
C ALA B 585 -10.48 -10.02 -41.61
N VAL B 586 -11.67 -10.47 -41.19
CA VAL B 586 -12.00 -11.89 -41.23
C VAL B 586 -11.93 -12.41 -42.65
N ALA B 587 -12.50 -11.66 -43.61
CA ALA B 587 -12.52 -12.10 -45.00
C ALA B 587 -11.14 -12.07 -45.62
N GLU B 588 -10.32 -11.06 -45.31
CA GLU B 588 -8.98 -11.00 -45.86
C GLU B 588 -8.03 -12.00 -45.21
N ASN B 589 -8.36 -12.49 -44.00
CA ASN B 589 -7.61 -13.61 -43.45
C ASN B 589 -7.78 -14.84 -44.33
N LYS B 590 -8.99 -15.05 -44.86
CA LYS B 590 -9.24 -16.18 -45.74
C LYS B 590 -8.39 -16.13 -47.00
N VAL B 591 -7.90 -14.96 -47.40
CA VAL B 591 -7.01 -14.90 -48.56
C VAL B 591 -5.76 -15.74 -48.33
N THR B 592 -5.01 -15.42 -47.28
CA THR B 592 -3.80 -16.15 -46.93
C THR B 592 -4.09 -17.52 -46.33
N LEU B 593 -5.31 -17.76 -45.87
CA LEU B 593 -5.69 -19.09 -45.41
C LEU B 593 -5.94 -20.04 -46.57
N LYS B 594 -6.75 -19.62 -47.55
CA LYS B 594 -7.12 -20.47 -48.66
C LYS B 594 -6.04 -20.56 -49.74
N LEU B 595 -5.23 -19.51 -49.94
CA LEU B 595 -4.09 -19.69 -50.83
C LEU B 595 -3.12 -20.73 -50.28
N ALA B 596 -2.87 -20.72 -48.98
CA ALA B 596 -2.08 -21.75 -48.34
C ALA B 596 -2.75 -23.12 -48.42
N GLU B 597 -4.08 -23.18 -48.25
CA GLU B 597 -4.77 -24.45 -48.40
C GLU B 597 -4.61 -25.01 -49.81
N ARG B 598 -4.72 -24.16 -50.82
CA ARG B 598 -4.53 -24.61 -52.20
C ARG B 598 -3.10 -25.07 -52.43
N ASN B 599 -2.12 -24.32 -51.92
CA ASN B 599 -0.72 -24.67 -52.09
C ASN B 599 -0.29 -25.85 -51.22
N GLN B 600 -1.14 -26.29 -50.29
CA GLN B 600 -0.76 -27.37 -49.38
C GLN B 600 -0.43 -28.68 -50.08
N PRO B 601 -1.26 -29.23 -50.99
CA PRO B 601 -0.90 -30.52 -51.61
C PRO B 601 0.40 -30.49 -52.38
N PHE B 602 0.75 -29.37 -52.99
CA PHE B 602 2.00 -29.26 -53.72
C PHE B 602 3.21 -29.14 -52.80
N ILE B 603 2.99 -28.95 -51.50
CA ILE B 603 4.05 -29.09 -50.53
C ILE B 603 4.05 -30.49 -49.93
N ASP B 604 2.87 -31.09 -49.75
CA ASP B 604 2.79 -32.48 -49.30
C ASP B 604 3.53 -33.40 -50.26
N ASN B 605 3.36 -33.18 -51.56
CA ASN B 605 4.05 -34.02 -52.55
C ASN B 605 5.56 -33.91 -52.42
N GLU B 606 6.08 -32.68 -52.26
CA GLU B 606 7.51 -32.52 -52.10
C GLU B 606 8.00 -33.10 -50.78
N ARG B 607 7.14 -33.11 -49.76
CA ARG B 607 7.51 -33.70 -48.48
C ARG B 607 7.61 -35.21 -48.57
N ASN B 608 6.62 -35.85 -49.20
CA ASN B 608 6.58 -37.29 -49.35
C ASN B 608 7.48 -37.80 -50.48
N ASN B 609 8.39 -36.96 -50.97
CA ASN B 609 9.25 -37.30 -52.10
C ASN B 609 8.46 -37.60 -53.36
N GLN B 610 7.19 -37.19 -53.39
CA GLN B 610 6.32 -37.36 -54.56
C GLN B 610 6.24 -36.07 -55.37
N ILE B 611 7.34 -35.32 -55.46
CA ILE B 611 7.33 -34.06 -56.17
C ILE B 611 6.90 -34.24 -57.62
N GLU B 612 7.23 -35.40 -58.21
CA GLU B 612 6.82 -35.69 -59.57
C GLU B 612 5.31 -35.74 -59.72
N GLN B 613 4.56 -35.92 -58.64
CA GLN B 613 3.11 -35.91 -58.72
C GLN B 613 2.58 -34.51 -59.01
N ASN B 614 3.34 -33.46 -58.68
CA ASN B 614 2.91 -32.10 -58.96
C ASN B 614 2.61 -31.92 -60.45
N GLY B 615 3.54 -32.30 -61.31
CA GLY B 615 3.34 -32.21 -62.73
C GLY B 615 3.13 -30.78 -63.21
N LEU B 616 1.89 -30.46 -63.60
CA LEU B 616 1.54 -29.14 -64.10
C LEU B 616 1.14 -28.17 -62.99
N ALA B 617 1.55 -28.43 -61.75
CA ALA B 617 1.26 -27.51 -60.67
C ALA B 617 2.12 -26.27 -60.80
N ALA B 618 1.49 -25.10 -60.68
CA ALA B 618 2.18 -23.83 -60.85
C ALA B 618 1.87 -22.91 -59.69
N LYS B 619 2.90 -22.21 -59.21
CA LYS B 619 2.71 -21.24 -58.14
C LYS B 619 1.97 -20.02 -58.67
N LEU B 620 1.01 -19.53 -57.88
CA LEU B 620 0.23 -18.38 -58.28
C LEU B 620 1.10 -17.13 -58.35
N PRO B 621 0.72 -16.16 -59.19
CA PRO B 621 1.55 -14.95 -59.31
C PRO B 621 1.61 -14.11 -58.06
N TYR B 622 0.68 -14.30 -57.13
CA TYR B 622 0.53 -13.41 -55.98
C TYR B 622 1.72 -13.54 -55.04
N GLU B 623 2.38 -12.42 -54.77
CA GLU B 623 3.46 -12.38 -53.81
C GLU B 623 2.91 -12.41 -52.39
N GLN B 624 3.67 -13.01 -51.48
CA GLN B 624 3.35 -13.03 -50.06
C GLN B 624 4.41 -12.29 -49.29
N ASP B 625 4.06 -11.89 -48.07
CA ASP B 625 4.95 -11.10 -47.23
C ASP B 625 5.79 -12.03 -46.36
N ALA B 626 7.11 -11.90 -46.47
CA ALA B 626 7.99 -12.66 -45.60
C ALA B 626 7.87 -12.19 -44.15
N LYS B 627 7.68 -10.89 -43.94
CA LYS B 627 7.63 -10.31 -42.61
C LYS B 627 6.24 -10.31 -41.99
N THR B 628 5.20 -10.61 -42.77
CA THR B 628 3.83 -10.56 -42.27
C THR B 628 2.99 -11.76 -42.63
N GLY B 629 3.32 -12.49 -43.69
CA GLY B 629 2.48 -13.58 -44.14
C GLY B 629 1.15 -13.13 -44.68
N HIS B 630 1.11 -11.99 -45.35
CA HIS B 630 -0.12 -11.43 -45.90
C HIS B 630 0.08 -11.17 -47.37
N TYR B 631 -0.99 -11.35 -48.15
CA TYR B 631 -0.98 -11.02 -49.58
C TYR B 631 -1.41 -9.57 -49.70
N ASN B 632 -0.44 -8.70 -49.96
CA ASN B 632 -0.70 -7.26 -49.98
C ASN B 632 -1.62 -6.87 -51.12
N ASP B 633 -1.29 -7.30 -52.34
CA ASP B 633 -2.11 -6.97 -53.49
C ASP B 633 -3.51 -7.56 -53.37
N LEU B 634 -3.60 -8.83 -52.96
CA LEU B 634 -4.91 -9.40 -52.70
C LEU B 634 -5.63 -8.68 -51.55
N GLY B 635 -4.86 -8.03 -50.67
CA GLY B 635 -5.47 -7.22 -49.63
C GLY B 635 -5.91 -5.85 -50.09
N ASN B 636 -5.42 -5.40 -51.25
CA ASN B 636 -5.88 -4.12 -51.79
C ASN B 636 -7.36 -4.14 -52.12
N TYR B 637 -7.89 -5.31 -52.50
CA TYR B 637 -9.32 -5.42 -52.75
C TYR B 637 -10.14 -5.10 -51.51
N TYR B 638 -9.58 -5.33 -50.33
CA TYR B 638 -10.26 -5.03 -49.07
C TYR B 638 -9.82 -3.68 -48.50
N LYS B 639 -8.64 -3.21 -48.88
CA LYS B 639 -8.24 -1.85 -48.57
C LYS B 639 -9.15 -0.86 -49.28
N ASP B 640 -9.59 -1.21 -50.49
CA ASP B 640 -10.61 -0.43 -51.20
C ASP B 640 -11.99 -0.57 -50.58
N ILE B 641 -12.09 -1.25 -49.44
CA ILE B 641 -13.30 -1.30 -48.63
C ILE B 641 -13.11 -0.52 -47.34
N ILE B 642 -11.99 -0.75 -46.64
CA ILE B 642 -11.72 -0.02 -45.42
C ILE B 642 -11.35 1.43 -45.69
N ASP B 643 -11.06 1.77 -46.95
CA ASP B 643 -10.92 3.17 -47.33
C ASP B 643 -12.25 3.80 -47.71
N ASN B 644 -13.31 3.02 -47.77
CA ASN B 644 -14.66 3.51 -48.03
C ASN B 644 -15.52 3.58 -46.78
N VAL B 645 -15.43 2.58 -45.91
CA VAL B 645 -16.15 2.66 -44.64
C VAL B 645 -15.52 3.68 -43.72
N ASP B 646 -14.24 3.99 -43.88
CA ASP B 646 -13.61 5.05 -43.10
C ASP B 646 -14.25 6.40 -43.40
N LYS B 647 -14.52 6.68 -44.68
CA LYS B 647 -15.13 7.94 -45.06
C LYS B 647 -16.62 8.00 -44.76
N LYS B 648 -17.22 6.90 -44.32
CA LYS B 648 -18.63 6.90 -43.98
C LYS B 648 -18.84 7.57 -42.63
N GLY B 649 -19.62 8.64 -42.61
CA GLY B 649 -19.87 9.38 -41.39
C GLY B 649 -18.82 10.46 -41.13
N ASN B 665 -0.18 -1.34 -47.11
CA ASN B 665 -0.74 -2.68 -47.02
C ASN B 665 -2.05 -2.66 -46.25
N PHE B 666 -2.98 -3.54 -46.63
CA PHE B 666 -4.26 -3.61 -45.95
C PHE B 666 -4.09 -4.08 -44.51
N SER B 667 -3.08 -4.92 -44.24
CA SER B 667 -2.91 -5.44 -42.89
C SER B 667 -2.61 -4.32 -41.91
N GLU B 668 -1.63 -3.46 -42.23
CA GLU B 668 -1.28 -2.36 -41.34
C GLU B 668 -2.44 -1.38 -41.20
N GLU B 669 -3.09 -1.03 -42.30
CA GLU B 669 -4.19 -0.07 -42.26
C GLU B 669 -5.33 -0.59 -41.39
N VAL B 670 -5.70 -1.86 -41.58
CA VAL B 670 -6.81 -2.41 -40.81
C VAL B 670 -6.41 -2.58 -39.34
N VAL B 671 -5.15 -2.95 -39.07
CA VAL B 671 -4.75 -3.12 -37.68
C VAL B 671 -4.70 -1.78 -36.96
N SER B 672 -4.40 -0.70 -37.68
CA SER B 672 -4.45 0.63 -37.07
C SER B 672 -5.89 1.10 -36.89
N LYS B 673 -6.72 0.93 -37.90
CA LYS B 673 -8.07 1.47 -37.90
C LYS B 673 -9.06 0.59 -37.14
N LEU B 674 -8.64 -0.59 -36.68
CA LEU B 674 -9.46 -1.34 -35.74
C LEU B 674 -9.26 -0.85 -34.32
N LYS B 675 -8.03 -0.52 -33.92
CA LYS B 675 -7.82 0.04 -32.59
C LYS B 675 -8.28 1.49 -32.51
N ASP B 676 -8.02 2.27 -33.57
CA ASP B 676 -8.51 3.65 -33.61
C ASP B 676 -10.02 3.73 -33.61
N ASN B 677 -10.71 2.65 -33.93
CA ASN B 677 -12.16 2.61 -33.83
C ASN B 677 -12.64 1.88 -32.59
N LYS B 678 -11.86 0.96 -32.04
CA LYS B 678 -12.22 0.35 -30.77
C LYS B 678 -12.18 1.38 -29.65
N LYS B 679 -11.16 2.24 -29.65
CA LYS B 679 -11.16 3.33 -28.68
C LYS B 679 -12.35 4.26 -28.89
N LYS B 680 -12.76 4.47 -30.14
CA LYS B 680 -13.95 5.26 -30.43
C LYS B 680 -15.21 4.60 -29.89
N VAL B 681 -15.32 3.28 -30.00
CA VAL B 681 -16.45 2.58 -29.39
C VAL B 681 -16.39 2.65 -27.86
N GLU B 682 -15.19 2.58 -27.27
CA GLU B 682 -15.07 2.79 -25.84
C GLU B 682 -15.65 4.14 -25.44
N GLU B 683 -15.21 5.21 -26.11
CA GLU B 683 -15.66 6.55 -25.78
C GLU B 683 -17.15 6.71 -26.02
N ALA B 684 -17.63 6.23 -27.16
CA ALA B 684 -19.05 6.38 -27.49
C ALA B 684 -19.94 5.61 -26.54
N ALA B 685 -19.55 4.38 -26.16
CA ALA B 685 -20.33 3.62 -25.21
C ALA B 685 -20.32 4.27 -23.83
N LYS B 686 -19.17 4.76 -23.39
CA LYS B 686 -19.14 5.42 -22.08
C LYS B 686 -20.03 6.65 -22.08
N LYS B 687 -20.01 7.44 -23.17
CA LYS B 687 -20.85 8.63 -23.24
C LYS B 687 -22.33 8.26 -23.33
N HIS B 688 -22.66 7.19 -24.05
CA HIS B 688 -24.05 6.77 -24.16
C HIS B 688 -24.59 6.32 -22.81
N VAL B 689 -23.82 5.51 -22.08
CA VAL B 689 -24.27 5.06 -20.76
C VAL B 689 -24.32 6.22 -19.77
N GLU B 690 -23.37 7.17 -19.88
CA GLU B 690 -23.45 8.37 -19.07
C GLU B 690 -24.74 9.14 -19.33
N ALA B 691 -25.01 9.43 -20.60
CA ALA B 691 -26.19 10.18 -20.98
C ALA B 691 -27.49 9.43 -20.70
N LEU B 692 -27.43 8.12 -20.48
CA LEU B 692 -28.63 7.38 -20.14
C LEU B 692 -28.98 7.43 -18.66
N LYS B 693 -28.06 7.84 -17.80
CA LYS B 693 -28.27 7.90 -16.36
C LYS B 693 -28.82 6.56 -15.83
N VAL B 694 -27.99 5.52 -15.98
CA VAL B 694 -28.43 4.17 -15.69
C VAL B 694 -28.49 3.94 -14.19
N PHE B 695 -29.59 3.37 -13.72
CA PHE B 695 -29.75 2.99 -12.33
C PHE B 695 -30.31 1.57 -12.27
N THR B 696 -29.92 0.84 -11.23
CA THR B 696 -30.35 -0.54 -11.07
C THR B 696 -31.72 -0.58 -10.42
N ILE B 697 -32.70 -1.09 -11.15
CA ILE B 697 -34.03 -1.32 -10.58
C ILE B 697 -33.97 -2.50 -9.61
N PRO B 698 -34.60 -2.43 -8.45
CA PRO B 698 -34.66 -3.62 -7.58
C PRO B 698 -35.34 -4.79 -8.30
N SER B 699 -34.77 -5.97 -8.13
CA SER B 699 -35.26 -7.13 -8.85
C SER B 699 -36.62 -7.57 -8.35
N PRO B 700 -37.47 -8.10 -9.22
CA PRO B 700 -38.80 -8.55 -8.80
C PRO B 700 -38.76 -9.80 -7.94
N LEU B 701 -39.94 -10.32 -7.59
CA LEU B 701 -40.02 -11.52 -6.77
C LEU B 701 -39.46 -12.72 -7.54
N TYR B 702 -38.79 -13.61 -6.81
CA TYR B 702 -38.16 -14.81 -7.35
C TYR B 702 -37.13 -14.49 -8.44
N SER B 703 -36.72 -13.23 -8.55
CA SER B 703 -35.74 -12.88 -9.56
C SER B 703 -34.34 -13.26 -9.11
N GLN B 704 -33.45 -13.45 -10.09
CA GLN B 704 -32.07 -13.84 -9.83
C GLN B 704 -31.10 -13.02 -10.68
N VAL B 705 -31.53 -11.84 -11.13
CA VAL B 705 -30.72 -10.97 -11.97
C VAL B 705 -30.72 -9.57 -11.37
N ILE B 706 -29.68 -8.81 -11.70
CA ILE B 706 -29.59 -7.40 -11.32
C ILE B 706 -29.91 -6.60 -12.58
N LEU B 707 -31.18 -6.24 -12.74
CA LEU B 707 -31.61 -5.49 -13.90
C LEU B 707 -31.16 -4.04 -13.79
N VAL B 708 -31.16 -3.35 -14.93
CA VAL B 708 -30.86 -1.93 -15.00
C VAL B 708 -32.03 -1.21 -15.62
N GLN B 709 -31.95 0.12 -15.64
CA GLN B 709 -33.03 0.94 -16.19
C GLN B 709 -32.45 2.30 -16.55
N THR B 710 -33.28 3.08 -17.24
CA THR B 710 -32.89 4.43 -17.65
C THR B 710 -34.11 5.25 -17.85
N LYS B 711 -33.92 6.56 -17.96
CA LYS B 711 -35.01 7.48 -18.26
C LYS B 711 -34.62 8.57 -19.25
N LEU B 712 -33.35 8.72 -19.57
CA LEU B 712 -32.89 9.75 -20.50
C LEU B 712 -32.75 9.17 -21.90
N SER B 713 -33.91 8.87 -22.50
CA SER B 713 -33.94 8.30 -23.84
C SER B 713 -35.25 8.67 -24.51
N PHE B 714 -35.27 8.55 -25.84
CA PHE B 714 -36.47 8.87 -26.60
C PHE B 714 -37.63 7.95 -26.21
N THR B 715 -37.37 6.66 -26.07
CA THR B 715 -38.34 5.71 -25.53
C THR B 715 -37.73 5.05 -24.31
N PRO B 716 -38.03 5.53 -23.10
CA PRO B 716 -37.34 5.01 -21.91
C PRO B 716 -37.57 3.52 -21.67
N GLU B 717 -38.77 3.01 -21.94
CA GLU B 717 -39.05 1.61 -21.64
C GLU B 717 -38.26 0.69 -22.56
N SER B 718 -38.29 0.97 -23.87
CA SER B 718 -37.55 0.14 -24.82
C SER B 718 -36.05 0.29 -24.65
N THR B 719 -35.56 1.47 -24.28
CA THR B 719 -34.13 1.61 -24.03
C THR B 719 -33.71 0.85 -22.78
N SER B 720 -34.52 0.89 -21.72
CA SER B 720 -34.23 0.13 -20.53
C SER B 720 -34.20 -1.37 -20.84
N LEU B 721 -35.18 -1.85 -21.60
CA LEU B 721 -35.19 -3.26 -21.98
C LEU B 721 -34.03 -3.60 -22.91
N GLY B 722 -33.61 -2.67 -23.76
CA GLY B 722 -32.45 -2.92 -24.60
C GLY B 722 -31.18 -3.07 -23.80
N LEU B 723 -30.98 -2.20 -22.81
CA LEU B 723 -29.85 -2.39 -21.90
C LEU B 723 -29.97 -3.68 -21.11
N ASN B 724 -31.20 -4.07 -20.73
CA ASN B 724 -31.41 -5.34 -20.07
C ASN B 724 -30.97 -6.51 -20.94
N LEU B 725 -31.33 -6.47 -22.22
CA LEU B 725 -30.97 -7.55 -23.14
C LEU B 725 -29.47 -7.55 -23.42
N ALA B 726 -28.87 -6.37 -23.58
CA ALA B 726 -27.43 -6.30 -23.77
C ALA B 726 -26.69 -6.88 -22.58
N LEU B 727 -27.17 -6.58 -21.37
CA LEU B 727 -26.58 -7.19 -20.18
C LEU B 727 -26.83 -8.69 -20.15
N ASN B 728 -28.04 -9.12 -20.50
CA ASN B 728 -28.33 -10.54 -20.47
C ASN B 728 -27.47 -11.32 -21.46
N ASN B 729 -26.99 -10.64 -22.50
CA ASN B 729 -26.07 -11.30 -23.42
C ASN B 729 -24.63 -11.22 -22.93
N TYR B 730 -24.23 -10.10 -22.32
CA TYR B 730 -22.85 -9.95 -21.89
C TYR B 730 -22.52 -10.77 -20.65
N LEU B 731 -23.43 -10.81 -19.68
CA LEU B 731 -23.18 -11.53 -18.43
C LEU B 731 -22.97 -13.02 -18.70
N THR B 732 -23.82 -13.60 -19.56
CA THR B 732 -23.67 -15.00 -19.94
C THR B 732 -22.53 -15.23 -20.92
N SER B 733 -22.03 -14.18 -21.56
CA SER B 733 -20.99 -14.34 -22.55
C SER B 733 -19.66 -14.69 -21.90
N THR B 734 -18.78 -15.33 -22.69
CA THR B 734 -17.45 -15.65 -22.21
C THR B 734 -16.59 -14.41 -22.00
N GLU B 735 -16.98 -13.26 -22.55
CA GLU B 735 -16.22 -12.05 -22.34
C GLU B 735 -16.21 -11.65 -20.87
N LEU B 736 -17.36 -11.75 -20.20
CA LEU B 736 -17.40 -11.42 -18.78
C LEU B 736 -16.63 -12.43 -17.94
N GLN B 737 -16.71 -13.71 -18.30
CA GLN B 737 -15.93 -14.73 -17.59
C GLN B 737 -14.44 -14.44 -17.71
N ASN B 738 -13.98 -14.13 -18.92
CA ASN B 738 -12.58 -13.77 -19.10
C ASN B 738 -12.24 -12.46 -18.41
N SER B 739 -13.20 -11.56 -18.23
CA SER B 739 -12.97 -10.36 -17.44
C SER B 739 -12.76 -10.69 -15.96
N ILE B 740 -13.55 -11.63 -15.44
CA ILE B 740 -13.36 -12.09 -14.05
C ILE B 740 -11.98 -12.71 -13.90
N LYS B 741 -11.61 -13.58 -14.83
CA LYS B 741 -10.28 -14.17 -14.80
C LYS B 741 -9.19 -13.12 -14.95
N LEU B 742 -9.45 -12.06 -15.72
CA LEU B 742 -8.53 -10.94 -15.83
C LEU B 742 -8.36 -10.24 -14.49
N SER B 743 -9.47 -10.04 -13.78
CA SER B 743 -9.42 -9.41 -12.47
C SER B 743 -8.60 -10.24 -11.49
N TYR B 744 -8.71 -11.56 -11.51
CA TYR B 744 -7.88 -12.42 -10.64
C TYR B 744 -6.42 -12.20 -10.93
N PHE B 745 -6.07 -11.94 -12.15
CA PHE B 745 -4.68 -11.56 -12.37
C PHE B 745 -4.40 -10.15 -11.85
N GLN B 746 -5.37 -9.24 -12.00
CA GLN B 746 -5.19 -7.87 -11.49
C GLN B 746 -4.82 -7.88 -10.02
N GLU B 747 -5.46 -8.74 -9.23
CA GLU B 747 -5.23 -8.74 -7.79
C GLU B 747 -3.80 -9.10 -7.42
N ASP B 748 -3.20 -10.07 -8.10
CA ASP B 748 -1.87 -10.55 -7.72
C ASP B 748 -0.85 -9.45 -7.93
N GLU B 749 -0.37 -8.86 -6.83
CA GLU B 749 0.62 -7.81 -6.93
C GLU B 749 1.98 -8.35 -7.36
N ALA B 750 2.30 -9.59 -7.00
CA ALA B 750 3.58 -10.17 -7.40
C ALA B 750 3.68 -10.32 -8.91
N PHE B 751 2.58 -10.73 -9.55
CA PHE B 751 2.59 -10.84 -11.01
C PHE B 751 2.59 -9.48 -11.67
N LYS B 752 1.86 -8.51 -11.09
CA LYS B 752 1.74 -7.21 -11.73
C LYS B 752 3.03 -6.40 -11.65
N LYS B 753 3.98 -6.81 -10.83
CA LYS B 753 5.28 -6.14 -10.82
C LYS B 753 6.07 -6.42 -12.08
N ILE B 754 5.75 -7.51 -12.79
CA ILE B 754 6.50 -7.92 -13.97
C ILE B 754 5.67 -7.85 -15.25
N ILE B 755 4.37 -7.56 -15.16
CA ILE B 755 3.52 -7.41 -16.33
C ILE B 755 2.62 -6.19 -16.13
N ASP B 756 2.15 -5.64 -17.25
CA ASP B 756 1.14 -4.58 -17.26
C ASP B 756 -0.10 -5.21 -17.88
N ILE B 757 -1.01 -5.70 -17.02
CA ILE B 757 -2.00 -6.68 -17.46
C ILE B 757 -2.94 -6.10 -18.51
N THR B 758 -3.47 -4.89 -18.27
CA THR B 758 -4.32 -4.26 -19.27
C THR B 758 -3.53 -3.95 -20.54
N ASN B 759 -2.30 -3.43 -20.37
CA ASN B 759 -1.43 -3.18 -21.51
C ASN B 759 -0.88 -4.46 -22.11
N LEU B 760 -0.91 -5.57 -21.36
CA LEU B 760 -0.30 -6.83 -21.77
C LEU B 760 1.16 -6.63 -22.14
N THR B 761 1.86 -5.82 -21.35
CA THR B 761 3.27 -5.52 -21.54
C THR B 761 4.02 -5.88 -20.26
N PHE B 762 5.19 -6.49 -20.42
CA PHE B 762 5.99 -6.83 -19.25
C PHE B 762 6.48 -5.57 -18.56
N SER B 763 6.25 -5.49 -17.25
CA SER B 763 6.52 -4.28 -16.49
C SER B 763 8.02 -4.13 -16.22
N GLN B 764 8.37 -3.10 -15.45
CA GLN B 764 9.72 -2.73 -15.04
C GLN B 764 10.56 -2.22 -16.19
N GLN B 765 10.06 -2.22 -17.42
CA GLN B 765 10.80 -1.78 -18.60
C GLN B 765 12.18 -2.46 -18.65
N SER B 766 13.23 -1.67 -18.44
CA SER B 766 14.59 -2.22 -18.30
C SER B 766 15.38 -1.24 -17.43
N GLY B 767 15.44 -1.53 -16.14
CA GLY B 767 16.13 -0.67 -15.21
C GLY B 767 16.20 -1.19 -13.80
N GLY B 768 16.09 -0.29 -12.82
CA GLY B 768 16.20 -0.68 -11.42
C GLY B 768 14.93 -0.50 -10.62
N THR B 769 13.78 -0.67 -11.26
CA THR B 769 12.50 -0.64 -10.57
C THR B 769 12.27 -2.04 -10.00
N GLY B 770 12.73 -2.24 -8.77
CA GLY B 770 12.74 -3.56 -8.17
C GLY B 770 13.99 -4.36 -8.46
N GLY B 771 14.91 -3.84 -9.27
CA GLY B 771 16.16 -4.52 -9.59
C GLY B 771 17.33 -3.83 -8.90
N THR B 772 18.11 -4.62 -8.19
CA THR B 772 17.88 -6.06 -8.09
C THR B 772 17.63 -6.50 -6.66
N ASN B 773 16.53 -7.23 -6.47
CA ASN B 773 16.16 -7.80 -5.18
C ASN B 773 15.48 -9.13 -5.43
N GLY B 774 15.37 -9.93 -4.37
CA GLY B 774 14.81 -11.27 -4.50
C GLY B 774 13.36 -11.29 -4.90
N ASN B 775 12.69 -12.44 -4.74
CA ASN B 775 11.29 -12.60 -5.13
C ASN B 775 11.11 -12.35 -6.64
N ASN B 776 11.61 -13.30 -7.42
CA ASN B 776 11.59 -13.25 -8.88
C ASN B 776 12.47 -12.14 -9.42
N ASN B 777 13.78 -12.25 -9.17
CA ASN B 777 14.76 -11.29 -9.66
C ASN B 777 15.15 -11.64 -11.09
N LEU B 778 14.63 -10.88 -12.05
CA LEU B 778 14.99 -11.04 -13.46
C LEU B 778 14.52 -9.81 -14.22
N THR B 779 14.99 -9.68 -15.45
CA THR B 779 14.68 -8.53 -16.28
C THR B 779 13.31 -8.71 -16.92
N ALA B 780 12.97 -7.84 -17.86
CA ALA B 780 11.76 -8.00 -18.66
C ALA B 780 12.01 -8.78 -19.94
N ASP B 781 13.24 -8.79 -20.44
CA ASP B 781 13.61 -9.70 -21.52
C ASP B 781 13.54 -11.15 -21.06
N ASN B 782 13.81 -11.39 -19.78
CA ASN B 782 13.75 -12.74 -19.25
C ASN B 782 12.34 -13.31 -19.27
N TRP B 783 11.32 -12.49 -19.46
CA TRP B 783 9.96 -12.96 -19.64
C TRP B 783 9.55 -13.03 -21.10
N LYS B 784 10.28 -12.34 -21.98
CA LYS B 784 9.99 -12.47 -23.40
C LYS B 784 10.24 -13.88 -23.88
N ILE B 785 11.16 -14.62 -23.24
CA ILE B 785 11.41 -15.99 -23.65
C ILE B 785 10.29 -16.91 -23.16
N PHE B 786 9.72 -16.64 -21.99
CA PHE B 786 8.52 -17.37 -21.58
C PHE B 786 7.38 -17.12 -22.55
N LYS B 787 7.19 -15.86 -22.96
CA LYS B 787 6.15 -15.54 -23.93
C LYS B 787 6.43 -16.20 -25.27
N GLU B 788 7.69 -16.24 -25.69
CA GLU B 788 8.05 -16.89 -26.94
C GLU B 788 7.82 -18.40 -26.88
N THR B 789 8.07 -19.01 -25.72
CA THR B 789 7.77 -20.43 -25.55
C THR B 789 6.28 -20.68 -25.67
N TYR B 790 5.46 -19.80 -25.07
CA TYR B 790 4.02 -19.92 -25.25
C TYR B 790 3.62 -19.76 -26.70
N LEU B 791 4.23 -18.80 -27.40
CA LEU B 791 3.91 -18.56 -28.79
C LEU B 791 4.32 -19.75 -29.66
N LEU B 792 5.43 -20.41 -29.31
CA LEU B 792 5.86 -21.59 -30.06
C LEU B 792 4.93 -22.77 -29.81
N ASP B 793 4.47 -22.93 -28.57
CA ASP B 793 3.49 -23.97 -28.29
C ASP B 793 2.18 -23.72 -29.01
N LEU B 794 1.80 -22.45 -29.17
CA LEU B 794 0.59 -22.12 -29.93
C LEU B 794 0.81 -22.29 -31.43
N PHE B 795 2.01 -21.97 -31.91
CA PHE B 795 2.35 -22.13 -33.31
C PHE B 795 2.35 -23.60 -33.71
N GLU B 796 2.86 -24.47 -32.85
CA GLU B 796 2.87 -25.90 -33.14
C GLU B 796 1.45 -26.46 -33.26
N SER B 797 0.47 -25.79 -32.66
CA SER B 797 -0.91 -26.23 -32.73
C SER B 797 -1.68 -25.57 -33.87
N GLN B 798 -1.03 -24.72 -34.66
CA GLN B 798 -1.72 -24.06 -35.75
C GLN B 798 -2.07 -25.05 -36.85
N ALA B 799 -3.27 -24.91 -37.42
CA ALA B 799 -3.69 -25.78 -38.51
C ALA B 799 -2.80 -25.62 -39.72
N GLN B 800 -2.49 -24.38 -40.09
CA GLN B 800 -1.54 -24.07 -41.14
C GLN B 800 -0.53 -23.08 -40.60
N LYS B 801 0.75 -23.36 -40.79
CA LYS B 801 1.81 -22.61 -40.16
C LYS B 801 2.48 -21.61 -41.10
N SER B 802 1.94 -21.41 -42.29
CA SER B 802 2.48 -20.45 -43.25
C SER B 802 1.59 -19.23 -43.43
N ILE B 803 0.55 -19.09 -42.62
CA ILE B 803 -0.34 -17.93 -42.71
C ILE B 803 0.20 -16.80 -41.84
N PHE B 804 1.41 -16.99 -41.31
CA PHE B 804 2.01 -16.02 -40.40
C PHE B 804 3.37 -15.53 -40.87
N GLY B 805 3.77 -15.84 -42.10
CA GLY B 805 5.06 -15.45 -42.59
C GLY B 805 6.15 -16.46 -42.31
N HIS B 806 7.37 -16.04 -42.56
CA HIS B 806 8.52 -16.93 -42.46
C HIS B 806 9.77 -16.09 -42.25
N VAL B 807 10.93 -16.74 -42.39
CA VAL B 807 12.22 -16.06 -42.28
C VAL B 807 12.50 -15.24 -43.53
N GLY B 819 14.44 -15.24 -37.31
CA GLY B 819 13.78 -16.34 -38.00
C GLY B 819 12.40 -16.64 -37.46
N ILE B 820 12.35 -17.47 -36.43
CA ILE B 820 11.08 -17.77 -35.77
C ILE B 820 10.69 -16.70 -34.77
N GLU B 821 11.64 -15.87 -34.33
CA GLU B 821 11.32 -14.77 -33.43
C GLU B 821 10.40 -13.75 -34.09
N GLY B 822 10.39 -13.67 -35.42
CA GLY B 822 9.51 -12.78 -36.13
C GLY B 822 8.15 -13.39 -36.37
N VAL B 823 8.14 -14.66 -36.79
CA VAL B 823 6.89 -15.38 -36.99
C VAL B 823 6.11 -15.44 -35.69
N LEU B 824 6.82 -15.55 -34.56
CA LEU B 824 6.14 -15.65 -33.27
C LEU B 824 5.43 -14.35 -32.91
N ASP B 825 6.09 -13.21 -33.13
CA ASP B 825 5.42 -11.94 -32.84
C ASP B 825 4.32 -11.65 -33.85
N THR B 826 4.46 -12.13 -35.09
CA THR B 826 3.36 -12.02 -36.04
C THR B 826 2.15 -12.81 -35.58
N LEU B 827 2.38 -14.03 -35.07
CA LEU B 827 1.30 -14.82 -34.50
C LEU B 827 0.69 -14.14 -33.29
N TYR B 828 1.54 -13.53 -32.45
CA TYR B 828 1.05 -12.78 -31.29
C TYR B 828 0.16 -11.63 -31.71
N SER B 829 0.58 -10.87 -32.73
CA SER B 829 -0.23 -9.78 -33.25
C SER B 829 -1.56 -10.30 -33.81
N SER B 830 -1.52 -11.47 -34.46
CA SER B 830 -2.73 -12.03 -35.06
C SER B 830 -3.83 -12.28 -34.03
N LEU B 831 -3.48 -12.40 -32.75
CA LEU B 831 -4.46 -12.66 -31.71
C LEU B 831 -5.16 -11.40 -31.22
N ASN B 832 -4.63 -10.22 -31.58
CA ASN B 832 -5.10 -8.92 -31.08
C ASN B 832 -5.47 -9.00 -29.60
N LEU B 833 -4.52 -9.53 -28.81
CA LEU B 833 -4.77 -9.71 -27.39
C LEU B 833 -4.97 -8.38 -26.69
N GLU B 834 -4.16 -7.38 -27.03
CA GLU B 834 -4.32 -6.05 -26.42
C GLU B 834 -5.65 -5.42 -26.82
N GLU B 835 -6.16 -5.72 -28.00
CA GLU B 835 -7.48 -5.26 -28.42
C GLU B 835 -8.60 -6.12 -27.88
N ARG B 836 -8.30 -7.32 -27.38
CA ARG B 836 -9.28 -8.26 -26.84
C ARG B 836 -8.78 -8.75 -25.48
N LEU B 837 -9.09 -7.99 -24.43
CA LEU B 837 -8.67 -8.36 -23.08
C LEU B 837 -9.62 -9.33 -22.40
N ASP B 838 -10.79 -9.57 -22.98
CA ASP B 838 -11.80 -10.43 -22.38
C ASP B 838 -12.06 -11.65 -23.25
N SER B 839 -10.99 -12.25 -23.77
CA SER B 839 -11.07 -13.41 -24.64
C SER B 839 -10.47 -14.63 -23.96
N ASP B 840 -10.72 -15.79 -24.56
CA ASP B 840 -10.05 -17.00 -24.11
C ASP B 840 -8.57 -16.97 -24.46
N ASP B 841 -8.22 -16.36 -25.58
CA ASP B 841 -6.82 -16.30 -26.02
C ASP B 841 -5.96 -15.46 -25.11
N VAL B 842 -6.54 -14.66 -24.22
CA VAL B 842 -5.79 -13.86 -23.27
C VAL B 842 -5.78 -14.51 -21.88
N ILE B 843 -6.89 -15.15 -21.49
CA ILE B 843 -6.87 -15.86 -20.21
C ILE B 843 -5.94 -17.05 -20.29
N ASP B 844 -5.88 -17.73 -21.44
CA ASP B 844 -4.92 -18.82 -21.60
C ASP B 844 -3.49 -18.30 -21.60
N TYR B 845 -3.23 -17.19 -22.27
CA TYR B 845 -1.90 -16.60 -22.28
C TYR B 845 -1.47 -16.20 -20.87
N LEU B 846 -2.35 -15.56 -20.11
CA LEU B 846 -2.01 -15.12 -18.77
C LEU B 846 -1.95 -16.30 -17.81
N SER B 847 -2.76 -17.34 -18.03
CA SER B 847 -2.65 -18.54 -17.23
C SER B 847 -1.28 -19.19 -17.42
N TYR B 848 -0.81 -19.24 -18.66
CA TYR B 848 0.55 -19.71 -18.89
C TYR B 848 1.57 -18.80 -18.22
N LEU B 849 1.36 -17.49 -18.30
CA LEU B 849 2.34 -16.56 -17.73
C LEU B 849 2.43 -16.70 -16.21
N TYR B 850 1.29 -16.88 -15.53
CA TYR B 850 1.36 -17.10 -14.09
C TYR B 850 1.79 -18.52 -13.75
N THR B 851 1.64 -19.46 -14.68
CA THR B 851 2.28 -20.76 -14.49
C THR B 851 3.79 -20.61 -14.53
N ALA B 852 4.28 -19.75 -15.41
CA ALA B 852 5.72 -19.50 -15.52
C ALA B 852 6.26 -18.75 -14.33
N HIS B 853 5.49 -17.83 -13.77
CA HIS B 853 5.90 -17.13 -12.55
C HIS B 853 5.77 -17.98 -11.29
N TRP B 854 4.69 -18.77 -11.20
CA TRP B 854 4.46 -19.61 -10.03
C TRP B 854 5.48 -20.73 -9.92
N LEU B 855 6.22 -21.01 -10.99
CA LEU B 855 7.42 -21.83 -10.91
C LEU B 855 8.66 -21.01 -10.60
N LEU B 856 8.58 -19.69 -10.70
CA LEU B 856 9.73 -18.82 -10.55
C LEU B 856 9.76 -18.10 -9.20
N LYS B 857 8.65 -18.07 -8.48
CA LYS B 857 8.55 -17.38 -7.21
C LYS B 857 8.97 -18.28 -6.06
N ASP B 858 9.17 -17.67 -4.89
CA ASP B 858 9.52 -18.38 -3.67
C ASP B 858 10.80 -19.19 -3.86
N ASN B 859 11.74 -18.64 -4.63
CA ASN B 859 12.97 -19.34 -5.01
C ASN B 859 12.65 -20.69 -5.65
N LEU B 860 11.76 -20.66 -6.64
CA LEU B 860 11.38 -21.85 -7.40
C LEU B 860 10.81 -22.94 -6.50
N LYS B 861 9.95 -22.56 -5.55
CA LYS B 861 9.41 -23.53 -4.61
C LYS B 861 8.55 -24.58 -5.31
N ASN B 862 7.94 -24.22 -6.44
CA ASN B 862 7.11 -25.15 -7.19
C ASN B 862 7.83 -25.81 -8.36
N TYR B 863 8.82 -25.14 -8.93
CA TYR B 863 9.67 -25.78 -9.92
C TYR B 863 10.44 -26.95 -9.31
N LYS B 864 10.90 -26.79 -8.07
CA LYS B 864 11.55 -27.89 -7.37
C LYS B 864 10.60 -29.06 -7.21
N GLN B 865 9.36 -28.80 -6.81
CA GLN B 865 8.39 -29.88 -6.64
C GLN B 865 8.09 -30.57 -7.96
N SER B 866 7.95 -29.81 -9.04
CA SER B 866 7.70 -30.40 -10.35
C SER B 866 8.87 -31.28 -10.79
N LEU B 867 10.10 -30.77 -10.61
CA LEU B 867 11.27 -31.54 -11.00
C LEU B 867 11.41 -32.80 -10.15
N GLN B 868 11.15 -32.70 -8.85
CA GLN B 868 11.25 -33.85 -7.97
C GLN B 868 10.22 -34.92 -8.32
N SER B 869 8.99 -34.51 -8.58
CA SER B 869 7.95 -35.46 -8.96
C SER B 869 8.08 -35.93 -10.41
N LYS B 870 8.93 -35.29 -11.21
CA LYS B 870 9.17 -35.68 -12.59
C LYS B 870 10.40 -36.57 -12.71
N LEU B 871 11.51 -36.15 -12.12
CA LEU B 871 12.74 -36.93 -12.16
C LEU B 871 12.62 -38.17 -11.28
N SER B 872 13.67 -38.99 -11.31
CA SER B 872 13.76 -40.16 -10.46
C SER B 872 15.24 -40.50 -10.29
N ARG B 873 15.51 -41.34 -9.29
CA ARG B 873 16.88 -41.74 -9.01
C ARG B 873 17.33 -42.92 -9.85
N THR B 874 16.40 -43.72 -10.37
CA THR B 874 16.72 -44.90 -11.15
C THR B 874 16.41 -44.70 -12.63
N SER B 875 16.58 -43.48 -13.13
CA SER B 875 16.36 -43.20 -14.55
C SER B 875 17.05 -41.89 -14.89
N ASN B 876 17.95 -41.92 -15.87
CA ASN B 876 18.67 -40.72 -16.25
C ASN B 876 17.71 -39.69 -16.86
N ALA B 877 18.02 -38.41 -16.64
CA ALA B 877 17.22 -37.31 -17.16
C ALA B 877 18.13 -36.32 -17.86
N PHE B 878 17.62 -35.71 -18.94
CA PHE B 878 18.45 -34.88 -19.80
C PHE B 878 17.71 -33.62 -20.20
N LEU B 879 18.49 -32.59 -20.51
CA LEU B 879 18.05 -31.41 -21.25
C LEU B 879 18.60 -31.60 -22.66
N VAL B 880 17.70 -31.77 -23.63
CA VAL B 880 18.07 -32.26 -24.95
C VAL B 880 17.81 -31.18 -26.00
N TRP B 881 18.88 -30.80 -26.71
CA TRP B 881 18.80 -30.04 -27.95
C TRP B 881 18.99 -31.03 -29.09
N SER B 882 17.87 -31.49 -29.64
CA SER B 882 17.87 -32.51 -30.69
C SER B 882 17.39 -31.91 -32.00
N VAL B 883 18.29 -31.87 -33.00
CA VAL B 883 17.95 -31.41 -34.33
C VAL B 883 18.04 -32.60 -35.28
N ASP B 884 17.20 -32.60 -36.30
CA ASP B 884 17.23 -33.65 -37.32
C ASP B 884 18.03 -33.15 -38.51
N SER B 885 19.12 -33.85 -38.82
CA SER B 885 19.93 -33.58 -39.99
C SER B 885 19.57 -34.64 -41.03
N GLU B 886 19.00 -34.18 -42.16
CA GLU B 886 18.72 -35.08 -43.27
C GLU B 886 19.99 -35.55 -43.95
N LYS B 887 21.12 -34.86 -43.72
CA LYS B 887 22.42 -35.24 -44.21
C LYS B 887 23.39 -35.34 -43.05
N ASN B 888 24.18 -36.43 -43.04
CA ASN B 888 25.19 -36.64 -42.01
C ASN B 888 26.51 -36.00 -42.41
N LYS B 889 27.41 -35.88 -41.44
CA LYS B 889 28.74 -35.34 -41.69
C LYS B 889 29.49 -36.16 -42.74
N ASP B 928 37.56 -24.99 -41.47
CA ASP B 928 37.73 -26.28 -40.80
C ASP B 928 36.52 -27.17 -41.00
N ASN B 929 35.41 -26.56 -41.46
CA ASN B 929 34.16 -27.26 -41.71
C ASN B 929 33.68 -28.00 -40.47
N ASN B 930 33.73 -27.33 -39.33
CA ASN B 930 33.31 -27.89 -38.05
C ASN B 930 32.25 -27.01 -37.39
N SER B 931 31.41 -26.39 -38.21
CA SER B 931 30.34 -25.54 -37.67
C SER B 931 29.29 -26.40 -36.99
N ASP B 932 28.89 -25.99 -35.79
CA ASP B 932 27.93 -26.77 -35.02
C ASP B 932 26.55 -26.71 -35.68
N ILE B 933 25.92 -27.88 -35.82
CA ILE B 933 24.62 -27.95 -36.48
C ILE B 933 23.47 -27.96 -35.47
N THR B 934 23.75 -28.05 -34.19
CA THR B 934 22.70 -27.94 -33.19
C THR B 934 22.43 -26.50 -32.78
N GLN B 935 23.27 -25.56 -33.20
CA GLN B 935 23.05 -24.14 -32.94
C GLN B 935 22.84 -23.33 -34.21
N THR B 936 22.66 -23.99 -35.36
CA THR B 936 22.34 -23.32 -36.60
C THR B 936 20.84 -23.48 -36.85
N GLU B 937 20.15 -22.36 -37.04
CA GLU B 937 18.69 -22.39 -37.09
C GLU B 937 18.21 -23.20 -38.28
N VAL B 938 17.25 -24.10 -38.03
CA VAL B 938 16.67 -24.92 -39.09
C VAL B 938 15.48 -24.12 -39.64
N LYS B 939 15.77 -23.25 -40.60
CA LYS B 939 14.71 -22.52 -41.28
C LYS B 939 13.91 -23.49 -42.14
N ASN B 940 12.58 -23.42 -42.03
CA ASN B 940 11.67 -24.30 -42.74
C ASN B 940 11.92 -25.76 -42.37
N PRO B 941 11.64 -26.17 -41.13
CA PRO B 941 11.77 -27.59 -40.77
C PRO B 941 10.53 -28.35 -41.21
N ASN B 942 10.75 -29.50 -41.86
CA ASN B 942 9.67 -30.30 -42.43
C ASN B 942 8.89 -29.53 -43.47
N PHE B 943 9.55 -28.57 -44.12
CA PHE B 943 8.94 -27.74 -45.15
C PHE B 943 7.65 -27.10 -44.63
N VAL B 944 7.82 -26.26 -43.62
CA VAL B 944 6.68 -25.63 -42.94
C VAL B 944 6.51 -24.17 -43.36
N PHE B 945 7.51 -23.55 -43.97
CA PHE B 945 7.44 -22.20 -44.51
C PHE B 945 7.44 -22.22 -46.03
N GLY B 946 6.81 -23.25 -46.62
CA GLY B 946 6.74 -23.38 -48.06
C GLY B 946 7.69 -24.43 -48.62
N SER B 947 8.33 -24.10 -49.74
CA SER B 947 9.28 -24.98 -50.40
C SER B 947 10.60 -24.24 -50.62
N SER B 948 11.71 -24.95 -50.43
CA SER B 948 13.02 -24.31 -50.52
C SER B 948 13.45 -24.07 -51.96
N VAL B 949 13.13 -24.99 -52.87
CA VAL B 949 13.65 -24.90 -54.24
C VAL B 949 13.07 -23.70 -54.97
N TYR B 950 11.78 -23.42 -54.76
CA TYR B 950 11.14 -22.26 -55.40
C TYR B 950 10.48 -21.39 -54.34
N ASP B 951 9.70 -20.39 -54.76
CA ASP B 951 8.97 -19.56 -53.81
C ASP B 951 7.47 -19.77 -53.93
N ARG B 1007 20.73 -21.87 -29.55
CA ARG B 1007 21.05 -23.29 -29.65
C ARG B 1007 19.75 -24.06 -29.74
N TYR B 1008 19.49 -24.65 -30.91
CA TYR B 1008 18.15 -25.06 -31.30
C TYR B 1008 17.92 -26.55 -31.06
N GLY B 1009 16.65 -26.91 -30.98
CA GLY B 1009 16.23 -28.28 -30.73
C GLY B 1009 15.87 -28.59 -29.31
N PHE B 1010 15.79 -27.58 -28.45
CA PHE B 1010 15.65 -27.81 -27.01
C PHE B 1010 14.30 -28.45 -26.67
N ARG B 1011 14.34 -29.51 -25.87
CA ARG B 1011 13.14 -30.20 -25.40
C ARG B 1011 12.94 -30.07 -23.90
N GLY B 1012 13.82 -29.35 -23.20
CA GLY B 1012 13.72 -29.24 -21.76
C GLY B 1012 14.18 -30.51 -21.06
N ILE B 1013 13.85 -30.59 -19.78
CA ILE B 1013 14.13 -31.81 -19.01
C ILE B 1013 13.20 -32.90 -19.54
N VAL B 1014 13.78 -33.87 -20.25
CA VAL B 1014 13.04 -34.99 -20.79
C VAL B 1014 13.50 -36.26 -20.08
N THR B 1015 12.54 -37.05 -19.61
CA THR B 1015 12.80 -38.28 -18.88
C THR B 1015 12.24 -39.46 -19.66
N SER B 1016 12.49 -40.66 -19.13
CA SER B 1016 12.03 -41.87 -19.81
C SER B 1016 10.51 -41.92 -19.87
N SER B 1017 9.82 -41.50 -18.80
CA SER B 1017 8.37 -41.55 -18.78
C SER B 1017 7.73 -40.48 -19.63
N THR B 1018 8.47 -39.43 -20.01
CA THR B 1018 7.93 -38.28 -20.73
C THR B 1018 8.82 -37.92 -21.91
N SER B 1019 9.21 -38.92 -22.69
CA SER B 1019 10.06 -38.71 -23.87
C SER B 1019 9.25 -38.71 -25.15
N GLY B 1020 8.01 -38.21 -25.11
CA GLY B 1020 7.19 -38.20 -26.31
C GLY B 1020 7.71 -37.26 -27.38
N SER B 1021 8.12 -36.05 -26.99
CA SER B 1021 8.56 -35.06 -27.98
C SER B 1021 9.82 -35.50 -28.69
N LEU B 1022 10.69 -36.25 -28.01
CA LEU B 1022 11.93 -36.69 -28.63
C LEU B 1022 11.63 -37.76 -29.68
N PRO B 1023 12.40 -37.82 -30.76
CA PRO B 1023 12.28 -38.93 -31.70
C PRO B 1023 12.58 -40.25 -31.01
N GLU B 1024 11.91 -41.31 -31.45
CA GLU B 1024 12.13 -42.63 -30.88
C GLU B 1024 13.58 -43.06 -30.99
N ALA B 1025 14.29 -42.62 -32.02
CA ALA B 1025 15.71 -42.94 -32.16
C ALA B 1025 16.52 -42.36 -30.99
N VAL B 1026 16.47 -41.05 -30.81
CA VAL B 1026 17.26 -40.41 -29.76
C VAL B 1026 16.71 -40.79 -28.38
N SER B 1027 15.40 -40.91 -28.24
CA SER B 1027 14.83 -41.30 -26.96
C SER B 1027 15.29 -42.70 -26.56
N ARG B 1028 15.35 -43.62 -27.52
CA ARG B 1028 15.85 -44.96 -27.24
C ARG B 1028 17.35 -44.93 -26.97
N ARG B 1029 18.09 -44.09 -27.70
CA ARG B 1029 19.53 -43.98 -27.49
C ARG B 1029 19.86 -43.42 -26.12
N LEU B 1030 18.99 -42.59 -25.56
CA LEU B 1030 19.23 -41.98 -24.26
C LEU B 1030 18.71 -42.84 -23.11
N PHE B 1031 17.41 -43.13 -23.12
CA PHE B 1031 16.74 -43.74 -21.99
C PHE B 1031 16.57 -45.25 -22.11
N LYS B 1032 17.05 -45.86 -23.20
CA LYS B 1032 17.06 -47.31 -23.30
C LYS B 1032 18.33 -47.89 -23.90
N GLN B 1033 19.18 -47.09 -24.53
CA GLN B 1033 20.41 -47.57 -25.13
C GLN B 1033 21.55 -46.59 -24.85
N PHE B 1034 21.65 -46.14 -23.59
CA PHE B 1034 22.68 -45.18 -23.22
C PHE B 1034 24.06 -45.65 -23.63
N VAL B 1035 24.43 -46.86 -23.23
CA VAL B 1035 25.73 -47.44 -23.55
C VAL B 1035 25.47 -48.53 -24.58
N ASN B 1036 25.64 -48.18 -25.86
CA ASN B 1036 25.40 -49.14 -26.93
C ASN B 1036 26.47 -50.23 -26.91
N GLN B 1037 26.19 -51.31 -27.64
CA GLN B 1037 27.13 -52.42 -27.71
C GLN B 1037 28.45 -52.04 -28.37
N THR B 1038 28.49 -50.91 -29.08
CA THR B 1038 29.72 -50.41 -29.67
C THR B 1038 30.47 -49.53 -28.68
N ASN B 1074 36.78 -46.66 -21.18
CA ASN B 1074 35.92 -45.94 -22.12
C ASN B 1074 35.00 -44.98 -21.38
N ASN B 1075 34.63 -43.89 -22.06
CA ASN B 1075 33.72 -42.90 -21.49
C ASN B 1075 32.27 -43.19 -21.81
N ALA B 1076 31.97 -44.32 -22.45
CA ALA B 1076 30.60 -44.64 -22.81
C ALA B 1076 29.73 -44.93 -21.59
N TYR B 1077 30.34 -45.19 -20.43
CA TYR B 1077 29.58 -45.45 -19.21
C TYR B 1077 29.37 -44.20 -18.37
N LYS B 1078 30.00 -43.09 -18.71
CA LYS B 1078 29.85 -41.88 -17.91
C LYS B 1078 28.39 -41.43 -17.87
N GLY B 1079 27.89 -41.18 -16.67
CA GLY B 1079 26.55 -40.69 -16.50
C GLY B 1079 25.46 -41.75 -16.50
N ALA B 1080 25.81 -43.02 -16.70
CA ALA B 1080 24.79 -44.06 -16.72
C ALA B 1080 24.09 -44.17 -15.38
N LEU B 1081 24.85 -44.15 -14.29
CA LEU B 1081 24.30 -44.14 -12.94
C LEU B 1081 24.37 -42.76 -12.30
N PHE B 1082 24.51 -41.71 -13.11
CA PHE B 1082 24.43 -40.34 -12.60
C PHE B 1082 23.02 -40.00 -12.13
N SER B 1083 22.02 -40.80 -12.51
CA SER B 1083 20.70 -40.64 -11.93
C SER B 1083 20.70 -40.88 -10.43
N PHE B 1084 21.74 -41.54 -9.91
CA PHE B 1084 21.95 -41.67 -8.47
C PHE B 1084 22.85 -40.57 -7.94
N GLY B 1085 23.85 -40.16 -8.72
CA GLY B 1085 24.69 -39.02 -8.41
C GLY B 1085 25.89 -39.32 -7.55
N SER B 1086 25.71 -40.13 -6.52
CA SER B 1086 26.79 -40.45 -5.58
C SER B 1086 26.89 -41.96 -5.42
N MET B 1087 28.05 -42.39 -4.90
CA MET B 1087 28.32 -43.81 -4.75
C MET B 1087 27.27 -44.51 -3.89
N ASP B 1088 26.99 -43.96 -2.71
CA ASP B 1088 26.10 -44.63 -1.77
C ASP B 1088 24.63 -44.51 -2.18
N ASN B 1089 24.32 -43.72 -3.21
CA ASN B 1089 22.92 -43.45 -3.53
C ASN B 1089 22.20 -44.70 -4.03
N LEU B 1090 22.77 -45.41 -5.00
CA LEU B 1090 22.14 -46.62 -5.48
C LEU B 1090 22.21 -47.74 -4.45
N LYS B 1091 23.23 -47.72 -3.59
CA LYS B 1091 23.26 -48.65 -2.46
C LYS B 1091 22.07 -48.43 -1.55
N ASN B 1092 21.73 -47.17 -1.27
CA ASN B 1092 20.57 -46.88 -0.44
C ASN B 1092 19.25 -47.20 -1.13
N ILE B 1093 19.26 -47.47 -2.43
CA ILE B 1093 18.01 -47.74 -3.14
C ILE B 1093 17.81 -49.22 -3.41
N ILE B 1094 18.91 -50.00 -3.53
CA ILE B 1094 18.75 -51.41 -3.84
C ILE B 1094 18.16 -52.17 -2.65
N ASN B 1095 18.65 -51.90 -1.44
CA ASN B 1095 18.07 -52.54 -0.26
C ASN B 1095 16.75 -51.92 0.17
N GLY B 1096 16.30 -50.85 -0.48
CA GLY B 1096 15.00 -50.30 -0.19
C GLY B 1096 13.84 -51.06 -0.78
N ILE B 1097 14.12 -52.11 -1.57
CA ILE B 1097 13.08 -52.91 -2.19
C ILE B 1097 12.38 -53.75 -1.13
N GLN B 1098 11.05 -53.81 -1.22
CA GLN B 1098 10.25 -54.62 -0.31
C GLN B 1098 9.58 -55.81 -0.98
N THR B 1099 9.09 -55.66 -2.20
CA THR B 1099 8.37 -56.72 -2.90
C THR B 1099 9.16 -57.21 -4.11
N GLN B 1100 8.66 -58.30 -4.71
CA GLN B 1100 9.38 -58.94 -5.81
C GLN B 1100 9.38 -58.07 -7.06
N THR B 1101 8.24 -57.46 -7.38
CA THR B 1101 8.16 -56.64 -8.59
C THR B 1101 9.00 -55.38 -8.48
N GLU B 1102 9.14 -54.84 -7.27
CA GLU B 1102 9.99 -53.67 -7.07
C GLU B 1102 11.43 -53.97 -7.44
N PHE B 1103 11.93 -55.15 -7.06
CA PHE B 1103 13.27 -55.54 -7.48
C PHE B 1103 13.30 -55.91 -8.95
N ASP B 1104 12.21 -56.49 -9.46
CA ASP B 1104 12.17 -56.86 -10.87
C ASP B 1104 12.37 -55.65 -11.76
N ALA B 1105 11.68 -54.55 -11.45
CA ALA B 1105 11.83 -53.33 -12.23
C ALA B 1105 13.26 -52.79 -12.15
N LEU B 1106 13.83 -52.77 -10.95
CA LEU B 1106 15.19 -52.24 -10.77
C LEU B 1106 16.20 -53.09 -11.54
N TYR B 1107 16.08 -54.42 -11.44
CA TYR B 1107 17.00 -55.31 -12.12
C TYR B 1107 16.88 -55.18 -13.63
N ASN B 1108 15.65 -55.12 -14.15
CA ASN B 1108 15.46 -54.95 -15.59
C ASN B 1108 16.02 -53.61 -16.06
N HIS B 1109 15.82 -52.55 -15.28
CA HIS B 1109 16.39 -51.25 -15.64
C HIS B 1109 17.91 -51.28 -15.58
N LEU B 1110 18.47 -52.01 -14.62
CA LEU B 1110 19.93 -52.09 -14.50
C LEU B 1110 20.55 -52.96 -15.60
N THR B 1111 19.76 -53.85 -16.20
CA THR B 1111 20.26 -54.76 -17.23
C THR B 1111 19.70 -54.43 -18.61
N SER B 1112 18.37 -54.38 -18.77
CA SER B 1112 17.78 -54.13 -20.07
C SER B 1112 17.77 -52.65 -20.44
N ASP B 1113 18.02 -51.76 -19.49
CA ASP B 1113 18.04 -50.32 -19.74
C ASP B 1113 19.43 -49.73 -19.52
N LEU B 1114 20.03 -49.96 -18.36
CA LEU B 1114 21.34 -49.40 -18.04
C LEU B 1114 22.49 -50.31 -18.42
N ASN B 1115 22.19 -51.46 -19.04
CA ASN B 1115 23.17 -52.39 -19.63
C ASN B 1115 24.39 -52.65 -18.75
N ILE B 1116 24.21 -52.71 -17.44
CA ILE B 1116 25.30 -53.02 -16.52
C ILE B 1116 25.32 -54.53 -16.28
N ASP B 1117 26.50 -55.13 -16.43
CA ASP B 1117 26.63 -56.57 -16.25
C ASP B 1117 26.36 -56.96 -14.79
N VAL B 1118 25.62 -58.06 -14.62
CA VAL B 1118 25.22 -58.54 -13.31
C VAL B 1118 25.80 -59.93 -13.09
N THR B 1119 26.43 -60.13 -11.94
CA THR B 1119 27.08 -61.38 -11.59
C THR B 1119 26.45 -61.99 -10.35
N GLY B 1120 26.12 -63.28 -10.42
CA GLY B 1120 25.66 -64.01 -9.26
C GLY B 1120 24.20 -63.85 -8.91
N VAL B 1121 23.44 -63.09 -9.68
CA VAL B 1121 22.03 -62.87 -9.38
C VAL B 1121 21.24 -64.11 -9.74
N ASP B 1122 20.22 -64.43 -8.95
CA ASP B 1122 19.37 -65.58 -9.17
C ASP B 1122 17.91 -65.18 -8.98
N LYS B 1123 17.05 -65.61 -9.90
CA LYS B 1123 15.62 -65.34 -9.77
C LYS B 1123 14.99 -66.16 -8.65
N ASN B 1124 15.47 -67.39 -8.45
CA ASN B 1124 14.89 -68.28 -7.46
C ASN B 1124 15.19 -67.86 -6.02
N LYS B 1125 16.07 -66.89 -5.81
CA LYS B 1125 16.42 -66.46 -4.46
C LYS B 1125 15.23 -65.80 -3.78
N THR B 1126 15.28 -65.75 -2.46
CA THR B 1126 14.22 -65.14 -1.66
C THR B 1126 14.36 -63.63 -1.70
N LEU B 1127 13.54 -62.93 -0.91
CA LEU B 1127 13.56 -61.47 -0.93
C LEU B 1127 14.89 -60.92 -0.45
N THR B 1128 15.41 -61.46 0.65
CA THR B 1128 16.64 -60.92 1.22
C THR B 1128 17.83 -61.10 0.28
N GLU B 1129 18.06 -62.33 -0.17
CA GLU B 1129 19.18 -62.61 -1.06
C GLU B 1129 19.06 -61.91 -2.40
N GLN B 1130 17.83 -61.65 -2.85
CA GLN B 1130 17.62 -60.96 -4.12
C GLN B 1130 18.30 -59.60 -4.12
N LYS B 1131 18.07 -58.80 -3.07
CA LYS B 1131 18.75 -57.52 -2.95
C LYS B 1131 20.19 -57.67 -2.48
N THR B 1132 20.48 -58.71 -1.69
CA THR B 1132 21.83 -58.88 -1.16
C THR B 1132 22.84 -59.13 -2.26
N SER B 1133 22.48 -59.97 -3.24
CA SER B 1133 23.40 -60.23 -4.35
C SER B 1133 23.68 -58.98 -5.15
N LEU B 1134 22.64 -58.19 -5.45
CA LEU B 1134 22.82 -56.95 -6.19
C LEU B 1134 23.67 -55.95 -5.41
N THR B 1135 23.41 -55.81 -4.11
CA THR B 1135 24.22 -54.89 -3.32
C THR B 1135 25.68 -55.33 -3.26
N SER B 1136 25.92 -56.64 -3.09
CA SER B 1136 27.29 -57.14 -3.04
C SER B 1136 28.01 -56.91 -4.36
N PHE B 1137 27.33 -57.16 -5.48
CA PHE B 1137 28.00 -56.98 -6.77
C PHE B 1137 28.19 -55.51 -7.10
N VAL B 1138 27.26 -54.64 -6.66
CA VAL B 1138 27.44 -53.20 -6.87
C VAL B 1138 28.65 -52.71 -6.10
N ASP B 1139 28.78 -53.14 -4.84
CA ASP B 1139 29.92 -52.73 -4.03
C ASP B 1139 31.22 -53.28 -4.62
N SER B 1140 31.23 -54.56 -5.01
CA SER B 1140 32.44 -55.22 -5.48
C SER B 1140 32.78 -54.88 -6.91
N ASN B 1141 31.90 -54.20 -7.65
CA ASN B 1141 32.19 -53.74 -8.99
C ASN B 1141 32.53 -52.26 -9.07
N PHE B 1142 32.09 -51.48 -8.08
CA PHE B 1142 32.30 -50.04 -8.03
C PHE B 1142 33.08 -49.64 -6.78
N LYS B 1143 34.19 -50.32 -6.51
CA LYS B 1143 34.94 -50.02 -5.30
C LYS B 1143 35.90 -48.86 -5.50
N GLN B 1144 35.40 -47.73 -5.98
CA GLN B 1144 36.25 -46.54 -6.13
C GLN B 1144 36.54 -45.93 -4.76
N LYS B 1179 35.04 -45.19 -13.62
CA LYS B 1179 34.88 -44.88 -15.04
C LYS B 1179 34.03 -43.63 -15.24
N ASP B 1180 34.06 -42.74 -14.23
CA ASP B 1180 33.25 -41.52 -14.22
C ASP B 1180 31.76 -41.84 -14.37
N VAL B 1181 31.34 -42.97 -13.82
CA VAL B 1181 29.95 -43.40 -13.98
C VAL B 1181 29.00 -42.42 -13.28
N PHE B 1182 29.42 -41.86 -12.16
CA PHE B 1182 28.61 -40.92 -11.39
C PHE B 1182 28.84 -39.47 -11.80
N SER B 1183 29.67 -39.23 -12.81
CA SER B 1183 29.89 -37.87 -13.27
C SER B 1183 28.71 -37.40 -14.13
N ARG B 1184 28.66 -36.10 -14.37
CA ARG B 1184 27.57 -35.49 -15.13
C ARG B 1184 27.97 -35.40 -16.61
N PHE B 1185 27.13 -35.94 -17.48
CA PHE B 1185 27.39 -35.94 -18.91
C PHE B 1185 26.72 -34.72 -19.54
N ASP B 1186 27.53 -33.77 -20.00
CA ASP B 1186 27.06 -32.55 -20.66
C ASP B 1186 27.75 -32.48 -22.01
N GLY B 1187 27.15 -33.11 -23.01
CA GLY B 1187 27.77 -33.18 -24.31
C GLY B 1187 26.88 -33.83 -25.34
N TYR B 1188 27.48 -34.20 -26.46
CA TYR B 1188 26.76 -34.70 -27.62
C TYR B 1188 26.63 -36.22 -27.58
N ILE B 1189 25.43 -36.70 -27.87
CA ILE B 1189 25.15 -38.13 -27.92
C ILE B 1189 24.54 -38.45 -29.29
N GLY B 1190 25.14 -39.43 -29.98
CA GLY B 1190 24.67 -39.85 -31.28
C GLY B 1190 25.01 -41.31 -31.52
N ASP B 1191 25.58 -41.61 -32.69
CA ASP B 1191 26.19 -42.91 -32.89
C ASP B 1191 27.29 -43.16 -31.86
N ASN B 1192 28.10 -42.14 -31.60
CA ASN B 1192 29.08 -42.14 -30.52
C ASN B 1192 28.62 -41.18 -29.43
N LYS B 1193 29.44 -41.04 -28.39
CA LYS B 1193 29.23 -40.08 -27.33
C LYS B 1193 30.49 -39.25 -27.18
N VAL B 1194 30.33 -37.93 -27.12
CA VAL B 1194 31.46 -37.02 -27.02
C VAL B 1194 31.03 -35.84 -26.14
N GLU B 1195 32.01 -35.03 -25.74
CA GLU B 1195 31.71 -33.86 -24.92
C GLU B 1195 31.44 -32.63 -25.80
N GLU B 1196 30.99 -31.56 -25.15
CA GLU B 1196 30.67 -30.34 -25.89
C GLU B 1196 31.90 -29.77 -26.58
N LYS B 1197 33.05 -29.79 -25.90
CA LYS B 1197 34.26 -29.21 -26.47
C LYS B 1197 34.69 -29.92 -27.75
N ASN B 1198 34.57 -31.25 -27.77
CA ASN B 1198 35.05 -32.05 -28.89
C ASN B 1198 33.90 -32.34 -29.84
N TYR B 1199 33.50 -31.33 -30.60
CA TYR B 1199 32.51 -31.55 -31.64
C TYR B 1199 33.12 -32.13 -32.91
N THR B 1200 34.44 -32.07 -33.05
CA THR B 1200 35.12 -32.61 -34.22
C THR B 1200 35.09 -34.12 -34.27
N SER B 1201 34.65 -34.79 -33.20
CA SER B 1201 34.62 -36.24 -33.13
C SER B 1201 33.25 -36.73 -32.70
N TYR B 1202 32.20 -36.15 -33.26
CA TYR B 1202 30.82 -36.54 -32.95
C TYR B 1202 30.19 -37.17 -34.18
N GLN B 1203 29.67 -38.38 -34.02
CA GLN B 1203 28.95 -39.08 -35.08
C GLN B 1203 27.46 -38.96 -34.82
N PHE B 1204 26.74 -38.40 -35.80
CA PHE B 1204 25.31 -38.20 -35.64
C PHE B 1204 24.61 -39.55 -35.47
N LEU B 1205 23.55 -39.56 -34.66
CA LEU B 1205 22.75 -40.77 -34.54
C LEU B 1205 22.09 -41.07 -35.88
N SER B 1206 22.02 -42.35 -36.23
CA SER B 1206 21.48 -42.78 -37.51
C SER B 1206 20.21 -43.59 -37.29
N ASP B 1207 19.16 -43.29 -38.06
CA ASP B 1207 17.89 -43.98 -37.89
C ASP B 1207 17.08 -43.85 -39.17
N GLY B 1208 16.88 -44.98 -39.86
CA GLY B 1208 15.99 -45.02 -41.01
C GLY B 1208 16.34 -44.05 -42.11
N GLY B 1209 17.63 -43.87 -42.39
CA GLY B 1209 18.07 -42.94 -43.40
C GLY B 1209 18.17 -41.51 -42.94
N LYS B 1210 17.63 -41.17 -41.78
CA LYS B 1210 17.75 -39.83 -41.21
C LYS B 1210 18.86 -39.82 -40.17
N TYR B 1211 19.35 -38.61 -39.87
CA TYR B 1211 20.37 -38.45 -38.85
C TYR B 1211 19.90 -37.45 -37.80
N HIS B 1212 20.45 -37.57 -36.60
CA HIS B 1212 20.11 -36.70 -35.50
C HIS B 1212 21.38 -36.16 -34.87
N ALA B 1213 21.38 -34.85 -34.57
CA ALA B 1213 22.42 -34.23 -33.77
C ALA B 1213 21.82 -33.84 -32.44
N THR B 1214 22.36 -34.38 -31.35
CA THR B 1214 21.73 -34.25 -30.05
C THR B 1214 22.74 -33.84 -29.00
N PHE B 1215 22.46 -32.72 -28.34
CA PHE B 1215 23.20 -32.28 -27.16
C PHE B 1215 22.35 -32.60 -25.94
N VAL B 1216 22.96 -33.17 -24.92
CA VAL B 1216 22.27 -33.52 -23.69
C VAL B 1216 23.05 -32.99 -22.50
N LYS B 1217 22.34 -32.36 -21.57
CA LYS B 1217 22.89 -31.95 -20.29
C LYS B 1217 22.21 -32.78 -19.20
N GLN B 1218 23.02 -33.45 -18.38
CA GLN B 1218 22.47 -34.38 -17.40
C GLN B 1218 21.88 -33.62 -16.21
N VAL B 1219 20.76 -34.11 -15.71
CA VAL B 1219 20.07 -33.53 -14.57
C VAL B 1219 19.67 -34.65 -13.63
N ASN B 1220 20.11 -34.57 -12.38
CA ASN B 1220 19.73 -35.51 -11.33
C ASN B 1220 19.06 -34.73 -10.20
N LEU B 1221 18.58 -35.48 -9.19
CA LEU B 1221 17.96 -34.85 -8.04
C LEU B 1221 18.97 -34.16 -7.14
N ASP B 1222 20.27 -34.38 -7.36
CA ASP B 1222 21.30 -33.65 -6.63
C ASP B 1222 21.38 -32.19 -7.03
N ASP B 1223 20.74 -31.80 -8.14
CA ASP B 1223 20.62 -30.42 -8.53
C ASP B 1223 19.18 -29.92 -8.57
N VAL B 1224 18.20 -30.82 -8.57
CA VAL B 1224 16.80 -30.42 -8.42
C VAL B 1224 16.60 -29.74 -7.08
N GLU B 1225 17.15 -30.33 -6.01
CA GLU B 1225 17.05 -29.72 -4.69
C GLU B 1225 17.94 -28.51 -4.54
N LYS B 1226 18.98 -28.37 -5.37
CA LYS B 1226 19.96 -27.31 -5.21
C LYS B 1226 19.56 -26.00 -5.87
N ILE B 1227 18.41 -25.93 -6.52
CA ILE B 1227 17.93 -24.68 -7.08
C ILE B 1227 17.13 -23.94 -6.00
N GLY B 1228 17.53 -22.70 -5.74
CA GLY B 1228 16.97 -21.93 -4.63
C GLY B 1228 17.06 -20.45 -4.87
N THR B 1229 17.45 -19.71 -3.83
CA THR B 1229 17.45 -18.25 -3.91
C THR B 1229 18.44 -17.74 -4.95
N ASP B 1230 19.64 -18.34 -5.01
CA ASP B 1230 20.68 -17.88 -5.90
C ASP B 1230 20.57 -18.45 -7.30
N SER B 1231 19.41 -19.04 -7.62
CA SER B 1231 19.22 -19.73 -8.89
C SER B 1231 18.91 -18.87 -10.09
N LEU B 1232 18.40 -17.67 -9.85
CA LEU B 1232 18.07 -16.74 -10.91
C LEU B 1232 19.07 -15.61 -11.05
N LYS B 1233 20.18 -15.66 -10.32
CA LYS B 1233 21.20 -14.63 -10.45
C LYS B 1233 21.84 -14.67 -11.82
N GLN B 1234 22.16 -13.48 -12.35
CA GLN B 1234 22.80 -13.38 -13.66
C GLN B 1234 24.21 -13.96 -13.65
N GLU B 1235 24.80 -14.15 -12.47
CA GLU B 1235 26.21 -14.52 -12.37
C GLU B 1235 26.45 -15.92 -12.92
N ASP B 1236 27.57 -16.09 -13.61
CA ASP B 1236 27.94 -17.41 -14.12
C ASP B 1236 28.31 -18.36 -13.00
N SER B 1237 28.98 -17.88 -11.95
CA SER B 1237 29.42 -18.75 -10.87
C SER B 1237 28.25 -19.39 -10.13
N SER B 1238 27.05 -18.86 -10.28
CA SER B 1238 25.86 -19.43 -9.66
C SER B 1238 25.10 -20.36 -10.59
N LYS B 1239 25.70 -20.75 -11.72
CA LYS B 1239 25.02 -21.65 -12.65
C LYS B 1239 24.73 -23.00 -11.99
N ASP B 1240 25.60 -23.46 -11.08
CA ASP B 1240 25.34 -24.68 -10.34
C ASP B 1240 24.07 -24.59 -9.50
N LYS B 1241 23.64 -23.36 -9.19
CA LYS B 1241 22.39 -23.17 -8.48
C LYS B 1241 21.16 -23.33 -9.37
N ARG B 1242 21.35 -23.46 -10.69
CA ARG B 1242 20.26 -23.79 -11.62
C ARG B 1242 20.74 -24.89 -12.56
N LEU B 1243 20.67 -26.14 -12.09
CA LEU B 1243 20.93 -27.33 -12.89
C LEU B 1243 22.17 -27.21 -13.78
N ASN B 1244 23.19 -26.49 -13.32
CA ASN B 1244 24.39 -26.20 -14.11
C ASN B 1244 24.05 -25.53 -15.43
N LEU B 1245 22.96 -24.78 -15.47
CA LEU B 1245 22.47 -24.13 -16.67
C LEU B 1245 22.77 -22.64 -16.64
N SER B 1246 22.76 -22.03 -17.82
CA SER B 1246 22.71 -20.58 -17.90
C SER B 1246 21.29 -20.09 -17.62
N LEU B 1247 21.16 -18.79 -17.39
CA LEU B 1247 19.87 -18.24 -17.00
C LEU B 1247 18.84 -18.41 -18.11
N GLU B 1248 19.22 -18.13 -19.35
CA GLU B 1248 18.28 -18.27 -20.47
C GLU B 1248 17.84 -19.72 -20.65
N GLU B 1249 18.80 -20.65 -20.60
CA GLU B 1249 18.45 -22.07 -20.72
C GLU B 1249 17.54 -22.51 -19.57
N PHE B 1250 17.85 -22.06 -18.37
CA PHE B 1250 17.02 -22.42 -17.21
C PHE B 1250 15.60 -21.89 -17.37
N LEU B 1251 15.47 -20.64 -17.81
CA LEU B 1251 14.14 -20.06 -17.96
C LEU B 1251 13.37 -20.72 -19.10
N ALA B 1252 14.07 -21.10 -20.18
CA ALA B 1252 13.42 -21.85 -21.25
C ALA B 1252 12.91 -23.19 -20.74
N ALA B 1253 13.70 -23.88 -19.92
CA ALA B 1253 13.26 -25.13 -19.32
C ALA B 1253 12.06 -24.91 -18.41
N ILE B 1254 12.08 -23.82 -17.62
CA ILE B 1254 10.95 -23.53 -16.74
C ILE B 1254 9.70 -23.22 -17.56
N ALA B 1255 9.86 -22.54 -18.70
CA ALA B 1255 8.72 -22.28 -19.57
C ALA B 1255 8.15 -23.56 -20.15
N LEU B 1256 9.03 -24.46 -20.61
CA LEU B 1256 8.57 -25.75 -21.13
C LEU B 1256 7.85 -26.53 -20.04
N GLU B 1257 8.33 -26.45 -18.80
CA GLU B 1257 7.61 -27.02 -17.67
C GLU B 1257 6.27 -26.33 -17.45
N ALA B 1258 6.22 -25.01 -17.64
CA ALA B 1258 5.01 -24.22 -17.48
C ALA B 1258 3.94 -24.58 -18.51
N LEU B 1259 4.33 -25.13 -19.66
CA LEU B 1259 3.34 -25.58 -20.62
C LEU B 1259 2.56 -26.81 -20.14
N ASP B 1260 2.98 -27.45 -19.07
CA ASP B 1260 2.31 -28.64 -18.56
C ASP B 1260 0.91 -28.26 -18.07
N PRO B 1261 -0.14 -28.95 -18.50
CA PRO B 1261 -1.48 -28.66 -17.98
C PRO B 1261 -1.60 -28.79 -16.47
N ASN B 1262 -0.91 -29.76 -15.86
CA ASN B 1262 -0.93 -29.87 -14.40
C ASN B 1262 -0.30 -28.64 -13.75
N ASN B 1263 0.83 -28.17 -14.29
CA ASN B 1263 1.45 -26.96 -13.78
C ASN B 1263 0.51 -25.77 -13.90
N GLN B 1264 -0.15 -25.63 -15.05
CA GLN B 1264 -1.06 -24.50 -15.24
C GLN B 1264 -2.25 -24.59 -14.28
N THR B 1265 -2.80 -25.77 -14.08
CA THR B 1265 -3.91 -25.91 -13.15
C THR B 1265 -3.49 -25.56 -11.73
N GLN B 1266 -2.32 -26.03 -11.31
CA GLN B 1266 -1.83 -25.71 -9.98
C GLN B 1266 -1.60 -24.22 -9.82
N ALA B 1267 -1.00 -23.57 -10.83
CA ALA B 1267 -0.71 -22.16 -10.74
C ALA B 1267 -1.99 -21.32 -10.77
N ILE B 1268 -2.99 -21.75 -11.53
CA ILE B 1268 -4.25 -21.01 -11.58
C ILE B 1268 -5.00 -21.16 -10.26
N ASN B 1269 -4.98 -22.35 -9.67
CA ASN B 1269 -5.56 -22.50 -8.34
C ASN B 1269 -4.79 -21.72 -7.29
N ALA B 1270 -3.48 -21.56 -7.46
CA ALA B 1270 -2.71 -20.68 -6.59
C ALA B 1270 -3.12 -19.22 -6.76
N LEU B 1271 -3.34 -18.80 -8.01
CA LEU B 1271 -3.79 -17.44 -8.29
C LEU B 1271 -5.14 -17.16 -7.63
N ILE B 1272 -6.08 -18.09 -7.77
CA ILE B 1272 -7.41 -17.89 -7.20
C ILE B 1272 -7.36 -17.94 -5.68
N SER B 1273 -6.67 -18.95 -5.13
CA SER B 1273 -6.58 -19.06 -3.67
C SER B 1273 -5.70 -17.97 -3.09
N GLY B 1274 -4.59 -17.65 -3.75
CA GLY B 1274 -3.69 -16.62 -3.27
C GLY B 1274 -4.18 -15.22 -3.58
N ASN B 1275 -5.47 -14.98 -3.36
CA ASN B 1275 -6.10 -13.71 -3.65
C ASN B 1275 -6.18 -12.89 -2.37
N LYS B 1276 -5.77 -11.61 -2.46
CA LYS B 1276 -5.82 -10.75 -1.28
C LYS B 1276 -7.26 -10.54 -0.81
N LYS B 1277 -8.17 -10.33 -1.76
CA LYS B 1277 -9.57 -10.07 -1.43
C LYS B 1277 -10.42 -11.33 -1.41
N GLY B 1278 -9.83 -12.49 -1.60
CA GLY B 1278 -10.59 -13.72 -1.68
C GLY B 1278 -11.17 -13.94 -3.07
N LEU B 1279 -12.05 -14.94 -3.15
CA LEU B 1279 -12.69 -15.25 -4.42
C LEU B 1279 -13.70 -14.17 -4.79
N VAL B 1280 -13.81 -13.90 -6.09
CA VAL B 1280 -14.73 -12.88 -6.56
C VAL B 1280 -16.16 -13.33 -6.32
N LYS B 1281 -16.97 -12.47 -5.73
CA LYS B 1281 -18.38 -12.75 -5.54
C LYS B 1281 -19.18 -12.15 -6.70
N VAL B 1282 -20.27 -12.83 -7.04
CA VAL B 1282 -21.14 -12.40 -8.12
C VAL B 1282 -22.55 -12.27 -7.59
N GLY B 1283 -23.20 -11.16 -7.91
CA GLY B 1283 -24.57 -10.92 -7.52
C GLY B 1283 -25.61 -11.24 -8.57
N ASP B 1284 -25.19 -11.61 -9.78
CA ASP B 1284 -26.11 -11.93 -10.86
C ASP B 1284 -25.90 -13.38 -11.29
N PHE B 1285 -27.00 -14.11 -11.44
CA PHE B 1285 -26.92 -15.53 -11.79
C PHE B 1285 -26.25 -15.71 -13.15
N ARG B 1286 -26.57 -14.83 -14.10
CA ARG B 1286 -25.98 -14.93 -15.43
C ARG B 1286 -24.46 -14.81 -15.39
N ILE B 1287 -23.89 -14.22 -14.34
CA ILE B 1287 -22.46 -14.26 -14.15
C ILE B 1287 -22.02 -15.47 -13.33
N PHE B 1288 -22.95 -16.08 -12.59
CA PHE B 1288 -22.60 -17.27 -11.82
C PHE B 1288 -22.64 -18.53 -12.68
N SER B 1289 -23.72 -18.70 -13.45
CA SER B 1289 -23.82 -19.86 -14.32
C SER B 1289 -22.80 -19.80 -15.46
N SER B 1290 -22.41 -18.59 -15.88
CA SER B 1290 -21.51 -18.46 -17.02
C SER B 1290 -20.12 -19.01 -16.69
N ILE B 1291 -19.54 -18.60 -15.58
CA ILE B 1291 -18.19 -18.98 -15.21
C ILE B 1291 -18.25 -19.90 -14.00
N SER B 1292 -17.35 -20.87 -13.95
CA SER B 1292 -17.40 -21.93 -12.97
C SER B 1292 -17.19 -21.39 -11.54
N ALA B 1293 -17.63 -22.19 -10.57
CA ALA B 1293 -17.50 -21.83 -9.16
C ALA B 1293 -16.05 -21.76 -8.71
N GLN B 1294 -15.12 -22.29 -9.50
CA GLN B 1294 -13.70 -22.17 -9.19
C GLN B 1294 -13.24 -20.72 -9.19
N TRP B 1295 -14.02 -19.82 -9.81
CA TRP B 1295 -13.67 -18.40 -9.86
C TRP B 1295 -14.65 -17.48 -9.15
N VAL B 1296 -15.93 -17.82 -9.09
CA VAL B 1296 -16.92 -16.91 -8.52
C VAL B 1296 -17.74 -17.62 -7.47
N ARG B 1297 -18.20 -16.84 -6.48
CA ARG B 1297 -19.02 -17.35 -5.39
C ARG B 1297 -20.23 -16.46 -5.21
N ARG B 1298 -21.33 -17.04 -4.79
CA ARG B 1298 -22.54 -16.26 -4.51
C ARG B 1298 -22.41 -15.56 -3.17
N PHE B 1299 -23.15 -14.46 -3.03
CA PHE B 1299 -23.15 -13.68 -1.79
C PHE B 1299 -23.77 -14.48 -0.65
N ALA C 3 -51.49 15.91 15.46
CA ALA C 3 -50.98 16.21 14.12
C ALA C 3 -49.84 15.27 13.75
N GLN C 4 -50.19 14.16 13.11
CA GLN C 4 -49.18 13.20 12.68
C GLN C 4 -48.39 13.78 11.52
N PRO C 5 -47.06 13.86 11.62
CA PRO C 5 -46.27 14.42 10.52
C PRO C 5 -46.41 13.60 9.25
N THR C 6 -46.41 14.29 8.12
CA THR C 6 -46.54 13.61 6.83
C THR C 6 -45.27 12.82 6.53
N ALA C 7 -45.43 11.72 5.77
CA ALA C 7 -44.33 10.82 5.52
C ALA C 7 -43.33 11.37 4.51
N SER C 8 -43.74 12.35 3.70
CA SER C 8 -42.83 12.88 2.68
C SER C 8 -41.61 13.53 3.32
N THR C 9 -41.83 14.41 4.30
CA THR C 9 -40.71 15.06 4.97
C THR C 9 -39.95 14.10 5.87
N VAL C 10 -40.64 13.11 6.45
CA VAL C 10 -39.96 12.13 7.30
C VAL C 10 -38.99 11.30 6.47
N GLU C 11 -39.40 10.88 5.28
CA GLU C 11 -38.48 10.17 4.39
C GLU C 11 -37.42 11.10 3.83
N GLY C 12 -37.77 12.36 3.57
CA GLY C 12 -36.86 13.30 2.96
C GLY C 12 -35.89 13.98 3.91
N LEU C 13 -36.11 13.89 5.22
CA LEU C 13 -35.20 14.55 6.14
C LEU C 13 -33.89 13.78 6.26
N PHE C 14 -32.85 14.48 6.68
CA PHE C 14 -31.53 13.88 6.81
C PHE C 14 -31.54 12.80 7.90
N LYS C 15 -30.77 11.74 7.67
CA LYS C 15 -30.68 10.63 8.61
C LYS C 15 -29.37 10.70 9.37
N PRO C 16 -29.38 10.97 10.67
CA PRO C 16 -28.12 11.01 11.43
C PRO C 16 -27.45 9.65 11.46
N SER C 17 -26.12 9.67 11.52
CA SER C 17 -25.30 8.46 11.52
C SER C 17 -24.45 8.42 12.79
N SER C 18 -23.66 7.35 12.91
CA SER C 18 -22.78 7.21 14.07
C SER C 18 -21.56 8.13 13.97
N ALA C 19 -21.03 8.31 12.77
CA ALA C 19 -19.85 9.15 12.55
C ALA C 19 -20.24 10.39 11.75
N PHE C 20 -19.59 11.50 12.08
CA PHE C 20 -19.85 12.74 11.35
C PHE C 20 -19.48 12.60 9.88
N ALA C 21 -18.27 12.11 9.61
CA ALA C 21 -17.82 11.79 8.26
C ALA C 21 -17.10 10.44 8.31
N ASP C 22 -16.48 10.07 7.20
CA ASP C 22 -15.83 8.77 7.09
C ASP C 22 -14.34 8.90 6.84
N ARG C 23 -13.67 9.78 7.58
CA ARG C 23 -12.23 9.95 7.46
C ARG C 23 -11.60 9.81 8.84
N THR C 24 -10.27 9.73 8.85
CA THR C 24 -9.53 9.57 10.09
C THR C 24 -9.39 10.87 10.87
N ASP C 25 -9.81 12.00 10.30
CA ASP C 25 -9.78 13.27 11.00
C ASP C 25 -11.16 13.77 11.40
N PHE C 26 -12.20 12.97 11.20
CA PHE C 26 -13.57 13.38 11.48
C PHE C 26 -14.21 12.52 12.58
N SER C 27 -13.39 11.98 13.48
CA SER C 27 -13.88 11.24 14.61
C SER C 27 -14.28 12.19 15.74
N LEU C 28 -14.98 11.64 16.74
CA LEU C 28 -15.40 12.45 17.88
C LEU C 28 -14.19 13.07 18.56
N SER C 29 -13.17 12.26 18.86
CA SER C 29 -11.99 12.75 19.56
C SER C 29 -11.24 13.80 18.77
N SER C 30 -11.43 13.86 17.45
CA SER C 30 -10.80 14.87 16.61
C SER C 30 -11.73 16.01 16.25
N ILE C 31 -12.99 15.72 15.92
CA ILE C 31 -13.91 16.79 15.55
C ILE C 31 -14.23 17.66 16.76
N LEU C 32 -14.38 17.07 17.95
CA LEU C 32 -14.67 17.87 19.13
C LEU C 32 -13.46 18.71 19.54
N GLN C 33 -12.26 18.15 19.41
CA GLN C 33 -11.05 18.92 19.66
C GLN C 33 -10.94 20.09 18.70
N LYS C 34 -11.17 19.84 17.40
CA LYS C 34 -11.09 20.92 16.42
C LYS C 34 -12.16 21.97 16.65
N SER C 35 -13.36 21.56 17.08
CA SER C 35 -14.40 22.52 17.40
C SER C 35 -14.01 23.37 18.60
N LEU C 36 -13.44 22.75 19.63
CA LEU C 36 -12.97 23.50 20.79
C LEU C 36 -11.76 24.37 20.48
N ILE C 37 -11.09 24.12 19.36
CA ILE C 37 -10.04 25.04 18.91
C ILE C 37 -10.61 26.17 18.07
N ASN C 38 -11.79 25.98 17.47
CA ASN C 38 -12.44 27.04 16.70
C ASN C 38 -12.91 28.13 17.64
N ARG C 39 -12.52 29.38 17.35
CA ARG C 39 -12.76 30.48 18.29
C ARG C 39 -14.24 30.67 18.56
N GLU C 40 -15.06 30.78 17.50
CA GLU C 40 -16.48 30.98 17.71
C GLU C 40 -17.12 29.78 18.40
N SER C 41 -16.76 28.57 17.97
CA SER C 41 -17.26 27.37 18.61
C SER C 41 -16.76 27.26 20.05
N PHE C 42 -15.49 27.59 20.28
CA PHE C 42 -14.95 27.53 21.63
C PHE C 42 -15.69 28.49 22.55
N ASN C 43 -16.01 29.69 22.06
CA ASN C 43 -16.77 30.64 22.87
C ASN C 43 -18.20 30.19 23.08
N GLN C 44 -18.82 29.54 22.09
CA GLN C 44 -20.15 28.98 22.30
C GLN C 44 -20.14 27.88 23.35
N TYR C 45 -19.02 27.16 23.46
CA TYR C 45 -18.85 26.17 24.53
C TYR C 45 -18.56 26.85 25.87
N LEU C 46 -17.72 27.88 25.86
CA LEU C 46 -17.34 28.56 27.09
C LEU C 46 -18.52 29.29 27.71
N ALA C 47 -19.49 29.71 26.89
CA ALA C 47 -20.69 30.30 27.47
C ALA C 47 -21.40 29.31 28.38
N MET C 48 -21.57 28.08 27.91
CA MET C 48 -22.24 27.01 28.65
C MET C 48 -21.37 26.42 29.75
N ARG C 49 -20.06 26.64 29.71
CA ARG C 49 -19.19 26.21 30.80
C ARG C 49 -18.83 27.31 31.78
N LEU C 50 -19.18 28.57 31.47
CA LEU C 50 -18.93 29.72 32.32
C LEU C 50 -20.16 30.16 33.06
N ALA C 51 -21.32 30.19 32.40
CA ALA C 51 -22.53 30.60 33.08
C ALA C 51 -22.98 29.65 34.18
N PRO C 52 -22.69 28.35 34.16
CA PRO C 52 -22.95 27.55 35.36
C PRO C 52 -22.21 28.06 36.59
N VAL C 53 -21.03 28.64 36.40
CA VAL C 53 -20.31 29.27 37.50
C VAL C 53 -21.11 30.46 38.04
N LEU C 54 -21.64 31.29 37.14
CA LEU C 54 -22.38 32.47 37.55
C LEU C 54 -23.80 32.16 38.01
N ARG C 55 -24.28 30.93 37.78
CA ARG C 55 -25.54 30.51 38.38
C ARG C 55 -25.42 30.41 39.89
N THR C 56 -24.27 29.94 40.39
CA THR C 56 -24.07 29.84 41.82
C THR C 56 -24.09 31.20 42.49
N PHE C 57 -23.54 32.23 41.84
CA PHE C 57 -23.54 33.57 42.43
C PHE C 57 -24.98 34.06 42.62
N TYR C 58 -25.83 33.82 41.63
CA TYR C 58 -27.25 34.14 41.79
C TYR C 58 -27.89 33.27 42.86
N GLU C 59 -27.42 32.03 43.01
CA GLU C 59 -28.04 31.11 43.96
C GLU C 59 -27.76 31.50 45.41
N ASP C 60 -26.51 31.86 45.72
CA ASP C 60 -26.14 32.17 47.09
C ASP C 60 -26.15 33.67 47.40
N ASN C 61 -26.64 34.49 46.47
CA ASN C 61 -26.61 35.92 46.67
C ASN C 61 -27.60 36.35 47.74
N TYR C 62 -27.21 37.38 48.51
CA TYR C 62 -28.07 37.88 49.58
C TYR C 62 -29.33 38.55 49.04
N ASP C 63 -29.19 39.36 47.98
CA ASP C 63 -30.32 40.16 47.51
C ASP C 63 -31.50 39.29 47.11
N THR C 64 -32.70 39.73 47.50
CA THR C 64 -33.91 39.04 47.07
C THR C 64 -34.11 39.17 45.57
N ASP C 65 -33.74 40.33 44.98
CA ASP C 65 -33.91 40.53 43.56
C ASP C 65 -33.07 39.54 42.75
N ILE C 66 -31.79 39.41 43.10
CA ILE C 66 -30.93 38.48 42.36
C ILE C 66 -31.38 37.04 42.56
N LYS C 67 -31.88 36.72 43.76
CA LYS C 67 -32.43 35.40 44.00
C LYS C 67 -33.63 35.14 43.09
N GLU C 68 -34.50 36.13 42.93
CA GLU C 68 -35.68 36.00 42.09
C GLU C 68 -35.36 36.08 40.59
N ARG C 69 -34.16 36.53 40.21
CA ARG C 69 -33.81 36.56 38.80
C ARG C 69 -33.85 35.17 38.17
N LEU C 70 -33.36 34.15 38.89
CA LEU C 70 -33.39 32.80 38.33
C LEU C 70 -34.82 32.31 38.12
N ASN C 71 -35.69 32.54 39.11
CA ASN C 71 -37.09 32.14 38.96
C ASN C 71 -37.76 32.88 37.82
N GLY C 72 -37.50 34.18 37.70
CA GLY C 72 -38.06 34.95 36.60
C GLY C 72 -37.54 34.49 35.26
N PHE C 73 -36.26 34.14 35.17
CA PHE C 73 -35.69 33.64 33.93
C PHE C 73 -36.33 32.32 33.54
N THR C 74 -36.54 31.43 34.51
CA THR C 74 -37.20 30.16 34.21
C THR C 74 -38.65 30.39 33.76
N ALA C 75 -39.36 31.30 34.42
CA ALA C 75 -40.74 31.59 34.02
C ALA C 75 -40.80 32.18 32.62
N ASP C 76 -39.89 33.11 32.30
CA ASP C 76 -39.84 33.68 30.96
C ASP C 76 -39.47 32.62 29.93
N THR C 77 -38.61 31.68 30.31
CA THR C 77 -38.29 30.58 29.40
C THR C 77 -39.50 29.70 29.13
N ASP C 78 -40.29 29.41 30.17
CA ASP C 78 -41.51 28.63 29.95
C ASP C 78 -42.48 29.39 29.06
N ASN C 79 -42.65 30.69 29.28
CA ASN C 79 -43.54 31.48 28.44
C ASN C 79 -43.04 31.54 27.00
N ALA C 80 -41.72 31.66 26.82
CA ALA C 80 -41.15 31.70 25.48
C ALA C 80 -41.31 30.36 24.77
N PHE C 81 -41.19 29.25 25.51
CA PHE C 81 -41.46 27.95 24.92
C PHE C 81 -42.92 27.83 24.51
N VAL C 82 -43.84 28.34 25.33
CA VAL C 82 -45.25 28.31 24.97
C VAL C 82 -45.48 29.10 23.69
N SER C 83 -44.88 30.29 23.59
CA SER C 83 -45.03 31.11 22.39
C SER C 83 -44.41 30.42 21.17
N GLN C 84 -43.24 29.82 21.34
CA GLN C 84 -42.58 29.13 20.25
C GLN C 84 -43.42 27.96 19.74
N GLU C 85 -43.96 27.18 20.66
CA GLU C 85 -44.84 26.08 20.28
C GLU C 85 -46.08 26.60 19.57
N GLN C 86 -46.67 27.68 20.08
CA GLN C 86 -47.87 28.23 19.47
C GLN C 86 -47.60 28.68 18.02
N ASN C 87 -46.53 29.43 17.81
CA ASN C 87 -46.27 29.94 16.46
C ASN C 87 -45.84 28.83 15.52
N LEU C 88 -45.04 27.87 16.00
CA LEU C 88 -44.67 26.74 15.15
C LEU C 88 -45.88 25.91 14.77
N ARG C 89 -46.80 25.70 15.72
CA ARG C 89 -48.04 24.98 15.39
C ARG C 89 -48.84 25.75 14.34
N ASN C 90 -49.12 27.02 14.59
CA ASN C 90 -49.90 27.83 13.66
C ASN C 90 -49.22 27.99 12.31
N GLN C 91 -47.92 27.75 12.23
CA GLN C 91 -47.20 27.87 10.96
C GLN C 91 -47.15 26.56 10.19
N PHE C 92 -46.93 25.43 10.88
CA PHE C 92 -46.63 24.19 10.20
C PHE C 92 -47.74 23.15 10.25
N ARG C 93 -48.64 23.21 11.25
CA ARG C 93 -49.79 22.31 11.34
C ARG C 93 -49.37 20.84 11.43
N GLU C 94 -49.35 20.15 10.28
CA GLU C 94 -49.18 18.70 10.27
C GLU C 94 -47.81 18.29 10.78
N ASN C 95 -46.75 18.94 10.29
CA ASN C 95 -45.38 18.50 10.53
C ASN C 95 -44.59 19.51 11.35
N TYR C 96 -45.20 20.05 12.40
CA TYR C 96 -44.51 21.05 13.22
C TYR C 96 -43.49 20.45 14.17
N LEU C 97 -43.70 19.21 14.66
CA LEU C 97 -42.75 18.61 15.58
C LEU C 97 -41.41 18.34 14.90
N VAL C 98 -41.45 17.90 13.64
CA VAL C 98 -40.22 17.58 12.92
C VAL C 98 -39.34 18.83 12.80
N HIS C 99 -39.94 19.96 12.44
CA HIS C 99 -39.19 21.20 12.35
C HIS C 99 -38.85 21.77 13.71
N LEU C 100 -39.66 21.49 14.74
CA LEU C 100 -39.30 21.87 16.10
C LEU C 100 -37.99 21.22 16.51
N GLN C 101 -37.84 19.93 16.21
CA GLN C 101 -36.58 19.25 16.47
C GLN C 101 -35.49 19.64 15.48
N THR C 102 -35.85 20.03 14.26
CA THR C 102 -34.88 20.25 13.20
C THR C 102 -34.21 21.61 13.28
N ASP C 103 -34.99 22.68 13.13
CA ASP C 103 -34.43 24.02 13.00
C ASP C 103 -34.36 24.76 14.33
N ILE C 104 -34.66 24.10 15.44
CA ILE C 104 -34.57 24.73 16.75
C ILE C 104 -33.66 23.92 17.67
N PHE C 105 -34.04 22.66 17.92
CA PHE C 105 -33.32 21.85 18.90
C PHE C 105 -31.92 21.50 18.43
N ASP C 106 -31.76 21.25 17.12
CA ASP C 106 -30.44 20.86 16.62
C ASP C 106 -29.42 21.96 16.81
N ASN C 107 -29.81 23.21 16.58
CA ASN C 107 -28.92 24.34 16.82
C ASN C 107 -28.76 24.64 18.30
N THR C 108 -29.55 24.01 19.17
CA THR C 108 -29.59 24.34 20.58
C THR C 108 -28.97 23.28 21.49
N GLY C 109 -28.95 22.02 21.06
CA GLY C 109 -28.45 20.95 21.90
C GLY C 109 -29.19 19.65 21.71
N GLY C 110 -30.28 19.70 20.94
CA GLY C 110 -30.98 18.47 20.57
C GLY C 110 -31.98 17.96 21.58
N ASN C 111 -32.54 18.82 22.42
CA ASN C 111 -33.52 18.38 23.39
C ASN C 111 -34.45 19.53 23.75
N GLN C 112 -35.62 19.20 24.29
CA GLN C 112 -36.52 20.23 24.78
C GLN C 112 -35.89 20.98 25.94
N ALA C 113 -35.33 20.26 26.91
CA ALA C 113 -34.63 20.89 28.01
C ALA C 113 -33.31 21.51 27.56
N ALA C 114 -32.80 21.11 26.39
CA ALA C 114 -31.63 21.78 25.83
C ALA C 114 -31.91 23.23 25.53
N TRP C 115 -33.11 23.52 25.00
CA TRP C 115 -33.48 24.91 24.71
C TRP C 115 -33.55 25.73 25.99
N LYS C 116 -34.12 25.15 27.05
CA LYS C 116 -34.24 25.86 28.31
C LYS C 116 -32.89 26.03 29.01
N LEU C 117 -31.98 25.07 28.87
CA LEU C 117 -30.64 25.22 29.42
C LEU C 117 -29.75 26.11 28.54
N ARG C 118 -30.17 26.39 27.31
CA ARG C 118 -29.47 27.40 26.52
C ARG C 118 -29.94 28.81 26.85
N ASP C 119 -31.26 29.03 26.82
CA ASP C 119 -31.76 30.39 26.98
C ASP C 119 -31.60 30.89 28.41
N VAL C 120 -31.79 30.03 29.41
CA VAL C 120 -31.59 30.45 30.79
C VAL C 120 -30.12 30.69 31.07
N ASN C 121 -29.27 29.79 30.59
CA ASN C 121 -27.84 29.92 30.81
C ASN C 121 -27.26 31.14 30.09
N ASN C 122 -27.93 31.58 29.02
CA ASN C 122 -27.55 32.83 28.37
C ASN C 122 -28.15 34.04 29.05
N LYS C 123 -29.38 33.93 29.58
CA LYS C 123 -30.00 35.04 30.29
C LYS C 123 -29.20 35.40 31.55
N ILE C 124 -28.79 34.40 32.32
CA ILE C 124 -28.08 34.68 33.56
C ILE C 124 -26.71 35.27 33.26
N ILE C 125 -26.04 34.80 32.21
CA ILE C 125 -24.73 35.35 31.89
C ILE C 125 -24.88 36.76 31.33
N ASP C 126 -25.96 37.04 30.58
CA ASP C 126 -26.20 38.40 30.12
C ASP C 126 -26.45 39.34 31.28
N ASP C 127 -27.25 38.91 32.26
CA ASP C 127 -27.51 39.76 33.43
C ASP C 127 -26.26 39.99 34.26
N PHE C 128 -25.48 38.93 34.49
CA PHE C 128 -24.22 39.09 35.20
C PHE C 128 -23.24 39.95 34.43
N ILE C 129 -23.32 39.93 33.10
CA ILE C 129 -22.45 40.77 32.29
C ILE C 129 -22.86 42.23 32.43
N SER C 130 -24.16 42.49 32.42
CA SER C 130 -24.67 43.85 32.56
C SER C 130 -24.34 44.43 33.93
N ARG C 131 -24.48 43.63 34.99
CA ARG C 131 -24.33 44.17 36.33
C ARG C 131 -22.88 44.35 36.77
N ILE C 132 -21.90 43.82 36.03
CA ILE C 132 -20.51 44.07 36.40
C ILE C 132 -20.19 45.55 36.30
N PHE C 133 -20.58 46.19 35.21
CA PHE C 133 -20.23 47.58 34.92
C PHE C 133 -21.35 48.56 35.25
N ALA C 134 -22.34 48.13 36.04
CA ALA C 134 -23.49 48.98 36.34
C ALA C 134 -23.15 50.10 37.32
N LYS C 135 -21.97 50.09 37.94
CA LYS C 135 -21.61 51.10 38.93
C LYS C 135 -20.14 51.48 38.76
N ASN C 136 -19.79 52.63 39.31
CA ASN C 136 -18.43 53.14 39.28
C ASN C 136 -17.79 52.94 40.65
N PHE C 137 -16.61 52.31 40.67
CA PHE C 137 -15.94 51.96 41.91
C PHE C 137 -14.55 52.57 42.03
N VAL C 138 -14.17 53.48 41.14
CA VAL C 138 -12.86 54.13 41.25
C VAL C 138 -12.91 55.08 42.43
N GLU C 139 -12.08 54.83 43.44
CA GLU C 139 -12.12 55.60 44.67
C GLU C 139 -10.71 55.80 45.20
N TYR C 140 -10.56 56.82 46.04
CA TYR C 140 -9.37 57.04 46.86
C TYR C 140 -9.76 56.64 48.27
N VAL C 141 -9.23 55.50 48.73
CA VAL C 141 -9.72 54.86 49.94
C VAL C 141 -8.91 55.36 51.14
N GLN C 142 -9.59 56.02 52.08
CA GLN C 142 -8.99 56.41 53.33
C GLN C 142 -9.19 55.33 54.38
N ASP C 143 -8.28 55.27 55.34
CA ASP C 143 -8.28 54.23 56.36
C ASP C 143 -9.00 54.73 57.60
N GLY C 144 -9.91 53.90 58.12
CA GLY C 144 -10.64 54.20 59.33
C GLY C 144 -11.90 54.99 59.15
N VAL C 145 -12.12 55.58 57.97
CA VAL C 145 -13.33 56.35 57.70
C VAL C 145 -13.92 55.91 56.37
N GLY C 146 -13.20 55.04 55.66
CA GLY C 146 -13.60 54.60 54.35
C GLY C 146 -13.20 55.61 53.29
N PRO C 147 -13.57 55.33 52.03
CA PRO C 147 -13.25 56.28 50.96
C PRO C 147 -13.92 57.63 51.20
N LEU C 148 -13.18 58.70 50.93
CA LEU C 148 -13.71 60.04 51.12
C LEU C 148 -14.67 60.37 49.98
N THR C 149 -15.80 61.00 50.34
CA THR C 149 -16.83 61.28 49.35
C THR C 149 -16.31 62.12 48.19
N LYS C 150 -15.33 62.98 48.43
CA LYS C 150 -14.72 63.79 47.38
C LYS C 150 -13.26 64.03 47.73
N PRO C 151 -12.34 63.24 47.19
CA PRO C 151 -10.92 63.49 47.45
C PRO C 151 -10.48 64.82 46.86
N THR C 152 -9.49 65.43 47.49
CA THR C 152 -9.00 66.73 47.05
C THR C 152 -8.07 66.55 45.85
N LYS C 153 -7.92 67.64 45.09
CA LYS C 153 -7.14 67.60 43.85
C LYS C 153 -5.68 67.28 44.13
N SER C 154 -5.06 68.03 45.05
CA SER C 154 -3.65 67.79 45.35
C SER C 154 -3.41 66.42 45.97
N LEU C 155 -4.45 65.78 46.50
CA LEU C 155 -4.27 64.47 47.13
C LEU C 155 -4.06 63.38 46.10
N ILE C 156 -4.86 63.39 45.02
CA ILE C 156 -4.85 62.29 44.07
C ILE C 156 -3.90 62.53 42.89
N GLU C 157 -3.63 63.79 42.53
CA GLU C 157 -2.77 64.07 41.39
C GLU C 157 -1.30 63.95 41.76
N ASN C 158 -0.93 62.81 42.35
CA ASN C 158 0.45 62.53 42.69
C ASN C 158 0.79 61.10 42.29
N THR C 159 2.01 60.89 41.80
CA THR C 159 2.43 59.54 41.45
C THR C 159 2.56 58.66 42.68
N SER C 160 3.05 59.22 43.79
CA SER C 160 3.19 58.45 45.02
C SER C 160 1.85 58.15 45.65
N ASN C 161 0.80 58.90 45.30
CA ASN C 161 -0.53 58.67 45.83
C ASN C 161 -1.40 57.84 44.89
N PHE C 162 -0.83 57.35 43.79
CA PHE C 162 -1.58 56.51 42.87
C PHE C 162 -1.95 55.17 43.49
N LYS C 163 -1.16 54.70 44.46
CA LYS C 163 -1.41 53.40 45.09
C LYS C 163 -2.77 53.34 45.78
N ASN C 164 -3.37 54.48 46.08
CA ASN C 164 -4.65 54.50 46.78
C ASN C 164 -5.85 54.58 45.83
N ILE C 165 -5.62 54.62 44.53
CA ILE C 165 -6.69 54.53 43.54
C ILE C 165 -6.69 53.07 43.08
N LYS C 166 -7.51 52.26 43.74
CA LYS C 166 -7.44 50.81 43.59
C LYS C 166 -8.72 50.17 43.11
N LEU C 167 -9.74 50.96 42.74
CA LEU C 167 -11.01 50.43 42.24
C LEU C 167 -11.65 49.52 43.29
N GLN C 168 -12.00 50.12 44.43
CA GLN C 168 -12.56 49.39 45.55
C GLN C 168 -13.92 49.96 45.94
N PRO C 169 -14.88 49.10 46.29
CA PRO C 169 -16.22 49.59 46.61
C PRO C 169 -16.27 50.38 47.91
N LYS C 170 -17.46 50.83 48.30
CA LYS C 170 -17.63 51.74 49.43
C LYS C 170 -17.95 51.00 50.72
N PHE C 171 -19.05 50.23 50.74
CA PHE C 171 -19.53 49.63 51.97
C PHE C 171 -19.47 48.11 51.93
N VAL C 172 -18.36 47.55 51.46
CA VAL C 172 -18.17 46.11 51.40
C VAL C 172 -17.35 45.67 52.62
N ASN C 173 -17.93 44.79 53.42
CA ASN C 173 -17.25 44.19 54.57
C ASN C 173 -17.12 42.70 54.35
N LYS C 174 -15.90 42.19 54.43
CA LYS C 174 -15.66 40.78 54.19
C LYS C 174 -16.40 39.91 55.18
N ASN C 175 -16.34 40.28 56.47
CA ASN C 175 -16.93 39.47 57.53
C ASN C 175 -18.34 39.94 57.87
N ALA C 176 -19.20 39.96 56.85
CA ALA C 176 -20.59 40.34 57.03
C ALA C 176 -21.39 39.88 55.82
N LYS C 177 -22.69 39.67 56.04
CA LYS C 177 -23.61 39.29 54.96
C LYS C 177 -24.37 40.56 54.55
N LEU C 178 -23.74 41.36 53.71
CA LEU C 178 -24.31 42.62 53.28
C LEU C 178 -25.08 42.44 51.97
N LYS C 179 -26.24 43.09 51.89
CA LYS C 179 -27.06 43.00 50.69
C LYS C 179 -26.32 43.52 49.47
N ILE C 180 -25.58 44.61 49.64
CA ILE C 180 -24.83 45.20 48.54
C ILE C 180 -23.35 44.80 48.59
N ASN C 181 -23.03 43.70 49.26
CA ASN C 181 -21.66 43.20 49.24
C ASN C 181 -21.28 42.63 47.88
N ASN C 182 -22.24 42.39 47.00
CA ASN C 182 -21.96 41.86 45.67
C ASN C 182 -21.04 42.77 44.87
N ASP C 183 -20.98 44.06 45.22
CA ASP C 183 -20.06 44.97 44.56
C ASP C 183 -18.61 44.55 44.76
N ALA C 184 -18.28 43.96 45.92
CA ALA C 184 -16.94 43.43 46.10
C ALA C 184 -16.59 42.39 45.04
N VAL C 185 -17.62 41.73 44.50
CA VAL C 185 -17.42 40.88 43.34
C VAL C 185 -16.98 41.72 42.15
N TYR C 186 -17.81 42.68 41.76
CA TYR C 186 -17.60 43.40 40.51
C TYR C 186 -16.28 44.15 40.50
N ALA C 187 -16.00 44.89 41.57
CA ALA C 187 -14.74 45.62 41.65
C ALA C 187 -13.55 44.68 41.54
N ALA C 188 -13.70 43.43 41.98
CA ALA C 188 -12.64 42.46 41.78
C ALA C 188 -12.56 42.02 40.32
N ILE C 189 -13.71 41.76 39.69
CA ILE C 189 -13.72 41.35 38.30
C ILE C 189 -13.36 42.52 37.39
N GLN C 190 -13.94 43.70 37.66
CA GLN C 190 -13.63 44.88 36.86
C GLN C 190 -12.14 45.16 36.85
N ASP C 191 -11.52 45.25 38.04
CA ASP C 191 -10.08 45.48 38.11
C ASP C 191 -9.32 44.39 37.37
N LYS C 192 -9.90 43.19 37.26
CA LYS C 192 -9.34 42.19 36.36
C LYS C 192 -9.61 42.55 34.91
N LEU C 193 -10.89 42.72 34.55
CA LEU C 193 -11.23 43.09 33.18
C LEU C 193 -10.53 44.37 32.76
N LEU C 194 -10.60 45.40 33.60
CA LEU C 194 -9.88 46.64 33.32
C LEU C 194 -8.42 46.36 33.04
N ASP C 195 -7.79 45.50 33.83
CA ASP C 195 -6.38 45.20 33.58
C ASP C 195 -6.20 44.53 32.23
N GLN C 196 -7.11 43.62 31.86
CA GLN C 196 -7.10 43.09 30.51
C GLN C 196 -7.19 44.23 29.51
N PHE C 197 -8.12 45.16 29.73
CA PHE C 197 -8.19 46.35 28.90
C PHE C 197 -6.87 47.12 28.92
N ILE C 198 -6.25 47.25 30.08
CA ILE C 198 -4.97 47.94 30.15
C ILE C 198 -3.89 47.10 29.47
N THR C 199 -4.04 45.78 29.49
CA THR C 199 -3.00 44.90 28.97
C THR C 199 -3.08 44.79 27.45
N ASN C 200 -4.22 44.32 26.95
CA ASN C 200 -4.33 44.03 25.51
C ASN C 200 -4.44 45.31 24.69
N GLU C 201 -5.29 46.24 25.12
CA GLU C 201 -5.55 47.43 24.33
C GLU C 201 -4.42 48.46 24.40
N ASN C 202 -3.59 48.41 25.44
CA ASN C 202 -2.59 49.43 25.70
C ASN C 202 -3.21 50.83 25.55
N PRO C 203 -4.21 51.16 26.37
CA PRO C 203 -5.02 52.38 26.15
C PRO C 203 -4.40 53.64 26.73
N ASN C 204 -3.47 54.23 25.99
CA ASN C 204 -2.88 55.49 26.42
C ASN C 204 -3.84 56.66 26.17
N LEU C 205 -3.88 57.58 27.13
CA LEU C 205 -4.61 58.83 26.94
C LEU C 205 -3.67 59.86 26.33
N VAL C 206 -4.20 60.67 25.40
CA VAL C 206 -3.42 61.72 24.76
C VAL C 206 -4.17 63.03 24.94
N SER C 207 -3.49 64.03 25.50
CA SER C 207 -3.97 65.40 25.49
C SER C 207 -3.46 66.06 24.23
N ARG C 208 -4.38 66.51 23.37
CA ARG C 208 -4.02 66.98 22.05
C ARG C 208 -4.77 68.27 21.74
N VAL C 209 -4.13 69.12 20.94
CA VAL C 209 -4.74 70.33 20.40
C VAL C 209 -4.54 70.32 18.89
N VAL C 210 -5.61 70.53 18.15
CA VAL C 210 -5.56 70.53 16.69
C VAL C 210 -5.91 71.92 16.19
N PHE C 211 -4.98 72.53 15.46
CA PHE C 211 -5.21 73.76 14.72
C PHE C 211 -5.61 73.34 13.32
N THR C 212 -6.91 73.50 13.02
CA THR C 212 -7.45 73.03 11.74
C THR C 212 -6.87 73.83 10.59
N ASN C 213 -6.99 73.26 9.39
CA ASN C 213 -6.51 73.92 8.19
C ASN C 213 -7.22 75.26 8.01
N GLU C 214 -6.43 76.31 7.78
CA GLU C 214 -6.94 77.67 7.73
C GLU C 214 -7.01 78.14 6.29
N THR C 215 -8.18 78.63 5.88
CA THR C 215 -8.27 79.30 4.59
C THR C 215 -7.54 80.63 4.70
N PRO C 216 -6.49 80.85 3.91
CA PRO C 216 -5.63 82.03 4.13
C PRO C 216 -6.29 83.30 3.60
N VAL C 217 -6.51 84.26 4.50
CA VAL C 217 -6.97 85.58 4.08
C VAL C 217 -5.91 86.25 3.21
N ASP C 218 -4.64 85.88 3.40
CA ASP C 218 -3.58 86.38 2.53
C ASP C 218 -3.82 85.98 1.09
N GLY C 219 -4.27 84.74 0.87
CA GLY C 219 -4.51 84.25 -0.47
C GLY C 219 -3.60 83.10 -0.83
N PHE C 220 -4.16 82.07 -1.47
CA PHE C 220 -3.37 80.89 -1.82
C PHE C 220 -2.32 81.20 -2.88
N ASP C 221 -2.53 82.23 -3.70
CA ASP C 221 -1.53 82.59 -4.70
C ASP C 221 -0.21 82.98 -4.06
N ASN C 222 -0.25 83.55 -2.85
CA ASN C 222 0.97 83.84 -2.11
C ASN C 222 1.71 82.55 -1.78
N TYR C 223 0.97 81.50 -1.42
CA TYR C 223 1.56 80.23 -1.02
C TYR C 223 1.75 79.29 -2.21
N PHE C 224 0.66 78.97 -2.90
CA PHE C 224 0.69 78.01 -4.01
C PHE C 224 0.13 78.68 -5.25
N ASN C 225 0.98 78.91 -6.25
CA ASN C 225 0.57 79.65 -7.43
C ASN C 225 -0.50 78.89 -8.20
N THR C 226 -1.41 79.64 -8.82
CA THR C 226 -2.50 79.04 -9.58
C THR C 226 -2.01 78.44 -10.89
N LYS C 227 -0.93 78.99 -11.45
CA LYS C 227 -0.42 78.50 -12.73
C LYS C 227 0.10 77.07 -12.64
N VAL C 228 0.31 76.55 -11.43
CA VAL C 228 0.76 75.18 -11.22
C VAL C 228 -0.26 74.39 -10.41
N ILE C 229 -0.78 74.98 -9.33
CA ILE C 229 -1.82 74.36 -8.52
C ILE C 229 -3.06 75.24 -8.62
N GLN C 230 -4.07 74.76 -9.32
CA GLN C 230 -5.28 75.53 -9.58
C GLN C 230 -6.29 75.33 -8.46
N SER C 231 -6.77 76.44 -7.91
CA SER C 231 -7.80 76.47 -6.87
C SER C 231 -7.51 75.50 -5.72
N PRO C 232 -6.46 75.75 -4.92
CA PRO C 232 -6.22 74.90 -3.75
C PRO C 232 -7.35 75.03 -2.73
N THR C 233 -7.54 73.98 -1.96
CA THR C 233 -8.48 73.93 -0.84
C THR C 233 -7.73 73.59 0.43
N PRO C 234 -8.03 74.26 1.56
CA PRO C 234 -7.33 73.95 2.82
C PRO C 234 -7.35 72.47 3.16
N SER C 235 -6.18 71.85 3.13
CA SER C 235 -6.02 70.42 3.36
C SER C 235 -4.55 70.15 3.69
N TYR C 236 -4.23 68.88 3.90
CA TYR C 236 -2.86 68.53 4.27
C TYR C 236 -1.87 68.90 3.19
N GLN C 237 -2.23 68.67 1.92
CA GLN C 237 -1.29 68.92 0.83
C GLN C 237 -1.01 70.41 0.66
N PHE C 238 -2.01 71.26 0.92
CA PHE C 238 -1.85 72.71 0.91
C PHE C 238 -2.24 73.20 2.29
N GLN C 239 -1.29 73.18 3.21
CA GLN C 239 -1.55 73.51 4.61
C GLN C 239 -1.05 74.92 4.90
N VAL C 240 -1.94 75.81 5.29
CA VAL C 240 -1.61 77.20 5.54
C VAL C 240 -2.39 77.68 6.76
N PHE C 241 -1.72 78.45 7.61
CA PHE C 241 -2.35 79.14 8.72
C PHE C 241 -2.00 80.62 8.64
N ASN C 242 -2.99 81.47 8.93
CA ASN C 242 -2.73 82.90 8.99
C ASN C 242 -1.66 83.20 10.03
N LYS C 243 -0.69 84.03 9.65
CA LYS C 243 0.45 84.30 10.51
C LYS C 243 0.00 84.87 11.85
N TYR C 244 0.90 84.82 12.83
CA TYR C 244 0.61 85.31 14.17
C TYR C 244 0.68 86.83 14.19
N ASN C 245 -0.42 87.46 14.58
CA ASN C 245 -0.45 88.89 14.83
C ASN C 245 -0.85 89.14 16.28
N GLN C 246 -0.14 90.06 16.93
CA GLN C 246 -0.41 90.35 18.33
C GLN C 246 -1.62 91.26 18.51
N GLN C 247 -2.07 91.92 17.45
CA GLN C 247 -3.19 92.85 17.57
C GLN C 247 -4.51 92.12 17.78
N SER C 248 -4.75 91.06 17.02
CA SER C 248 -6.01 90.32 17.13
C SER C 248 -6.02 89.46 18.39
N GLY C 249 -7.12 89.53 19.13
CA GLY C 249 -7.23 88.78 20.37
C GLY C 249 -7.78 87.39 20.19
N GLY C 250 -7.08 86.56 19.42
CA GLY C 250 -7.48 85.19 19.17
C GLY C 250 -6.69 84.21 20.02
N THR C 251 -7.27 83.03 20.22
CA THR C 251 -6.63 81.98 21.00
C THR C 251 -6.51 80.67 20.21
N LYS C 252 -6.61 80.75 18.89
CA LYS C 252 -6.51 79.58 18.02
C LYS C 252 -5.55 79.88 16.88
N GLY C 253 -5.30 78.87 16.05
CA GLY C 253 -4.37 79.05 14.95
C GLY C 253 -2.98 79.37 15.44
N ALA C 254 -2.31 80.28 14.73
CA ALA C 254 -0.99 80.73 15.17
C ALA C 254 -1.06 81.50 16.49
N ASN C 255 -2.17 82.21 16.75
CA ASN C 255 -2.33 82.86 18.03
C ASN C 255 -2.42 81.85 19.17
N GLY C 256 -3.20 80.78 18.97
CA GLY C 256 -3.24 79.72 19.95
C GLY C 256 -1.90 79.03 20.11
N PHE C 257 -1.17 78.86 19.00
CA PHE C 257 0.14 78.22 19.08
C PHE C 257 1.14 79.11 19.82
N ASN C 258 0.99 80.43 19.73
CA ASN C 258 1.83 81.31 20.52
C ASN C 258 1.45 81.27 21.99
N LEU C 259 0.15 81.27 22.29
CA LEU C 259 -0.30 81.13 23.66
C LEU C 259 0.08 79.79 24.27
N LEU C 260 0.31 78.78 23.43
CA LEU C 260 0.61 77.42 23.85
C LEU C 260 2.10 77.13 23.97
N ALA C 261 2.85 77.30 22.89
CA ALA C 261 4.26 76.88 22.85
C ALA C 261 5.16 77.72 23.74
N SER C 262 4.74 78.94 24.09
CA SER C 262 5.57 79.80 24.93
C SER C 262 5.76 79.18 26.31
N ASN C 263 4.69 78.64 26.88
CA ASN C 263 4.70 78.03 28.21
C ASN C 263 4.35 76.54 28.12
N LEU C 264 4.90 75.86 27.11
CA LEU C 264 4.56 74.46 26.90
C LEU C 264 4.97 73.59 28.09
N LYS C 265 6.06 73.97 28.77
CA LYS C 265 6.56 73.18 29.88
C LYS C 265 5.64 73.18 31.09
N SER C 266 4.62 74.03 31.11
CA SER C 266 3.78 74.20 32.29
C SER C 266 2.51 73.37 32.30
N TYR C 267 2.23 72.61 31.24
CA TYR C 267 1.02 71.79 31.24
C TYR C 267 1.24 70.35 31.70
N LYS C 268 2.47 69.95 32.02
CA LYS C 268 2.73 68.64 32.59
C LYS C 268 2.73 68.78 34.11
N ASN C 269 1.72 68.21 34.76
CA ASN C 269 1.63 68.18 36.22
C ASN C 269 2.64 67.17 36.72
N ASP C 270 3.86 67.66 36.99
CA ASP C 270 4.97 66.77 37.34
C ASP C 270 4.69 65.94 38.59
N GLN C 271 3.80 66.41 39.47
CA GLN C 271 3.39 65.59 40.61
C GLN C 271 2.63 64.36 40.14
N SER C 272 1.68 64.56 39.22
CA SER C 272 0.93 63.46 38.63
C SER C 272 1.54 62.91 37.36
N LYS C 273 2.59 63.57 36.84
CA LYS C 273 3.26 63.18 35.60
C LYS C 273 2.32 63.25 34.40
N GLY C 274 1.09 63.75 34.62
CA GLY C 274 0.14 63.89 33.54
C GLY C 274 0.29 65.21 32.82
N ILE C 275 -0.21 65.24 31.58
CA ILE C 275 -0.11 66.40 30.71
C ILE C 275 -1.52 66.80 30.31
N ASP C 276 -1.88 68.05 30.62
CA ASP C 276 -3.23 68.56 30.36
C ASP C 276 -3.12 69.88 29.61
N ILE C 277 -3.60 69.89 28.37
CA ILE C 277 -3.51 71.06 27.49
C ILE C 277 -4.91 71.68 27.37
N PRO C 278 -5.03 73.01 27.46
CA PRO C 278 -6.35 73.63 27.51
C PRO C 278 -7.18 73.39 26.26
N ASN C 279 -8.50 73.34 26.46
CA ASN C 279 -9.41 73.07 25.35
C ASN C 279 -9.52 74.25 24.40
N LYS C 280 -9.44 75.48 24.94
CA LYS C 280 -9.62 76.66 24.12
C LYS C 280 -8.52 76.83 23.08
N PHE C 281 -7.34 76.26 23.32
CA PHE C 281 -6.23 76.39 22.39
C PHE C 281 -6.43 75.56 21.12
N SER C 282 -7.44 74.70 21.08
CA SER C 282 -7.69 73.84 19.94
C SER C 282 -8.98 74.26 19.24
N SER C 283 -8.99 74.09 17.91
CA SER C 283 -10.14 74.53 17.12
C SER C 283 -11.40 73.77 17.49
N ASP C 284 -11.30 72.45 17.65
CA ASP C 284 -12.45 71.64 18.04
C ASP C 284 -12.64 71.73 19.55
N SER C 285 -13.46 70.84 20.09
CA SER C 285 -13.65 70.81 21.55
C SER C 285 -12.36 70.57 22.29
N GLY C 286 -11.42 69.86 21.67
CA GLY C 286 -10.12 69.63 22.28
C GLY C 286 -10.20 68.70 23.48
N GLY C 287 -9.04 68.48 24.09
CA GLY C 287 -8.93 67.69 25.30
C GLY C 287 -8.14 66.41 25.06
N LYS C 288 -8.67 65.30 25.59
CA LYS C 288 -7.95 64.04 25.64
C LYS C 288 -8.75 62.95 24.95
N LEU C 289 -8.02 62.04 24.31
CA LEU C 289 -8.60 60.91 23.61
C LEU C 289 -7.88 59.63 24.02
N LEU C 290 -8.61 58.51 23.99
CA LEU C 290 -8.06 57.21 24.36
C LEU C 290 -7.63 56.49 23.09
N LEU C 291 -6.31 56.33 22.90
CA LEU C 291 -5.78 55.67 21.72
C LEU C 291 -5.38 54.24 22.08
N LYS C 292 -6.39 53.38 22.20
CA LYS C 292 -6.18 51.97 22.43
C LYS C 292 -5.69 51.30 21.15
N ALA C 293 -5.22 50.05 21.27
CA ALA C 293 -4.59 49.38 20.14
C ALA C 293 -5.58 48.98 19.05
N SER C 294 -6.86 48.86 19.37
CA SER C 294 -7.80 48.24 18.43
C SER C 294 -8.25 49.20 17.34
N ASP C 295 -8.95 50.27 17.71
CA ASP C 295 -9.61 51.14 16.74
C ASP C 295 -9.00 52.52 16.66
N MET C 296 -7.74 52.68 17.06
CA MET C 296 -7.11 53.99 16.96
C MET C 296 -6.72 54.31 15.52
N PHE C 297 -6.45 53.30 14.69
CA PHE C 297 -6.28 53.49 13.27
C PHE C 297 -7.60 53.37 12.51
N ASP C 298 -8.72 53.18 13.21
CA ASP C 298 -10.04 53.06 12.61
C ASP C 298 -10.87 54.32 12.86
N THR C 299 -11.01 54.72 14.11
CA THR C 299 -11.86 55.86 14.44
C THR C 299 -11.17 57.20 14.24
N PHE C 300 -9.84 57.21 14.10
CA PHE C 300 -9.08 58.44 13.97
C PHE C 300 -8.17 58.36 12.76
N ASP C 301 -7.55 59.50 12.43
CA ASP C 301 -6.69 59.58 11.26
C ASP C 301 -5.41 58.78 11.49
N PRO C 302 -4.93 58.06 10.48
CA PRO C 302 -3.65 57.35 10.63
C PRO C 302 -2.50 58.25 11.04
N SER C 303 -2.43 59.47 10.51
CA SER C 303 -1.37 60.39 10.90
C SER C 303 -1.48 60.78 12.37
N PHE C 304 -2.67 60.69 12.95
CA PHE C 304 -2.88 60.99 14.36
C PHE C 304 -2.43 59.82 15.24
N SER C 305 -2.92 58.61 14.97
CA SER C 305 -2.58 57.41 15.69
C SER C 305 -1.16 57.04 15.58
N ALA C 306 -0.57 57.16 14.44
CA ALA C 306 0.85 56.90 14.28
C ALA C 306 1.72 57.93 14.98
N ALA C 307 1.30 59.21 14.99
CA ALA C 307 2.02 60.23 15.73
C ALA C 307 1.97 59.95 17.23
N PHE C 308 0.82 59.54 17.73
CA PHE C 308 0.72 59.15 19.13
C PHE C 308 1.66 57.99 19.44
N ILE C 309 1.73 57.00 18.55
CA ILE C 309 2.68 55.92 18.72
C ILE C 309 4.11 56.44 18.77
N GLN C 310 4.42 57.41 17.90
CA GLN C 310 5.77 57.97 17.88
C GLN C 310 6.11 58.61 19.21
N GLY C 311 5.18 59.35 19.80
CA GLY C 311 5.40 59.85 21.15
C GLY C 311 5.55 58.75 22.18
N TYR C 312 4.74 57.70 22.03
CA TYR C 312 4.78 56.55 22.94
C TYR C 312 6.18 55.94 22.99
N LEU C 313 6.81 55.74 21.89
CA LEU C 313 8.14 55.23 21.88
C LEU C 313 9.15 56.32 22.09
N ALA C 314 8.79 57.61 21.96
CA ALA C 314 9.67 58.71 22.29
C ALA C 314 9.96 58.74 23.79
N LEU C 315 8.94 58.44 24.61
CA LEU C 315 9.18 58.28 26.04
C LEU C 315 10.16 57.15 26.31
N GLN C 316 9.99 56.02 25.61
CA GLN C 316 10.77 54.81 25.83
C GLN C 316 12.09 54.81 25.07
N LYS C 317 12.50 55.95 24.53
CA LYS C 317 13.75 56.07 23.78
C LYS C 317 13.80 55.11 22.59
N LYS C 318 12.63 54.75 22.07
CA LYS C 318 12.53 53.83 20.95
C LYS C 318 12.03 54.50 19.67
N SER C 319 11.76 55.79 19.73
CA SER C 319 11.23 56.50 18.56
C SER C 319 12.35 56.84 17.59
N LYS C 320 12.12 56.65 16.30
CA LYS C 320 13.15 56.87 15.28
C LYS C 320 12.57 57.70 14.15
N GLY C 321 13.45 58.38 13.42
CA GLY C 321 13.10 59.05 12.19
C GLY C 321 12.62 60.48 12.33
N ALA C 322 12.43 60.97 13.55
CA ALA C 322 11.86 62.30 13.77
C ALA C 322 12.92 63.23 14.35
N ASP C 323 12.82 64.50 13.96
CA ASP C 323 13.72 65.52 14.47
C ASP C 323 13.31 65.96 15.87
N SER C 324 14.28 66.53 16.59
CA SER C 324 14.08 66.93 17.98
C SER C 324 14.43 68.41 18.14
N LYS C 325 13.53 69.14 18.79
CA LYS C 325 13.78 70.53 19.14
C LYS C 325 13.07 70.84 20.45
N GLU C 326 13.68 71.69 21.26
CA GLU C 326 13.15 71.96 22.59
C GLU C 326 11.89 72.81 22.52
N VAL C 327 11.26 73.00 23.68
CA VAL C 327 10.04 73.80 23.75
C VAL C 327 10.32 75.24 23.37
N ASP C 328 11.43 75.80 23.86
CA ASP C 328 11.79 77.18 23.55
C ASP C 328 12.14 77.37 22.08
N SER C 329 12.50 76.30 21.37
CA SER C 329 12.86 76.40 19.96
C SER C 329 11.66 76.39 19.03
N LEU C 330 10.45 76.25 19.55
CA LEU C 330 9.26 76.24 18.71
C LEU C 330 9.08 77.57 18.01
N ILE C 331 8.59 77.53 16.78
CA ILE C 331 8.38 78.73 15.96
C ILE C 331 6.94 79.18 16.20
N LYS C 332 6.76 80.09 17.15
CA LYS C 332 5.45 80.60 17.49
C LYS C 332 5.17 81.97 16.89
N ASP C 333 6.22 82.76 16.63
CA ASP C 333 6.02 84.07 16.02
C ASP C 333 5.49 83.94 14.59
N LYS C 334 6.08 83.06 13.80
CA LYS C 334 5.63 82.82 12.44
C LYS C 334 4.43 81.88 12.47
N SER C 335 4.05 81.36 11.31
CA SER C 335 2.99 80.36 11.27
C SER C 335 3.51 79.04 11.84
N ILE C 336 2.58 78.13 12.12
CA ILE C 336 2.93 76.87 12.77
C ILE C 336 3.82 76.02 11.87
N ILE C 337 3.50 75.98 10.57
CA ILE C 337 4.19 75.09 9.64
C ILE C 337 5.69 75.35 9.60
N GLU C 338 6.14 76.54 10.00
CA GLU C 338 7.56 76.84 10.00
C GLU C 338 8.34 75.91 10.92
N ASN C 339 7.67 75.26 11.87
CA ASN C 339 8.36 74.29 12.72
C ASN C 339 8.87 73.10 11.91
N PHE C 340 8.19 72.76 10.81
CA PHE C 340 8.47 71.55 10.06
C PHE C 340 9.50 71.74 8.96
N PHE C 341 9.82 72.97 8.58
CA PHE C 341 10.88 73.22 7.60
C PHE C 341 12.22 73.03 8.32
N VAL C 342 12.64 71.77 8.40
CA VAL C 342 13.84 71.44 9.15
C VAL C 342 15.08 71.62 8.27
N ASP C 343 16.23 71.72 8.92
CA ASP C 343 17.48 71.94 8.21
C ASP C 343 17.81 70.75 7.31
N ASN C 344 18.36 71.05 6.13
CA ASN C 344 18.69 70.03 5.14
C ASN C 344 20.16 69.64 5.12
N ASN C 345 21.05 70.53 5.56
CA ASN C 345 22.47 70.21 5.56
C ASN C 345 22.77 69.15 6.62
N THR C 346 23.67 68.24 6.28
CA THR C 346 24.06 67.17 7.19
C THR C 346 24.97 67.71 8.30
N THR C 378 18.67 58.73 11.62
CA THR C 378 18.49 60.09 11.12
C THR C 378 17.02 60.47 11.10
N VAL C 379 16.71 61.60 10.45
CA VAL C 379 15.37 62.14 10.36
C VAL C 379 14.92 62.06 8.91
N HIS C 380 13.70 61.58 8.68
CA HIS C 380 13.16 61.41 7.34
C HIS C 380 12.48 62.72 6.93
N LYS C 381 13.18 63.51 6.12
CA LYS C 381 12.71 64.83 5.70
C LYS C 381 12.33 64.80 4.23
N THR C 382 11.18 65.40 3.91
CA THR C 382 10.66 65.46 2.55
C THR C 382 11.26 66.68 1.85
N ASP C 383 12.39 66.47 1.17
CA ASP C 383 13.08 67.54 0.46
C ASP C 383 12.30 67.85 -0.81
N LEU C 384 11.29 68.69 -0.67
CA LEU C 384 10.44 69.04 -1.81
C LEU C 384 11.17 69.86 -2.86
N VAL C 385 12.32 70.44 -2.52
CA VAL C 385 13.13 71.12 -3.53
C VAL C 385 13.64 70.13 -4.55
N LYS C 386 14.17 68.99 -4.08
CA LYS C 386 14.62 67.94 -4.98
C LYS C 386 13.45 67.13 -5.53
N ILE C 387 12.37 66.97 -4.76
CA ILE C 387 11.22 66.20 -5.23
C ILE C 387 10.63 66.83 -6.46
N PHE C 388 10.46 68.15 -6.47
CA PHE C 388 9.83 68.85 -7.57
C PHE C 388 10.84 69.31 -8.63
N GLY C 389 12.13 69.07 -8.41
CA GLY C 389 13.11 69.34 -9.44
C GLY C 389 13.16 70.81 -9.84
N ASP C 390 13.04 71.05 -11.14
CA ASP C 390 13.12 72.40 -11.70
C ASP C 390 11.75 72.98 -11.98
N LYS C 391 10.76 72.67 -11.15
CA LYS C 391 9.41 73.19 -11.29
C LYS C 391 9.07 74.03 -10.07
N ASP C 392 8.55 75.23 -10.31
CA ASP C 392 8.15 76.12 -9.23
C ASP C 392 6.74 75.73 -8.78
N VAL C 393 6.63 75.25 -7.54
CA VAL C 393 5.36 74.84 -6.97
C VAL C 393 4.92 75.77 -5.84
N PHE C 394 5.87 76.25 -5.04
CA PHE C 394 5.57 77.17 -3.96
C PHE C 394 5.74 78.61 -4.41
N ALA C 395 5.40 79.54 -3.53
CA ALA C 395 5.57 80.97 -3.83
C ALA C 395 5.73 81.71 -2.52
N GLY C 396 6.35 82.89 -2.61
CA GLY C 396 6.48 83.74 -1.45
C GLY C 396 7.26 83.10 -0.32
N GLU C 397 6.66 83.09 0.87
CA GLU C 397 7.33 82.55 2.04
C GLU C 397 7.59 81.05 1.89
N TYR C 398 6.64 80.32 1.32
CA TYR C 398 6.85 78.89 1.11
C TYR C 398 8.02 78.64 0.17
N LYS C 399 8.09 79.40 -0.93
CA LYS C 399 9.19 79.23 -1.87
C LYS C 399 10.53 79.59 -1.24
N GLN C 400 10.56 80.67 -0.46
CA GLN C 400 11.81 81.07 0.19
C GLN C 400 12.25 80.05 1.23
N GLN C 401 11.31 79.53 2.02
CA GLN C 401 11.64 78.53 3.03
C GLN C 401 11.93 77.19 2.39
N ILE C 402 10.94 76.61 1.72
CA ILE C 402 11.11 75.33 1.06
C ILE C 402 11.85 75.50 -0.26
N SER C 439 18.78 74.76 0.80
CA SER C 439 17.46 75.28 1.08
C SER C 439 16.98 74.83 2.47
N LYS C 440 15.84 74.16 2.51
CA LYS C 440 15.27 73.70 3.77
C LYS C 440 14.28 72.58 3.49
N ALA C 441 14.55 71.40 4.04
CA ALA C 441 13.67 70.25 3.84
C ALA C 441 12.37 70.45 4.60
N VAL C 442 11.47 69.48 4.49
CA VAL C 442 10.15 69.54 5.11
C VAL C 442 9.86 68.19 5.74
N VAL C 443 9.24 68.22 6.92
CA VAL C 443 8.84 67.02 7.62
C VAL C 443 7.35 67.13 7.96
N ASP C 444 6.83 66.07 8.57
CA ASP C 444 5.47 66.02 9.08
C ASP C 444 5.40 66.01 10.59
N LEU C 445 6.26 65.23 11.24
CA LEU C 445 6.26 65.08 12.69
C LEU C 445 7.61 65.49 13.24
N ILE C 446 7.59 66.26 14.32
CA ILE C 446 8.81 66.55 15.08
C ILE C 446 8.51 66.39 16.57
N GLU C 447 9.59 66.20 17.33
CA GLU C 447 9.52 65.95 18.76
C GLU C 447 9.92 67.21 19.50
N VAL C 448 8.99 67.76 20.28
CA VAL C 448 9.24 68.92 21.12
C VAL C 448 9.23 68.47 22.57
N LYS C 449 10.30 68.82 23.29
CA LYS C 449 10.57 68.35 24.63
C LYS C 449 10.96 69.52 25.51
N LYS C 450 10.81 69.35 26.82
CA LYS C 450 11.12 70.42 27.76
C LYS C 450 12.60 70.76 27.75
N ASP C 451 13.47 69.75 27.72
CA ASP C 451 14.90 69.96 27.88
C ASP C 451 15.65 69.10 26.87
N SER C 452 16.88 69.52 26.56
CA SER C 452 17.72 68.76 25.65
C SER C 452 18.04 67.38 26.21
N SER C 453 18.29 67.29 27.51
CA SER C 453 18.58 66.01 28.12
C SER C 453 17.34 65.15 28.28
N SER C 454 16.17 65.77 28.42
CA SER C 454 14.94 65.03 28.61
C SER C 454 14.53 64.30 27.33
N GLN C 455 13.49 63.49 27.44
CA GLN C 455 12.94 62.76 26.31
C GLN C 455 11.68 63.45 25.79
N PRO C 456 11.40 63.30 24.49
CA PRO C 456 10.24 64.00 23.91
C PRO C 456 8.92 63.65 24.56
N ASP C 457 8.30 64.63 25.22
CA ASP C 457 6.99 64.43 25.80
C ASP C 457 5.87 65.01 24.95
N TYR C 458 6.19 65.96 24.07
CA TYR C 458 5.21 66.52 23.15
C TYR C 458 5.62 66.20 21.72
N ILE C 459 4.64 65.85 20.90
CA ILE C 459 4.86 65.48 19.50
C ILE C 459 3.98 66.37 18.65
N LEU C 460 4.57 67.04 17.67
CA LEU C 460 3.83 67.95 16.80
C LEU C 460 3.80 67.35 15.41
N SER C 461 2.61 67.10 14.88
CA SER C 461 2.46 66.46 13.59
C SER C 461 1.23 67.01 12.88
N ARG C 462 1.32 67.14 11.56
CA ARG C 462 0.23 67.66 10.75
C ARG C 462 -0.42 66.54 9.96
N GLY C 463 -1.74 66.44 10.07
CA GLY C 463 -2.49 65.40 9.39
C GLY C 463 -3.55 65.93 8.45
N LYS C 464 -4.71 65.28 8.45
CA LYS C 464 -5.77 65.67 7.52
C LYS C 464 -6.44 66.97 7.93
N ASP C 465 -6.71 67.14 9.23
CA ASP C 465 -7.46 68.28 9.73
C ASP C 465 -6.57 69.30 10.43
N GLY C 466 -5.36 69.51 9.93
CA GLY C 466 -4.49 70.53 10.50
C GLY C 466 -3.34 69.97 11.28
N ILE C 467 -2.76 70.77 12.17
CA ILE C 467 -1.60 70.38 12.96
C ILE C 467 -2.05 70.07 14.38
N HIS C 468 -1.71 68.89 14.86
CA HIS C 468 -1.99 68.48 16.23
C HIS C 468 -0.69 68.45 17.03
N LEU C 469 -0.71 69.09 18.19
CA LEU C 469 0.27 68.87 19.24
C LEU C 469 -0.34 67.87 20.20
N MET C 470 0.31 66.72 20.36
CA MET C 470 -0.17 65.64 21.20
C MET C 470 0.83 65.35 22.29
N ALA C 471 0.32 64.91 23.44
CA ALA C 471 1.20 64.44 24.50
C ALA C 471 0.47 63.35 25.26
N VAL C 472 1.09 62.20 25.40
CA VAL C 472 0.56 61.13 26.24
C VAL C 472 0.84 61.52 27.69
N ASP C 473 -0.20 61.45 28.52
CA ASP C 473 -0.05 61.84 29.91
C ASP C 473 0.27 60.63 30.75
N GLY C 474 1.24 60.78 31.66
CA GLY C 474 1.72 59.64 32.40
C GLY C 474 2.68 58.77 31.62
N GLY C 475 3.07 59.18 30.42
CA GLY C 475 4.04 58.41 29.66
C GLY C 475 5.36 58.27 30.38
N SER C 476 5.83 59.36 30.99
CA SER C 476 7.03 59.27 31.82
C SER C 476 6.80 58.40 33.04
N HIS C 477 5.54 58.20 33.45
CA HIS C 477 5.24 57.37 34.60
C HIS C 477 5.25 55.89 34.24
N TYR C 478 4.38 55.48 33.32
CA TYR C 478 4.16 54.07 33.03
C TYR C 478 4.76 53.61 31.71
N LEU C 479 5.60 54.42 31.07
CA LEU C 479 6.32 53.99 29.88
C LEU C 479 7.77 54.42 30.02
N THR C 480 8.67 53.43 30.12
CA THR C 480 10.10 53.67 30.23
C THR C 480 10.84 52.79 29.24
N GLU C 481 12.17 52.90 29.24
CA GLU C 481 12.96 52.15 28.27
C GLU C 481 12.79 50.66 28.42
N SER C 482 12.46 50.19 29.63
CA SER C 482 12.22 48.76 29.85
C SER C 482 10.92 48.30 29.20
N GLY C 483 10.02 49.21 28.86
CA GLY C 483 8.77 48.89 28.23
C GLY C 483 7.61 49.54 28.95
N ARG C 484 6.41 49.03 28.76
CA ARG C 484 5.24 49.56 29.39
C ARG C 484 5.06 48.93 30.73
N ASP C 485 4.80 49.72 31.76
CA ASP C 485 4.51 49.25 33.11
C ASP C 485 2.99 49.26 33.26
N VAL C 486 2.40 48.07 33.16
CA VAL C 486 0.93 47.96 33.10
C VAL C 486 0.29 48.30 34.44
N ALA C 487 0.98 48.01 35.55
CA ALA C 487 0.44 48.39 36.86
C ALA C 487 0.38 49.90 36.99
N LYS C 488 1.46 50.59 36.64
CA LYS C 488 1.46 52.05 36.68
C LYS C 488 0.47 52.64 35.68
N GLN C 489 0.34 52.02 34.51
CA GLN C 489 -0.63 52.51 33.52
C GLN C 489 -2.05 52.37 34.02
N LYS C 490 -2.37 51.23 34.64
CA LYS C 490 -3.70 51.07 35.23
C LYS C 490 -3.93 52.07 36.33
N LYS C 491 -2.90 52.33 37.15
CA LYS C 491 -3.03 53.32 38.21
C LYS C 491 -3.29 54.70 37.65
N PHE C 492 -2.58 55.08 36.58
CA PHE C 492 -2.73 56.42 36.03
C PHE C 492 -4.09 56.59 35.37
N LEU C 493 -4.53 55.60 34.59
CA LEU C 493 -5.85 55.69 33.99
C LEU C 493 -6.95 55.64 35.04
N LEU C 494 -6.73 54.94 36.16
CA LEU C 494 -7.67 55.00 37.27
C LEU C 494 -7.69 56.39 37.89
N PHE C 495 -6.53 57.03 37.96
CA PHE C 495 -6.47 58.41 38.45
C PHE C 495 -7.29 59.33 37.56
N ARG C 496 -7.15 59.19 36.24
CA ARG C 496 -7.94 60.00 35.32
C ARG C 496 -9.43 59.72 35.44
N ALA C 497 -9.80 58.45 35.59
CA ALA C 497 -11.20 58.10 35.81
C ALA C 497 -11.74 58.65 37.12
N LEU C 498 -10.88 58.71 38.15
CA LEU C 498 -11.27 59.34 39.41
C LEU C 498 -11.45 60.84 39.25
N GLN C 499 -10.55 61.47 38.50
CA GLN C 499 -10.70 62.88 38.15
C GLN C 499 -12.07 63.13 37.52
N THR C 500 -12.43 62.31 36.54
CA THR C 500 -13.72 62.46 35.89
C THR C 500 -14.89 62.11 36.80
N LYS C 501 -14.69 61.20 37.76
CA LYS C 501 -15.80 60.71 38.58
C LYS C 501 -16.41 61.81 39.44
N TYR C 502 -15.57 62.63 40.08
CA TYR C 502 -16.03 63.63 41.02
C TYR C 502 -15.93 65.06 40.48
N GLY C 503 -15.73 65.23 39.19
CA GLY C 503 -15.65 66.55 38.60
C GLY C 503 -14.51 67.39 39.14
N LEU C 504 -13.36 66.72 39.33
CA LEU C 504 -12.15 67.34 39.87
C LEU C 504 -11.14 67.69 38.81
N VAL C 505 -11.59 67.85 37.59
CA VAL C 505 -10.73 68.29 36.51
C VAL C 505 -10.62 69.81 36.50
N ASP C 506 -9.63 70.32 35.78
CA ASP C 506 -9.44 71.75 35.64
C ASP C 506 -10.63 72.37 34.90
N THR C 507 -10.86 73.65 35.16
CA THR C 507 -11.96 74.34 34.51
C THR C 507 -11.70 74.57 33.03
N ASP C 508 -10.43 74.72 32.63
CA ASP C 508 -10.10 75.00 31.24
C ASP C 508 -10.05 73.74 30.38
N THR C 509 -10.26 72.56 30.96
CA THR C 509 -10.29 71.31 30.21
C THR C 509 -11.53 70.51 30.60
N THR C 510 -12.00 69.71 29.66
CA THR C 510 -13.15 68.84 29.88
C THR C 510 -12.76 67.41 29.57
N TYR C 511 -13.09 66.49 30.48
CA TYR C 511 -12.72 65.10 30.33
C TYR C 511 -13.82 64.38 29.55
N ASP C 512 -13.58 64.15 28.27
CA ASP C 512 -14.41 63.22 27.50
C ASP C 512 -13.82 61.83 27.56
N PHE C 513 -13.57 61.37 28.79
CA PHE C 513 -12.83 60.13 29.04
C PHE C 513 -13.58 59.31 30.09
N LYS C 514 -14.28 58.28 29.64
CA LYS C 514 -14.95 57.32 30.52
C LYS C 514 -14.23 55.99 30.37
N LEU C 515 -13.44 55.62 31.39
CA LEU C 515 -12.70 54.37 31.33
C LEU C 515 -13.62 53.17 31.42
N PHE C 516 -14.68 53.26 32.23
CA PHE C 516 -15.58 52.12 32.38
C PHE C 516 -16.33 51.81 31.09
N ASP C 517 -16.79 52.85 30.39
CA ASP C 517 -17.43 52.60 29.10
C ASP C 517 -16.46 51.99 28.10
N GLU C 518 -15.19 52.42 28.13
CA GLU C 518 -14.21 51.85 27.21
C GLU C 518 -13.91 50.39 27.52
N VAL C 519 -13.73 50.05 28.80
CA VAL C 519 -13.47 48.66 29.15
C VAL C 519 -14.69 47.79 28.86
N LYS C 520 -15.89 48.34 29.05
CA LYS C 520 -17.10 47.58 28.74
C LYS C 520 -17.23 47.36 27.24
N LYS C 521 -16.87 48.36 26.43
CA LYS C 521 -17.03 48.22 24.98
C LYS C 521 -15.97 47.31 24.40
N TYR C 522 -14.75 47.33 24.94
CA TYR C 522 -13.72 46.42 24.44
C TYR C 522 -13.94 45.00 24.94
N PHE C 523 -14.39 44.87 26.18
CA PHE C 523 -14.60 43.55 26.77
C PHE C 523 -15.84 42.87 26.19
N ASP C 524 -16.82 43.65 25.76
CA ASP C 524 -18.05 43.08 25.19
C ASP C 524 -17.77 42.31 23.90
N THR C 525 -16.64 42.55 23.25
CA THR C 525 -16.28 41.76 22.08
C THR C 525 -16.07 40.30 22.47
N ASN C 526 -15.21 40.06 23.47
CA ASN C 526 -15.06 38.74 24.07
C ASN C 526 -15.85 38.69 25.38
N ARG C 527 -17.17 38.67 25.22
CA ARG C 527 -18.07 38.69 26.36
C ARG C 527 -18.02 37.41 27.19
N ILE C 528 -17.37 36.35 26.68
CA ILE C 528 -17.34 35.05 27.33
C ILE C 528 -15.93 34.64 27.70
N LEU C 529 -15.01 34.70 26.74
CA LEU C 529 -13.63 34.29 27.00
C LEU C 529 -12.98 35.20 28.03
N PHE C 530 -13.21 36.50 27.92
CA PHE C 530 -12.53 37.46 28.82
C PHE C 530 -13.05 37.34 30.24
N LEU C 531 -14.37 37.19 30.41
CA LEU C 531 -14.92 37.03 31.74
C LEU C 531 -14.43 35.73 32.40
N PHE C 532 -14.40 34.65 31.64
CA PHE C 532 -13.90 33.38 32.16
C PHE C 532 -12.43 33.48 32.55
N GLU C 533 -11.62 34.13 31.71
CA GLU C 533 -10.21 34.29 32.04
C GLU C 533 -10.03 35.20 33.26
N ALA C 534 -10.87 36.23 33.40
CA ALA C 534 -10.80 37.08 34.57
C ALA C 534 -11.11 36.30 35.84
N LEU C 535 -12.15 35.46 35.80
CA LEU C 535 -12.47 34.64 36.96
C LEU C 535 -11.34 33.66 37.27
N LEU C 536 -10.77 33.06 36.23
CA LEU C 536 -9.67 32.11 36.44
C LEU C 536 -8.47 32.80 37.07
N ASP C 537 -8.13 34.01 36.60
CA ASP C 537 -7.03 34.75 37.21
C ASP C 537 -7.36 35.22 38.61
N LEU C 538 -8.64 35.46 38.89
CA LEU C 538 -9.05 35.77 40.25
C LEU C 538 -8.78 34.60 41.18
N SER C 539 -9.20 33.39 40.78
CA SER C 539 -8.94 32.21 41.58
C SER C 539 -7.51 31.71 41.46
N SER C 540 -6.75 32.19 40.49
CA SER C 540 -5.33 31.84 40.40
C SER C 540 -4.48 32.62 41.38
N ASP C 541 -5.02 33.66 42.00
CA ASP C 541 -4.30 34.48 42.97
C ASP C 541 -4.75 34.04 44.37
N THR C 542 -4.10 33.02 44.90
CA THR C 542 -4.42 32.53 46.24
C THR C 542 -3.74 33.31 47.34
N ASN C 543 -2.74 34.14 47.01
CA ASN C 543 -2.02 34.93 48.00
C ASN C 543 -2.77 36.19 48.41
N ASN C 544 -3.77 36.62 47.63
CA ASN C 544 -4.54 37.82 47.91
C ASN C 544 -5.82 37.42 48.65
N LYS C 545 -5.90 37.77 49.92
CA LYS C 545 -7.03 37.40 50.77
C LYS C 545 -8.11 38.46 50.81
N ASP C 546 -7.93 39.59 50.13
CA ASP C 546 -8.90 40.68 50.15
C ASP C 546 -9.93 40.58 49.05
N ASN C 547 -9.81 39.61 48.15
CA ASN C 547 -10.77 39.47 47.06
C ASN C 547 -12.09 38.92 47.58
N PHE C 548 -13.10 38.95 46.71
CA PHE C 548 -14.42 38.42 47.05
C PHE C 548 -14.40 36.90 47.23
N LEU C 549 -13.32 36.23 46.84
CA LEU C 549 -13.23 34.79 47.06
C LEU C 549 -13.18 34.46 48.54
N SER C 550 -12.44 35.24 49.32
CA SER C 550 -12.30 34.99 50.75
C SER C 550 -13.49 35.48 51.55
N TYR C 551 -14.44 36.16 50.93
CA TYR C 551 -15.66 36.56 51.62
C TYR C 551 -16.49 35.32 51.92
N PRO C 552 -16.87 35.07 53.17
CA PRO C 552 -17.73 33.92 53.47
C PRO C 552 -19.08 33.97 52.78
N GLN C 553 -19.50 35.13 52.27
CA GLN C 553 -20.75 35.22 51.53
C GLN C 553 -20.65 34.56 50.16
N PHE C 554 -19.45 34.54 49.58
CA PHE C 554 -19.19 33.94 48.28
C PHE C 554 -18.26 32.74 48.42
N LYS C 555 -18.47 31.92 49.46
CA LYS C 555 -17.62 30.77 49.68
C LYS C 555 -17.83 29.71 48.62
N LYS C 556 -19.09 29.40 48.31
CA LYS C 556 -19.38 28.40 47.29
C LYS C 556 -19.17 28.96 45.88
N PHE C 557 -19.50 30.23 45.65
CA PHE C 557 -19.23 30.83 44.34
C PHE C 557 -17.75 30.78 44.02
N ALA C 558 -16.90 31.20 44.96
CA ALA C 558 -15.47 31.07 44.77
C ALA C 558 -15.03 29.63 44.67
N ASP C 559 -15.82 28.69 45.19
CA ASP C 559 -15.54 27.28 44.98
C ASP C 559 -15.93 26.84 43.58
N SER C 560 -17.01 27.41 43.04
CA SER C 560 -17.39 27.10 41.66
C SER C 560 -16.31 27.56 40.68
N ILE C 561 -15.73 28.73 40.92
CA ILE C 561 -14.59 29.17 40.12
C ILE C 561 -13.41 28.24 40.36
N LYS C 562 -13.31 27.63 41.54
CA LYS C 562 -12.25 26.68 41.82
C LYS C 562 -12.47 25.34 41.15
N SER C 563 -13.71 24.99 40.83
CA SER C 563 -14.03 23.74 40.16
C SER C 563 -13.87 23.82 38.65
N ILE C 564 -13.47 24.97 38.12
CA ILE C 564 -13.28 25.14 36.68
C ILE C 564 -11.85 25.41 36.30
N GLU C 565 -10.94 25.54 37.28
CA GLU C 565 -9.53 25.67 36.94
C GLU C 565 -8.98 24.35 36.41
N LYS C 566 -8.98 23.32 37.24
CA LYS C 566 -8.38 22.05 36.84
C LYS C 566 -9.01 21.48 35.58
N ASP C 567 -10.27 21.82 35.30
CA ASP C 567 -10.95 21.28 34.13
C ASP C 567 -10.59 22.04 32.85
N LEU C 568 -10.89 23.34 32.79
CA LEU C 568 -10.78 24.10 31.56
C LEU C 568 -9.63 25.09 31.52
N LYS C 569 -9.06 25.48 32.67
CA LYS C 569 -8.11 26.61 32.65
C LYS C 569 -6.94 26.34 31.72
N GLU C 570 -6.48 25.08 31.62
CA GLU C 570 -5.38 24.77 30.73
C GLU C 570 -5.70 25.16 29.30
N LEU C 571 -6.96 25.02 28.89
CA LEU C 571 -7.44 25.40 27.57
C LEU C 571 -7.78 26.87 27.46
N VAL C 572 -8.38 27.44 28.51
CA VAL C 572 -8.87 28.81 28.45
C VAL C 572 -7.72 29.80 28.50
N GLN C 573 -6.67 29.51 29.28
CA GLN C 573 -5.50 30.38 29.25
C GLN C 573 -4.88 30.43 27.87
N ALA C 574 -4.74 29.28 27.21
CA ALA C 574 -4.21 29.25 25.85
C ALA C 574 -5.13 29.96 24.87
N HIS C 575 -6.45 29.74 25.00
CA HIS C 575 -7.40 30.38 24.10
C HIS C 575 -7.37 31.90 24.25
N TYR C 576 -7.32 32.39 25.48
CA TYR C 576 -7.21 33.83 25.71
C TYR C 576 -5.88 34.37 25.19
N LYS C 577 -4.77 33.70 25.52
CA LYS C 577 -3.45 34.15 25.11
C LYS C 577 -3.28 34.12 23.60
N GLN C 578 -4.07 33.33 22.88
CA GLN C 578 -4.03 33.31 21.43
C GLN C 578 -5.06 34.24 20.79
N ALA C 579 -6.22 34.41 21.41
CA ALA C 579 -7.20 35.35 20.87
C ALA C 579 -6.71 36.79 21.02
N VAL C 580 -6.07 37.11 22.14
CA VAL C 580 -5.52 38.44 22.31
C VAL C 580 -4.38 38.66 21.33
N PHE C 581 -3.57 37.64 21.07
CA PHE C 581 -2.52 37.75 20.06
C PHE C 581 -3.11 37.91 18.67
N ASN C 582 -4.24 37.24 18.40
CA ASN C 582 -4.94 37.40 17.13
C ASN C 582 -5.42 38.82 16.94
N GLU C 583 -6.05 39.39 17.97
CA GLU C 583 -6.50 40.78 17.89
C GLU C 583 -5.33 41.73 17.77
N THR C 584 -4.23 41.46 18.47
CA THR C 584 -3.05 42.30 18.37
C THR C 584 -2.43 42.28 16.98
N ALA C 585 -2.33 41.11 16.35
CA ALA C 585 -1.87 41.03 14.97
C ALA C 585 -2.83 41.70 13.99
N VAL C 586 -4.13 41.53 14.19
CA VAL C 586 -5.12 42.20 13.35
C VAL C 586 -4.95 43.71 13.45
N ALA C 587 -4.78 44.22 14.68
CA ALA C 587 -4.66 45.66 14.88
C ALA C 587 -3.35 46.19 14.33
N GLU C 588 -2.25 45.45 14.49
CA GLU C 588 -0.97 45.92 13.97
C GLU C 588 -0.88 45.78 12.46
N ASN C 589 -1.71 44.93 11.84
CA ASN C 589 -1.82 44.94 10.39
C ASN C 589 -2.35 46.28 9.90
N LYS C 590 -3.31 46.85 10.64
CA LYS C 590 -3.85 48.15 10.29
C LYS C 590 -2.81 49.25 10.29
N VAL C 591 -1.70 49.07 11.01
CA VAL C 591 -0.65 50.08 10.98
C VAL C 591 -0.12 50.23 9.55
N THR C 592 0.39 49.15 8.98
CA THR C 592 0.93 49.17 7.62
C THR C 592 -0.17 49.26 6.56
N LEU C 593 -1.42 48.95 6.92
CA LEU C 593 -2.53 49.15 6.00
C LEU C 593 -2.90 50.61 5.87
N LYS C 594 -3.09 51.30 6.99
CA LYS C 594 -3.54 52.68 7.00
C LYS C 594 -2.42 53.67 6.70
N LEU C 595 -1.18 53.38 7.07
CA LEU C 595 -0.10 54.24 6.62
C LEU C 595 0.02 54.23 5.10
N ALA C 596 -0.10 53.04 4.49
CA ALA C 596 -0.15 52.95 3.04
C ALA C 596 -1.37 53.63 2.46
N GLU C 597 -2.54 53.51 3.12
CA GLU C 597 -3.72 54.23 2.64
C GLU C 597 -3.50 55.74 2.65
N ARG C 598 -2.89 56.27 3.71
CA ARG C 598 -2.60 57.69 3.77
C ARG C 598 -1.60 58.10 2.70
N ASN C 599 -0.56 57.29 2.50
CA ASN C 599 0.46 57.60 1.50
C ASN C 599 -0.02 57.34 0.08
N GLN C 600 -1.19 56.73 -0.10
CA GLN C 600 -1.67 56.40 -1.44
C GLN C 600 -1.89 57.62 -2.34
N PRO C 601 -2.60 58.68 -1.93
CA PRO C 601 -2.80 59.80 -2.85
C PRO C 601 -1.52 60.48 -3.30
N PHE C 602 -0.50 60.52 -2.44
CA PHE C 602 0.78 61.12 -2.82
C PHE C 602 1.58 60.23 -3.76
N ILE C 603 1.16 58.99 -3.97
CA ILE C 603 1.70 58.17 -5.04
C ILE C 603 0.83 58.27 -6.30
N ASP C 604 -0.49 58.38 -6.11
CA ASP C 604 -1.39 58.61 -7.25
C ASP C 604 -0.99 59.88 -8.00
N ASN C 605 -0.69 60.94 -7.27
CA ASN C 605 -0.29 62.20 -7.92
C ASN C 605 0.97 62.02 -8.75
N GLU C 606 1.97 61.32 -8.20
CA GLU C 606 3.20 61.10 -8.97
C GLU C 606 2.96 60.19 -10.16
N ARG C 607 1.97 59.28 -10.04
CA ARG C 607 1.64 58.40 -11.15
C ARG C 607 0.98 59.17 -12.29
N ASN C 608 0.01 60.02 -11.96
CA ASN C 608 -0.73 60.81 -12.94
C ASN C 608 0.05 62.03 -13.41
N ASN C 609 1.35 62.09 -13.14
CA ASN C 609 2.19 63.25 -13.46
C ASN C 609 1.71 64.52 -12.76
N GLN C 610 0.90 64.37 -11.73
CA GLN C 610 0.41 65.48 -10.92
C GLN C 610 1.20 65.63 -9.64
N ILE C 611 2.50 65.36 -9.69
CA ILE C 611 3.34 65.43 -8.49
C ILE C 611 3.26 66.81 -7.86
N GLU C 612 3.11 67.85 -8.67
CA GLU C 612 2.98 69.21 -8.15
C GLU C 612 1.76 69.38 -7.26
N GLN C 613 0.76 68.48 -7.37
CA GLN C 613 -0.39 68.57 -6.49
C GLN C 613 -0.04 68.19 -5.06
N ASN C 614 1.03 67.41 -4.85
CA ASN C 614 1.45 67.05 -3.50
C ASN C 614 1.68 68.31 -2.66
N GLY C 615 2.49 69.24 -3.15
CA GLY C 615 2.74 70.47 -2.44
C GLY C 615 3.41 70.25 -1.10
N LEU C 616 2.67 70.47 -0.02
CA LEU C 616 3.19 70.31 1.33
C LEU C 616 3.06 68.90 1.87
N ALA C 617 2.94 67.91 0.99
CA ALA C 617 2.89 66.52 1.44
C ALA C 617 4.26 66.07 1.90
N ALA C 618 4.31 65.45 3.07
CA ALA C 618 5.57 65.01 3.67
C ALA C 618 5.48 63.56 4.09
N LYS C 619 6.54 62.82 3.84
CA LYS C 619 6.60 61.43 4.27
C LYS C 619 6.76 61.36 5.77
N LEU C 620 6.03 60.43 6.39
CA LEU C 620 6.07 60.28 7.83
C LEU C 620 7.44 59.77 8.27
N PRO C 621 7.84 60.08 9.51
CA PRO C 621 9.18 59.64 9.97
C PRO C 621 9.33 58.14 10.09
N TYR C 622 8.22 57.40 10.14
CA TYR C 622 8.25 55.98 10.46
C TYR C 622 8.91 55.20 9.33
N GLU C 623 9.95 54.44 9.68
CA GLU C 623 10.60 53.55 8.73
C GLU C 623 9.77 52.31 8.51
N GLN C 624 9.84 51.77 7.30
CA GLN C 624 9.19 50.52 6.95
C GLN C 624 10.24 49.48 6.59
N ASP C 625 9.83 48.21 6.64
CA ASP C 625 10.74 47.10 6.41
C ASP C 625 10.72 46.74 4.92
N ALA C 626 11.89 46.78 4.29
CA ALA C 626 12.01 46.33 2.91
C ALA C 626 11.76 44.83 2.79
N LYS C 627 12.22 44.06 3.78
CA LYS C 627 12.13 42.61 3.75
C LYS C 627 10.82 42.07 4.32
N THR C 628 10.02 42.90 4.98
CA THR C 628 8.80 42.43 5.63
C THR C 628 7.59 43.30 5.35
N GLY C 629 7.77 44.58 5.02
CA GLY C 629 6.64 45.47 4.87
C GLY C 629 5.92 45.77 6.16
N HIS C 630 6.65 45.85 7.27
CA HIS C 630 6.07 46.09 8.58
C HIS C 630 6.76 47.30 9.20
N TYR C 631 6.00 48.07 9.96
CA TYR C 631 6.54 49.19 10.72
C TYR C 631 6.97 48.66 12.08
N ASN C 632 8.29 48.49 12.26
CA ASN C 632 8.80 47.85 13.46
C ASN C 632 8.55 48.71 14.70
N ASP C 633 8.92 49.99 14.63
CA ASP C 633 8.72 50.87 15.78
C ASP C 633 7.24 51.03 16.10
N LEU C 634 6.41 51.25 15.08
CA LEU C 634 4.97 51.27 15.32
C LEU C 634 4.46 49.93 15.82
N GLY C 635 5.17 48.85 15.55
CA GLY C 635 4.82 47.56 16.10
C GLY C 635 5.28 47.35 17.53
N ASN C 636 6.22 48.17 18.00
CA ASN C 636 6.65 48.09 19.40
C ASN C 636 5.51 48.40 20.36
N TYR C 637 4.57 49.26 19.95
CA TYR C 637 3.41 49.56 20.78
C TYR C 637 2.57 48.30 21.02
N TYR C 638 2.60 47.35 20.10
CA TYR C 638 1.87 46.09 20.25
C TYR C 638 2.77 44.98 20.78
N LYS C 639 4.08 45.09 20.57
CA LYS C 639 5.01 44.20 21.24
C LYS C 639 4.95 44.38 22.74
N ASP C 640 4.74 45.62 23.19
CA ASP C 640 4.49 45.92 24.60
C ASP C 640 3.12 45.43 25.06
N ILE C 641 2.40 44.73 24.20
CA ILE C 641 1.17 44.03 24.57
C ILE C 641 1.37 42.52 24.56
N ILE C 642 2.00 42.01 23.49
CA ILE C 642 2.26 40.58 23.42
C ILE C 642 3.38 40.17 24.36
N ASP C 643 4.12 41.13 24.91
CA ASP C 643 5.06 40.84 26.00
C ASP C 643 4.40 40.90 27.35
N ASN C 644 3.13 41.32 27.42
CA ASN C 644 2.35 41.34 28.65
C ASN C 644 1.37 40.19 28.74
N VAL C 645 0.68 39.86 27.63
CA VAL C 645 -0.19 38.70 27.62
C VAL C 645 0.59 37.41 27.69
N ASP C 646 1.85 37.42 27.23
CA ASP C 646 2.69 36.23 27.36
C ASP C 646 2.94 35.90 28.83
N LYS C 647 3.19 36.91 29.65
CA LYS C 647 3.45 36.69 31.06
C LYS C 647 2.18 36.39 31.85
N LYS C 648 1.01 36.51 31.24
CA LYS C 648 -0.25 36.22 31.93
C LYS C 648 -0.42 34.71 32.03
N GLY C 649 -0.53 34.21 33.26
CA GLY C 649 -0.67 32.78 33.51
C GLY C 649 0.67 32.07 33.58
N ASN C 665 11.49 42.62 16.45
CA ASN C 665 10.33 43.14 15.75
C ASN C 665 9.05 42.46 16.24
N PHE C 666 7.95 43.21 16.27
CA PHE C 666 6.68 42.63 16.70
C PHE C 666 6.21 41.56 15.73
N SER C 667 6.52 41.69 14.45
CA SER C 667 6.06 40.72 13.47
C SER C 667 6.62 39.34 13.76
N GLU C 668 7.93 39.23 13.94
CA GLU C 668 8.55 37.94 14.22
C GLU C 668 8.06 37.37 15.55
N GLU C 669 8.00 38.21 16.58
CA GLU C 669 7.57 37.73 17.89
C GLU C 669 6.15 37.21 17.85
N VAL C 670 5.25 37.95 17.21
CA VAL C 670 3.85 37.51 17.16
C VAL C 670 3.71 36.29 16.27
N VAL C 671 4.48 36.20 15.17
CA VAL C 671 4.35 35.04 14.31
C VAL C 671 4.89 33.79 14.99
N SER C 672 5.88 33.94 15.88
CA SER C 672 6.35 32.80 16.65
C SER C 672 5.37 32.43 17.76
N LYS C 673 4.87 33.42 18.49
CA LYS C 673 4.03 33.18 19.66
C LYS C 673 2.58 32.90 19.29
N LEU C 674 2.20 33.03 18.03
CA LEU C 674 0.90 32.53 17.61
C LEU C 674 0.93 31.04 17.33
N LYS C 675 2.00 30.53 16.71
CA LYS C 675 2.11 29.08 16.51
C LYS C 675 2.46 28.37 17.82
N ASP C 676 3.34 28.95 18.64
CA ASP C 676 3.67 28.37 19.93
C ASP C 676 2.47 28.34 20.86
N ASN C 677 1.43 29.12 20.58
CA ASN C 677 0.19 29.06 21.35
C ASN C 677 -0.89 28.28 20.64
N LYS C 678 -0.86 28.20 19.31
CA LYS C 678 -1.81 27.35 18.60
C LYS C 678 -1.55 25.89 18.92
N LYS C 679 -0.27 25.48 18.98
CA LYS C 679 0.03 24.12 19.41
C LYS C 679 -0.42 23.90 20.85
N LYS C 680 -0.32 24.93 21.70
CA LYS C 680 -0.81 24.84 23.06
C LYS C 680 -2.31 24.66 23.11
N VAL C 681 -3.06 25.35 22.25
CA VAL C 681 -4.50 25.13 22.16
C VAL C 681 -4.81 23.74 21.61
N GLU C 682 -4.02 23.24 20.66
CA GLU C 682 -4.20 21.86 20.22
C GLU C 682 -4.09 20.89 21.40
N GLU C 683 -3.00 21.01 22.17
CA GLU C 683 -2.77 20.11 23.29
C GLU C 683 -3.86 20.26 24.35
N ALA C 684 -4.20 21.50 24.70
CA ALA C 684 -5.19 21.73 25.74
C ALA C 684 -6.57 21.24 25.33
N ALA C 685 -6.96 21.45 24.07
CA ALA C 685 -8.25 20.95 23.61
C ALA C 685 -8.28 19.44 23.57
N LYS C 686 -7.19 18.80 23.11
CA LYS C 686 -7.18 17.34 23.11
C LYS C 686 -7.28 16.80 24.52
N LYS C 687 -6.57 17.42 25.48
CA LYS C 687 -6.64 16.94 26.86
C LYS C 687 -8.01 17.19 27.47
N HIS C 688 -8.63 18.32 27.14
CA HIS C 688 -9.96 18.61 27.67
C HIS C 688 -11.00 17.62 27.15
N VAL C 689 -10.97 17.32 25.85
CA VAL C 689 -11.91 16.35 25.30
C VAL C 689 -11.61 14.95 25.82
N GLU C 690 -10.33 14.62 26.01
CA GLU C 690 -9.99 13.35 26.63
C GLU C 690 -10.58 13.24 28.03
N ALA C 691 -10.33 14.25 28.87
CA ALA C 691 -10.81 14.25 30.24
C ALA C 691 -12.33 14.35 30.32
N LEU C 692 -13.01 14.75 29.25
CA LEU C 692 -14.46 14.79 29.27
C LEU C 692 -15.11 13.44 28.97
N LYS C 693 -14.36 12.48 28.42
CA LYS C 693 -14.90 11.17 28.05
C LYS C 693 -16.16 11.31 27.21
N VAL C 694 -15.97 11.90 26.03
CA VAL C 694 -17.10 12.26 25.17
C VAL C 694 -17.65 11.02 24.50
N PHE C 695 -18.97 10.87 24.54
CA PHE C 695 -19.67 9.80 23.84
C PHE C 695 -20.86 10.39 23.10
N THR C 696 -21.19 9.78 21.96
CA THR C 696 -22.29 10.26 21.14
C THR C 696 -23.61 9.72 21.66
N ILE C 697 -24.48 10.60 22.11
CA ILE C 697 -25.84 10.21 22.49
C ILE C 697 -26.64 9.88 21.24
N PRO C 698 -27.43 8.81 21.23
CA PRO C 698 -28.32 8.58 20.08
C PRO C 698 -29.28 9.74 19.88
N SER C 699 -29.46 10.12 18.62
CA SER C 699 -30.26 11.30 18.31
C SER C 699 -31.74 11.05 18.59
N PRO C 700 -32.47 12.08 19.00
CA PRO C 700 -33.90 11.91 19.29
C PRO C 700 -34.74 11.70 18.04
N LEU C 701 -36.06 11.63 18.20
CA LEU C 701 -36.95 11.46 17.07
C LEU C 701 -36.91 12.67 16.16
N TYR C 702 -36.99 12.41 14.85
CA TYR C 702 -36.95 13.44 13.81
C TYR C 702 -35.66 14.26 13.85
N SER C 703 -34.65 13.79 14.58
CA SER C 703 -33.40 14.53 14.65
C SER C 703 -32.57 14.29 13.38
N GLN C 704 -31.68 15.24 13.10
CA GLN C 704 -30.81 15.18 11.93
C GLN C 704 -29.38 15.55 12.29
N VAL C 705 -29.01 15.43 13.56
CA VAL C 705 -27.68 15.78 14.04
C VAL C 705 -27.13 14.61 14.85
N ILE C 706 -25.80 14.56 14.93
CA ILE C 706 -25.10 13.60 15.77
C ILE C 706 -24.63 14.35 17.00
N LEU C 707 -25.44 14.34 18.04
CA LEU C 707 -25.11 15.03 19.28
C LEU C 707 -24.02 14.29 20.03
N VAL C 708 -23.38 14.99 20.96
CA VAL C 708 -22.38 14.41 21.85
C VAL C 708 -22.82 14.65 23.28
N GLN C 709 -22.07 14.07 24.21
CA GLN C 709 -22.38 14.18 25.64
C GLN C 709 -21.12 13.89 26.43
N THR C 710 -21.22 14.16 27.73
CA THR C 710 -20.10 13.91 28.64
C THR C 710 -20.63 13.73 30.02
N LYS C 711 -19.79 13.24 30.91
CA LYS C 711 -20.13 13.10 32.32
C LYS C 711 -18.99 13.48 33.27
N LEU C 712 -17.79 13.69 32.75
CA LEU C 712 -16.63 14.05 33.59
C LEU C 712 -16.45 15.58 33.60
N SER C 713 -17.40 16.24 34.25
CA SER C 713 -17.36 17.70 34.35
C SER C 713 -18.07 18.13 35.62
N PHE C 714 -17.80 19.38 36.02
CA PHE C 714 -18.42 19.92 37.23
C PHE C 714 -19.93 19.99 37.08
N THR C 715 -20.41 20.45 35.94
CA THR C 715 -21.84 20.40 35.60
C THR C 715 -22.00 19.60 34.31
N PRO C 716 -22.32 18.31 34.41
CA PRO C 716 -22.34 17.48 33.19
C PRO C 716 -23.34 17.94 32.15
N GLU C 717 -24.52 18.40 32.55
CA GLU C 717 -25.54 18.78 31.58
C GLU C 717 -25.12 20.02 30.80
N SER C 718 -24.66 21.06 31.49
CA SER C 718 -24.22 22.27 30.81
C SER C 718 -22.97 22.05 29.99
N THR C 719 -22.05 21.19 30.45
CA THR C 719 -20.88 20.88 29.64
C THR C 719 -21.24 20.11 28.38
N SER C 720 -22.17 19.16 28.49
CA SER C 720 -22.64 18.43 27.32
C SER C 720 -23.30 19.39 26.32
N LEU C 721 -24.15 20.29 26.82
CA LEU C 721 -24.77 21.26 25.92
C LEU C 721 -23.76 22.24 25.35
N GLY C 722 -22.71 22.57 26.11
CA GLY C 722 -21.67 23.43 25.56
C GLY C 722 -20.90 22.78 24.43
N LEU C 723 -20.56 21.49 24.58
CA LEU C 723 -19.98 20.77 23.47
C LEU C 723 -20.94 20.65 22.31
N ASN C 724 -22.24 20.49 22.58
CA ASN C 724 -23.24 20.47 21.53
C ASN C 724 -23.25 21.77 20.75
N LEU C 725 -23.19 22.91 21.45
CA LEU C 725 -23.20 24.21 20.78
C LEU C 725 -21.90 24.45 20.02
N ALA C 726 -20.76 24.06 20.60
CA ALA C 726 -19.49 24.19 19.90
C ALA C 726 -19.51 23.38 18.62
N LEU C 727 -20.06 22.17 18.67
CA LEU C 727 -20.20 21.38 17.44
C LEU C 727 -21.18 22.03 16.48
N ASN C 728 -22.30 22.55 16.99
CA ASN C 728 -23.28 23.16 16.10
C ASN C 728 -22.71 24.39 15.41
N ASN C 729 -21.69 25.02 16.00
CA ASN C 729 -21.03 26.12 15.33
C ASN C 729 -19.93 25.64 14.38
N TYR C 730 -19.20 24.59 14.75
CA TYR C 730 -18.10 24.13 13.91
C TYR C 730 -18.58 23.39 12.67
N LEU C 731 -19.60 22.55 12.81
CA LEU C 731 -20.09 21.77 11.67
C LEU C 731 -20.62 22.67 10.57
N THR C 732 -21.38 23.70 10.93
CA THR C 732 -21.87 24.67 9.97
C THR C 732 -20.80 25.65 9.51
N SER C 733 -19.67 25.73 10.23
CA SER C 733 -18.64 26.69 9.88
C SER C 733 -17.91 26.26 8.60
N THR C 734 -17.31 27.24 7.94
CA THR C 734 -16.51 26.95 6.76
C THR C 734 -15.23 26.21 7.09
N GLU C 735 -14.82 26.18 8.36
CA GLU C 735 -13.63 25.44 8.74
C GLU C 735 -13.80 23.96 8.47
N LEU C 736 -14.98 23.41 8.81
CA LEU C 736 -15.21 21.99 8.56
C LEU C 736 -15.33 21.69 7.07
N GLN C 737 -15.94 22.59 6.31
CA GLN C 737 -16.00 22.41 4.87
C GLN C 737 -14.61 22.38 4.26
N ASN C 738 -13.76 23.32 4.67
CA ASN C 738 -12.38 23.31 4.19
C ASN C 738 -11.61 22.10 4.70
N SER C 739 -11.98 21.54 5.85
CA SER C 739 -11.40 20.29 6.30
C SER C 739 -11.79 19.12 5.41
N ILE C 740 -13.05 19.08 4.98
CA ILE C 740 -13.49 18.05 4.03
C ILE C 740 -12.72 18.18 2.72
N LYS C 741 -12.61 19.41 2.21
CA LYS C 741 -11.83 19.64 1.00
C LYS C 741 -10.36 19.29 1.20
N LEU C 742 -9.84 19.51 2.41
CA LEU C 742 -8.48 19.09 2.74
C LEU C 742 -8.34 17.59 2.66
N SER C 743 -9.34 16.86 3.19
CA SER C 743 -9.32 15.40 3.14
C SER C 743 -9.32 14.90 1.70
N TYR C 744 -10.09 15.52 0.81
CA TYR C 744 -10.07 15.12 -0.62
C TYR C 744 -8.69 15.27 -1.19
N PHE C 745 -7.94 16.23 -0.75
CA PHE C 745 -6.55 16.26 -1.18
C PHE C 745 -5.74 15.17 -0.51
N GLN C 746 -6.03 14.89 0.77
CA GLN C 746 -5.33 13.83 1.48
C GLN C 746 -5.41 12.50 0.73
N GLU C 747 -6.59 12.18 0.17
CA GLU C 747 -6.78 10.90 -0.49
C GLU C 747 -5.88 10.72 -1.71
N ASP C 748 -5.71 11.77 -2.51
CA ASP C 748 -4.97 11.65 -3.77
C ASP C 748 -3.52 11.32 -3.47
N GLU C 749 -3.12 10.07 -3.73
CA GLU C 749 -1.73 9.68 -3.48
C GLU C 749 -0.79 10.31 -4.50
N ALA C 750 -1.25 10.54 -5.73
CA ALA C 750 -0.39 11.15 -6.74
C ALA C 750 0.01 12.56 -6.35
N PHE C 751 -0.92 13.33 -5.78
CA PHE C 751 -0.60 14.68 -5.34
C PHE C 751 0.27 14.65 -4.08
N LYS C 752 0.02 13.71 -3.18
CA LYS C 752 0.75 13.69 -1.93
C LYS C 752 2.19 13.25 -2.10
N LYS C 753 2.56 12.69 -3.25
CA LYS C 753 3.96 12.38 -3.50
C LYS C 753 4.80 13.63 -3.71
N ILE C 754 4.16 14.75 -4.06
CA ILE C 754 4.88 15.99 -4.35
C ILE C 754 4.57 17.09 -3.36
N ILE C 755 3.62 16.89 -2.44
CA ILE C 755 3.32 17.88 -1.40
C ILE C 755 3.15 17.15 -0.07
N ASP C 756 3.34 17.90 1.01
CA ASP C 756 3.05 17.44 2.37
C ASP C 756 1.87 18.29 2.85
N ILE C 757 0.67 17.75 2.70
CA ILE C 757 -0.53 18.58 2.71
C ILE C 757 -0.73 19.26 4.06
N THR C 758 -0.61 18.51 5.15
CA THR C 758 -0.72 19.13 6.47
C THR C 758 0.42 20.11 6.72
N ASN C 759 1.64 19.72 6.34
CA ASN C 759 2.79 20.62 6.44
C ASN C 759 2.73 21.73 5.40
N LEU C 760 1.95 21.56 4.33
CA LEU C 760 1.92 22.49 3.21
C LEU C 760 3.31 22.72 2.65
N THR C 761 4.09 21.64 2.55
CA THR C 761 5.44 21.67 2.03
C THR C 761 5.54 20.70 0.87
N PHE C 762 6.23 21.09 -0.20
CA PHE C 762 6.41 20.21 -1.33
C PHE C 762 7.27 19.01 -0.93
N SER C 763 6.78 17.81 -1.24
CA SER C 763 7.42 16.59 -0.78
C SER C 763 8.65 16.28 -1.62
N GLN C 764 9.24 15.12 -1.36
CA GLN C 764 10.43 14.58 -2.02
C GLN C 764 11.70 15.37 -1.70
N GLN C 765 11.61 16.47 -0.96
CA GLN C 765 12.75 17.32 -0.63
C GLN C 765 13.55 17.66 -1.89
N SER C 766 14.75 17.12 -2.01
CA SER C 766 15.55 17.23 -3.24
C SER C 766 16.46 16.00 -3.29
N GLY C 767 16.03 14.98 -4.02
CA GLY C 767 16.79 13.76 -4.11
C GLY C 767 16.21 12.73 -5.06
N GLY C 768 16.31 11.45 -4.70
CA GLY C 768 15.85 10.39 -5.56
C GLY C 768 14.69 9.59 -4.99
N THR C 769 13.82 10.26 -4.23
CA THR C 769 12.60 9.63 -3.72
C THR C 769 11.55 9.75 -4.82
N GLY C 770 11.51 8.75 -5.69
CA GLY C 770 10.69 8.81 -6.88
C GLY C 770 11.38 9.41 -8.08
N GLY C 771 12.60 9.89 -7.93
CA GLY C 771 13.36 10.48 -9.01
C GLY C 771 14.49 9.55 -9.44
N THR C 772 14.55 9.27 -10.74
CA THR C 772 13.60 9.84 -11.68
C THR C 772 12.79 8.75 -12.39
N ASN C 773 11.46 8.91 -12.35
CA ASN C 773 10.53 8.02 -13.03
C ASN C 773 9.37 8.86 -13.54
N GLY C 774 8.59 8.28 -14.45
CA GLY C 774 7.48 9.00 -15.05
C GLY C 774 6.38 9.38 -14.09
N ASN C 775 5.21 9.75 -14.61
CA ASN C 775 4.08 10.19 -13.78
C ASN C 775 4.46 11.40 -12.93
N ASN C 776 4.59 12.54 -13.64
CA ASN C 776 4.98 13.82 -13.05
C ASN C 776 6.41 13.79 -12.55
N ASN C 777 7.36 13.61 -13.46
CA ASN C 777 8.79 13.61 -13.13
C ASN C 777 9.30 15.03 -13.10
N LEU C 778 9.51 15.55 -11.89
CA LEU C 778 10.10 16.88 -11.71
C LEU C 778 10.54 17.00 -10.25
N THR C 779 11.33 18.04 -9.98
CA THR C 779 11.87 18.27 -8.65
C THR C 779 10.82 18.93 -7.77
N ALA C 780 11.24 19.38 -6.58
CA ALA C 780 10.38 20.18 -5.72
C ALA C 780 10.51 21.67 -5.96
N ASP C 781 11.66 22.11 -6.49
CA ASP C 781 11.78 23.48 -6.97
C ASP C 781 10.86 23.72 -8.16
N ASN C 782 10.62 22.69 -8.96
CA ASN C 782 9.74 22.83 -10.12
C ASN C 782 8.30 23.11 -9.72
N TRP C 783 7.94 22.91 -8.46
CA TRP C 783 6.63 23.29 -7.96
C TRP C 783 6.64 24.63 -7.24
N LYS C 784 7.82 25.10 -6.83
CA LYS C 784 7.91 26.43 -6.23
C LYS C 784 7.51 27.49 -7.24
N ILE C 785 7.72 27.25 -8.53
CA ILE C 785 7.32 28.23 -9.53
C ILE C 785 5.82 28.22 -9.75
N PHE C 786 5.18 27.05 -9.65
CA PHE C 786 3.71 27.03 -9.64
C PHE C 786 3.16 27.79 -8.45
N LYS C 787 3.75 27.57 -7.27
CA LYS C 787 3.33 28.30 -6.08
C LYS C 787 3.57 29.80 -6.23
N GLU C 788 4.69 30.19 -6.83
CA GLU C 788 4.98 31.60 -7.06
C GLU C 788 4.02 32.22 -8.05
N THR C 789 3.60 31.46 -9.08
CA THR C 789 2.59 31.96 -9.99
C THR C 789 1.26 32.18 -9.27
N TYR C 790 0.88 31.26 -8.39
CA TYR C 790 -0.32 31.47 -7.58
C TYR C 790 -0.17 32.71 -6.70
N LEU C 791 1.00 32.88 -6.09
CA LEU C 791 1.23 34.03 -5.23
C LEU C 791 1.19 35.33 -6.02
N LEU C 792 1.67 35.31 -7.26
CA LEU C 792 1.61 36.51 -8.09
C LEU C 792 0.18 36.82 -8.52
N ASP C 793 -0.60 35.79 -8.82
CA ASP C 793 -2.01 36.02 -9.13
C ASP C 793 -2.77 36.55 -7.92
N LEU C 794 -2.38 36.13 -6.72
CA LEU C 794 -3.01 36.67 -5.51
C LEU C 794 -2.52 38.09 -5.21
N PHE C 795 -1.24 38.36 -5.48
CA PHE C 795 -0.68 39.68 -5.29
C PHE C 795 -1.33 40.70 -6.21
N GLU C 796 -1.57 40.32 -7.46
CA GLU C 796 -2.23 41.22 -8.40
C GLU C 796 -3.63 41.59 -7.97
N SER C 797 -4.25 40.76 -7.13
CA SER C 797 -5.59 41.03 -6.62
C SER C 797 -5.59 41.75 -5.29
N GLN C 798 -4.42 42.07 -4.74
CA GLN C 798 -4.35 42.75 -3.46
C GLN C 798 -4.85 44.19 -3.60
N ALA C 799 -5.62 44.63 -2.59
CA ALA C 799 -6.12 45.99 -2.60
C ALA C 799 -4.99 47.00 -2.53
N GLN C 800 -4.01 46.76 -1.67
CA GLN C 800 -2.79 47.56 -1.60
C GLN C 800 -1.60 46.62 -1.65
N LYS C 801 -0.65 46.92 -2.53
CA LYS C 801 0.45 46.00 -2.81
C LYS C 801 1.75 46.40 -2.13
N SER C 802 1.71 47.37 -1.23
CA SER C 802 2.90 47.79 -0.49
C SER C 802 2.84 47.41 0.99
N ILE C 803 1.85 46.62 1.39
CA ILE C 803 1.74 46.18 2.77
C ILE C 803 2.53 44.90 2.97
N PHE C 804 3.28 44.49 1.96
CA PHE C 804 4.03 43.25 1.98
C PHE C 804 5.52 43.44 1.73
N GLY C 805 6.00 44.68 1.73
CA GLY C 805 7.39 44.92 1.46
C GLY C 805 7.68 45.13 -0.01
N HIS C 806 8.97 45.16 -0.32
CA HIS C 806 9.44 45.46 -1.67
C HIS C 806 10.84 44.89 -1.84
N VAL C 807 11.49 45.29 -2.93
CA VAL C 807 12.85 44.89 -3.22
C VAL C 807 13.84 45.63 -2.32
N GLY C 819 13.79 40.07 -5.71
CA GLY C 819 12.87 41.18 -5.88
C GLY C 819 11.44 40.85 -5.51
N ILE C 820 10.71 40.29 -6.47
CA ILE C 820 9.34 39.86 -6.21
C ILE C 820 9.31 38.48 -5.56
N GLU C 821 10.40 37.71 -5.66
CA GLU C 821 10.45 36.41 -5.00
C GLU C 821 10.39 36.55 -3.49
N GLY C 822 10.78 37.70 -2.95
CA GLY C 822 10.70 37.94 -1.51
C GLY C 822 9.34 38.44 -1.10
N VAL C 823 8.79 39.38 -1.87
CA VAL C 823 7.45 39.88 -1.59
C VAL C 823 6.44 38.75 -1.67
N LEU C 824 6.66 37.80 -2.58
CA LEU C 824 5.72 36.70 -2.74
C LEU C 824 5.71 35.79 -1.51
N ASP C 825 6.89 35.47 -0.96
CA ASP C 825 6.91 34.64 0.24
C ASP C 825 6.43 35.42 1.45
N THR C 826 6.63 36.73 1.48
CA THR C 826 6.03 37.54 2.54
C THR C 826 4.51 37.49 2.48
N LEU C 827 3.95 37.58 1.27
CA LEU C 827 2.50 37.45 1.11
C LEU C 827 2.03 36.06 1.50
N TYR C 828 2.82 35.03 1.17
CA TYR C 828 2.49 33.66 1.56
C TYR C 828 2.46 33.52 3.08
N SER C 829 3.47 34.09 3.76
CA SER C 829 3.49 34.06 5.22
C SER C 829 2.29 34.80 5.79
N SER C 830 1.90 35.91 5.16
CA SER C 830 0.77 36.70 5.66
C SER C 830 -0.52 35.90 5.73
N LEU C 831 -0.63 34.82 4.97
CA LEU C 831 -1.85 34.02 4.98
C LEU C 831 -1.89 33.01 6.12
N ASN C 832 -0.78 32.80 6.81
CA ASN C 832 -0.63 31.77 7.84
C ASN C 832 -1.36 30.49 7.45
N LEU C 833 -1.07 30.02 6.24
CA LEU C 833 -1.73 28.83 5.71
C LEU C 833 -1.40 27.61 6.56
N GLU C 834 -0.13 27.45 6.95
CA GLU C 834 0.24 26.31 7.79
C GLU C 834 -0.41 26.38 9.16
N GLU C 835 -0.67 27.58 9.67
CA GLU C 835 -1.41 27.75 10.92
C GLU C 835 -2.91 27.67 10.72
N ARG C 836 -3.40 27.75 9.49
CA ARG C 836 -4.83 27.70 9.18
C ARG C 836 -5.04 26.72 8.04
N LEU C 837 -5.17 25.43 8.37
CA LEU C 837 -5.37 24.40 7.37
C LEU C 837 -6.82 24.23 6.95
N ASP C 838 -7.75 24.86 7.66
CA ASP C 838 -9.17 24.72 7.39
C ASP C 838 -9.78 26.05 6.96
N SER C 839 -9.08 26.77 6.11
CA SER C 839 -9.50 28.08 5.62
C SER C 839 -9.81 28.02 4.14
N ASP C 840 -10.46 29.08 3.65
CA ASP C 840 -10.64 29.24 2.21
C ASP C 840 -9.32 29.51 1.52
N ASP C 841 -8.42 30.24 2.17
CA ASP C 841 -7.14 30.59 1.59
C ASP C 841 -6.24 29.39 1.36
N VAL C 842 -6.55 28.24 1.96
CA VAL C 842 -5.77 27.03 1.75
C VAL C 842 -6.47 26.09 0.78
N ILE C 843 -7.80 26.03 0.79
CA ILE C 843 -8.48 25.21 -0.21
C ILE C 843 -8.31 25.82 -1.59
N ASP C 844 -8.30 27.15 -1.69
CA ASP C 844 -8.03 27.78 -2.98
C ASP C 844 -6.59 27.54 -3.43
N TYR C 845 -5.63 27.63 -2.51
CA TYR C 845 -4.24 27.35 -2.84
C TYR C 845 -4.05 25.92 -3.32
N LEU C 846 -4.66 24.96 -2.60
CA LEU C 846 -4.50 23.56 -2.98
C LEU C 846 -5.30 23.24 -4.24
N SER C 847 -6.44 23.91 -4.44
CA SER C 847 -7.18 23.73 -5.69
C SER C 847 -6.34 24.19 -6.87
N TYR C 848 -5.65 25.32 -6.73
CA TYR C 848 -4.71 25.73 -7.77
C TYR C 848 -3.60 24.70 -7.93
N LEU C 849 -3.07 24.19 -6.83
CA LEU C 849 -1.95 23.26 -6.91
C LEU C 849 -2.34 21.96 -7.62
N TYR C 850 -3.54 21.44 -7.35
CA TYR C 850 -3.99 20.26 -8.08
C TYR C 850 -4.44 20.60 -9.49
N THR C 851 -4.80 21.85 -9.76
CA THR C 851 -4.99 22.27 -11.15
C THR C 851 -3.67 22.21 -11.88
N ALA C 852 -2.59 22.62 -11.22
CA ALA C 852 -1.26 22.60 -11.81
C ALA C 852 -0.75 21.19 -12.02
N HIS C 853 -1.05 20.27 -11.11
CA HIS C 853 -0.68 18.87 -11.28
C HIS C 853 -1.56 18.14 -12.28
N TRP C 854 -2.87 18.41 -12.28
CA TRP C 854 -3.80 17.76 -13.19
C TRP C 854 -3.57 18.15 -14.64
N LEU C 855 -2.82 19.23 -14.88
CA LEU C 855 -2.27 19.53 -16.19
C LEU C 855 -0.92 18.87 -16.42
N LEU C 856 -0.29 18.37 -15.37
CA LEU C 856 1.06 17.82 -15.44
C LEU C 856 1.10 16.30 -15.43
N LYS C 857 0.01 15.65 -15.04
CA LYS C 857 -0.05 14.20 -14.93
C LYS C 857 -0.47 13.59 -16.26
N ASP C 858 -0.30 12.26 -16.35
CA ASP C 858 -0.70 11.49 -17.53
C ASP C 858 -0.01 12.02 -18.79
N ASN C 859 1.24 12.46 -18.64
CA ASN C 859 1.99 13.11 -19.71
C ASN C 859 1.21 14.28 -20.29
N LEU C 860 0.75 15.16 -19.40
CA LEU C 860 0.03 16.38 -19.77
C LEU C 860 -1.23 16.07 -20.57
N LYS C 861 -1.98 15.06 -20.14
CA LYS C 861 -3.17 14.66 -20.88
C LYS C 861 -4.23 15.76 -20.89
N ASN C 862 -4.24 16.61 -19.88
CA ASN C 862 -5.20 17.70 -19.81
C ASN C 862 -4.65 19.04 -20.28
N TYR C 863 -3.33 19.24 -20.14
CA TYR C 863 -2.70 20.42 -20.74
C TYR C 863 -2.84 20.39 -22.25
N LYS C 864 -2.70 19.21 -22.86
CA LYS C 864 -2.92 19.07 -24.29
C LYS C 864 -4.33 19.47 -24.67
N GLN C 865 -5.32 19.00 -23.91
CA GLN C 865 -6.71 19.34 -24.20
C GLN C 865 -6.96 20.83 -24.06
N SER C 866 -6.41 21.46 -23.01
CA SER C 866 -6.57 22.89 -22.83
C SER C 866 -5.93 23.66 -23.98
N LEU C 867 -4.72 23.28 -24.38
CA LEU C 867 -4.06 23.97 -25.48
C LEU C 867 -4.80 23.78 -26.80
N GLN C 868 -5.29 22.56 -27.04
CA GLN C 868 -6.04 22.30 -28.28
C GLN C 868 -7.33 23.11 -28.33
N SER C 869 -8.07 23.16 -27.23
CA SER C 869 -9.31 23.94 -27.19
C SER C 869 -9.06 25.43 -27.08
N LYS C 870 -7.82 25.85 -26.80
CA LYS C 870 -7.47 27.26 -26.72
C LYS C 870 -6.87 27.77 -28.03
N LEU C 871 -5.91 27.03 -28.58
CA LEU C 871 -5.29 27.42 -29.84
C LEU C 871 -6.26 27.20 -31.00
N SER C 872 -5.80 27.59 -32.19
CA SER C 872 -6.55 27.37 -33.41
C SER C 872 -5.56 27.35 -34.57
N ARG C 873 -6.03 26.83 -35.71
CA ARG C 873 -5.18 26.75 -36.89
C ARG C 873 -5.19 28.04 -37.70
N THR C 874 -6.23 28.87 -37.57
CA THR C 874 -6.36 30.11 -38.33
C THR C 874 -6.13 31.34 -37.47
N SER C 875 -5.23 31.24 -36.49
CA SER C 875 -4.89 32.37 -35.64
C SER C 875 -3.58 32.07 -34.95
N ASN C 876 -2.59 32.95 -35.13
CA ASN C 876 -1.29 32.76 -34.51
C ASN C 876 -1.39 32.85 -32.99
N ALA C 877 -0.55 32.06 -32.32
CA ALA C 877 -0.49 32.03 -30.85
C ALA C 877 0.94 32.21 -30.40
N PHE C 878 1.11 32.89 -29.27
CA PHE C 878 2.44 33.29 -28.82
C PHE C 878 2.58 33.07 -27.31
N LEU C 879 3.83 32.88 -26.90
CA LEU C 879 4.26 33.01 -25.52
C LEU C 879 4.98 34.35 -25.45
N VAL C 880 4.43 35.30 -24.71
CA VAL C 880 4.83 36.70 -24.79
C VAL C 880 5.44 37.15 -23.47
N TRP C 881 6.69 37.61 -23.54
CA TRP C 881 7.34 38.38 -22.48
C TRP C 881 7.29 39.84 -22.91
N SER C 882 6.29 40.54 -22.39
CA SER C 882 6.04 41.93 -22.76
C SER C 882 6.30 42.84 -21.56
N VAL C 883 7.32 43.70 -21.68
CA VAL C 883 7.63 44.69 -20.66
C VAL C 883 7.35 46.07 -21.24
N ASP C 884 6.93 46.99 -20.38
CA ASP C 884 6.68 48.37 -20.78
C ASP C 884 7.92 49.19 -20.45
N SER C 885 8.52 49.78 -21.47
CA SER C 885 9.63 50.71 -21.31
C SER C 885 9.08 52.11 -21.49
N GLU C 886 9.14 52.91 -20.43
CA GLU C 886 8.74 54.31 -20.50
C GLU C 886 9.73 55.12 -21.34
N LYS C 887 10.93 54.60 -21.56
CA LYS C 887 11.94 55.21 -22.41
C LYS C 887 12.38 54.21 -23.47
N ASN C 888 12.47 54.68 -24.71
CA ASN C 888 12.90 53.86 -25.83
C ASN C 888 14.42 53.92 -25.97
N LYS C 889 14.97 52.99 -26.76
CA LYS C 889 16.40 52.97 -27.03
C LYS C 889 16.86 54.27 -27.68
N ASP C 928 28.83 48.04 -24.61
CA ASP C 928 28.15 48.03 -25.89
C ASP C 928 26.75 48.62 -25.77
N ASN C 929 26.28 48.75 -24.52
CA ASN C 929 24.96 49.31 -24.22
C ASN C 929 23.85 48.54 -24.95
N ASN C 930 23.95 47.22 -24.90
CA ASN C 930 22.98 46.33 -25.54
C ASN C 930 22.40 45.35 -24.52
N SER C 931 22.23 45.81 -23.29
CA SER C 931 21.64 44.96 -22.25
C SER C 931 20.17 44.74 -22.53
N ASP C 932 19.73 43.48 -22.44
CA ASP C 932 18.34 43.15 -22.75
C ASP C 932 17.42 43.72 -21.67
N ILE C 933 16.35 44.38 -22.10
CA ILE C 933 15.42 45.01 -21.17
C ILE C 933 14.22 44.13 -20.88
N THR C 934 14.06 43.01 -21.59
CA THR C 934 12.98 42.08 -21.27
C THR C 934 13.39 41.06 -20.20
N GLN C 935 14.67 41.01 -19.84
CA GLN C 935 15.14 40.14 -18.78
C GLN C 935 15.72 40.91 -17.60
N THR C 936 15.54 42.23 -17.56
CA THR C 936 15.95 43.04 -16.42
C THR C 936 14.71 43.34 -15.60
N GLU C 937 14.76 43.00 -14.31
CA GLU C 937 13.56 43.07 -13.47
C GLU C 937 13.08 44.51 -13.35
N VAL C 938 11.77 44.69 -13.54
CA VAL C 938 11.15 46.01 -13.43
C VAL C 938 10.73 46.14 -11.96
N LYS C 939 11.66 46.61 -11.13
CA LYS C 939 11.34 46.89 -9.74
C LYS C 939 10.41 48.10 -9.68
N ASN C 940 9.35 47.98 -8.90
CA ASN C 940 8.33 49.02 -8.77
C ASN C 940 7.70 49.34 -10.11
N PRO C 941 6.93 48.43 -10.71
CA PRO C 941 6.22 48.74 -11.95
C PRO C 941 4.93 49.49 -11.64
N ASN C 942 4.70 50.59 -12.37
CA ASN C 942 3.55 51.46 -12.14
C ASN C 942 3.57 52.04 -10.73
N PHE C 943 4.77 52.19 -10.18
CA PHE C 943 4.97 52.73 -8.83
C PHE C 943 4.10 52.00 -7.82
N VAL C 944 4.41 50.70 -7.67
CA VAL C 944 3.62 49.82 -6.81
C VAL C 944 4.33 49.55 -5.48
N PHE C 945 5.63 49.81 -5.39
CA PHE C 945 6.40 49.67 -4.15
C PHE C 945 6.79 51.04 -3.61
N GLY C 946 5.91 52.02 -3.78
CA GLY C 946 6.17 53.37 -3.32
C GLY C 946 6.56 54.34 -4.42
N SER C 947 7.54 55.19 -4.14
CA SER C 947 8.04 56.17 -5.09
C SER C 947 9.55 56.02 -5.22
N SER C 948 10.05 56.17 -6.45
CA SER C 948 11.48 55.95 -6.70
C SER C 948 12.33 57.13 -6.25
N VAL C 949 11.84 58.36 -6.39
CA VAL C 949 12.68 59.54 -6.13
C VAL C 949 13.00 59.65 -4.64
N TYR C 950 12.04 59.34 -3.78
CA TYR C 950 12.26 59.40 -2.33
C TYR C 950 11.90 58.06 -1.69
N ASP C 951 11.87 57.99 -0.37
CA ASP C 951 11.46 56.77 0.31
C ASP C 951 10.15 56.99 1.07
N ARG C 1007 13.51 36.10 -17.02
CA ARG C 1007 13.08 36.83 -18.21
C ARG C 1007 11.64 37.27 -17.99
N TYR C 1008 11.43 38.57 -17.85
CA TYR C 1008 10.23 39.11 -17.24
C TYR C 1008 9.23 39.58 -18.28
N GLY C 1009 7.97 39.68 -17.84
CA GLY C 1009 6.88 40.08 -18.70
C GLY C 1009 6.05 38.94 -19.24
N PHE C 1010 6.26 37.72 -18.77
CA PHE C 1010 5.65 36.54 -19.39
C PHE C 1010 4.13 36.54 -19.21
N ARG C 1011 3.41 36.30 -20.31
CA ARG C 1011 1.96 36.20 -20.28
C ARG C 1011 1.47 34.79 -20.63
N GLY C 1012 2.37 33.85 -20.87
CA GLY C 1012 1.97 32.52 -21.25
C GLY C 1012 1.52 32.47 -22.70
N ILE C 1013 0.85 31.35 -23.04
CA ILE C 1013 0.27 31.22 -24.37
C ILE C 1013 -0.91 32.19 -24.46
N VAL C 1014 -0.75 33.26 -25.24
CA VAL C 1014 -1.79 34.25 -25.43
C VAL C 1014 -2.24 34.18 -26.88
N THR C 1015 -3.55 34.13 -27.08
CA THR C 1015 -4.15 34.03 -28.40
C THR C 1015 -5.02 35.26 -28.66
N SER C 1016 -5.56 35.33 -29.87
CA SER C 1016 -6.38 36.48 -30.24
C SER C 1016 -7.63 36.57 -29.38
N SER C 1017 -8.27 35.43 -29.08
CA SER C 1017 -9.49 35.45 -28.29
C SER C 1017 -9.23 35.73 -26.82
N THR C 1018 -8.00 35.57 -26.35
CA THR C 1018 -7.66 35.71 -24.93
C THR C 1018 -6.44 36.59 -24.75
N SER C 1019 -6.43 37.74 -25.41
CA SER C 1019 -5.32 38.68 -25.32
C SER C 1019 -5.63 39.85 -24.38
N GLY C 1020 -6.40 39.58 -23.32
CA GLY C 1020 -6.76 40.65 -22.40
C GLY C 1020 -5.58 41.18 -21.62
N SER C 1021 -4.72 40.30 -21.11
CA SER C 1021 -3.60 40.72 -20.28
C SER C 1021 -2.59 41.55 -21.06
N LEU C 1022 -2.44 41.27 -22.35
CA LEU C 1022 -1.50 42.02 -23.16
C LEU C 1022 -2.02 43.44 -23.39
N PRO C 1023 -1.11 44.42 -23.47
CA PRO C 1023 -1.54 45.77 -23.88
C PRO C 1023 -2.15 45.74 -25.27
N GLU C 1024 -3.14 46.63 -25.49
CA GLU C 1024 -3.77 46.71 -26.80
C GLU C 1024 -2.78 46.99 -27.91
N ALA C 1025 -1.69 47.70 -27.61
CA ALA C 1025 -0.66 47.96 -28.62
C ALA C 1025 -0.02 46.66 -29.08
N VAL C 1026 0.57 45.90 -28.16
CA VAL C 1026 1.27 44.67 -28.53
C VAL C 1026 0.28 43.61 -29.00
N SER C 1027 -0.90 43.56 -28.38
CA SER C 1027 -1.91 42.60 -28.81
C SER C 1027 -2.35 42.86 -30.25
N ARG C 1028 -2.53 44.14 -30.60
CA ARG C 1028 -2.86 44.49 -31.97
C ARG C 1028 -1.70 44.22 -32.91
N ARG C 1029 -0.47 44.49 -32.45
CA ARG C 1029 0.71 44.25 -33.28
C ARG C 1029 0.90 42.77 -33.57
N LEU C 1030 0.46 41.90 -32.66
CA LEU C 1030 0.64 40.46 -32.83
C LEU C 1030 -0.53 39.83 -33.58
N PHE C 1031 -1.74 39.98 -33.04
CA PHE C 1031 -2.91 39.25 -33.53
C PHE C 1031 -3.77 40.04 -34.48
N LYS C 1032 -3.41 41.28 -34.81
CA LYS C 1032 -4.12 42.03 -35.83
C LYS C 1032 -3.22 42.82 -36.77
N GLN C 1033 -1.94 43.02 -36.43
CA GLN C 1033 -1.02 43.76 -37.28
C GLN C 1033 0.33 43.06 -37.32
N PHE C 1034 0.31 41.74 -37.50
CA PHE C 1034 1.55 40.96 -37.53
C PHE C 1034 2.55 41.54 -38.53
N VAL C 1035 2.13 41.72 -39.76
CA VAL C 1035 2.98 42.26 -40.81
C VAL C 1035 2.49 43.68 -41.09
N ASN C 1036 3.14 44.66 -40.47
CA ASN C 1036 2.75 46.04 -40.63
C ASN C 1036 3.05 46.51 -42.06
N GLN C 1037 2.47 47.65 -42.41
CA GLN C 1037 2.69 48.21 -43.75
C GLN C 1037 4.14 48.61 -43.98
N THR C 1038 4.93 48.74 -42.92
CA THR C 1038 6.35 49.04 -43.04
C THR C 1038 7.15 47.75 -43.18
N ASN C 1074 11.80 39.73 -47.45
CA ASN C 1074 11.72 40.25 -46.10
C ASN C 1074 11.25 39.16 -45.13
N ASN C 1075 11.68 39.27 -43.88
CA ASN C 1075 11.31 38.33 -42.83
C ASN C 1075 10.04 38.75 -42.09
N ALA C 1076 9.40 39.83 -42.51
CA ALA C 1076 8.20 40.31 -41.83
C ALA C 1076 7.02 39.35 -42.00
N TYR C 1077 7.09 38.43 -42.96
CA TYR C 1077 6.01 37.47 -43.17
C TYR C 1077 6.24 36.16 -42.44
N LYS C 1078 7.42 35.94 -41.86
CA LYS C 1078 7.71 34.68 -41.18
C LYS C 1078 6.74 34.46 -40.03
N GLY C 1079 6.14 33.27 -40.00
CA GLY C 1079 5.23 32.92 -38.93
C GLY C 1079 3.81 33.40 -39.08
N ALA C 1080 3.50 34.15 -40.14
CA ALA C 1080 2.15 34.65 -40.31
C ALA C 1080 1.16 33.50 -40.47
N LEU C 1081 1.50 32.51 -41.30
CA LEU C 1081 0.71 31.31 -41.47
C LEU C 1081 1.29 30.11 -40.73
N PHE C 1082 2.16 30.36 -39.74
CA PHE C 1082 2.66 29.30 -38.89
C PHE C 1082 1.55 28.73 -38.01
N SER C 1083 0.44 29.42 -37.88
CA SER C 1083 -0.72 28.85 -37.21
C SER C 1083 -1.24 27.61 -37.94
N PHE C 1084 -0.86 27.45 -39.21
CA PHE C 1084 -1.14 26.23 -39.95
C PHE C 1084 0.01 25.25 -39.86
N GLY C 1085 1.24 25.76 -39.84
CA GLY C 1085 2.43 24.95 -39.61
C GLY C 1085 3.04 24.32 -40.83
N SER C 1086 2.21 23.75 -41.71
CA SER C 1086 2.68 23.06 -42.89
C SER C 1086 1.96 23.60 -44.12
N MET C 1087 2.55 23.33 -45.28
CA MET C 1087 2.00 23.83 -46.54
C MET C 1087 0.57 23.38 -46.76
N ASP C 1088 0.31 22.08 -46.64
CA ASP C 1088 -1.01 21.55 -46.96
C ASP C 1088 -2.04 21.87 -45.88
N ASN C 1089 -1.63 22.43 -44.74
CA ASN C 1089 -2.56 22.61 -43.63
C ASN C 1089 -3.65 23.62 -43.94
N LEU C 1090 -3.28 24.81 -44.44
CA LEU C 1090 -4.30 25.78 -44.78
C LEU C 1090 -5.08 25.38 -46.02
N LYS C 1091 -4.47 24.58 -46.91
CA LYS C 1091 -5.21 24.00 -48.02
C LYS C 1091 -6.31 23.09 -47.51
N ASN C 1092 -6.02 22.28 -46.50
CA ASN C 1092 -7.03 21.41 -45.92
C ASN C 1092 -8.11 22.18 -45.14
N ILE C 1093 -7.89 23.46 -44.86
CA ILE C 1093 -8.87 24.22 -44.09
C ILE C 1093 -9.71 25.14 -44.97
N ILE C 1094 -9.19 25.58 -46.11
CA ILE C 1094 -9.95 26.50 -46.95
C ILE C 1094 -11.13 25.79 -47.60
N ASN C 1095 -10.91 24.58 -48.12
CA ASN C 1095 -12.01 23.82 -48.70
C ASN C 1095 -12.91 23.17 -47.64
N GLY C 1096 -12.55 23.26 -46.36
CA GLY C 1096 -13.42 22.76 -45.32
C GLY C 1096 -14.60 23.65 -44.99
N ILE C 1097 -14.69 24.81 -45.63
CA ILE C 1097 -15.78 25.74 -45.39
C ILE C 1097 -17.07 25.18 -45.99
N GLN C 1098 -18.17 25.29 -45.25
CA GLN C 1098 -19.48 24.85 -45.71
C GLN C 1098 -20.45 25.98 -45.95
N THR C 1099 -20.45 27.02 -45.11
CA THR C 1099 -21.41 28.12 -45.21
C THR C 1099 -20.68 29.41 -45.58
N GLN C 1100 -21.49 30.44 -45.88
CA GLN C 1100 -20.94 31.71 -46.35
C GLN C 1100 -20.17 32.43 -45.25
N THR C 1101 -20.71 32.46 -44.03
CA THR C 1101 -20.03 33.17 -42.95
C THR C 1101 -18.73 32.50 -42.55
N GLU C 1102 -18.66 31.16 -42.68
CA GLU C 1102 -17.42 30.46 -42.38
C GLU C 1102 -16.29 30.91 -43.30
N PHE C 1103 -16.59 31.10 -44.60
CA PHE C 1103 -15.58 31.65 -45.49
C PHE C 1103 -15.36 33.13 -45.24
N ASP C 1104 -16.41 33.86 -44.85
CA ASP C 1104 -16.26 35.28 -44.58
C ASP C 1104 -15.24 35.52 -43.48
N ALA C 1105 -15.34 34.75 -42.39
CA ALA C 1105 -14.38 34.89 -41.29
C ALA C 1105 -12.96 34.57 -41.75
N LEU C 1106 -12.79 33.47 -42.51
CA LEU C 1106 -11.46 33.09 -42.96
C LEU C 1106 -10.88 34.14 -43.89
N TYR C 1107 -11.67 34.66 -44.82
CA TYR C 1107 -11.18 35.67 -45.76
C TYR C 1107 -10.82 36.96 -45.04
N ASN C 1108 -11.66 37.39 -44.09
CA ASN C 1108 -11.35 38.60 -43.34
C ASN C 1108 -10.08 38.42 -42.50
N HIS C 1109 -9.91 37.24 -41.91
CA HIS C 1109 -8.70 36.98 -41.15
C HIS C 1109 -7.47 36.93 -42.07
N LEU C 1110 -7.64 36.40 -43.28
CA LEU C 1110 -6.52 36.32 -44.20
C LEU C 1110 -6.18 37.67 -44.80
N THR C 1111 -7.11 38.63 -44.78
CA THR C 1111 -6.90 39.95 -45.35
C THR C 1111 -6.82 41.05 -44.28
N SER C 1112 -7.83 41.16 -43.43
CA SER C 1112 -7.85 42.22 -42.42
C SER C 1112 -7.01 41.88 -41.20
N ASP C 1113 -6.61 40.63 -41.03
CA ASP C 1113 -5.78 40.21 -39.91
C ASP C 1113 -4.41 39.74 -40.35
N LEU C 1114 -4.33 38.80 -41.29
CA LEU C 1114 -3.06 38.25 -41.75
C LEU C 1114 -2.49 39.01 -42.94
N ASN C 1115 -3.15 40.08 -43.39
CA ASN C 1115 -2.68 41.01 -44.41
C ASN C 1115 -2.04 40.34 -45.62
N ILE C 1116 -2.56 39.20 -46.05
CA ILE C 1116 -2.07 38.51 -47.24
C ILE C 1116 -2.88 38.98 -48.44
N ASP C 1117 -2.18 39.36 -49.50
CA ASP C 1117 -2.86 39.86 -50.70
C ASP C 1117 -3.67 38.75 -51.37
N VAL C 1118 -4.87 39.08 -51.80
CA VAL C 1118 -5.80 38.13 -52.41
C VAL C 1118 -6.08 38.56 -53.84
N THR C 1119 -5.98 37.62 -54.77
CA THR C 1119 -6.17 37.88 -56.19
C THR C 1119 -7.33 37.04 -56.71
N GLY C 1120 -8.23 37.68 -57.45
CA GLY C 1120 -9.29 36.99 -58.15
C GLY C 1120 -10.50 36.61 -57.32
N VAL C 1121 -10.53 36.96 -56.04
CA VAL C 1121 -11.65 36.60 -55.18
C VAL C 1121 -12.84 37.49 -55.50
N ASP C 1122 -14.04 36.92 -55.44
CA ASP C 1122 -15.27 37.65 -55.71
C ASP C 1122 -16.30 37.31 -54.66
N LYS C 1123 -16.99 38.33 -54.14
CA LYS C 1123 -18.05 38.10 -53.17
C LYS C 1123 -19.28 37.47 -53.82
N ASN C 1124 -19.57 37.84 -55.07
CA ASN C 1124 -20.77 37.36 -55.76
C ASN C 1124 -20.68 35.89 -56.15
N LYS C 1125 -19.52 35.26 -56.01
CA LYS C 1125 -19.37 33.87 -56.40
C LYS C 1125 -20.18 32.97 -55.47
N THR C 1126 -20.47 31.76 -55.96
CA THR C 1126 -21.24 30.78 -55.20
C THR C 1126 -20.33 30.14 -54.16
N LEU C 1127 -20.85 29.11 -53.46
CA LEU C 1127 -20.09 28.47 -52.39
C LEU C 1127 -18.85 27.78 -52.93
N THR C 1128 -18.98 27.04 -54.03
CA THR C 1128 -17.85 26.28 -54.55
C THR C 1128 -16.73 27.19 -55.02
N GLU C 1129 -17.05 28.16 -55.89
CA GLU C 1129 -16.04 29.07 -56.41
C GLU C 1129 -15.43 29.95 -55.33
N GLN C 1130 -16.19 30.25 -54.28
CA GLN C 1130 -15.67 31.07 -53.18
C GLN C 1130 -14.42 30.45 -52.58
N LYS C 1131 -14.48 29.16 -52.25
CA LYS C 1131 -13.29 28.47 -51.74
C LYS C 1131 -12.32 28.10 -52.86
N THR C 1132 -12.82 27.87 -54.07
CA THR C 1132 -11.94 27.45 -55.16
C THR C 1132 -10.95 28.56 -55.52
N SER C 1133 -11.41 29.81 -55.57
CA SER C 1133 -10.51 30.92 -55.88
C SER C 1133 -9.43 31.06 -54.83
N LEU C 1134 -9.81 30.97 -53.55
CA LEU C 1134 -8.83 31.08 -52.48
C LEU C 1134 -7.83 29.93 -52.51
N THR C 1135 -8.31 28.70 -52.75
CA THR C 1135 -7.38 27.58 -52.83
C THR C 1135 -6.42 27.72 -54.00
N SER C 1136 -6.94 28.15 -55.16
CA SER C 1136 -6.09 28.32 -56.33
C SER C 1136 -5.04 29.39 -56.09
N PHE C 1137 -5.42 30.52 -55.47
CA PHE C 1137 -4.45 31.58 -55.26
C PHE C 1137 -3.45 31.20 -54.17
N VAL C 1138 -3.88 30.43 -53.16
CA VAL C 1138 -2.95 29.97 -52.13
C VAL C 1138 -1.91 29.04 -52.75
N ASP C 1139 -2.36 28.12 -53.60
CA ASP C 1139 -1.42 27.21 -54.25
C ASP C 1139 -0.48 27.97 -55.18
N SER C 1140 -1.03 28.89 -55.98
CA SER C 1140 -0.25 29.60 -56.99
C SER C 1140 0.58 30.73 -56.41
N ASN C 1141 0.40 31.07 -55.14
CA ASN C 1141 1.23 32.07 -54.47
C ASN C 1141 2.27 31.48 -53.56
N PHE C 1142 2.06 30.24 -53.10
CA PHE C 1142 2.95 29.54 -52.19
C PHE C 1142 3.45 28.24 -52.80
N LYS C 1143 3.95 28.31 -54.04
CA LYS C 1143 4.40 27.08 -54.69
C LYS C 1143 5.84 26.73 -54.31
N GLN C 1144 6.13 26.66 -53.01
CA GLN C 1144 7.47 26.25 -52.59
C GLN C 1144 7.64 24.75 -52.80
N LYS C 1179 9.14 32.33 -48.15
CA LYS C 1179 9.53 33.45 -47.32
C LYS C 1179 9.53 33.06 -45.84
N ASP C 1180 9.75 31.77 -45.57
CA ASP C 1180 9.71 31.21 -44.22
C ASP C 1180 8.36 31.51 -43.54
N VAL C 1181 7.29 31.52 -44.32
CA VAL C 1181 5.98 31.86 -43.79
C VAL C 1181 5.53 30.81 -42.79
N PHE C 1182 5.85 29.55 -43.03
CA PHE C 1182 5.46 28.46 -42.16
C PHE C 1182 6.49 28.16 -41.07
N SER C 1183 7.57 28.94 -41.00
CA SER C 1183 8.57 28.74 -39.96
C SER C 1183 8.06 29.30 -38.63
N ARG C 1184 8.75 28.93 -37.56
CA ARG C 1184 8.38 29.34 -36.21
C ARG C 1184 9.13 30.61 -35.83
N PHE C 1185 8.39 31.64 -35.42
CA PHE C 1185 8.99 32.92 -35.04
C PHE C 1185 9.23 32.93 -33.55
N ASP C 1186 10.49 32.91 -33.15
CA ASP C 1186 10.90 32.95 -31.75
C ASP C 1186 11.86 34.12 -31.59
N GLY C 1187 11.31 35.30 -31.33
CA GLY C 1187 12.14 36.49 -31.27
C GLY C 1187 11.34 37.70 -30.86
N TYR C 1188 11.93 38.87 -31.07
CA TYR C 1188 11.40 40.13 -30.58
C TYR C 1188 10.50 40.78 -31.64
N ILE C 1189 9.34 41.26 -31.20
CA ILE C 1189 8.40 41.97 -32.06
C ILE C 1189 8.11 43.33 -31.46
N GLY C 1190 8.28 44.37 -32.25
CA GLY C 1190 8.03 45.73 -31.82
C GLY C 1190 7.62 46.60 -32.99
N ASP C 1191 8.24 47.78 -33.11
CA ASP C 1191 8.13 48.55 -34.34
C ASP C 1191 8.64 47.73 -35.52
N ASN C 1192 9.76 47.04 -35.35
CA ASN C 1192 10.26 46.07 -36.30
C ASN C 1192 10.08 44.65 -35.73
N LYS C 1193 10.56 43.67 -36.49
CA LYS C 1193 10.59 42.29 -36.05
C LYS C 1193 12.01 41.77 -36.23
N VAL C 1194 12.55 41.13 -35.19
CA VAL C 1194 13.91 40.61 -35.20
C VAL C 1194 13.92 39.30 -34.43
N GLU C 1195 15.03 38.57 -34.52
CA GLU C 1195 15.17 37.31 -33.81
C GLU C 1195 15.80 37.55 -32.44
N GLU C 1196 15.82 36.48 -31.63
CA GLU C 1196 16.37 36.59 -30.27
C GLU C 1196 17.85 36.96 -30.30
N LYS C 1197 18.61 36.35 -31.23
CA LYS C 1197 20.04 36.59 -31.29
C LYS C 1197 20.35 38.05 -31.59
N ASN C 1198 19.60 38.67 -32.49
CA ASN C 1198 19.87 40.03 -32.95
C ASN C 1198 19.03 41.01 -32.15
N TYR C 1199 19.42 41.23 -30.90
CA TYR C 1199 18.77 42.27 -30.11
C TYR C 1199 19.32 43.65 -30.42
N THR C 1200 20.46 43.75 -31.08
CA THR C 1200 21.04 45.02 -31.44
C THR C 1200 20.26 45.76 -32.51
N SER C 1201 19.28 45.11 -33.14
CA SER C 1201 18.50 45.71 -34.21
C SER C 1201 17.01 45.54 -33.94
N TYR C 1202 16.59 45.79 -32.70
CA TYR C 1202 15.19 45.70 -32.31
C TYR C 1202 14.67 47.08 -31.97
N GLN C 1203 13.58 47.48 -32.61
CA GLN C 1203 12.92 48.75 -32.32
C GLN C 1203 11.69 48.48 -31.47
N PHE C 1204 11.64 49.10 -30.29
CA PHE C 1204 10.54 48.88 -29.37
C PHE C 1204 9.23 49.34 -30.02
N LEU C 1205 8.15 48.63 -29.73
CA LEU C 1205 6.84 49.07 -30.19
C LEU C 1205 6.50 50.40 -29.54
N SER C 1206 5.87 51.29 -30.31
CA SER C 1206 5.56 52.64 -29.85
C SER C 1206 4.05 52.81 -29.80
N ASP C 1207 3.55 53.36 -28.69
CA ASP C 1207 2.10 53.53 -28.53
C ASP C 1207 1.84 54.64 -27.50
N GLY C 1208 1.29 55.76 -27.96
CA GLY C 1208 0.83 56.80 -27.05
C GLY C 1208 1.90 57.35 -26.14
N GLY C 1209 3.13 57.50 -26.64
CA GLY C 1209 4.23 57.98 -25.85
C GLY C 1209 4.93 56.93 -25.02
N LYS C 1210 4.35 55.73 -24.89
CA LYS C 1210 4.98 54.63 -24.18
C LYS C 1210 5.63 53.69 -25.19
N TYR C 1211 6.56 52.87 -24.71
CA TYR C 1211 7.22 51.88 -25.55
C TYR C 1211 7.06 50.50 -24.93
N HIS C 1212 7.13 49.48 -25.77
CA HIS C 1212 7.01 48.09 -25.34
C HIS C 1212 8.16 47.29 -25.91
N ALA C 1213 8.74 46.44 -25.07
CA ALA C 1213 9.70 45.44 -25.51
C ALA C 1213 9.06 44.07 -25.36
N THR C 1214 8.94 43.35 -26.46
CA THR C 1214 8.14 42.12 -26.48
C THR C 1214 8.91 41.00 -27.14
N PHE C 1215 9.07 39.90 -26.41
CA PHE C 1215 9.60 38.65 -26.94
C PHE C 1215 8.41 37.70 -27.13
N VAL C 1216 8.35 37.05 -28.28
CA VAL C 1216 7.28 36.12 -28.59
C VAL C 1216 7.88 34.81 -29.09
N LYS C 1217 7.39 33.71 -28.55
CA LYS C 1217 7.70 32.37 -29.04
C LYS C 1217 6.44 31.79 -29.66
N GLN C 1218 6.53 31.34 -30.91
CA GLN C 1218 5.35 30.89 -31.63
C GLN C 1218 4.95 29.49 -31.19
N VAL C 1219 3.64 29.28 -31.08
CA VAL C 1219 3.08 28.00 -30.68
C VAL C 1219 1.93 27.67 -31.61
N ASN C 1220 2.01 26.51 -32.26
CA ASN C 1220 0.94 26.00 -33.11
C ASN C 1220 0.48 24.64 -32.59
N LEU C 1221 -0.56 24.10 -33.22
CA LEU C 1221 -1.05 22.78 -32.82
C LEU C 1221 -0.10 21.66 -33.23
N ASP C 1222 0.91 21.95 -34.06
CA ASP C 1222 1.94 20.96 -34.38
C ASP C 1222 2.85 20.65 -33.21
N ASP C 1223 2.81 21.48 -32.16
CA ASP C 1223 3.53 21.20 -30.93
C ASP C 1223 2.61 21.02 -29.73
N VAL C 1224 1.35 21.43 -29.83
CA VAL C 1224 0.37 21.13 -28.78
C VAL C 1224 0.19 19.61 -28.66
N GLU C 1225 0.07 18.94 -29.79
CA GLU C 1225 -0.06 17.49 -29.78
C GLU C 1225 1.26 16.79 -29.45
N LYS C 1226 2.39 17.47 -29.64
CA LYS C 1226 3.70 16.84 -29.50
C LYS C 1226 4.21 16.83 -28.06
N ILE C 1227 3.47 17.40 -27.11
CA ILE C 1227 3.86 17.34 -25.71
C ILE C 1227 3.32 16.04 -25.11
N GLY C 1228 4.20 15.24 -24.53
CA GLY C 1228 3.84 13.92 -24.04
C GLY C 1228 4.74 13.46 -22.92
N THR C 1229 5.16 12.19 -23.00
CA THR C 1229 5.93 11.60 -21.90
C THR C 1229 7.27 12.30 -21.71
N ASP C 1230 7.95 12.62 -22.81
CA ASP C 1230 9.29 13.19 -22.75
C ASP C 1230 9.27 14.71 -22.59
N SER C 1231 8.11 15.26 -22.24
CA SER C 1231 7.92 16.71 -22.16
C SER C 1231 8.43 17.38 -20.91
N LEU C 1232 8.56 16.64 -19.84
CA LEU C 1232 9.04 17.17 -18.57
C LEU C 1232 10.48 16.78 -18.27
N LYS C 1233 11.16 16.14 -19.22
CA LYS C 1233 12.56 15.78 -19.00
C LYS C 1233 13.43 17.02 -18.89
N GLN C 1234 14.44 16.96 -18.01
CA GLN C 1234 15.36 18.08 -17.84
C GLN C 1234 16.22 18.32 -19.07
N GLU C 1235 16.29 17.35 -19.97
CA GLU C 1235 17.23 17.42 -21.08
C GLU C 1235 16.84 18.54 -22.05
N ASP C 1236 17.87 19.23 -22.57
CA ASP C 1236 17.63 20.27 -23.55
C ASP C 1236 17.15 19.71 -24.88
N SER C 1237 17.67 18.55 -25.29
CA SER C 1237 17.30 17.97 -26.58
C SER C 1237 15.83 17.60 -26.65
N SER C 1238 15.14 17.51 -25.51
CA SER C 1238 13.72 17.22 -25.46
C SER C 1238 12.87 18.47 -25.37
N LYS C 1239 13.46 19.66 -25.60
CA LYS C 1239 12.69 20.89 -25.53
C LYS C 1239 11.58 20.92 -26.58
N ASP C 1240 11.83 20.31 -27.75
CA ASP C 1240 10.80 20.21 -28.77
C ASP C 1240 9.59 19.42 -28.28
N LYS C 1241 9.77 18.59 -27.25
CA LYS C 1241 8.66 17.87 -26.65
C LYS C 1241 7.80 18.76 -25.74
N ARG C 1242 8.24 19.99 -25.46
CA ARG C 1242 7.43 20.97 -24.73
C ARG C 1242 7.51 22.30 -25.48
N LEU C 1243 6.69 22.45 -26.52
CA LEU C 1243 6.51 23.70 -27.25
C LEU C 1243 7.81 24.43 -27.53
N ASN C 1244 8.89 23.69 -27.76
CA ASN C 1244 10.24 24.25 -27.96
C ASN C 1244 10.65 25.14 -26.80
N LEU C 1245 10.14 24.84 -25.60
CA LEU C 1245 10.40 25.62 -24.40
C LEU C 1245 11.40 24.92 -23.49
N SER C 1246 12.01 25.68 -22.61
CA SER C 1246 12.73 25.11 -21.49
C SER C 1246 11.74 24.65 -20.42
N LEU C 1247 12.23 23.86 -19.47
CA LEU C 1247 11.36 23.27 -18.47
C LEU C 1247 10.72 24.34 -17.60
N GLU C 1248 11.50 25.32 -17.15
CA GLU C 1248 10.96 26.38 -16.31
C GLU C 1248 9.92 27.21 -17.05
N GLU C 1249 10.19 27.58 -18.31
CA GLU C 1249 9.21 28.32 -19.09
C GLU C 1249 7.95 27.51 -19.32
N PHE C 1250 8.11 26.22 -19.61
CA PHE C 1250 6.95 25.36 -19.82
C PHE C 1250 6.10 25.27 -18.56
N LEU C 1251 6.74 25.10 -17.41
CA LEU C 1251 5.98 24.97 -16.17
C LEU C 1251 5.33 26.30 -15.79
N ALA C 1252 5.98 27.42 -16.07
CA ALA C 1252 5.34 28.72 -15.86
C ALA C 1252 4.12 28.88 -16.74
N ALA C 1253 4.20 28.45 -18.00
CA ALA C 1253 3.03 28.48 -18.87
C ALA C 1253 1.93 27.58 -18.36
N ILE C 1254 2.28 26.39 -17.86
CA ILE C 1254 1.29 25.48 -17.33
C ILE C 1254 0.64 26.07 -16.08
N ALA C 1255 1.41 26.78 -15.27
CA ALA C 1255 0.85 27.45 -14.09
C ALA C 1255 -0.12 28.54 -14.50
N LEU C 1256 0.26 29.36 -15.49
CA LEU C 1256 -0.64 30.40 -15.97
C LEU C 1256 -1.91 29.79 -16.53
N GLU C 1257 -1.81 28.64 -17.20
CA GLU C 1257 -2.99 27.91 -17.62
C GLU C 1257 -3.79 27.40 -16.43
N ALA C 1258 -3.11 26.97 -15.37
CA ALA C 1258 -3.74 26.49 -14.15
C ALA C 1258 -4.52 27.56 -13.43
N LEU C 1259 -4.18 28.83 -13.63
CA LEU C 1259 -4.98 29.91 -13.03
C LEU C 1259 -6.36 30.05 -13.65
N ASP C 1260 -6.63 29.36 -14.77
CA ASP C 1260 -7.92 29.45 -15.42
C ASP C 1260 -9.00 28.84 -14.54
N PRO C 1261 -10.10 29.56 -14.27
CA PRO C 1261 -11.19 28.96 -13.49
C PRO C 1261 -11.75 27.68 -14.08
N ASN C 1262 -11.83 27.56 -15.40
CA ASN C 1262 -12.29 26.31 -16.01
C ASN C 1262 -11.32 25.17 -15.70
N ASN C 1263 -10.01 25.44 -15.81
CA ASN C 1263 -9.02 24.43 -15.47
C ASN C 1263 -9.14 24.01 -14.01
N GLN C 1264 -9.32 24.97 -13.11
CA GLN C 1264 -9.45 24.64 -11.69
C GLN C 1264 -10.70 23.84 -11.42
N THR C 1265 -11.82 24.20 -12.05
CA THR C 1265 -13.05 23.43 -11.86
C THR C 1265 -12.90 22.01 -12.36
N GLN C 1266 -12.29 21.83 -13.54
CA GLN C 1266 -12.07 20.50 -14.07
C GLN C 1266 -11.16 19.68 -13.16
N ALA C 1267 -10.08 20.30 -12.67
CA ALA C 1267 -9.14 19.56 -11.82
C ALA C 1267 -9.75 19.22 -10.47
N ILE C 1268 -10.59 20.10 -9.93
CA ILE C 1268 -11.23 19.81 -8.65
C ILE C 1268 -12.27 18.71 -8.81
N ASN C 1269 -13.01 18.73 -9.91
CA ASN C 1269 -13.92 17.61 -10.17
C ASN C 1269 -13.17 16.31 -10.42
N ALA C 1270 -11.97 16.38 -11.00
CA ALA C 1270 -11.12 15.20 -11.12
C ALA C 1270 -10.67 14.71 -9.75
N LEU C 1271 -10.30 15.63 -8.86
CA LEU C 1271 -9.90 15.27 -7.50
C LEU C 1271 -11.04 14.56 -6.77
N ILE C 1272 -12.25 15.12 -6.85
CA ILE C 1272 -13.38 14.52 -6.16
C ILE C 1272 -13.76 13.18 -6.78
N SER C 1273 -13.87 13.14 -8.11
CA SER C 1273 -14.22 11.90 -8.78
C SER C 1273 -13.11 10.87 -8.70
N GLY C 1274 -11.85 11.31 -8.86
CA GLY C 1274 -10.72 10.41 -8.80
C GLY C 1274 -10.34 10.07 -7.38
N ASN C 1275 -11.32 9.77 -6.55
CA ASN C 1275 -11.11 9.46 -5.14
C ASN C 1275 -11.09 7.95 -4.97
N LYS C 1276 -10.09 7.45 -4.23
CA LYS C 1276 -10.00 6.01 -4.00
C LYS C 1276 -11.18 5.50 -3.19
N LYS C 1277 -11.59 6.25 -2.17
CA LYS C 1277 -12.68 5.85 -1.29
C LYS C 1277 -14.03 6.41 -1.74
N GLY C 1278 -14.08 7.11 -2.86
CA GLY C 1278 -15.31 7.73 -3.30
C GLY C 1278 -15.54 9.07 -2.62
N LEU C 1279 -16.73 9.60 -2.82
CA LEU C 1279 -17.09 10.88 -2.21
C LEU C 1279 -17.26 10.73 -0.70
N VAL C 1280 -16.88 11.77 0.03
CA VAL C 1280 -16.99 11.74 1.49
C VAL C 1280 -18.46 11.73 1.88
N LYS C 1281 -18.83 10.81 2.76
CA LYS C 1281 -20.17 10.78 3.30
C LYS C 1281 -20.22 11.54 4.61
N VAL C 1282 -21.37 12.16 4.88
CA VAL C 1282 -21.57 12.95 6.09
C VAL C 1282 -22.81 12.42 6.80
N GLY C 1283 -22.69 12.21 8.10
CA GLY C 1283 -23.79 11.75 8.92
C GLY C 1283 -24.54 12.84 9.66
N ASP C 1284 -24.06 14.09 9.60
CA ASP C 1284 -24.69 15.21 10.29
C ASP C 1284 -25.14 16.23 9.27
N PHE C 1285 -26.38 16.70 9.42
CA PHE C 1285 -26.94 17.65 8.46
C PHE C 1285 -26.13 18.94 8.44
N ARG C 1286 -25.70 19.41 9.62
CA ARG C 1286 -24.90 20.63 9.70
C ARG C 1286 -23.62 20.55 8.89
N ILE C 1287 -23.13 19.33 8.62
CA ILE C 1287 -22.01 19.17 7.69
C ILE C 1287 -22.50 18.98 6.26
N PHE C 1288 -23.76 18.60 6.06
CA PHE C 1288 -24.29 18.45 4.71
C PHE C 1288 -24.74 19.78 4.15
N SER C 1289 -25.51 20.55 4.92
CA SER C 1289 -25.94 21.86 4.44
C SER C 1289 -24.78 22.83 4.32
N SER C 1290 -23.73 22.66 5.13
CA SER C 1290 -22.63 23.61 5.13
C SER C 1290 -21.86 23.57 3.81
N ILE C 1291 -21.46 22.39 3.37
CA ILE C 1291 -20.66 22.23 2.17
C ILE C 1291 -21.49 21.55 1.09
N SER C 1292 -21.26 21.94 -0.15
CA SER C 1292 -22.11 21.55 -1.27
C SER C 1292 -22.03 20.04 -1.51
N ALA C 1293 -23.06 19.52 -2.19
CA ALA C 1293 -23.14 18.10 -2.52
C ALA C 1293 -22.04 17.67 -3.48
N GLN C 1294 -21.34 18.60 -4.11
CA GLN C 1294 -20.20 18.26 -4.94
C GLN C 1294 -19.09 17.60 -4.14
N TRP C 1295 -19.09 17.75 -2.82
CA TRP C 1295 -18.07 17.17 -1.97
C TRP C 1295 -18.58 16.12 -0.99
N VAL C 1296 -19.82 16.22 -0.52
CA VAL C 1296 -20.32 15.32 0.52
C VAL C 1296 -21.64 14.69 0.08
N ARG C 1297 -21.87 13.47 0.54
CA ARG C 1297 -23.09 12.73 0.24
C ARG C 1297 -23.67 12.17 1.53
N ARG C 1298 -24.99 12.06 1.57
CA ARG C 1298 -25.65 11.48 2.73
C ARG C 1298 -25.54 9.95 2.69
N PHE C 1299 -25.61 9.34 3.87
CA PHE C 1299 -25.54 7.89 3.98
C PHE C 1299 -26.76 7.22 3.33
#